data_8E99
#
_entry.id   8E99
#
_cell.length_a   1.00
_cell.length_b   1.00
_cell.length_c   1.00
_cell.angle_alpha   90.00
_cell.angle_beta   90.00
_cell.angle_gamma   90.00
#
_symmetry.space_group_name_H-M   'P 1'
#
loop_
_entity.id
_entity.type
_entity.pdbx_description
1 polymer 'Glutamate receptor ionotropic, NMDA 1'
2 polymer 'Glutamate receptor ionotropic, NMDA 2A'
3 polymer 'Glutamate receptor ionotropic, NMDA 2C'
4 polymer 'Nanobody 4'
5 branched 2-acetamido-2-deoxy-beta-D-glucopyranose-(1-4)-2-acetamido-2-deoxy-beta-D-glucopyranose
6 non-polymer 2-acetamido-2-deoxy-beta-D-glucopyranose
#
loop_
_entity_poly.entity_id
_entity_poly.type
_entity_poly.pdbx_seq_one_letter_code
_entity_poly.pdbx_strand_id
1 'polypeptide(L)'
;MSTMHLLTFALLFSCSFARAASDPKIVNIGAVLSTRKHEQMFREAVNQANKRHGSWKIQLNATSVTHKPNAIQMALSVCE
DLISSQVYAILVSHPPTPNDHFTPTPVSYTAGFYRIPVLGLTTRMSIYSDKSIHLSFLRTVPPYSHQSSVWFEMMRVYSW
NHIILLVSDDHEGRAAQKRLETLLEERESKAEKVLQFDPGTKNVTALLMEAKELEARVIILSASEDDAATVYRAAAMLNM
TGSGYVWLVGEREISGNALRYAPDGILGLQLINGKNESAHISDAVGVVAQAVHELLEKENITDPPRGCVGNTNIWKTGPL
FKRVLMSSKYADGVTGRVEFNEDGDRKFANYSIMNLQNRKLVQVGIYNGTHVIPNDRKIIWPGGETEKPRGYQMSTRLKI
VTIHQEPFVYVKPTLSDGTCKEEFTVNGDPVKKVICTGPNDTSPGSPRHTVPQCCYGFCIDLLIKLARTMNFTYEVHLVA
DGKFGTQERVNNSNKKEWNGMMGELLSGQADMIVAPLTINNERAQYIEFSKPFKYQGLTILVKKEIPRSTLDSFMQPFQS
TLWLLVGLSVHVVAVMLYLLDRFSPFGRFKVNSEEEEEDALTLSSAMWFSWGVLLNSGIGEGAPRSFSARILGMVWAGFA
MIIVASYTANLAAFLVLDRPEERITGINDPRLRNPSDKFIYATVKQSSVDIYFRRQVELSTMYRHMEKHNYESAAEAIQA
VRDNKLHAFIWDSAVLEFEASQKCDLVTTGELFFRSGFGIGMRKDSPWKQNVSLSILKSHENGFMEDLDKTWVRYQECDS
RSNAPATLTFENMAGVFMLVAGGIVAGIFLIFIEIAYKRHKDANGAQ
;
A,C
2 'polypeptide(L)'
;GSGATNFSLLKQAGDVEENPGPMGTMRLFLLAVLFLFSFARATGGPPALNIAVMLGHSHDVTERELRTLWGPEQAAGLPL
DVNVVALLMNRTDPKSLITHVCDLMSGARIHGLVFGDDTDQEAVAQMLDFISSHTFVPILGIHGGASMIMADKDPTSTFF
QFGASIQQQATVMLKIMQDYDWHVFSLVTTIFPGYREFISFVKTTVDNSFVGWDMQNVITLDTSFEDAKTQVQLKKIHSS
VILLYSSKDEAVLILSEARSLGLTGYDFFWIVPSLVSGNTELIPKEFPSGLISVSYDDWDYSLEARVRDGIGILTTAASS
MLEKFSYIPEAKASCYGQMERPEVPMHTLHPFMVNVTWDGKDLSFTEEGYQVHPRLVVIVLNKDREWEKVGKWENHTLSL
RHAVWPRYKSFSDSEPDDNHLSIVTLEEAPFVIVEDIDPLTETCVRNTVPCRKFVKINNSTNEGMNVKKCCKGFSIDILK
KLSRTVKFTYDLYLVTNGKHGKKVNNVWNGMIGEVVYQRAVMAVGSLTINEERSEVVDFSVPFVETGISVMVSRSNGTVS
PSAFLEPFSASVWVMMFVMLLIVSAIAVFVFEYFSPVGYNRNLAKGKAPHGPSFTIGKAIWLLWGLVFNNSVPVQNPKGT
TSKIMVSVWAFFAVIFLASYTANLAAFMIQEEFVDQVTGLSDKKFQRPHDYSPPFRFGTVPNGSTERNIRNNYPYMHQYM
TKFNQKGVEDALVSLKTGKLDAFIYDAAVLNYKAGRDEGCKLVTIGSGYIFATTGYGIALQKGSPWKRQIDLALLQFVGD
GEMEELETLWLTGICHNEKNEVMSSQLDIDNMAGVFYMLAAAMALSLITFIWEHLFYWKLRFSFTGTETSQVAPA
;
B
3 'polypeptide(L)'
;MGTMRLFLLAVLFLFSFARATGWSHPQFEKGGGSGGGSGGSAWSHPQFEKGALVPRGEQGMTVAVVFSSSGPPQAQFRAR
LTPQSFLDLPLEIQPLTVGVNTTNPSSLLTQICGLLGAAHVHGIVFEDNVDTEAVAQILDFISSQTHVPILSISGGSAVV
LTPKEPGSAFLQLGVSLEQQLQVLFKVLEEYDWSAFAVITSLHPGHALFLEGVRAVADASHVSWRLLDVVTLELGPGGPR
ARTQRLLRQLDAPVFVAYCSREEAEVLFAEAAQAGLVGPGHVWLVPNLALGSTDAPPATFPVGLISVVTESWRLSLRQKV
RDGVAILALGAHSYWRQHGTLPAPAGDCRVHPGPVSPAREAFYRHLLNVTWEGRDFSFSPGGYLVQPTMVVIALNRHRLW
EMVGRWEHGVLYMKYPVWPRYSASLQPVVDSRHLTVATLEERPFVIVESPDPGTGGCVPNTVPCRRQSNHTFSSGDVAPY
TKLCCKGFCIDILKKLARVVKFSYDLYLVTNGKHGKRVRGVWNGMIGEVYYKRADMAIGSLTINEERSEIVDFSVPFVET
GISVMVARSNGTVSPSAFLEPYSPAVWVMMFVMCLTVVAITVFMFEYFSPVSYNQNLTRGKKSGGPAFTIGKSVWLLWAL
VFNNSVPIENPRGTTSKIMVLVWAFFAVIFLASYTANLAAFMIQEQYIDTVSGLSDKKFQRPQDQYPPFRFGTVPNGSTE
RNIRSNYRDMHTHMVKFNQRSVEDALTSLKMGKLDAFIYDAAVLNYMAGKDEGCKLVTIGSGKVFATTGYGIAMQKDSHW
KRAIDLALLQFLGDGETQKLETVWLSGICQNEKNEVMSSKLDIDNMAGVFYMLLVAMGLALLVFAWEHLVYWKLRHSVPN
;
D
4 'polypeptide(L)'
;MKYLLPTAAAGLLLLAAQPAMAQVQLQESGGGLVQAGGSLRLSCAASAAAAAAAAAGWYRQAPGKERAAAAAAAAAAAAA
AADSVKGRFTISRDNAKNTVYLQMNSLKPEDTAVYYCAAAAAAAAAAAYWGQGTQVTVSSGSGSSRLEEELRRRLTEHHH
HHH
;
E
#
# COMPACT_ATOMS: atom_id res chain seq x y z
N LYS A 25 -44.31 15.02 29.59
CA LYS A 25 -44.77 13.75 29.03
C LYS A 25 -44.78 12.66 30.09
N ILE A 26 -45.37 11.52 29.74
CA ILE A 26 -45.46 10.38 30.65
C ILE A 26 -44.55 9.29 30.11
N VAL A 27 -43.61 8.84 30.95
CA VAL A 27 -42.73 7.74 30.60
C VAL A 27 -43.12 6.53 31.44
N ASN A 28 -43.25 5.37 30.80
CA ASN A 28 -43.72 4.17 31.46
C ASN A 28 -42.58 3.15 31.56
N ILE A 29 -42.50 2.50 32.72
CA ILE A 29 -41.50 1.48 33.00
C ILE A 29 -42.20 0.28 33.64
N GLY A 30 -41.85 -0.90 33.17
CA GLY A 30 -42.43 -2.13 33.70
C GLY A 30 -41.46 -2.93 34.55
N ALA A 31 -41.99 -3.72 35.47
CA ALA A 31 -41.18 -4.57 36.34
C ALA A 31 -41.91 -5.87 36.60
N VAL A 32 -41.16 -6.97 36.68
CA VAL A 32 -41.71 -8.29 36.98
C VAL A 32 -41.04 -8.81 38.24
N LEU A 33 -41.85 -9.13 39.24
CA LEU A 33 -41.34 -9.59 40.53
C LEU A 33 -42.08 -10.85 40.93
N SER A 34 -41.72 -11.41 42.09
CA SER A 34 -42.34 -12.60 42.64
C SER A 34 -42.68 -12.50 44.11
N THR A 35 -43.20 -11.36 44.57
CA THR A 35 -43.34 -11.13 46.00
C THR A 35 -44.78 -10.89 46.45
N ARG A 36 -45.53 -10.02 45.77
CA ARG A 36 -46.87 -9.57 46.18
C ARG A 36 -46.81 -8.82 47.51
N LYS A 37 -45.61 -8.72 48.09
CA LYS A 37 -45.37 -7.97 49.32
C LYS A 37 -44.43 -6.80 49.07
N HIS A 38 -43.31 -7.05 48.39
CA HIS A 38 -42.49 -5.94 47.91
C HIS A 38 -43.13 -5.26 46.70
N GLU A 39 -44.38 -5.60 46.38
CA GLU A 39 -45.18 -4.69 45.57
C GLU A 39 -45.29 -3.33 46.24
N GLN A 40 -45.29 -3.30 47.59
CA GLN A 40 -45.14 -2.05 48.31
C GLN A 40 -43.80 -1.41 47.98
N MET A 41 -42.75 -2.22 47.81
CA MET A 41 -41.46 -1.68 47.39
C MET A 41 -41.53 -1.11 45.97
N PHE A 42 -42.31 -1.74 45.09
CA PHE A 42 -42.48 -1.21 43.75
C PHE A 42 -43.22 0.12 43.77
N ARG A 43 -44.26 0.22 44.61
CA ARG A 43 -44.97 1.49 44.76
C ARG A 43 -44.05 2.56 45.34
N GLU A 44 -43.24 2.20 46.33
CA GLU A 44 -42.26 3.14 46.86
C GLU A 44 -41.24 3.53 45.78
N ALA A 45 -40.91 2.59 44.89
CA ALA A 45 -39.96 2.88 43.83
C ALA A 45 -40.53 3.90 42.85
N VAL A 46 -41.78 3.73 42.45
CA VAL A 46 -42.39 4.71 41.55
C VAL A 46 -42.56 6.05 42.25
N ASN A 47 -42.86 6.02 43.55
CA ASN A 47 -42.93 7.26 44.31
C ASN A 47 -41.59 7.96 44.36
N GLN A 48 -40.50 7.20 44.53
CA GLN A 48 -39.17 7.79 44.57
C GLN A 48 -38.76 8.33 43.20
N ALA A 49 -39.12 7.61 42.14
CA ALA A 49 -38.84 8.08 40.79
C ALA A 49 -39.55 9.39 40.52
N ASN A 50 -40.79 9.52 41.01
CA ASN A 50 -41.46 10.81 40.96
C ASN A 50 -40.75 11.84 41.83
N LYS A 51 -40.21 11.41 42.97
CA LYS A 51 -39.58 12.34 43.91
C LYS A 51 -38.27 12.89 43.36
N ARG A 52 -37.54 12.08 42.58
CA ARG A 52 -36.28 12.55 42.02
C ARG A 52 -36.51 13.71 41.07
N HIS A 53 -37.54 13.64 40.25
CA HIS A 53 -37.92 14.73 39.36
C HIS A 53 -39.39 14.60 39.02
N GLY A 54 -40.12 15.69 39.21
CA GLY A 54 -41.55 15.72 38.96
C GLY A 54 -42.01 17.01 38.31
N SER A 55 -41.12 17.65 37.56
CA SER A 55 -41.36 18.95 36.92
C SER A 55 -42.30 18.86 35.72
N TRP A 56 -42.98 17.73 35.53
CA TRP A 56 -43.97 17.51 34.47
C TRP A 56 -43.31 17.38 33.11
N LYS A 57 -41.98 17.52 33.05
CA LYS A 57 -41.24 17.23 31.83
C LYS A 57 -41.17 15.73 31.59
N ILE A 58 -40.92 14.97 32.64
CA ILE A 58 -40.89 13.51 32.60
C ILE A 58 -41.70 12.97 33.76
N GLN A 59 -42.67 12.10 33.47
CA GLN A 59 -43.52 11.50 34.47
C GLN A 59 -43.44 9.99 34.37
N LEU A 60 -43.38 9.31 35.51
CA LEU A 60 -43.15 7.88 35.57
C LEU A 60 -44.39 7.15 36.05
N ASN A 61 -44.66 5.99 35.45
CA ASN A 61 -45.70 5.07 35.88
C ASN A 61 -45.17 3.65 35.77
N ALA A 62 -45.74 2.73 36.54
CA ALA A 62 -45.22 1.38 36.65
C ALA A 62 -46.32 0.34 36.56
N THR A 63 -45.94 -0.88 36.16
CA THR A 63 -46.80 -2.04 36.12
C THR A 63 -46.08 -3.24 36.74
N SER A 64 -46.85 -4.18 37.27
CA SER A 64 -46.28 -5.33 37.94
C SER A 64 -47.07 -6.59 37.59
N VAL A 65 -46.39 -7.73 37.69
CA VAL A 65 -46.95 -9.03 37.36
C VAL A 65 -46.52 -10.01 38.46
N THR A 66 -47.32 -11.06 38.64
CA THR A 66 -47.09 -12.08 39.66
C THR A 66 -46.01 -13.06 39.21
N HIS A 67 -45.82 -14.11 40.01
CA HIS A 67 -44.78 -15.10 39.81
C HIS A 67 -45.30 -16.22 38.90
N LYS A 68 -44.52 -17.29 38.80
CA LYS A 68 -44.78 -18.30 37.80
C LYS A 68 -45.07 -19.66 38.45
N PRO A 69 -46.34 -20.07 38.55
CA PRO A 69 -46.66 -21.50 38.63
C PRO A 69 -46.89 -22.14 37.26
N ASN A 70 -46.72 -21.38 36.18
CA ASN A 70 -46.79 -21.87 34.81
C ASN A 70 -46.02 -20.87 33.94
N ALA A 71 -46.06 -21.06 32.62
CA ALA A 71 -45.29 -20.20 31.74
C ALA A 71 -46.16 -19.53 30.68
N ILE A 72 -47.11 -20.27 30.11
CA ILE A 72 -47.91 -19.73 29.00
C ILE A 72 -48.79 -18.58 29.49
N GLN A 73 -49.47 -18.79 30.62
CA GLN A 73 -50.36 -17.75 31.14
C GLN A 73 -49.58 -16.50 31.53
N MET A 74 -48.42 -16.66 32.17
CA MET A 74 -47.64 -15.49 32.55
C MET A 74 -47.07 -14.78 31.34
N ALA A 75 -46.68 -15.52 30.30
CA ALA A 75 -46.23 -14.88 29.06
C ALA A 75 -47.35 -14.06 28.44
N LEU A 76 -48.56 -14.62 28.42
CA LEU A 76 -49.70 -13.89 27.88
C LEU A 76 -49.98 -12.63 28.70
N SER A 77 -49.89 -12.74 30.03
CA SER A 77 -50.14 -11.59 30.88
C SER A 77 -49.06 -10.53 30.72
N VAL A 78 -47.81 -10.95 30.49
CA VAL A 78 -46.75 -9.99 30.21
C VAL A 78 -47.01 -9.28 28.90
N CYS A 79 -47.49 -10.01 27.89
CA CYS A 79 -47.88 -9.37 26.63
C CYS A 79 -48.99 -8.35 26.87
N GLU A 80 -49.97 -8.71 27.70
CA GLU A 80 -51.07 -7.79 28.01
C GLU A 80 -50.55 -6.55 28.72
N ASP A 81 -49.62 -6.73 29.65
CA ASP A 81 -49.02 -5.60 30.36
C ASP A 81 -48.27 -4.70 29.39
N LEU A 82 -47.58 -5.31 28.42
CA LEU A 82 -46.88 -4.52 27.41
C LEU A 82 -47.85 -3.69 26.58
N ILE A 83 -48.95 -4.30 26.15
CA ILE A 83 -49.92 -3.57 25.32
C ILE A 83 -50.72 -2.59 26.17
N SER A 84 -50.66 -2.72 27.49
CA SER A 84 -51.40 -1.83 28.37
C SER A 84 -50.96 -0.37 28.23
N SER A 85 -49.65 -0.15 28.19
CA SER A 85 -49.11 1.20 28.14
C SER A 85 -47.97 1.27 27.12
N GLN A 86 -47.34 2.44 27.04
CA GLN A 86 -46.18 2.67 26.17
C GLN A 86 -44.94 2.26 26.94
N VAL A 87 -44.77 0.95 27.10
CA VAL A 87 -43.71 0.39 27.94
C VAL A 87 -42.35 0.73 27.33
N TYR A 88 -41.35 0.92 28.19
CA TYR A 88 -40.01 1.26 27.72
C TYR A 88 -38.95 0.32 28.28
N ALA A 89 -39.13 -0.15 29.51
CA ALA A 89 -38.13 -0.98 30.18
C ALA A 89 -38.82 -2.02 31.05
N ILE A 90 -38.10 -3.09 31.34
CA ILE A 90 -38.61 -4.22 32.11
C ILE A 90 -37.56 -4.59 33.16
N LEU A 91 -38.02 -5.05 34.32
CA LEU A 91 -37.14 -5.54 35.36
C LEU A 91 -37.65 -6.90 35.84
N VAL A 92 -36.73 -7.80 36.19
CA VAL A 92 -37.06 -9.15 36.61
C VAL A 92 -36.28 -9.51 37.86
N SER A 93 -36.72 -10.57 38.53
CA SER A 93 -36.16 -10.94 39.83
C SER A 93 -35.96 -12.45 39.90
N HIS A 94 -35.47 -12.91 41.06
CA HIS A 94 -35.10 -14.30 41.25
C HIS A 94 -36.32 -15.15 41.63
N PRO A 95 -36.29 -16.44 41.31
CA PRO A 95 -37.37 -17.34 41.70
C PRO A 95 -37.04 -18.07 42.99
N PRO A 96 -38.04 -18.63 43.66
CA PRO A 96 -37.74 -19.48 44.83
C PRO A 96 -37.35 -20.90 44.47
N THR A 97 -37.92 -21.44 43.40
CA THR A 97 -37.68 -22.82 43.01
C THR A 97 -36.28 -22.98 42.44
N PRO A 98 -35.72 -24.20 42.48
CA PRO A 98 -34.41 -24.44 41.88
C PRO A 98 -34.43 -24.50 40.36
N ASN A 99 -35.54 -24.16 39.72
CA ASN A 99 -35.59 -24.09 38.27
C ASN A 99 -34.60 -23.04 37.77
N ASP A 100 -33.57 -23.48 37.04
CA ASP A 100 -32.42 -22.63 36.77
C ASP A 100 -32.82 -21.38 35.98
N HIS A 101 -33.68 -21.55 34.97
CA HIS A 101 -34.08 -20.44 34.11
C HIS A 101 -35.60 -20.37 33.99
N PHE A 102 -36.31 -20.51 35.10
CA PHE A 102 -37.77 -20.47 35.06
C PHE A 102 -38.27 -19.11 34.59
N THR A 103 -38.01 -18.06 35.35
CA THR A 103 -38.58 -16.75 35.02
C THR A 103 -37.90 -16.07 33.83
N PRO A 104 -36.58 -16.19 33.60
CA PRO A 104 -35.98 -15.35 32.55
C PRO A 104 -36.45 -15.64 31.14
N THR A 105 -36.43 -16.92 30.72
CA THR A 105 -36.60 -17.21 29.30
C THR A 105 -37.98 -16.86 28.74
N PRO A 106 -39.08 -16.84 29.51
CA PRO A 106 -40.32 -16.31 28.91
C PRO A 106 -40.22 -14.84 28.54
N VAL A 107 -39.87 -13.98 29.49
CA VAL A 107 -39.85 -12.55 29.24
C VAL A 107 -38.71 -12.15 28.31
N SER A 108 -37.55 -12.80 28.44
CA SER A 108 -36.36 -12.36 27.71
C SER A 108 -36.59 -12.42 26.21
N TYR A 109 -37.00 -13.58 25.70
CA TYR A 109 -37.18 -13.74 24.27
C TYR A 109 -38.37 -12.93 23.77
N THR A 110 -39.45 -12.90 24.56
CA THR A 110 -40.63 -12.14 24.16
C THR A 110 -40.31 -10.66 24.00
N ALA A 111 -39.54 -10.09 24.95
CA ALA A 111 -39.13 -8.71 24.84
C ALA A 111 -38.12 -8.50 23.72
N GLY A 112 -37.17 -9.43 23.55
CA GLY A 112 -36.20 -9.29 22.48
C GLY A 112 -36.83 -9.37 21.11
N PHE A 113 -38.03 -9.96 21.03
CA PHE A 113 -38.78 -9.96 19.78
C PHE A 113 -39.04 -8.54 19.29
N TYR A 114 -39.03 -7.57 20.19
CA TYR A 114 -39.22 -6.17 19.85
C TYR A 114 -38.04 -5.29 20.26
N ARG A 115 -36.90 -5.88 20.63
CA ARG A 115 -35.66 -5.15 20.91
C ARG A 115 -35.85 -4.14 22.05
N ILE A 116 -36.77 -4.42 22.96
CA ILE A 116 -37.01 -3.55 24.10
C ILE A 116 -36.08 -3.94 25.24
N PRO A 117 -35.19 -3.05 25.67
CA PRO A 117 -34.18 -3.42 26.66
C PRO A 117 -34.78 -3.75 28.02
N VAL A 118 -34.07 -4.60 28.77
CA VAL A 118 -34.52 -5.10 30.05
C VAL A 118 -33.30 -5.26 30.97
N LEU A 119 -33.54 -5.05 32.27
CA LEU A 119 -32.50 -5.13 33.28
C LEU A 119 -32.74 -6.33 34.18
N GLY A 120 -31.65 -7.02 34.52
CA GLY A 120 -31.73 -8.17 35.39
C GLY A 120 -31.29 -7.85 36.81
N LEU A 121 -32.24 -7.82 37.74
CA LEU A 121 -31.92 -7.48 39.12
C LEU A 121 -30.96 -8.50 39.73
N THR A 122 -31.21 -9.79 39.52
CA THR A 122 -30.39 -10.83 40.12
C THR A 122 -30.46 -12.10 39.29
N THR A 123 -29.31 -12.48 38.72
CA THR A 123 -29.11 -13.75 38.03
C THR A 123 -27.63 -13.86 37.71
N ARG A 124 -27.12 -15.08 37.66
CA ARG A 124 -25.70 -15.30 37.42
C ARG A 124 -25.41 -16.29 36.30
N MET A 125 -26.42 -16.97 35.76
CA MET A 125 -26.19 -17.90 34.66
C MET A 125 -25.54 -17.18 33.49
N SER A 126 -24.53 -17.83 32.90
CA SER A 126 -23.68 -17.20 31.89
C SER A 126 -24.25 -17.33 30.48
N ILE A 127 -25.45 -17.91 30.36
CA ILE A 127 -26.07 -18.06 29.05
C ILE A 127 -26.49 -16.71 28.53
N TYR A 128 -27.07 -15.89 29.41
CA TYR A 128 -27.61 -14.61 28.99
C TYR A 128 -26.53 -13.60 28.67
N SER A 129 -25.33 -13.76 29.23
CA SER A 129 -24.22 -12.86 28.91
C SER A 129 -23.81 -12.94 27.44
N ASP A 130 -24.06 -14.08 26.79
CA ASP A 130 -23.75 -14.22 25.37
C ASP A 130 -24.77 -13.44 24.54
N LYS A 131 -24.37 -12.29 24.01
CA LYS A 131 -25.26 -11.48 23.19
C LYS A 131 -25.57 -12.19 21.88
N SER A 132 -24.82 -13.25 21.57
CA SER A 132 -25.07 -14.05 20.37
C SER A 132 -26.27 -14.97 20.51
N ILE A 133 -26.69 -15.30 21.73
CA ILE A 133 -27.81 -16.19 21.95
C ILE A 133 -29.11 -15.42 22.10
N HIS A 134 -29.10 -14.38 22.92
CA HIS A 134 -30.29 -13.60 23.23
C HIS A 134 -30.08 -12.14 22.82
N LEU A 135 -31.04 -11.30 23.20
CA LEU A 135 -31.04 -9.88 22.85
C LEU A 135 -30.18 -9.11 23.84
N SER A 136 -30.30 -7.78 23.84
CA SER A 136 -29.52 -6.91 24.73
C SER A 136 -30.03 -7.09 26.16
N PHE A 137 -29.15 -7.58 27.04
CA PHE A 137 -29.45 -7.76 28.45
C PHE A 137 -28.33 -7.13 29.27
N LEU A 138 -28.71 -6.33 30.26
CA LEU A 138 -27.76 -5.63 31.12
C LEU A 138 -27.89 -6.15 32.54
N ARG A 139 -26.77 -6.53 33.13
CA ARG A 139 -26.74 -7.14 34.45
C ARG A 139 -26.09 -6.17 35.44
N THR A 140 -26.75 -5.97 36.58
CA THR A 140 -26.19 -5.19 37.69
C THR A 140 -25.34 -6.04 38.62
N VAL A 141 -25.29 -7.36 38.38
CA VAL A 141 -24.47 -8.28 39.17
C VAL A 141 -23.54 -9.02 38.20
N PRO A 142 -22.26 -9.13 38.51
CA PRO A 142 -21.34 -9.84 37.60
C PRO A 142 -21.67 -11.32 37.53
N PRO A 143 -21.39 -11.95 36.40
CA PRO A 143 -21.60 -13.40 36.29
C PRO A 143 -20.47 -14.17 36.93
N TYR A 144 -20.60 -15.50 36.94
CA TYR A 144 -19.55 -16.35 37.47
C TYR A 144 -18.24 -16.14 36.73
N SER A 145 -18.32 -15.76 35.46
CA SER A 145 -17.14 -15.78 34.60
C SER A 145 -16.10 -14.75 35.05
N HIS A 146 -16.52 -13.51 35.26
CA HIS A 146 -15.54 -12.44 35.49
C HIS A 146 -14.90 -12.52 36.86
N GLN A 147 -15.51 -13.23 37.82
CA GLN A 147 -14.86 -13.43 39.10
C GLN A 147 -13.61 -14.30 38.96
N SER A 148 -13.57 -15.13 37.92
CA SER A 148 -12.36 -15.91 37.66
C SER A 148 -11.16 -15.02 37.46
N SER A 149 -11.32 -13.93 36.69
CA SER A 149 -10.24 -12.96 36.57
C SER A 149 -9.91 -12.33 37.93
N VAL A 150 -10.90 -12.24 38.82
CA VAL A 150 -10.65 -11.64 40.13
C VAL A 150 -9.72 -12.54 40.95
N TRP A 151 -10.03 -13.83 41.06
CA TRP A 151 -9.07 -14.64 41.80
C TRP A 151 -7.81 -14.91 40.99
N PHE A 152 -7.86 -14.71 39.67
CA PHE A 152 -6.64 -14.72 38.87
C PHE A 152 -5.70 -13.60 39.31
N GLU A 153 -6.25 -12.39 39.49
CA GLU A 153 -5.46 -11.29 40.01
C GLU A 153 -4.99 -11.58 41.43
N MET A 154 -5.84 -12.21 42.23
CA MET A 154 -5.44 -12.59 43.58
C MET A 154 -4.20 -13.50 43.56
N MET A 155 -4.25 -14.54 42.74
CA MET A 155 -3.12 -15.46 42.57
C MET A 155 -1.90 -14.78 42.00
N ARG A 156 -2.07 -13.86 41.04
CA ARG A 156 -0.94 -13.11 40.52
C ARG A 156 -0.29 -12.28 41.61
N VAL A 157 -1.10 -11.71 42.50
CA VAL A 157 -0.55 -11.00 43.65
C VAL A 157 0.22 -11.95 44.54
N TYR A 158 -0.31 -13.14 44.79
CA TYR A 158 0.37 -14.12 45.62
C TYR A 158 1.26 -15.06 44.82
N SER A 159 1.62 -14.69 43.59
CA SER A 159 2.69 -15.30 42.80
C SER A 159 2.49 -16.79 42.56
N TRP A 160 1.33 -17.20 42.04
CA TRP A 160 1.15 -18.59 41.64
C TRP A 160 1.32 -18.68 40.12
N ASN A 161 2.35 -19.39 39.69
CA ASN A 161 2.66 -19.53 38.27
C ASN A 161 2.11 -20.81 37.65
N HIS A 162 2.19 -21.93 38.35
CA HIS A 162 1.64 -23.19 37.87
C HIS A 162 0.31 -23.43 38.57
N ILE A 163 -0.77 -23.50 37.80
CA ILE A 163 -2.11 -23.67 38.35
C ILE A 163 -2.79 -24.84 37.67
N ILE A 164 -3.78 -25.41 38.34
CA ILE A 164 -4.57 -26.51 37.81
C ILE A 164 -6.03 -26.08 37.81
N LEU A 165 -6.70 -26.30 36.68
CA LEU A 165 -8.08 -25.89 36.49
C LEU A 165 -8.93 -27.15 36.33
N LEU A 166 -10.05 -27.20 37.05
CA LEU A 166 -11.00 -28.30 36.96
C LEU A 166 -12.40 -27.70 36.79
N VAL A 167 -13.03 -27.99 35.65
CA VAL A 167 -14.30 -27.39 35.28
C VAL A 167 -15.19 -28.47 34.70
N SER A 168 -16.48 -28.17 34.56
CA SER A 168 -17.46 -29.08 34.01
C SER A 168 -17.66 -28.78 32.53
N ASP A 169 -18.64 -29.46 31.91
CA ASP A 169 -18.91 -29.31 30.48
C ASP A 169 -20.17 -28.53 30.18
N ASP A 170 -20.89 -28.05 31.20
CA ASP A 170 -22.11 -27.28 30.97
C ASP A 170 -21.78 -25.91 30.38
N HIS A 171 -22.82 -25.10 30.16
CA HIS A 171 -22.59 -23.75 29.66
C HIS A 171 -21.70 -22.96 30.61
N GLU A 172 -21.85 -23.19 31.91
CA GLU A 172 -20.95 -22.58 32.88
C GLU A 172 -19.51 -23.02 32.63
N GLY A 173 -19.32 -24.30 32.32
CA GLY A 173 -17.98 -24.79 32.04
C GLY A 173 -17.37 -24.13 30.82
N ARG A 174 -18.13 -24.04 29.73
CA ARG A 174 -17.63 -23.41 28.52
C ARG A 174 -17.30 -21.94 28.78
N ALA A 175 -18.19 -21.23 29.47
CA ALA A 175 -17.97 -19.81 29.72
C ALA A 175 -16.75 -19.60 30.61
N ALA A 176 -16.60 -20.41 31.65
CA ALA A 176 -15.42 -20.30 32.52
C ALA A 176 -14.16 -20.61 31.75
N GLN A 177 -14.18 -21.64 30.89
CA GLN A 177 -13.02 -21.95 30.07
C GLN A 177 -12.63 -20.77 29.20
N LYS A 178 -13.63 -20.16 28.54
CA LYS A 178 -13.33 -19.03 27.65
C LYS A 178 -12.77 -17.85 28.42
N ARG A 179 -13.40 -17.51 29.55
CA ARG A 179 -12.95 -16.36 30.33
C ARG A 179 -11.55 -16.58 30.88
N LEU A 180 -11.28 -17.77 31.41
CA LEU A 180 -9.95 -18.06 31.94
C LEU A 180 -8.91 -18.08 30.83
N GLU A 181 -9.29 -18.58 29.65
CA GLU A 181 -8.37 -18.57 28.52
C GLU A 181 -8.02 -17.13 28.13
N THR A 182 -9.02 -16.25 28.10
CA THR A 182 -8.75 -14.85 27.78
C THR A 182 -7.84 -14.22 28.84
N LEU A 183 -8.12 -14.48 30.12
CA LEU A 183 -7.31 -13.90 31.19
C LEU A 183 -5.86 -14.39 31.10
N LEU A 184 -5.67 -15.68 30.81
CA LEU A 184 -4.32 -16.20 30.66
C LEU A 184 -3.62 -15.61 29.44
N GLU A 185 -4.34 -15.54 28.31
CA GLU A 185 -3.74 -14.99 27.09
C GLU A 185 -3.38 -13.53 27.27
N GLU A 186 -4.03 -12.85 28.22
CA GLU A 186 -3.60 -11.50 28.58
C GLU A 186 -2.14 -11.50 29.01
N ARG A 187 -1.73 -12.53 29.75
CA ARG A 187 -0.34 -12.70 30.15
C ARG A 187 0.37 -13.78 29.34
N GLU A 188 -0.36 -14.63 28.63
CA GLU A 188 0.20 -15.68 27.78
C GLU A 188 1.13 -16.59 28.55
N SER A 189 0.67 -17.04 29.72
CA SER A 189 1.42 -17.98 30.55
C SER A 189 1.13 -19.44 30.21
N LYS A 190 0.14 -19.70 29.35
CA LYS A 190 -0.16 -21.03 28.84
C LYS A 190 -0.37 -22.04 29.97
N ALA A 191 -1.43 -21.80 30.74
CA ALA A 191 -1.77 -22.70 31.83
C ALA A 191 -2.02 -24.11 31.30
N GLU A 192 -1.55 -25.10 32.05
CA GLU A 192 -1.53 -26.49 31.62
C GLU A 192 -2.64 -27.28 32.30
N LYS A 193 -2.75 -28.57 31.95
CA LYS A 193 -3.65 -29.50 32.61
C LYS A 193 -5.10 -29.03 32.55
N VAL A 194 -5.63 -28.96 31.34
CA VAL A 194 -7.04 -28.62 31.13
C VAL A 194 -7.84 -29.93 31.07
N LEU A 195 -8.33 -30.36 32.23
CA LEU A 195 -9.08 -31.60 32.35
C LEU A 195 -10.49 -31.29 32.79
N GLN A 196 -11.46 -32.03 32.25
CA GLN A 196 -12.87 -31.81 32.50
C GLN A 196 -13.52 -33.13 32.87
N PHE A 197 -14.44 -33.07 33.83
CA PHE A 197 -15.13 -34.26 34.33
C PHE A 197 -16.61 -34.20 33.99
N ASP A 198 -17.17 -35.36 33.68
CA ASP A 198 -18.56 -35.43 33.23
C ASP A 198 -19.51 -34.98 34.35
N PRO A 199 -20.51 -34.18 34.04
CA PRO A 199 -21.43 -33.67 35.06
C PRO A 199 -22.51 -34.70 35.41
N GLY A 200 -23.08 -34.52 36.61
CA GLY A 200 -24.18 -35.34 37.06
C GLY A 200 -23.88 -36.82 37.10
N THR A 201 -22.71 -37.18 37.62
CA THR A 201 -22.28 -38.57 37.67
C THR A 201 -21.75 -38.88 39.06
N LYS A 202 -21.37 -40.13 39.28
CA LYS A 202 -20.84 -40.58 40.56
C LYS A 202 -19.71 -41.58 40.30
N ASN A 203 -18.85 -41.72 41.30
CA ASN A 203 -17.70 -42.62 41.25
C ASN A 203 -16.82 -42.31 40.04
N VAL A 204 -16.32 -41.07 40.00
CA VAL A 204 -15.40 -40.65 38.96
C VAL A 204 -14.10 -40.19 39.61
N THR A 205 -13.10 -41.08 39.64
CA THR A 205 -11.89 -40.81 40.40
C THR A 205 -10.70 -40.57 39.47
N ALA A 206 -10.84 -40.93 38.20
CA ALA A 206 -9.72 -40.94 37.26
C ALA A 206 -9.08 -39.57 37.09
N LEU A 207 -9.91 -38.52 37.05
CA LEU A 207 -9.41 -37.18 36.73
C LEU A 207 -8.42 -36.67 37.78
N LEU A 208 -8.75 -36.83 39.06
CA LEU A 208 -7.87 -36.32 40.11
C LEU A 208 -6.55 -37.08 40.12
N MET A 209 -6.59 -38.39 39.95
CA MET A 209 -5.36 -39.17 39.88
C MET A 209 -4.52 -38.76 38.68
N GLU A 210 -5.18 -38.50 37.54
CA GLU A 210 -4.44 -38.05 36.36
C GLU A 210 -3.77 -36.70 36.60
N ALA A 211 -4.44 -35.80 37.29
CA ALA A 211 -3.91 -34.47 37.55
C ALA A 211 -2.98 -34.42 38.75
N LYS A 212 -2.85 -35.52 39.50
CA LYS A 212 -2.06 -35.50 40.74
C LYS A 212 -0.58 -35.29 40.47
N GLU A 213 -0.10 -35.74 39.30
CA GLU A 213 1.35 -35.74 39.05
C GLU A 213 1.83 -34.52 38.27
N LEU A 214 1.07 -33.43 38.25
CA LEU A 214 1.41 -32.27 37.43
C LEU A 214 2.46 -31.39 38.13
N GLU A 215 2.95 -31.89 39.26
CA GLU A 215 4.05 -31.26 40.01
C GLU A 215 3.65 -29.90 40.58
N ALA A 216 2.37 -29.55 40.51
CA ALA A 216 1.87 -28.33 41.12
C ALA A 216 0.64 -28.64 41.95
N ARG A 217 0.40 -27.85 43.01
CA ARG A 217 -0.73 -28.09 43.90
C ARG A 217 -1.52 -26.80 44.10
N VAL A 218 -2.36 -26.46 43.12
CA VAL A 218 -3.47 -25.53 43.31
C VAL A 218 -4.55 -25.82 42.27
N ILE A 219 -5.78 -26.08 42.71
CA ILE A 219 -6.86 -26.43 41.81
C ILE A 219 -8.01 -25.45 41.98
N ILE A 220 -8.75 -25.24 40.90
CA ILE A 220 -9.86 -24.30 40.84
C ILE A 220 -11.11 -25.08 40.45
N LEU A 221 -12.19 -24.90 41.19
CA LEU A 221 -13.43 -25.62 40.95
C LEU A 221 -14.56 -24.65 40.62
N SER A 222 -15.49 -25.13 39.80
CA SER A 222 -16.70 -24.37 39.46
C SER A 222 -17.74 -25.35 38.97
N ALA A 223 -18.79 -25.56 39.76
CA ALA A 223 -19.84 -26.52 39.42
C ALA A 223 -21.02 -26.30 40.36
N SER A 224 -21.98 -27.21 40.28
CA SER A 224 -23.13 -27.16 41.17
C SER A 224 -22.75 -27.68 42.56
N GLU A 225 -23.67 -27.54 43.50
CA GLU A 225 -23.41 -27.93 44.88
C GLU A 225 -23.18 -29.43 44.99
N ASP A 226 -24.03 -30.24 44.34
CA ASP A 226 -23.89 -31.69 44.45
C ASP A 226 -22.60 -32.17 43.83
N ASP A 227 -22.23 -31.62 42.68
CA ASP A 227 -20.95 -31.98 42.06
C ASP A 227 -19.78 -31.59 42.94
N ALA A 228 -19.83 -30.41 43.55
CA ALA A 228 -18.78 -29.99 44.46
C ALA A 228 -18.68 -30.94 45.64
N ALA A 229 -19.81 -31.38 46.18
CA ALA A 229 -19.80 -32.32 47.29
C ALA A 229 -19.18 -33.66 46.88
N THR A 230 -19.52 -34.15 45.69
CA THR A 230 -18.93 -35.38 45.21
C THR A 230 -17.42 -35.24 45.05
N VAL A 231 -16.98 -34.10 44.50
CA VAL A 231 -15.54 -33.87 44.35
C VAL A 231 -14.87 -33.80 45.71
N TYR A 232 -15.53 -33.17 46.68
CA TYR A 232 -14.98 -33.12 48.04
C TYR A 232 -14.82 -34.51 48.61
N ARG A 233 -15.83 -35.35 48.47
CA ARG A 233 -15.74 -36.72 48.97
C ARG A 233 -14.61 -37.49 48.29
N ALA A 234 -14.49 -37.35 46.97
CA ALA A 234 -13.44 -38.04 46.24
C ALA A 234 -12.05 -37.58 46.68
N ALA A 235 -11.88 -36.27 46.84
CA ALA A 235 -10.59 -35.73 47.27
C ALA A 235 -10.24 -36.20 48.68
N ALA A 236 -11.24 -36.21 49.57
CA ALA A 236 -11.02 -36.75 50.90
C ALA A 236 -10.63 -38.22 50.84
N MET A 237 -11.19 -38.96 49.90
CA MET A 237 -10.82 -40.36 49.73
C MET A 237 -9.37 -40.50 49.26
N LEU A 238 -8.93 -39.68 48.32
CA LEU A 238 -7.62 -39.88 47.70
C LEU A 238 -6.50 -39.17 48.46
N ASN A 239 -6.80 -38.60 49.62
CA ASN A 239 -5.83 -38.04 50.57
C ASN A 239 -5.18 -36.75 50.08
N MET A 240 -5.66 -36.16 48.99
CA MET A 240 -5.08 -34.93 48.47
C MET A 240 -5.51 -33.68 49.24
N THR A 241 -6.17 -33.85 50.39
CA THR A 241 -6.70 -32.72 51.16
C THR A 241 -5.85 -32.37 52.37
N GLY A 242 -4.62 -32.88 52.45
CA GLY A 242 -3.78 -32.59 53.58
C GLY A 242 -2.98 -31.31 53.41
N SER A 243 -1.79 -31.26 53.99
CA SER A 243 -0.92 -30.10 53.86
C SER A 243 -0.30 -30.05 52.46
N GLY A 244 0.42 -28.96 52.19
CA GLY A 244 1.06 -28.76 50.91
C GLY A 244 0.13 -28.47 49.77
N TYR A 245 -1.17 -28.45 50.01
CA TYR A 245 -2.17 -28.19 48.98
C TYR A 245 -3.02 -26.98 49.37
N VAL A 246 -3.24 -26.11 48.39
CA VAL A 246 -4.10 -24.94 48.57
C VAL A 246 -4.96 -24.82 47.32
N TRP A 247 -6.23 -24.46 47.51
CA TRP A 247 -7.18 -24.47 46.41
C TRP A 247 -8.45 -23.74 46.82
N LEU A 248 -8.93 -22.88 45.92
CA LEU A 248 -10.07 -22.02 46.18
C LEU A 248 -11.16 -22.27 45.16
N VAL A 249 -12.40 -21.96 45.55
CA VAL A 249 -13.56 -22.13 44.67
C VAL A 249 -14.29 -20.81 44.55
N GLY A 250 -15.40 -20.81 43.82
CA GLY A 250 -16.23 -19.62 43.70
C GLY A 250 -17.20 -19.47 44.85
N GLU A 251 -18.41 -19.00 44.56
CA GLU A 251 -19.45 -18.85 45.57
C GLU A 251 -20.51 -19.93 45.50
N ARG A 252 -20.77 -20.49 44.31
CA ARG A 252 -21.80 -21.52 44.16
C ARG A 252 -21.39 -22.85 44.79
N GLU A 253 -20.14 -22.99 45.22
CA GLU A 253 -19.65 -24.24 45.78
C GLU A 253 -19.48 -24.19 47.30
N ILE A 254 -19.93 -23.12 47.95
CA ILE A 254 -19.77 -23.00 49.39
C ILE A 254 -21.12 -22.81 50.06
N SER A 255 -22.18 -23.30 49.41
CA SER A 255 -23.53 -23.12 49.91
C SER A 255 -24.28 -24.44 49.93
N GLY A 256 -25.26 -24.52 50.82
CA GLY A 256 -26.14 -25.67 50.89
C GLY A 256 -25.43 -26.92 51.35
N ASN A 257 -25.86 -28.05 50.79
CA ASN A 257 -25.27 -29.35 51.13
C ASN A 257 -23.78 -29.39 50.83
N ALA A 258 -23.31 -28.54 49.93
CA ALA A 258 -21.87 -28.45 49.67
C ALA A 258 -21.14 -28.00 50.93
N LEU A 259 -21.72 -27.05 51.67
CA LEU A 259 -21.07 -26.56 52.88
C LEU A 259 -21.18 -27.56 54.02
N ARG A 260 -22.00 -28.61 53.86
CA ARG A 260 -22.20 -29.57 54.93
C ARG A 260 -20.88 -30.21 55.37
N TYR A 261 -20.22 -30.92 54.45
CA TYR A 261 -18.90 -31.48 54.71
C TYR A 261 -17.92 -30.91 53.71
N ALA A 262 -16.80 -30.38 54.21
CA ALA A 262 -15.79 -29.75 53.37
C ALA A 262 -14.52 -29.60 54.18
N PRO A 263 -13.35 -29.63 53.54
CA PRO A 263 -12.10 -29.44 54.29
C PRO A 263 -12.00 -28.04 54.86
N ASP A 264 -11.25 -27.92 55.95
CA ASP A 264 -11.07 -26.65 56.62
C ASP A 264 -10.21 -25.72 55.79
N GLY A 265 -10.47 -24.42 55.91
CA GLY A 265 -9.66 -23.41 55.27
C GLY A 265 -9.89 -23.18 53.80
N ILE A 266 -11.05 -23.55 53.27
CA ILE A 266 -11.34 -23.34 51.86
C ILE A 266 -11.43 -21.85 51.60
N LEU A 267 -10.50 -21.32 50.83
CA LEU A 267 -10.57 -19.92 50.43
C LEU A 267 -11.74 -19.73 49.48
N GLY A 268 -12.47 -18.63 49.66
CA GLY A 268 -13.61 -18.35 48.84
C GLY A 268 -13.88 -16.87 48.74
N LEU A 269 -15.06 -16.54 48.20
CA LEU A 269 -15.45 -15.15 48.01
C LEU A 269 -16.97 -15.07 47.99
N GLN A 270 -17.47 -13.89 48.31
CA GLN A 270 -18.90 -13.61 48.32
C GLN A 270 -19.18 -12.36 47.50
N LEU A 271 -20.38 -12.29 46.91
CA LEU A 271 -20.74 -11.16 46.08
C LEU A 271 -20.78 -9.87 46.90
N ILE A 272 -20.64 -8.74 46.21
CA ILE A 272 -20.59 -7.44 46.90
C ILE A 272 -21.89 -7.18 47.65
N ASN A 273 -23.03 -7.42 46.99
CA ASN A 273 -24.35 -7.25 47.61
C ASN A 273 -25.22 -8.43 47.22
N GLY A 274 -25.19 -9.48 48.05
CA GLY A 274 -25.95 -10.68 47.77
C GLY A 274 -27.36 -10.62 48.30
N LYS A 275 -28.33 -10.67 47.39
CA LYS A 275 -29.75 -10.70 47.72
C LYS A 275 -30.15 -9.48 48.57
N ASN A 276 -29.87 -8.30 48.03
CA ASN A 276 -30.35 -7.05 48.60
C ASN A 276 -31.70 -6.64 48.03
N GLU A 277 -32.21 -7.38 47.05
CA GLU A 277 -33.53 -7.21 46.45
C GLU A 277 -33.94 -5.76 46.25
N SER A 278 -34.77 -5.25 47.17
CA SER A 278 -35.45 -3.98 46.95
C SER A 278 -34.48 -2.80 46.88
N ALA A 279 -33.24 -3.01 47.34
CA ALA A 279 -32.24 -1.95 47.16
C ALA A 279 -31.81 -1.83 45.70
N HIS A 280 -31.53 -2.97 45.06
CA HIS A 280 -31.04 -2.93 43.70
C HIS A 280 -32.11 -2.45 42.73
N ILE A 281 -33.38 -2.71 43.01
CA ILE A 281 -34.43 -2.17 42.15
C ILE A 281 -34.47 -0.65 42.28
N SER A 282 -34.21 -0.14 43.48
CA SER A 282 -34.14 1.31 43.66
C SER A 282 -32.98 1.91 42.85
N ASP A 283 -31.82 1.27 42.92
CA ASP A 283 -30.70 1.73 42.11
C ASP A 283 -30.99 1.65 40.62
N ALA A 284 -31.65 0.58 40.18
CA ALA A 284 -32.00 0.43 38.77
C ALA A 284 -32.98 1.51 38.32
N VAL A 285 -33.98 1.81 39.15
CA VAL A 285 -34.91 2.88 38.82
C VAL A 285 -34.18 4.21 38.71
N GLY A 286 -33.25 4.48 39.65
CA GLY A 286 -32.50 5.70 39.57
C GLY A 286 -31.69 5.81 38.29
N VAL A 287 -30.97 4.75 37.95
CA VAL A 287 -30.10 4.82 36.77
C VAL A 287 -30.92 4.89 35.49
N VAL A 288 -32.05 4.17 35.43
CA VAL A 288 -32.87 4.22 34.21
C VAL A 288 -33.53 5.59 34.08
N ALA A 289 -33.91 6.21 35.19
CA ALA A 289 -34.43 7.56 35.13
C ALA A 289 -33.38 8.53 34.61
N GLN A 290 -32.14 8.38 35.09
CA GLN A 290 -31.04 9.21 34.58
C GLN A 290 -30.86 9.00 33.09
N ALA A 291 -30.91 7.75 32.64
CA ALA A 291 -30.73 7.45 31.22
C ALA A 291 -31.83 8.07 30.37
N VAL A 292 -33.08 7.95 30.83
CA VAL A 292 -34.20 8.51 30.08
C VAL A 292 -34.10 10.03 30.03
N HIS A 293 -33.73 10.65 31.15
CA HIS A 293 -33.56 12.10 31.16
C HIS A 293 -32.47 12.53 30.19
N GLU A 294 -31.36 11.78 30.14
CA GLU A 294 -30.32 12.06 29.16
C GLU A 294 -30.76 11.78 27.73
N LEU A 295 -31.76 10.92 27.54
CA LEU A 295 -32.22 10.56 26.20
C LEU A 295 -33.06 11.65 25.56
N LEU A 296 -33.52 12.65 26.29
CA LEU A 296 -34.52 13.51 25.59
C LEU A 296 -33.89 14.30 24.45
N GLU A 297 -33.37 13.59 23.45
CA GLU A 297 -32.74 14.14 22.22
C GLU A 297 -32.78 13.08 21.10
N LYS A 298 -32.39 13.52 19.88
CA LYS A 298 -32.26 12.79 18.57
C LYS A 298 -33.46 13.03 17.62
N GLU A 299 -33.19 12.88 16.32
CA GLU A 299 -34.09 13.20 15.16
C GLU A 299 -35.38 12.37 15.07
N ASN A 300 -35.37 11.06 15.31
CA ASN A 300 -36.66 10.34 15.06
C ASN A 300 -37.09 9.48 16.25
N ILE A 301 -37.50 10.12 17.34
CA ILE A 301 -37.95 9.35 18.52
C ILE A 301 -39.16 8.49 18.14
N THR A 302 -40.10 9.02 17.36
CA THR A 302 -41.32 8.25 16.99
C THR A 302 -41.98 7.79 18.30
N ASP A 303 -42.31 6.52 18.44
CA ASP A 303 -42.92 6.09 19.72
C ASP A 303 -42.55 4.62 19.98
N PRO A 304 -42.66 4.09 21.21
CA PRO A 304 -42.33 2.71 21.48
C PRO A 304 -43.53 1.88 21.03
N PRO A 305 -43.27 0.69 20.52
CA PRO A 305 -44.31 -0.22 20.03
C PRO A 305 -45.41 -0.39 21.06
N ARG A 306 -46.65 -0.46 20.57
CA ARG A 306 -47.82 -0.59 21.43
C ARG A 306 -48.82 -1.53 20.78
N GLY A 307 -49.37 -2.44 21.56
CA GLY A 307 -50.36 -3.38 21.05
C GLY A 307 -49.75 -4.66 20.52
N CYS A 308 -50.49 -5.75 20.66
CA CYS A 308 -50.06 -7.06 20.22
C CYS A 308 -50.68 -7.46 18.89
N VAL A 309 -51.42 -6.57 18.25
CA VAL A 309 -52.11 -6.87 17.01
C VAL A 309 -51.54 -6.00 15.89
N GLY A 310 -51.07 -6.65 14.83
CA GLY A 310 -50.57 -5.93 13.68
C GLY A 310 -49.41 -5.01 13.98
N ASN A 311 -48.52 -5.41 14.89
CA ASN A 311 -47.39 -4.58 15.30
C ASN A 311 -46.11 -5.39 15.15
N THR A 312 -45.99 -6.10 14.04
CA THR A 312 -44.80 -6.88 13.74
C THR A 312 -43.67 -6.02 13.20
N ASN A 313 -43.91 -4.74 12.97
CA ASN A 313 -42.86 -3.86 12.45
C ASN A 313 -41.71 -3.74 13.44
N ILE A 314 -40.49 -3.66 12.91
CA ILE A 314 -39.31 -3.64 13.76
C ILE A 314 -39.26 -2.35 14.58
N TRP A 315 -38.60 -2.43 15.73
CA TRP A 315 -38.45 -1.31 16.65
C TRP A 315 -37.21 -0.54 16.22
N LYS A 316 -37.42 0.45 15.35
CA LYS A 316 -36.31 1.04 14.59
C LYS A 316 -35.28 1.71 15.49
N THR A 317 -35.73 2.50 16.46
CA THR A 317 -34.82 3.25 17.32
C THR A 317 -34.38 2.44 18.54
N GLY A 318 -34.39 1.12 18.44
CA GLY A 318 -33.98 0.26 19.52
C GLY A 318 -32.51 0.35 19.88
N PRO A 319 -31.61 0.07 18.93
CA PRO A 319 -30.18 0.00 19.28
C PRO A 319 -29.63 1.30 19.86
N LEU A 320 -30.15 2.45 19.42
CA LEU A 320 -29.67 3.72 19.96
C LEU A 320 -29.96 3.83 21.45
N PHE A 321 -31.14 3.39 21.88
CA PHE A 321 -31.48 3.43 23.30
C PHE A 321 -30.52 2.57 24.12
N LYS A 322 -30.23 1.36 23.65
CA LYS A 322 -29.28 0.51 24.35
C LYS A 322 -27.89 1.14 24.39
N ARG A 323 -27.45 1.71 23.28
CA ARG A 323 -26.12 2.31 23.24
C ARG A 323 -26.01 3.48 24.20
N VAL A 324 -27.04 4.34 24.25
CA VAL A 324 -26.97 5.49 25.15
C VAL A 324 -27.11 5.05 26.60
N LEU A 325 -27.93 4.04 26.88
CA LEU A 325 -28.11 3.59 28.26
C LEU A 325 -26.86 2.91 28.77
N MET A 326 -26.12 2.22 27.89
CA MET A 326 -24.91 1.54 28.31
C MET A 326 -23.86 2.53 28.79
N SER A 327 -23.77 3.68 28.15
CA SER A 327 -22.77 4.70 28.46
C SER A 327 -23.29 5.78 29.40
N SER A 328 -24.28 5.45 30.24
CA SER A 328 -24.88 6.44 31.13
C SER A 328 -24.00 6.65 32.36
N LYS A 329 -24.55 7.37 33.35
CA LYS A 329 -23.83 7.68 34.56
C LYS A 329 -24.81 7.83 35.71
N TYR A 330 -24.42 7.30 36.88
CA TYR A 330 -25.20 7.45 38.10
C TYR A 330 -24.28 7.18 39.27
N ALA A 331 -24.05 8.20 40.09
CA ALA A 331 -23.02 8.13 41.12
C ALA A 331 -23.54 8.11 42.55
N ASP A 332 -24.73 8.67 42.82
CA ASP A 332 -25.25 8.76 44.17
C ASP A 332 -26.13 7.54 44.44
N GLY A 333 -25.73 6.74 45.41
CA GLY A 333 -26.51 5.57 45.79
C GLY A 333 -25.63 4.53 46.44
N VAL A 334 -26.29 3.51 47.00
CA VAL A 334 -25.59 2.43 47.67
C VAL A 334 -24.83 1.57 46.67
N THR A 335 -25.41 1.37 45.48
CA THR A 335 -24.79 0.51 44.48
C THR A 335 -23.44 1.05 44.04
N GLY A 336 -23.34 2.36 43.83
CA GLY A 336 -22.08 2.95 43.39
C GLY A 336 -22.06 3.28 41.92
N ARG A 337 -21.16 4.19 41.54
CA ARG A 337 -21.05 4.59 40.14
C ARG A 337 -20.61 3.41 39.28
N VAL A 338 -21.24 3.26 38.12
CA VAL A 338 -21.01 2.13 37.24
C VAL A 338 -20.77 2.63 35.82
N GLU A 339 -19.78 2.02 35.16
CA GLU A 339 -19.54 2.19 33.73
C GLU A 339 -19.63 0.80 33.10
N PHE A 340 -20.81 0.50 32.52
CA PHE A 340 -21.11 -0.86 32.09
C PHE A 340 -20.15 -1.31 31.01
N ASN A 341 -19.85 -2.61 31.00
CA ASN A 341 -18.93 -3.18 30.03
C ASN A 341 -19.57 -3.27 28.65
N GLU A 342 -18.83 -3.82 27.68
CA GLU A 342 -19.33 -3.92 26.31
C GLU A 342 -20.54 -4.84 26.19
N ASP A 343 -20.76 -5.73 27.15
CA ASP A 343 -21.91 -6.63 27.11
C ASP A 343 -22.86 -6.46 28.27
N GLY A 344 -22.65 -5.46 29.13
CA GLY A 344 -23.53 -5.22 30.26
C GLY A 344 -23.07 -5.76 31.59
N ASP A 345 -21.77 -5.89 31.81
CA ASP A 345 -21.26 -6.38 33.08
C ASP A 345 -21.33 -5.29 34.15
N ARG A 346 -21.14 -5.69 35.40
CA ARG A 346 -21.23 -4.74 36.53
C ARG A 346 -20.00 -3.83 36.52
N LYS A 347 -19.07 -4.07 35.61
CA LYS A 347 -17.78 -3.34 35.50
C LYS A 347 -16.95 -3.58 36.77
N PHE A 348 -16.43 -2.56 37.44
CA PHE A 348 -15.59 -2.88 38.64
C PHE A 348 -16.30 -2.59 39.95
N ALA A 349 -16.60 -3.61 40.73
CA ALA A 349 -17.30 -3.41 42.00
C ALA A 349 -16.40 -3.88 43.12
N ASN A 350 -16.99 -4.48 44.17
CA ASN A 350 -16.13 -4.92 45.27
C ASN A 350 -16.34 -6.41 45.53
N TYR A 351 -15.52 -6.98 46.40
CA TYR A 351 -15.63 -8.40 46.72
C TYR A 351 -15.03 -8.65 48.10
N SER A 352 -15.51 -9.70 48.75
CA SER A 352 -15.14 -10.02 50.12
C SER A 352 -14.46 -11.37 50.17
N ILE A 353 -13.34 -11.45 50.88
CA ILE A 353 -12.61 -12.70 51.03
C ILE A 353 -13.06 -13.41 52.31
N MET A 354 -13.46 -14.66 52.17
CA MET A 354 -13.90 -15.48 53.29
C MET A 354 -12.93 -16.65 53.50
N ASN A 355 -13.15 -17.38 54.58
CA ASN A 355 -12.35 -18.54 54.93
C ASN A 355 -13.15 -19.40 55.90
N LEU A 356 -12.73 -20.65 56.03
CA LEU A 356 -13.42 -21.62 56.88
C LEU A 356 -12.59 -21.79 58.16
N GLN A 357 -13.13 -21.30 59.27
CA GLN A 357 -12.49 -21.45 60.57
C GLN A 357 -13.41 -22.30 61.46
N ASN A 358 -13.20 -23.62 61.37
CA ASN A 358 -13.93 -24.61 62.18
C ASN A 358 -15.44 -24.43 62.04
N ARG A 359 -15.91 -24.68 60.81
CA ARG A 359 -17.32 -24.64 60.46
C ARG A 359 -17.96 -23.28 60.74
N LYS A 360 -17.22 -22.19 60.52
CA LYS A 360 -17.76 -20.86 60.72
C LYS A 360 -17.10 -19.90 59.73
N LEU A 361 -17.93 -19.28 58.89
CA LEU A 361 -17.42 -18.34 57.91
C LEU A 361 -16.99 -17.04 58.60
N VAL A 362 -16.00 -16.38 58.00
CA VAL A 362 -15.46 -15.14 58.56
C VAL A 362 -14.86 -14.34 57.42
N GLN A 363 -15.04 -13.02 57.48
CA GLN A 363 -14.40 -12.14 56.52
C GLN A 363 -12.92 -11.99 56.86
N VAL A 364 -12.09 -12.10 55.83
CA VAL A 364 -10.64 -11.93 55.99
C VAL A 364 -10.10 -10.73 55.24
N GLY A 365 -10.75 -10.27 54.18
CA GLY A 365 -10.28 -9.12 53.45
C GLY A 365 -11.32 -8.72 52.43
N ILE A 366 -11.07 -7.57 51.82
CA ILE A 366 -11.96 -7.00 50.80
C ILE A 366 -11.13 -6.73 49.55
N TYR A 367 -11.60 -7.23 48.41
CA TYR A 367 -10.90 -7.06 47.14
C TYR A 367 -11.80 -6.26 46.20
N ASN A 368 -11.37 -5.05 45.85
CA ASN A 368 -12.12 -4.26 44.90
C ASN A 368 -11.64 -4.53 43.48
N GLY A 369 -11.52 -5.80 43.11
CA GLY A 369 -11.16 -6.15 41.76
C GLY A 369 -9.73 -5.79 41.43
N THR A 370 -9.39 -4.51 41.53
CA THR A 370 -8.05 -4.02 41.21
C THR A 370 -6.99 -4.49 42.19
N HIS A 371 -7.34 -4.76 43.45
CA HIS A 371 -6.35 -5.16 44.45
C HIS A 371 -7.02 -5.74 45.68
N VAL A 372 -6.23 -6.28 46.60
CA VAL A 372 -6.72 -6.87 47.83
C VAL A 372 -6.14 -6.11 49.02
N ILE A 373 -6.99 -5.76 49.97
CA ILE A 373 -6.57 -5.06 51.18
C ILE A 373 -6.88 -5.95 52.38
N PRO A 374 -5.91 -6.68 52.93
CA PRO A 374 -6.19 -7.53 54.10
C PRO A 374 -6.41 -6.70 55.35
N ASN A 375 -7.66 -6.69 55.84
CA ASN A 375 -8.04 -5.89 56.99
C ASN A 375 -8.77 -6.71 58.05
N ASP A 376 -8.27 -7.91 58.34
CA ASP A 376 -8.89 -8.77 59.35
C ASP A 376 -7.80 -9.63 59.97
N ARG A 377 -8.20 -10.68 60.68
CA ARG A 377 -7.25 -11.59 61.31
C ARG A 377 -6.52 -12.41 60.25
N LYS A 378 -5.50 -13.13 60.70
CA LYS A 378 -4.70 -13.93 59.78
C LYS A 378 -5.51 -15.12 59.26
N ILE A 379 -5.28 -15.47 58.00
CA ILE A 379 -5.99 -16.55 57.34
C ILE A 379 -5.11 -17.80 57.41
N ILE A 380 -5.51 -18.75 58.23
CA ILE A 380 -4.76 -19.99 58.42
C ILE A 380 -5.20 -20.97 57.34
N TRP A 381 -4.26 -21.78 56.87
CA TRP A 381 -4.49 -22.67 55.74
C TRP A 381 -4.67 -24.10 56.27
N PRO A 382 -5.21 -25.01 55.44
CA PRO A 382 -5.63 -26.32 55.98
C PRO A 382 -4.54 -27.09 56.69
N GLY A 383 -3.29 -26.98 56.23
CA GLY A 383 -2.20 -27.66 56.92
C GLY A 383 -1.99 -27.14 58.33
N GLY A 384 -2.24 -25.84 58.54
CA GLY A 384 -2.03 -25.20 59.81
C GLY A 384 -0.77 -24.37 59.90
N GLU A 385 0.14 -24.51 58.95
CA GLU A 385 1.37 -23.72 58.92
C GLU A 385 1.14 -22.42 58.16
N THR A 386 1.53 -21.31 58.77
CA THR A 386 1.28 -20.00 58.16
C THR A 386 2.20 -19.77 56.96
N GLU A 387 3.17 -20.66 56.75
CA GLU A 387 4.16 -20.50 55.69
C GLU A 387 3.51 -20.38 54.32
N LYS A 388 4.09 -19.56 53.45
CA LYS A 388 3.53 -19.32 52.14
C LYS A 388 3.47 -20.62 51.35
N PRO A 389 2.34 -20.90 50.71
CA PRO A 389 2.12 -22.16 50.00
C PRO A 389 2.67 -22.12 48.58
N ARG A 390 3.99 -22.00 48.48
CA ARG A 390 4.67 -21.76 47.21
C ARG A 390 5.56 -22.95 46.88
N GLY A 391 5.03 -24.15 47.09
CA GLY A 391 5.80 -25.36 46.92
C GLY A 391 6.41 -25.53 45.55
N TYR A 392 5.58 -25.74 44.53
CA TYR A 392 6.05 -25.95 43.15
C TYR A 392 7.25 -26.88 43.12
N GLN A 393 7.19 -27.96 43.89
CA GLN A 393 8.38 -28.73 44.24
C GLN A 393 9.08 -29.28 42.99
N MET A 394 10.40 -29.14 42.97
CA MET A 394 11.21 -29.65 41.88
C MET A 394 11.54 -31.11 42.14
N SER A 395 10.96 -32.00 41.36
CA SER A 395 11.20 -33.43 41.53
C SER A 395 12.65 -33.76 41.19
N THR A 396 13.13 -34.86 41.78
CA THR A 396 14.53 -35.25 41.60
C THR A 396 14.76 -35.87 40.23
N ARG A 397 13.79 -36.61 39.72
CA ARG A 397 13.93 -37.34 38.47
C ARG A 397 13.26 -36.58 37.33
N LEU A 398 13.84 -36.66 36.14
CA LEU A 398 13.27 -36.05 34.94
C LEU A 398 13.36 -37.04 33.80
N LYS A 399 12.44 -36.92 32.84
CA LYS A 399 12.37 -37.84 31.72
C LYS A 399 13.32 -37.41 30.62
N ILE A 400 14.03 -38.38 30.04
CA ILE A 400 15.00 -38.15 28.98
C ILE A 400 14.65 -39.02 27.79
N VAL A 401 14.60 -38.41 26.60
CA VAL A 401 14.36 -39.13 25.35
C VAL A 401 15.47 -38.78 24.38
N THR A 402 15.87 -39.77 23.58
CA THR A 402 16.98 -39.61 22.65
C THR A 402 16.63 -40.31 21.35
N ILE A 403 17.55 -40.26 20.38
CA ILE A 403 17.44 -40.98 19.13
C ILE A 403 18.80 -41.62 18.86
N HIS A 404 18.80 -42.68 18.06
CA HIS A 404 20.00 -43.44 17.79
C HIS A 404 20.76 -42.79 16.64
N GLN A 405 21.77 -41.98 16.98
CA GLN A 405 22.65 -41.36 16.00
C GLN A 405 24.07 -41.79 16.31
N GLU A 406 24.80 -42.20 15.28
CA GLU A 406 26.06 -42.91 15.49
C GLU A 406 27.07 -42.13 16.31
N PRO A 407 27.58 -40.97 15.85
CA PRO A 407 28.74 -40.37 16.55
C PRO A 407 28.48 -39.99 17.99
N PHE A 408 27.23 -39.74 18.37
CA PHE A 408 26.91 -39.24 19.70
C PHE A 408 26.44 -40.31 20.67
N VAL A 409 25.65 -41.26 20.22
CA VAL A 409 25.12 -42.31 21.09
C VAL A 409 25.35 -43.64 20.38
N TYR A 410 25.79 -44.64 21.14
CA TYR A 410 25.94 -46.00 20.64
C TYR A 410 25.17 -46.95 21.56
N VAL A 411 24.36 -47.81 20.97
CA VAL A 411 23.58 -48.79 21.71
C VAL A 411 24.46 -50.02 21.95
N LYS A 412 24.53 -50.46 23.20
CA LYS A 412 25.41 -51.55 23.56
C LYS A 412 24.64 -52.65 24.26
N PRO A 413 24.74 -53.90 23.78
CA PRO A 413 24.08 -55.01 24.48
C PRO A 413 24.78 -55.36 25.79
N THR A 414 24.02 -55.43 26.88
CA THR A 414 24.61 -55.77 28.17
C THR A 414 24.98 -57.25 28.20
N LEU A 415 25.86 -57.59 29.14
CA LEU A 415 26.32 -58.97 29.29
C LEU A 415 25.26 -59.78 30.04
N SER A 416 25.54 -61.07 30.24
CA SER A 416 24.61 -61.93 30.96
C SER A 416 24.61 -61.64 32.46
N ASP A 417 25.71 -61.11 33.00
CA ASP A 417 25.76 -60.75 34.41
C ASP A 417 24.88 -59.55 34.73
N GLY A 418 24.39 -58.85 33.71
CA GLY A 418 23.57 -57.67 33.88
C GLY A 418 24.28 -56.35 33.64
N THR A 419 25.61 -56.35 33.58
CA THR A 419 26.38 -55.15 33.30
C THR A 419 27.22 -55.37 32.06
N CYS A 420 27.11 -54.47 31.10
CA CYS A 420 27.90 -54.53 29.88
C CYS A 420 29.38 -54.31 30.21
N LYS A 421 30.24 -54.86 29.35
CA LYS A 421 31.66 -54.96 29.65
C LYS A 421 32.30 -53.60 29.86
N GLU A 422 33.08 -53.48 30.94
CA GLU A 422 33.87 -52.28 31.16
C GLU A 422 35.00 -52.21 30.14
N GLU A 423 35.37 -50.99 29.78
CA GLU A 423 36.35 -50.79 28.71
C GLU A 423 37.21 -49.58 29.05
N PHE A 424 38.44 -49.83 29.49
CA PHE A 424 39.42 -48.76 29.65
C PHE A 424 39.98 -48.45 28.26
N THR A 425 39.57 -47.32 27.70
CA THR A 425 39.81 -47.07 26.27
C THR A 425 41.25 -46.66 26.00
N VAL A 426 41.68 -45.53 26.54
CA VAL A 426 43.00 -45.01 26.21
C VAL A 426 43.88 -44.75 27.42
N ASN A 427 43.34 -44.17 28.49
CA ASN A 427 44.14 -43.81 29.66
C ASN A 427 43.93 -44.73 30.84
N GLY A 428 43.19 -45.82 30.68
CA GLY A 428 42.88 -46.72 31.76
C GLY A 428 41.68 -46.30 32.58
N ASP A 429 41.40 -45.00 32.63
CA ASP A 429 40.23 -44.51 33.34
C ASP A 429 38.97 -44.99 32.65
N PRO A 430 38.00 -45.57 33.38
CA PRO A 430 36.83 -46.14 32.74
C PRO A 430 35.97 -45.08 32.06
N VAL A 431 35.34 -45.48 30.96
CA VAL A 431 34.37 -44.64 30.27
C VAL A 431 33.00 -44.87 30.91
N LYS A 432 32.30 -43.79 31.19
CA LYS A 432 31.00 -43.90 31.84
C LYS A 432 29.99 -44.57 30.92
N LYS A 433 29.11 -45.37 31.52
CA LYS A 433 28.03 -46.01 30.78
C LYS A 433 26.78 -46.01 31.65
N VAL A 434 25.63 -46.02 31.00
CA VAL A 434 24.34 -45.96 31.67
C VAL A 434 23.44 -47.05 31.10
N ILE A 435 22.39 -47.37 31.86
CA ILE A 435 21.42 -48.39 31.49
C ILE A 435 20.26 -47.70 30.80
N CYS A 436 20.10 -47.97 29.51
CA CYS A 436 19.08 -47.32 28.70
C CYS A 436 18.18 -48.39 28.08
N THR A 437 16.87 -48.20 28.24
CA THR A 437 15.87 -49.17 27.80
C THR A 437 14.96 -48.54 26.75
N GLY A 438 13.94 -49.28 26.32
CA GLY A 438 12.91 -48.75 25.47
C GLY A 438 12.72 -49.39 24.11
N PRO A 439 13.80 -49.65 23.33
CA PRO A 439 13.59 -50.11 21.96
C PRO A 439 13.32 -51.60 21.85
N ASN A 440 12.95 -52.04 20.65
CA ASN A 440 12.72 -53.44 20.37
C ASN A 440 13.94 -54.14 19.77
N ASP A 441 15.04 -53.42 19.57
CA ASP A 441 16.27 -53.93 18.97
C ASP A 441 16.04 -54.38 17.53
N THR A 442 14.83 -54.21 17.02
CA THR A 442 14.51 -54.51 15.63
C THR A 442 13.38 -53.57 15.19
N SER A 443 13.78 -52.48 14.51
CA SER A 443 12.78 -51.50 14.05
C SER A 443 11.83 -52.07 13.00
N PRO A 444 12.30 -52.78 11.94
CA PRO A 444 11.36 -53.14 10.87
C PRO A 444 10.23 -54.07 11.33
N GLY A 445 10.57 -55.21 11.92
CA GLY A 445 9.56 -56.13 12.37
C GLY A 445 9.64 -56.44 13.85
N SER A 446 8.67 -55.96 14.63
CA SER A 446 8.59 -56.25 16.05
C SER A 446 7.14 -56.05 16.52
N PRO A 447 6.45 -57.12 16.91
CA PRO A 447 5.09 -56.95 17.46
C PRO A 447 5.12 -56.15 18.76
N ARG A 448 5.89 -56.64 19.73
CA ARG A 448 6.05 -55.94 21.00
C ARG A 448 7.28 -56.46 21.73
N HIS A 449 8.23 -55.59 22.02
CA HIS A 449 9.45 -55.99 22.74
C HIS A 449 10.13 -54.75 23.29
N THR A 450 10.34 -54.72 24.61
CA THR A 450 11.14 -53.70 25.25
C THR A 450 12.30 -54.36 25.99
N VAL A 451 13.51 -53.89 25.72
CA VAL A 451 14.71 -54.55 26.24
C VAL A 451 15.66 -53.53 26.84
N PRO A 452 16.44 -53.91 27.85
CA PRO A 452 17.47 -53.01 28.39
C PRO A 452 18.80 -53.20 27.68
N GLN A 453 19.57 -52.11 27.61
CA GLN A 453 20.87 -52.11 26.98
C GLN A 453 21.75 -51.08 27.66
N CYS A 454 22.89 -50.78 27.06
CA CYS A 454 23.81 -49.76 27.55
C CYS A 454 23.96 -48.66 26.51
N CYS A 455 23.93 -47.42 26.98
CA CYS A 455 24.22 -46.25 26.16
C CYS A 455 25.43 -45.53 26.73
N TYR A 456 26.29 -45.05 25.82
CA TYR A 456 27.49 -44.35 26.20
C TYR A 456 27.93 -43.47 25.03
N GLY A 457 28.66 -42.40 25.36
CA GLY A 457 29.16 -41.50 24.35
C GLY A 457 29.19 -40.03 24.73
N PHE A 458 29.14 -39.18 23.71
CA PHE A 458 29.32 -37.74 23.86
C PHE A 458 28.23 -37.12 24.73
N CYS A 459 26.98 -37.18 24.25
CA CYS A 459 25.88 -36.55 24.97
C CYS A 459 25.69 -37.15 26.35
N ILE A 460 25.98 -38.44 26.50
CA ILE A 460 25.85 -39.07 27.81
C ILE A 460 26.84 -38.47 28.80
N ASP A 461 28.09 -38.28 28.38
CA ASP A 461 29.07 -37.66 29.27
C ASP A 461 28.67 -36.22 29.57
N LEU A 462 28.16 -35.49 28.56
CA LEU A 462 27.70 -34.13 28.80
C LEU A 462 26.58 -34.11 29.85
N LEU A 463 25.63 -35.04 29.73
CA LEU A 463 24.54 -35.10 30.69
C LEU A 463 25.04 -35.48 32.08
N ILE A 464 26.04 -36.36 32.16
CA ILE A 464 26.63 -36.71 33.44
C ILE A 464 27.23 -35.48 34.10
N LYS A 465 27.96 -34.69 33.31
CA LYS A 465 28.54 -33.46 33.85
C LYS A 465 27.44 -32.51 34.32
N LEU A 466 26.38 -32.35 33.53
CA LEU A 466 25.29 -31.46 33.92
C LEU A 466 24.65 -31.92 35.22
N ALA A 467 24.43 -33.22 35.36
CA ALA A 467 23.82 -33.76 36.57
C ALA A 467 24.72 -33.54 37.78
N ARG A 468 26.02 -33.82 37.62
CA ARG A 468 26.96 -33.56 38.71
C ARG A 468 27.02 -32.08 39.05
N THR A 469 26.65 -31.21 38.10
CA THR A 469 26.67 -29.77 38.36
C THR A 469 25.42 -29.31 39.11
N MET A 470 24.24 -29.73 38.68
CA MET A 470 22.99 -29.11 39.10
C MET A 470 22.25 -29.96 40.13
N ASN A 471 22.90 -31.02 40.62
CA ASN A 471 22.40 -31.81 41.75
C ASN A 471 21.01 -32.38 41.48
N PHE A 472 20.94 -33.27 40.51
CA PHE A 472 19.72 -34.04 40.28
C PHE A 472 20.09 -35.33 39.58
N THR A 473 19.22 -36.33 39.73
CA THR A 473 19.41 -37.64 39.13
C THR A 473 18.50 -37.77 37.90
N TYR A 474 18.68 -38.84 37.14
CA TYR A 474 18.11 -38.93 35.80
C TYR A 474 17.53 -40.32 35.57
N GLU A 475 16.68 -40.39 34.53
CA GLU A 475 16.15 -41.64 34.03
C GLU A 475 16.08 -41.55 32.51
N VAL A 476 16.53 -42.60 31.82
CA VAL A 476 16.73 -42.57 30.38
C VAL A 476 15.73 -43.49 29.70
N HIS A 477 15.08 -42.99 28.65
CA HIS A 477 14.22 -43.78 27.79
C HIS A 477 14.57 -43.50 26.34
N LEU A 478 14.00 -44.29 25.44
CA LEU A 478 14.21 -44.12 24.01
C LEU A 478 12.89 -43.93 23.28
N VAL A 479 12.99 -43.41 22.07
CA VAL A 479 11.82 -43.02 21.29
C VAL A 479 11.03 -44.26 20.88
N ALA A 480 9.76 -44.06 20.55
CA ALA A 480 8.90 -45.18 20.18
C ALA A 480 9.30 -45.78 18.84
N ASP A 481 9.51 -44.96 17.81
CA ASP A 481 9.71 -45.49 16.48
C ASP A 481 11.12 -45.24 15.96
N GLY A 482 11.54 -43.99 15.90
CA GLY A 482 12.87 -43.68 15.41
C GLY A 482 12.97 -42.46 14.53
N LYS A 483 11.83 -41.84 14.22
CA LYS A 483 11.84 -40.61 13.45
C LYS A 483 12.12 -39.41 14.36
N PHE A 484 12.90 -38.46 13.84
CA PHE A 484 13.25 -37.28 14.63
C PHE A 484 12.01 -36.49 15.02
N GLY A 485 11.17 -36.16 14.04
CA GLY A 485 10.02 -35.31 14.30
C GLY A 485 9.75 -34.33 13.19
N THR A 486 8.49 -34.28 12.75
CA THR A 486 8.09 -33.38 11.67
C THR A 486 6.59 -33.18 11.74
N GLN A 487 6.17 -31.92 11.64
CA GLN A 487 4.74 -31.61 11.58
C GLN A 487 4.12 -32.28 10.37
N GLU A 488 2.99 -32.95 10.59
CA GLU A 488 2.32 -33.66 9.50
C GLU A 488 0.87 -33.88 9.88
N ARG A 489 -0.03 -33.34 9.07
CA ARG A 489 -1.47 -33.53 9.24
C ARG A 489 -1.98 -34.40 8.11
N VAL A 490 -2.51 -35.58 8.46
CA VAL A 490 -2.98 -36.52 7.46
C VAL A 490 -4.45 -36.83 7.72
N ASN A 491 -4.76 -37.37 8.89
CA ASN A 491 -6.12 -37.77 9.22
C ASN A 491 -6.27 -37.84 10.73
N ASN A 492 -7.51 -38.11 11.16
CA ASN A 492 -7.92 -38.29 12.55
C ASN A 492 -7.82 -37.00 13.37
N SER A 493 -7.49 -35.87 12.75
CA SER A 493 -7.38 -34.61 13.47
C SER A 493 -7.43 -33.48 12.47
N ASN A 494 -7.55 -32.25 13.00
CA ASN A 494 -7.49 -31.04 12.19
C ASN A 494 -6.18 -30.29 12.41
N LYS A 495 -5.15 -30.99 12.89
CA LYS A 495 -3.86 -30.39 13.18
C LYS A 495 -2.77 -31.39 12.82
N LYS A 496 -1.53 -30.92 12.87
CA LYS A 496 -0.36 -31.72 12.54
C LYS A 496 0.28 -32.19 13.85
N GLU A 497 -0.07 -33.41 14.27
CA GLU A 497 0.54 -33.98 15.46
C GLU A 497 2.02 -34.24 15.20
N TRP A 498 2.86 -33.82 16.14
CA TRP A 498 4.30 -33.93 15.98
C TRP A 498 4.71 -35.39 16.20
N ASN A 499 4.86 -36.10 15.09
CA ASN A 499 5.35 -37.47 15.16
C ASN A 499 6.76 -37.49 15.73
N GLY A 500 7.06 -38.52 16.50
CA GLY A 500 8.42 -38.67 17.00
C GLY A 500 8.65 -37.98 18.34
N MET A 501 9.94 -37.79 18.66
CA MET A 501 10.31 -37.29 19.98
C MET A 501 9.81 -35.88 20.21
N MET A 502 9.70 -35.08 19.15
CA MET A 502 9.21 -33.71 19.31
C MET A 502 7.81 -33.69 19.91
N GLY A 503 6.92 -34.56 19.43
CA GLY A 503 5.60 -34.65 20.03
C GLY A 503 5.58 -35.51 21.28
N GLU A 504 6.55 -36.41 21.44
CA GLU A 504 6.67 -37.15 22.68
C GLU A 504 6.95 -36.20 23.85
N LEU A 505 7.69 -35.13 23.59
CA LEU A 505 7.91 -34.11 24.61
C LEU A 505 6.67 -33.25 24.81
N LEU A 506 5.99 -32.89 23.73
CA LEU A 506 4.82 -32.03 23.83
C LEU A 506 3.68 -32.69 24.59
N SER A 507 3.39 -33.95 24.26
CA SER A 507 2.25 -34.64 24.83
C SER A 507 2.44 -34.99 26.31
N GLY A 508 3.65 -34.84 26.84
CA GLY A 508 3.93 -35.10 28.22
C GLY A 508 4.61 -36.42 28.53
N GLN A 509 4.95 -37.21 27.51
CA GLN A 509 5.69 -38.45 27.74
C GLN A 509 7.10 -38.17 28.23
N ALA A 510 7.65 -37.02 27.87
CA ALA A 510 9.04 -36.68 28.13
C ALA A 510 9.13 -35.33 28.87
N ASP A 511 10.35 -35.02 29.33
CA ASP A 511 10.63 -33.75 30.00
C ASP A 511 11.87 -33.04 29.48
N MET A 512 12.77 -33.73 28.78
CA MET A 512 13.99 -33.11 28.30
C MET A 512 14.56 -33.93 27.16
N ILE A 513 15.14 -33.24 26.18
CA ILE A 513 15.70 -33.87 24.99
C ILE A 513 17.19 -33.58 24.95
N VAL A 514 18.00 -34.63 25.01
CA VAL A 514 19.44 -34.50 24.80
C VAL A 514 19.79 -35.36 23.58
N ALA A 515 19.85 -34.70 22.43
CA ALA A 515 20.08 -35.39 21.18
C ALA A 515 20.60 -34.38 20.15
N PRO A 516 21.21 -34.84 19.06
CA PRO A 516 21.62 -33.90 18.02
C PRO A 516 20.43 -33.31 17.28
N LEU A 517 19.73 -32.41 17.93
CA LEU A 517 18.53 -31.79 17.38
C LEU A 517 18.86 -30.37 16.94
N THR A 518 18.80 -30.13 15.64
CA THR A 518 19.06 -28.80 15.11
C THR A 518 17.87 -27.88 15.36
N ILE A 519 18.07 -26.59 15.15
CA ILE A 519 17.10 -25.56 15.49
C ILE A 519 16.55 -24.99 14.18
N ASN A 520 15.23 -24.85 14.11
CA ASN A 520 14.55 -24.25 12.99
C ASN A 520 13.33 -23.47 13.49
N ASN A 521 12.74 -22.68 12.58
CA ASN A 521 11.65 -21.78 12.97
C ASN A 521 10.45 -22.55 13.50
N GLU A 522 10.07 -23.62 12.80
CA GLU A 522 8.86 -24.36 13.17
C GLU A 522 8.96 -24.91 14.58
N ARG A 523 10.06 -25.60 14.89
CA ARG A 523 10.24 -26.11 16.24
C ARG A 523 10.40 -24.98 17.25
N ALA A 524 11.08 -23.89 16.85
CA ALA A 524 11.26 -22.77 17.76
C ALA A 524 9.94 -22.13 18.11
N GLN A 525 8.92 -22.33 17.29
CA GLN A 525 7.60 -21.75 17.58
C GLN A 525 7.05 -22.29 18.89
N TYR A 526 7.22 -23.57 19.16
CA TYR A 526 6.58 -24.20 20.33
C TYR A 526 7.55 -24.36 21.49
N ILE A 527 8.64 -25.10 21.31
CA ILE A 527 9.54 -25.42 22.41
C ILE A 527 10.59 -24.34 22.58
N GLU A 528 11.22 -24.31 23.75
CA GLU A 528 12.24 -23.31 24.04
C GLU A 528 13.59 -23.99 24.07
N PHE A 529 14.58 -23.38 23.43
CA PHE A 529 15.92 -23.95 23.31
C PHE A 529 16.90 -23.23 24.23
N SER A 530 18.04 -23.87 24.45
CA SER A 530 19.15 -23.25 25.17
C SER A 530 20.20 -22.82 24.16
N LYS A 531 21.32 -22.27 24.66
CA LYS A 531 22.40 -21.86 23.80
C LYS A 531 23.04 -23.07 23.13
N PRO A 532 23.48 -22.93 21.88
CA PRO A 532 24.12 -24.06 21.19
C PRO A 532 25.52 -24.32 21.73
N PHE A 533 26.02 -25.51 21.41
CA PHE A 533 27.31 -25.95 21.91
C PHE A 533 28.22 -26.54 20.84
N LYS A 534 27.76 -26.69 19.60
CA LYS A 534 28.61 -27.19 18.52
C LYS A 534 27.95 -26.82 17.21
N TYR A 535 28.65 -26.07 16.37
CA TYR A 535 28.10 -25.65 15.09
C TYR A 535 28.35 -26.70 14.02
N GLN A 536 27.50 -26.69 13.00
CA GLN A 536 27.58 -27.65 11.91
C GLN A 536 26.81 -27.09 10.71
N GLY A 537 26.59 -27.93 9.72
CA GLY A 537 25.84 -27.57 8.52
C GLY A 537 25.37 -28.82 7.82
N LEU A 538 25.01 -28.68 6.55
CA LEU A 538 24.64 -29.80 5.71
C LEU A 538 25.69 -30.00 4.63
N THR A 539 26.02 -31.27 4.37
CA THR A 539 27.14 -31.62 3.50
C THR A 539 26.74 -32.87 2.71
N ILE A 540 27.47 -33.14 1.63
CA ILE A 540 27.15 -34.23 0.71
C ILE A 540 28.13 -35.37 0.95
N LEU A 541 27.61 -36.60 1.03
CA LEU A 541 28.42 -37.80 1.15
C LEU A 541 28.60 -38.44 -0.22
N VAL A 542 29.85 -38.74 -0.56
CA VAL A 542 30.17 -39.39 -1.82
C VAL A 542 31.14 -40.54 -1.54
N LYS A 543 31.08 -41.56 -2.40
CA LYS A 543 31.97 -42.71 -2.29
C LYS A 543 33.18 -42.50 -3.20
N LYS A 544 34.36 -42.82 -2.69
CA LYS A 544 35.59 -42.66 -3.45
C LYS A 544 35.64 -43.66 -4.61
N ARG A 663 30.34 -35.90 -12.11
CA ARG A 663 30.65 -34.53 -11.69
C ARG A 663 30.02 -34.22 -10.34
N ILE A 664 30.86 -33.97 -9.33
CA ILE A 664 30.41 -33.67 -7.98
C ILE A 664 31.05 -32.36 -7.54
N THR A 665 30.22 -31.41 -7.14
CA THR A 665 30.69 -30.10 -6.72
C THR A 665 29.63 -29.49 -5.80
N GLY A 666 29.79 -28.21 -5.49
CA GLY A 666 28.82 -27.50 -4.68
C GLY A 666 27.46 -27.40 -5.34
N ILE A 667 26.50 -26.79 -4.66
CA ILE A 667 25.11 -26.76 -5.18
C ILE A 667 25.05 -25.57 -6.13
N ASN A 668 25.56 -25.77 -7.33
CA ASN A 668 25.38 -24.84 -8.44
C ASN A 668 25.19 -25.53 -9.79
N ASP A 669 25.51 -26.82 -9.91
CA ASP A 669 25.64 -27.47 -11.21
C ASP A 669 24.27 -27.86 -11.75
N PRO A 670 24.12 -27.89 -13.09
CA PRO A 670 22.90 -28.47 -13.67
C PRO A 670 22.73 -29.94 -13.37
N ARG A 671 23.82 -30.67 -13.10
CA ARG A 671 23.72 -32.09 -12.78
C ARG A 671 22.90 -32.32 -11.51
N LEU A 672 22.82 -31.31 -10.64
CA LEU A 672 21.99 -31.36 -9.44
C LEU A 672 20.77 -30.46 -9.56
N ARG A 673 20.87 -29.38 -10.34
CA ARG A 673 19.74 -28.49 -10.53
C ARG A 673 18.62 -29.15 -11.32
N ASN A 674 18.94 -30.02 -12.27
CA ASN A 674 17.95 -30.70 -13.07
C ASN A 674 18.02 -32.21 -12.83
N PRO A 675 16.90 -32.92 -12.88
CA PRO A 675 16.91 -34.37 -12.62
C PRO A 675 17.75 -35.14 -13.64
N SER A 676 18.45 -36.16 -13.16
CA SER A 676 19.26 -37.00 -14.03
C SER A 676 19.52 -38.32 -13.33
N ASP A 677 19.54 -39.40 -14.12
CA ASP A 677 19.71 -40.73 -13.56
C ASP A 677 21.15 -41.06 -13.21
N LYS A 678 22.11 -40.22 -13.59
CA LYS A 678 23.50 -40.49 -13.26
C LYS A 678 23.72 -40.47 -11.75
N PHE A 679 23.12 -39.53 -11.04
CA PHE A 679 23.20 -39.46 -9.59
C PHE A 679 21.78 -39.38 -9.02
N ILE A 680 21.51 -40.23 -8.03
CA ILE A 680 20.20 -40.28 -7.38
C ILE A 680 20.38 -39.77 -5.95
N TYR A 681 19.62 -38.73 -5.61
CA TYR A 681 19.68 -38.10 -4.29
C TYR A 681 18.47 -38.50 -3.47
N ALA A 682 18.68 -38.61 -2.16
CA ALA A 682 17.60 -38.94 -1.23
C ALA A 682 18.03 -38.51 0.17
N THR A 683 17.06 -38.51 1.08
CA THR A 683 17.32 -38.19 2.48
C THR A 683 16.54 -39.18 3.34
N VAL A 684 16.49 -38.92 4.64
CA VAL A 684 15.68 -39.72 5.56
C VAL A 684 14.33 -39.01 5.74
N LYS A 685 13.25 -39.78 5.62
CA LYS A 685 11.93 -39.21 5.65
C LYS A 685 11.61 -38.62 7.02
N GLN A 686 10.74 -37.60 7.03
CA GLN A 686 10.32 -36.92 8.25
C GLN A 686 11.52 -36.36 9.01
N SER A 687 12.32 -35.55 8.32
CA SER A 687 13.50 -34.93 8.89
C SER A 687 13.52 -33.44 8.54
N SER A 688 14.55 -32.75 9.04
CA SER A 688 14.67 -31.31 8.83
C SER A 688 14.89 -30.98 7.36
N VAL A 689 15.62 -31.84 6.65
CA VAL A 689 15.88 -31.58 5.24
C VAL A 689 14.59 -31.59 4.44
N ASP A 690 13.65 -32.46 4.81
CA ASP A 690 12.37 -32.51 4.10
C ASP A 690 11.63 -31.19 4.19
N ILE A 691 11.50 -30.65 5.41
CA ILE A 691 10.77 -29.40 5.58
C ILE A 691 11.56 -28.24 4.98
N TYR A 692 12.89 -28.34 4.99
CA TYR A 692 13.71 -27.32 4.34
C TYR A 692 13.47 -27.28 2.83
N PHE A 693 13.41 -28.45 2.19
CA PHE A 693 13.20 -28.51 0.75
C PHE A 693 11.74 -28.35 0.37
N ARG A 694 10.81 -28.43 1.33
CA ARG A 694 9.40 -28.22 1.09
C ARG A 694 8.96 -26.80 1.40
N ARG A 695 9.89 -25.92 1.78
CA ARG A 695 9.60 -24.53 2.11
C ARG A 695 10.24 -23.58 1.10
N GLN A 696 10.29 -24.00 -0.16
CA GLN A 696 10.89 -23.18 -1.21
C GLN A 696 10.16 -23.49 -2.51
N VAL A 697 9.51 -22.48 -3.09
CA VAL A 697 8.77 -22.68 -4.33
C VAL A 697 9.73 -23.01 -5.47
N GLU A 698 10.93 -22.43 -5.45
CA GLU A 698 11.92 -22.59 -6.51
C GLU A 698 12.47 -24.00 -6.62
N LEU A 699 12.27 -24.90 -5.66
CA LEU A 699 12.79 -26.25 -5.73
C LEU A 699 11.70 -27.31 -5.71
N SER A 700 10.55 -27.05 -6.34
CA SER A 700 9.44 -27.98 -6.34
C SER A 700 9.81 -29.29 -7.04
N THR A 701 10.53 -29.20 -8.16
CA THR A 701 10.92 -30.41 -8.88
C THR A 701 11.85 -31.28 -8.04
N MET A 702 12.80 -30.65 -7.34
CA MET A 702 13.69 -31.40 -6.46
C MET A 702 12.91 -32.02 -5.30
N TYR A 703 11.94 -31.27 -4.77
CA TYR A 703 11.12 -31.80 -3.69
C TYR A 703 10.33 -33.03 -4.14
N ARG A 704 9.74 -32.96 -5.33
CA ARG A 704 9.00 -34.10 -5.87
C ARG A 704 9.92 -35.29 -6.13
N HIS A 705 11.11 -35.03 -6.67
CA HIS A 705 12.06 -36.11 -6.93
C HIS A 705 12.48 -36.79 -5.62
N MET A 706 12.72 -35.99 -4.58
CA MET A 706 13.05 -36.56 -3.28
C MET A 706 11.87 -37.36 -2.72
N GLU A 707 10.65 -36.83 -2.85
CA GLU A 707 9.47 -37.53 -2.34
C GLU A 707 9.14 -38.77 -3.16
N LYS A 708 9.75 -38.93 -4.34
CA LYS A 708 9.52 -40.14 -5.11
C LYS A 708 9.95 -41.39 -4.34
N HIS A 709 11.12 -41.34 -3.70
CA HIS A 709 11.58 -42.44 -2.88
C HIS A 709 12.66 -41.95 -1.92
N ASN A 710 12.60 -42.42 -0.68
CA ASN A 710 13.62 -42.10 0.31
C ASN A 710 13.57 -43.19 1.39
N TYR A 711 14.68 -43.32 2.11
CA TYR A 711 14.81 -44.37 3.11
C TYR A 711 14.47 -43.83 4.49
N GLU A 712 14.38 -44.74 5.47
CA GLU A 712 14.23 -44.37 6.88
C GLU A 712 15.27 -45.16 7.67
N SER A 713 16.48 -44.62 7.74
CA SER A 713 17.61 -45.30 8.37
C SER A 713 18.79 -44.35 8.43
N ALA A 714 19.78 -44.72 9.23
CA ALA A 714 21.00 -43.93 9.35
C ALA A 714 22.20 -44.70 8.83
N ALA A 715 22.42 -45.90 9.36
CA ALA A 715 23.58 -46.69 8.95
C ALA A 715 23.27 -47.54 7.73
N GLU A 716 22.01 -47.88 7.51
CA GLU A 716 21.63 -48.72 6.38
C GLU A 716 21.90 -48.00 5.07
N ALA A 717 21.60 -46.71 5.00
CA ALA A 717 21.91 -45.93 3.80
C ALA A 717 23.41 -45.84 3.57
N ILE A 718 24.20 -45.72 4.65
CA ILE A 718 25.65 -45.72 4.52
C ILE A 718 26.14 -47.05 3.94
N GLN A 719 25.61 -48.17 4.44
CA GLN A 719 25.97 -49.46 3.88
C GLN A 719 25.55 -49.58 2.42
N ALA A 720 24.36 -49.06 2.09
CA ALA A 720 23.87 -49.14 0.71
C ALA A 720 24.76 -48.36 -0.25
N VAL A 721 25.13 -47.13 0.11
CA VAL A 721 26.03 -46.37 -0.75
C VAL A 721 27.42 -47.02 -0.78
N ARG A 722 27.85 -47.61 0.34
CA ARG A 722 29.08 -48.38 0.34
C ARG A 722 28.95 -49.64 -0.51
N ASP A 723 27.72 -50.09 -0.75
CA ASP A 723 27.45 -51.22 -1.62
C ASP A 723 27.20 -50.82 -3.06
N ASN A 724 27.53 -49.58 -3.43
CA ASN A 724 27.41 -49.08 -4.79
C ASN A 724 25.97 -49.06 -5.30
N LYS A 725 25.00 -49.14 -4.40
CA LYS A 725 23.60 -49.13 -4.83
C LYS A 725 23.10 -47.69 -4.98
N LEU A 726 23.46 -46.82 -4.04
CA LEU A 726 23.07 -45.42 -4.08
C LEU A 726 24.26 -44.56 -4.51
N HIS A 727 23.97 -43.51 -5.26
CA HIS A 727 25.03 -42.63 -5.75
C HIS A 727 25.54 -41.69 -4.67
N ALA A 728 24.68 -40.81 -4.15
CA ALA A 728 25.06 -39.87 -3.10
C ALA A 728 23.80 -39.37 -2.43
N PHE A 729 23.96 -38.83 -1.22
CA PHE A 729 22.85 -38.24 -0.49
C PHE A 729 23.41 -37.17 0.45
N ILE A 730 22.53 -36.41 1.08
CA ILE A 730 22.92 -35.26 1.89
C ILE A 730 22.44 -35.45 3.33
N TRP A 731 23.24 -35.00 4.28
CA TRP A 731 22.91 -35.12 5.70
C TRP A 731 23.72 -34.08 6.46
N ASP A 732 23.74 -34.22 7.79
CA ASP A 732 24.38 -33.23 8.64
C ASP A 732 25.90 -33.25 8.46
N SER A 733 26.57 -32.30 9.11
CA SER A 733 28.00 -32.11 8.89
C SER A 733 28.83 -33.01 9.79
N ALA A 734 28.64 -32.91 11.10
CA ALA A 734 29.50 -33.64 12.04
C ALA A 734 29.39 -35.13 11.86
N VAL A 735 28.16 -35.64 11.72
CA VAL A 735 27.95 -37.08 11.59
C VAL A 735 28.60 -37.61 10.32
N LEU A 736 28.38 -36.92 9.20
CA LEU A 736 28.92 -37.35 7.92
C LEU A 736 30.45 -37.29 7.94
N GLU A 737 31.00 -36.21 8.48
CA GLU A 737 32.44 -36.04 8.56
C GLU A 737 33.11 -37.06 9.45
N PHE A 738 32.48 -37.43 10.57
CA PHE A 738 33.05 -38.47 11.41
C PHE A 738 32.95 -39.84 10.75
N GLU A 739 31.81 -40.12 10.11
CA GLU A 739 31.63 -41.41 9.46
C GLU A 739 32.62 -41.60 8.33
N ALA A 740 32.90 -40.53 7.57
CA ALA A 740 33.81 -40.63 6.44
C ALA A 740 35.22 -40.97 6.89
N SER A 741 35.75 -40.24 7.87
CA SER A 741 37.12 -40.46 8.31
C SER A 741 37.27 -41.73 9.14
N GLN A 742 36.28 -42.05 9.97
CA GLN A 742 36.34 -43.26 10.79
C GLN A 742 36.26 -44.52 9.94
N LYS A 743 35.44 -44.49 8.88
CA LYS A 743 35.31 -45.64 7.99
C LYS A 743 36.40 -45.64 6.94
N CYS A 744 36.27 -46.50 5.93
CA CYS A 744 37.30 -46.67 4.91
C CYS A 744 36.77 -46.20 3.57
N ASP A 745 37.64 -45.54 2.80
CA ASP A 745 37.37 -45.14 1.43
C ASP A 745 36.12 -44.25 1.34
N LEU A 746 36.19 -43.08 1.97
CA LEU A 746 35.10 -42.13 1.95
C LEU A 746 35.65 -40.74 1.67
N VAL A 747 34.84 -39.91 1.02
CA VAL A 747 35.22 -38.56 0.64
C VAL A 747 34.08 -37.61 0.97
N THR A 748 34.44 -36.46 1.56
CA THR A 748 33.51 -35.38 1.83
C THR A 748 33.36 -34.53 0.58
N THR A 749 32.12 -34.33 0.14
CA THR A 749 31.85 -33.62 -1.10
C THR A 749 31.62 -32.15 -0.81
N GLY A 750 32.53 -31.32 -1.31
CA GLY A 750 32.36 -29.87 -1.22
C GLY A 750 32.43 -29.37 0.20
N GLU A 751 31.68 -28.29 0.46
CA GLU A 751 31.67 -27.67 1.78
C GLU A 751 30.23 -27.30 2.12
N LEU A 752 30.02 -26.92 3.37
CA LEU A 752 28.69 -26.63 3.89
C LEU A 752 28.03 -25.48 3.12
N PHE A 753 26.71 -25.55 2.98
CA PHE A 753 25.97 -24.52 2.26
C PHE A 753 24.98 -23.81 3.17
N PHE A 754 24.41 -24.55 4.12
CA PHE A 754 23.45 -24.01 5.08
C PHE A 754 23.90 -24.37 6.49
N ARG A 755 24.26 -23.36 7.28
CA ARG A 755 24.79 -23.58 8.62
C ARG A 755 23.67 -23.60 9.65
N SER A 756 23.88 -24.38 10.71
CA SER A 756 22.92 -24.50 11.80
C SER A 756 23.64 -25.08 13.01
N GLY A 757 22.96 -25.06 14.15
CA GLY A 757 23.53 -25.53 15.40
C GLY A 757 22.69 -26.60 16.08
N PHE A 758 23.31 -27.20 17.10
CA PHE A 758 22.66 -28.20 17.94
C PHE A 758 22.42 -27.61 19.32
N GLY A 759 21.26 -27.93 19.89
CA GLY A 759 20.90 -27.36 21.18
C GLY A 759 19.97 -28.27 21.96
N ILE A 760 20.05 -28.16 23.29
CA ILE A 760 19.12 -28.88 24.13
C ILE A 760 17.76 -28.21 24.12
N GLY A 761 16.72 -29.01 23.98
CA GLY A 761 15.35 -28.52 23.91
C GLY A 761 14.59 -28.88 25.17
N MET A 762 13.76 -27.94 25.63
CA MET A 762 12.95 -28.15 26.82
C MET A 762 11.56 -27.58 26.57
N ARG A 763 10.59 -28.02 27.35
CA ARG A 763 9.23 -27.51 27.24
C ARG A 763 9.22 -26.02 27.56
N LYS A 764 8.38 -25.28 26.85
CA LYS A 764 8.30 -23.83 27.03
C LYS A 764 7.93 -23.48 28.46
N ASP A 765 8.55 -22.43 28.98
CA ASP A 765 8.34 -21.97 30.36
C ASP A 765 8.70 -23.08 31.35
N SER A 766 9.97 -23.47 31.37
CA SER A 766 10.44 -24.50 32.28
C SER A 766 11.29 -23.87 33.37
N PRO A 767 11.40 -24.50 34.55
CA PRO A 767 12.19 -23.89 35.63
C PRO A 767 13.68 -24.15 35.53
N TRP A 768 14.15 -24.58 34.36
CA TRP A 768 15.54 -24.98 34.20
C TRP A 768 16.34 -24.14 33.21
N LYS A 769 15.77 -23.08 32.63
CA LYS A 769 16.49 -22.33 31.62
C LYS A 769 17.76 -21.70 32.17
N GLN A 770 17.71 -21.26 33.43
CA GLN A 770 18.77 -20.43 33.98
C GLN A 770 20.07 -21.20 34.18
N ASN A 771 20.02 -22.30 34.93
CA ASN A 771 21.25 -23.01 35.27
C ASN A 771 21.90 -23.64 34.05
N VAL A 772 21.09 -24.04 33.08
CA VAL A 772 21.58 -24.78 31.93
C VAL A 772 22.55 -23.96 31.10
N SER A 773 22.18 -22.71 30.81
CA SER A 773 23.02 -21.84 30.01
C SER A 773 24.33 -21.54 30.72
N LEU A 774 24.26 -21.20 32.01
CA LEU A 774 25.49 -20.91 32.74
C LEU A 774 26.39 -22.13 32.82
N SER A 775 25.81 -23.32 33.01
CA SER A 775 26.61 -24.54 32.99
C SER A 775 27.30 -24.73 31.64
N ILE A 776 26.58 -24.50 30.55
CA ILE A 776 27.15 -24.70 29.22
C ILE A 776 28.31 -23.73 28.99
N LEU A 777 28.13 -22.46 29.37
CA LEU A 777 29.20 -21.49 29.17
C LEU A 777 30.38 -21.77 30.11
N LYS A 778 30.11 -22.27 31.31
CA LYS A 778 31.21 -22.68 32.19
C LYS A 778 32.00 -23.81 31.56
N SER A 779 31.30 -24.76 30.92
CA SER A 779 31.98 -25.83 30.21
C SER A 779 32.83 -25.28 29.06
N HIS A 780 32.27 -24.33 28.31
CA HIS A 780 33.03 -23.71 27.23
C HIS A 780 34.29 -23.02 27.73
N GLU A 781 34.17 -22.29 28.85
CA GLU A 781 35.31 -21.61 29.44
C GLU A 781 36.36 -22.56 29.98
N ASN A 782 35.96 -23.57 30.76
CA ASN A 782 36.94 -24.51 31.30
C ASN A 782 37.61 -25.28 30.17
N GLY A 783 36.84 -25.72 29.19
CA GLY A 783 37.39 -26.30 27.98
C GLY A 783 37.43 -27.82 27.91
N PHE A 784 36.89 -28.53 28.90
CA PHE A 784 36.94 -29.99 28.81
C PHE A 784 35.85 -30.55 27.91
N MET A 785 34.95 -29.70 27.40
CA MET A 785 34.14 -30.11 26.26
C MET A 785 35.02 -30.36 25.05
N GLU A 786 36.02 -29.51 24.83
CA GLU A 786 37.02 -29.79 23.81
C GLU A 786 37.78 -31.06 24.13
N ASP A 787 37.99 -31.35 25.41
CA ASP A 787 38.63 -32.61 25.80
C ASP A 787 37.77 -33.80 25.40
N LEU A 788 36.45 -33.70 25.60
CA LEU A 788 35.56 -34.77 25.16
C LEU A 788 35.58 -34.92 23.65
N ASP A 789 35.64 -33.78 22.94
CA ASP A 789 35.77 -33.83 21.49
C ASP A 789 37.06 -34.55 21.08
N LYS A 790 38.15 -34.28 21.79
CA LYS A 790 39.39 -34.98 21.54
C LYS A 790 39.25 -36.48 21.81
N THR A 791 38.51 -36.81 22.87
CA THR A 791 38.30 -38.21 23.23
C THR A 791 37.55 -38.95 22.12
N TRP A 792 36.54 -38.33 21.54
CA TRP A 792 35.61 -39.07 20.71
C TRP A 792 35.76 -38.89 19.20
N VAL A 793 36.23 -37.73 18.74
CA VAL A 793 36.21 -37.48 17.30
C VAL A 793 37.55 -36.95 16.78
N ARG A 794 38.58 -36.98 17.62
CA ARG A 794 39.84 -36.37 17.18
C ARG A 794 40.87 -37.41 16.71
N TYR A 795 41.23 -38.35 17.57
CA TYR A 795 42.32 -39.28 17.30
C TYR A 795 41.75 -40.68 17.13
N GLN A 796 41.72 -41.15 15.88
CA GLN A 796 41.28 -42.52 15.58
C GLN A 796 42.43 -43.51 15.63
N GLU A 797 43.63 -43.07 16.03
CA GLU A 797 44.81 -43.92 16.13
C GLU A 797 45.16 -44.58 14.80
N ALA B 48 -53.55 -43.37 14.84
CA ALA B 48 -54.12 -42.03 14.72
C ALA B 48 -53.09 -40.96 15.05
N LEU B 49 -52.37 -40.50 14.03
CA LEU B 49 -51.38 -39.45 14.17
C LEU B 49 -51.99 -38.13 13.74
N ASN B 50 -51.60 -37.05 14.43
CA ASN B 50 -52.15 -35.73 14.17
C ASN B 50 -51.08 -34.84 13.53
N ILE B 51 -51.52 -33.95 12.65
CA ILE B 51 -50.63 -33.00 12.00
C ILE B 51 -51.43 -31.80 11.52
N ALA B 52 -50.81 -30.62 11.57
CA ALA B 52 -51.44 -29.39 11.12
C ALA B 52 -50.40 -28.54 10.40
N VAL B 53 -50.86 -27.75 9.45
CA VAL B 53 -50.02 -26.86 8.67
C VAL B 53 -50.57 -25.45 8.82
N MET B 54 -49.66 -24.48 8.94
CA MET B 54 -50.03 -23.07 9.07
C MET B 54 -49.39 -22.29 7.93
N LEU B 55 -50.10 -21.28 7.43
CA LEU B 55 -49.60 -20.38 6.40
C LEU B 55 -49.92 -18.96 6.83
N GLY B 56 -48.90 -18.11 6.87
CA GLY B 56 -49.09 -16.72 7.26
C GLY B 56 -48.90 -15.76 6.10
N HIS B 57 -49.92 -14.93 5.84
CA HIS B 57 -49.90 -13.97 4.74
C HIS B 57 -49.60 -14.64 3.40
N SER B 58 -50.16 -15.83 3.19
CA SER B 58 -49.92 -16.58 1.97
C SER B 58 -51.26 -16.90 1.29
N HIS B 59 -51.19 -17.22 0.00
CA HIS B 59 -52.36 -17.43 -0.85
C HIS B 59 -52.14 -18.68 -1.68
N ASP B 60 -51.60 -19.73 -1.05
CA ASP B 60 -51.26 -20.95 -1.76
C ASP B 60 -51.65 -22.16 -0.93
N VAL B 61 -52.36 -21.92 0.17
CA VAL B 61 -52.61 -22.97 1.15
C VAL B 61 -53.78 -23.85 0.74
N THR B 62 -54.86 -23.24 0.24
CA THR B 62 -56.14 -23.93 0.11
C THR B 62 -56.00 -25.23 -0.68
N GLU B 63 -55.41 -25.15 -1.87
CA GLU B 63 -55.20 -26.37 -2.66
C GLU B 63 -54.05 -27.20 -2.08
N ARG B 64 -53.09 -26.55 -1.43
CA ARG B 64 -51.91 -27.27 -0.93
C ARG B 64 -52.29 -28.30 0.11
N GLU B 65 -53.21 -27.94 1.01
CA GLU B 65 -53.59 -28.85 2.09
C GLU B 65 -54.22 -30.12 1.54
N LEU B 66 -55.13 -29.99 0.57
CA LEU B 66 -55.82 -31.16 0.03
C LEU B 66 -54.84 -32.10 -0.67
N ARG B 67 -53.94 -31.55 -1.48
CA ARG B 67 -52.98 -32.38 -2.21
C ARG B 67 -52.06 -33.11 -1.25
N THR B 68 -51.57 -32.41 -0.22
CA THR B 68 -50.71 -33.04 0.77
C THR B 68 -51.47 -34.08 1.59
N LEU B 69 -52.80 -33.94 1.67
CA LEU B 69 -53.58 -34.85 2.48
C LEU B 69 -53.53 -36.27 1.94
N TRP B 70 -53.68 -36.43 0.62
CA TRP B 70 -53.70 -37.77 0.05
C TRP B 70 -52.31 -38.37 -0.06
N GLY B 71 -51.28 -37.55 0.15
CA GLY B 71 -49.91 -37.96 0.00
C GLY B 71 -49.49 -39.13 0.88
N PRO B 72 -49.64 -39.01 2.21
CA PRO B 72 -49.13 -40.06 3.10
C PRO B 72 -49.79 -41.42 2.90
N GLU B 73 -50.99 -41.45 2.32
CA GLU B 73 -51.70 -42.72 2.14
C GLU B 73 -50.89 -43.70 1.30
N GLN B 74 -50.41 -43.26 0.15
CA GLN B 74 -49.60 -44.14 -0.70
C GLN B 74 -48.12 -44.10 -0.29
N ALA B 75 -47.65 -42.95 0.18
CA ALA B 75 -46.24 -42.82 0.52
C ALA B 75 -45.85 -43.75 1.66
N ALA B 76 -46.90 -44.10 2.38
CA ALA B 76 -46.77 -45.13 3.41
C ALA B 76 -46.41 -46.45 2.73
N GLY B 77 -45.55 -47.22 3.43
CA GLY B 77 -45.10 -48.60 3.14
C GLY B 77 -45.33 -49.48 4.37
N LEU B 78 -45.95 -48.89 5.40
CA LEU B 78 -46.26 -49.49 6.73
C LEU B 78 -47.74 -49.34 7.02
N PRO B 79 -48.42 -50.39 7.48
CA PRO B 79 -49.81 -50.23 7.76
C PRO B 79 -49.95 -49.38 9.04
N LEU B 80 -49.45 -48.14 8.98
CA LEU B 80 -49.73 -47.19 10.05
C LEU B 80 -50.97 -46.36 9.75
N ASP B 81 -51.25 -45.36 10.58
CA ASP B 81 -52.45 -44.56 10.44
C ASP B 81 -52.08 -43.08 10.46
N VAL B 82 -52.84 -42.28 9.71
CA VAL B 82 -52.56 -40.86 9.55
C VAL B 82 -53.86 -40.06 9.58
N ASN B 83 -53.84 -38.94 10.31
CA ASN B 83 -54.92 -37.95 10.26
C ASN B 83 -54.29 -36.58 10.05
N VAL B 84 -55.01 -35.70 9.38
CA VAL B 84 -54.47 -34.40 8.97
C VAL B 84 -55.49 -33.31 9.29
N VAL B 85 -55.00 -32.08 9.43
CA VAL B 85 -55.83 -30.90 9.53
C VAL B 85 -55.00 -29.72 9.05
N ALA B 86 -55.68 -28.64 8.64
CA ALA B 86 -54.99 -27.49 8.09
C ALA B 86 -55.57 -26.22 8.67
N LEU B 87 -54.77 -25.16 8.67
CA LEU B 87 -55.18 -23.85 9.15
C LEU B 87 -54.26 -22.79 8.56
N LEU B 88 -54.66 -21.53 8.70
CA LEU B 88 -53.84 -20.43 8.22
C LEU B 88 -54.23 -19.17 9.00
N MET B 89 -53.36 -18.17 8.91
CA MET B 89 -53.56 -16.94 9.65
C MET B 89 -52.93 -15.78 8.88
N ASN B 90 -53.37 -14.58 9.22
CA ASN B 90 -52.79 -13.35 8.65
C ASN B 90 -51.48 -13.04 9.34
N ARG B 91 -51.02 -11.79 9.21
CA ARG B 91 -49.81 -11.34 9.90
C ARG B 91 -49.81 -11.83 11.34
N THR B 92 -48.74 -12.56 11.69
CA THR B 92 -48.72 -13.36 12.91
C THR B 92 -47.95 -12.63 14.01
N ASP B 93 -48.31 -12.93 15.26
CA ASP B 93 -47.66 -12.42 16.45
C ASP B 93 -47.45 -13.57 17.43
N PRO B 94 -46.51 -13.46 18.37
CA PRO B 94 -46.33 -14.56 19.33
C PRO B 94 -47.60 -14.90 20.09
N LYS B 95 -48.39 -13.89 20.47
CA LYS B 95 -49.61 -14.15 21.21
C LYS B 95 -50.60 -14.96 20.39
N SER B 96 -50.75 -14.62 19.10
CA SER B 96 -51.61 -15.41 18.23
C SER B 96 -51.05 -16.81 18.06
N LEU B 97 -49.72 -16.94 17.95
CA LEU B 97 -49.11 -18.25 17.78
C LEU B 97 -49.36 -19.13 19.00
N ILE B 98 -49.12 -18.60 20.20
CA ILE B 98 -49.22 -19.41 21.41
C ILE B 98 -50.67 -19.79 21.70
N THR B 99 -51.61 -18.90 21.38
CA THR B 99 -53.01 -19.20 21.63
C THR B 99 -53.48 -20.35 20.74
N HIS B 100 -53.01 -20.37 19.49
CA HIS B 100 -53.49 -21.37 18.54
C HIS B 100 -53.04 -22.78 18.93
N VAL B 101 -51.81 -22.91 19.45
CA VAL B 101 -51.19 -24.22 19.57
C VAL B 101 -51.88 -25.09 20.62
N CYS B 102 -52.23 -24.54 21.79
CA CYS B 102 -52.99 -25.34 22.74
C CYS B 102 -54.47 -25.38 22.39
N ASP B 103 -54.99 -24.36 21.71
CA ASP B 103 -56.36 -24.44 21.25
C ASP B 103 -56.54 -25.58 20.28
N LEU B 104 -55.55 -25.77 19.40
CA LEU B 104 -55.57 -26.92 18.48
C LEU B 104 -55.22 -28.20 19.22
N MET B 105 -54.23 -28.14 20.11
CA MET B 105 -53.83 -29.34 20.85
C MET B 105 -54.94 -29.84 21.78
N SER B 106 -55.58 -28.94 22.53
CA SER B 106 -56.68 -29.35 23.39
C SER B 106 -57.89 -29.82 22.59
N GLY B 107 -58.01 -29.41 21.33
CA GLY B 107 -59.14 -29.78 20.52
C GLY B 107 -59.10 -31.22 20.05
N ALA B 108 -57.99 -31.63 19.45
CA ALA B 108 -57.92 -32.92 18.78
C ALA B 108 -56.78 -33.77 19.34
N ARG B 109 -56.23 -33.39 20.49
CA ARG B 109 -55.15 -34.14 21.14
C ARG B 109 -53.97 -34.35 20.18
N ILE B 110 -53.34 -33.25 19.80
CA ILE B 110 -52.36 -33.24 18.74
C ILE B 110 -51.17 -34.13 19.10
N HIS B 111 -50.86 -35.09 18.22
CA HIS B 111 -49.64 -35.87 18.37
C HIS B 111 -48.42 -35.04 18.02
N GLY B 112 -48.49 -34.28 16.92
CA GLY B 112 -47.40 -33.43 16.51
C GLY B 112 -47.87 -32.45 15.46
N LEU B 113 -47.03 -31.46 15.18
CA LEU B 113 -47.38 -30.40 14.24
C LEU B 113 -46.20 -30.05 13.36
N VAL B 114 -46.50 -29.60 12.15
CA VAL B 114 -45.51 -29.10 11.20
C VAL B 114 -45.79 -27.63 10.97
N PHE B 115 -44.73 -26.81 10.95
CA PHE B 115 -44.87 -25.37 10.90
C PHE B 115 -44.35 -24.80 9.59
N GLY B 116 -44.99 -23.72 9.15
CA GLY B 116 -44.54 -22.97 8.01
C GLY B 116 -44.91 -21.50 8.12
N ASP B 117 -43.93 -20.62 7.95
CA ASP B 117 -44.17 -19.18 7.98
C ASP B 117 -43.14 -18.51 7.08
N ASP B 118 -43.21 -17.20 6.97
CA ASP B 118 -42.37 -16.45 6.04
C ASP B 118 -42.02 -15.11 6.66
N THR B 119 -41.57 -14.17 5.83
CA THR B 119 -41.15 -12.81 6.15
C THR B 119 -39.80 -12.74 6.86
N ASP B 120 -39.17 -13.89 7.15
CA ASP B 120 -37.80 -13.94 7.65
C ASP B 120 -37.61 -13.12 8.92
N GLN B 121 -38.29 -13.50 10.00
CA GLN B 121 -38.17 -12.82 11.28
C GLN B 121 -37.31 -13.68 12.21
N GLU B 122 -36.28 -13.05 12.81
CA GLU B 122 -35.47 -13.77 13.78
C GLU B 122 -36.27 -14.13 15.02
N ALA B 123 -37.21 -13.25 15.40
CA ALA B 123 -37.98 -13.46 16.62
C ALA B 123 -38.83 -14.72 16.55
N VAL B 124 -39.48 -14.95 15.41
CA VAL B 124 -40.39 -16.09 15.30
C VAL B 124 -39.62 -17.40 15.43
N ALA B 125 -38.34 -17.38 15.09
CA ALA B 125 -37.50 -18.56 15.29
C ALA B 125 -37.37 -18.91 16.77
N GLN B 126 -37.00 -17.92 17.58
CA GLN B 126 -36.86 -18.16 19.01
C GLN B 126 -38.22 -18.30 19.68
N MET B 127 -39.28 -17.86 19.01
CA MET B 127 -40.62 -18.02 19.58
C MET B 127 -41.07 -19.47 19.52
N LEU B 128 -40.79 -20.15 18.41
CA LEU B 128 -41.30 -21.50 18.21
C LEU B 128 -40.65 -22.49 19.17
N ASP B 129 -39.32 -22.42 19.31
CA ASP B 129 -38.59 -23.50 19.95
C ASP B 129 -38.97 -23.67 21.42
N PHE B 130 -39.08 -22.57 22.15
CA PHE B 130 -39.32 -22.67 23.60
C PHE B 130 -40.73 -23.16 23.87
N ILE B 131 -41.66 -22.93 22.95
CA ILE B 131 -42.99 -23.52 23.07
C ILE B 131 -42.89 -25.04 23.00
N SER B 132 -42.16 -25.55 22.02
CA SER B 132 -42.02 -27.00 21.87
C SER B 132 -41.23 -27.59 23.04
N SER B 133 -40.34 -26.79 23.63
CA SER B 133 -39.51 -27.30 24.72
C SER B 133 -40.36 -27.77 25.90
N HIS B 134 -41.29 -26.92 26.36
CA HIS B 134 -42.04 -27.25 27.57
C HIS B 134 -43.07 -28.34 27.32
N THR B 135 -43.76 -28.26 26.18
CA THR B 135 -44.84 -29.19 25.88
C THR B 135 -44.33 -30.57 25.50
N PHE B 136 -43.02 -30.77 25.42
CA PHE B 136 -42.37 -32.06 25.12
C PHE B 136 -43.05 -32.78 23.94
N VAL B 137 -43.49 -31.99 22.97
CA VAL B 137 -44.12 -32.51 21.76
C VAL B 137 -43.15 -32.34 20.59
N PRO B 138 -43.02 -33.33 19.71
CA PRO B 138 -42.13 -33.16 18.55
C PRO B 138 -42.72 -32.22 17.51
N ILE B 139 -42.06 -31.10 17.29
CA ILE B 139 -42.53 -30.11 16.34
C ILE B 139 -41.44 -29.90 15.28
N LEU B 140 -41.86 -29.94 14.01
CA LEU B 140 -40.92 -29.91 12.89
C LEU B 140 -41.41 -28.82 11.93
N GLY B 141 -40.76 -27.65 11.98
CA GLY B 141 -41.13 -26.57 11.09
C GLY B 141 -40.28 -26.51 9.84
N ILE B 142 -40.91 -26.41 8.68
CA ILE B 142 -40.18 -26.48 7.42
C ILE B 142 -40.46 -25.26 6.53
N HIS B 143 -39.66 -24.22 6.69
CA HIS B 143 -39.56 -23.14 5.70
C HIS B 143 -38.49 -22.17 6.18
N GLY B 144 -38.01 -21.33 5.24
CA GLY B 144 -36.87 -20.48 5.52
C GLY B 144 -37.06 -19.57 6.73
N GLY B 145 -38.26 -18.99 6.85
CA GLY B 145 -38.54 -18.16 8.02
C GLY B 145 -38.38 -18.94 9.31
N ALA B 146 -38.85 -20.19 9.33
CA ALA B 146 -38.61 -21.05 10.47
C ALA B 146 -37.20 -21.61 10.45
N SER B 147 -36.63 -21.81 9.26
CA SER B 147 -35.34 -22.48 9.12
C SER B 147 -34.16 -21.54 9.26
N MET B 148 -34.38 -20.26 9.55
CA MET B 148 -33.26 -19.36 9.84
C MET B 148 -32.46 -19.92 11.01
N ILE B 149 -31.14 -19.88 10.88
CA ILE B 149 -30.26 -20.59 11.81
C ILE B 149 -30.35 -19.99 13.20
N MET B 150 -30.20 -20.85 14.22
CA MET B 150 -30.16 -20.44 15.62
C MET B 150 -29.05 -21.20 16.32
N ALA B 151 -28.61 -20.66 17.45
CA ALA B 151 -27.52 -21.26 18.20
C ALA B 151 -27.93 -22.51 18.97
N ASP B 152 -29.21 -22.91 18.89
CA ASP B 152 -29.74 -24.14 19.48
C ASP B 152 -29.86 -24.01 21.00
N LYS B 153 -30.65 -24.89 21.60
CA LYS B 153 -30.98 -24.79 23.02
C LYS B 153 -30.65 -26.08 23.75
N ASP B 154 -31.12 -26.19 24.99
CA ASP B 154 -30.82 -27.35 25.81
C ASP B 154 -31.37 -28.63 25.16
N PRO B 155 -30.72 -29.77 25.40
CA PRO B 155 -31.16 -31.01 24.74
C PRO B 155 -32.55 -31.46 25.15
N THR B 156 -33.13 -30.89 26.21
CA THR B 156 -34.49 -31.25 26.60
C THR B 156 -35.47 -30.99 25.47
N SER B 157 -35.22 -29.95 24.68
CA SER B 157 -36.11 -29.62 23.57
C SER B 157 -36.05 -30.68 22.49
N THR B 158 -37.16 -30.80 21.75
CA THR B 158 -37.25 -31.68 20.58
C THR B 158 -37.79 -30.83 19.44
N PHE B 159 -36.89 -30.16 18.72
CA PHE B 159 -37.26 -29.28 17.63
C PHE B 159 -36.80 -29.83 16.28
N PHE B 160 -35.52 -30.21 16.18
CA PHE B 160 -34.98 -30.82 14.98
C PHE B 160 -35.15 -29.90 13.77
N GLN B 161 -34.46 -28.77 13.84
CA GLN B 161 -34.53 -27.76 12.78
C GLN B 161 -34.16 -28.39 11.44
N PHE B 162 -34.59 -27.73 10.36
CA PHE B 162 -34.44 -28.27 9.01
C PHE B 162 -33.74 -27.22 8.14
N GLY B 163 -32.40 -27.27 8.14
CA GLY B 163 -31.61 -26.33 7.36
C GLY B 163 -30.14 -26.58 7.58
N ALA B 164 -29.33 -25.81 6.86
CA ALA B 164 -27.88 -25.97 6.92
C ALA B 164 -27.31 -25.27 8.14
N SER B 165 -26.22 -25.84 8.66
CA SER B 165 -25.54 -25.23 9.80
C SER B 165 -24.67 -24.08 9.36
N ILE B 166 -24.23 -23.29 10.33
CA ILE B 166 -23.30 -22.20 10.04
C ILE B 166 -21.99 -22.76 9.48
N GLN B 167 -21.46 -23.81 10.10
CA GLN B 167 -20.24 -24.43 9.61
C GLN B 167 -20.44 -25.03 8.23
N GLN B 168 -21.56 -25.71 8.03
CA GLN B 168 -21.84 -26.33 6.73
C GLN B 168 -21.99 -25.27 5.65
N GLN B 169 -22.69 -24.17 5.96
CA GLN B 169 -22.87 -23.11 4.97
C GLN B 169 -21.55 -22.44 4.64
N ALA B 170 -20.72 -22.17 5.64
CA ALA B 170 -19.50 -21.40 5.42
C ALA B 170 -18.49 -22.17 4.58
N THR B 171 -18.36 -23.48 4.84
CA THR B 171 -17.30 -24.24 4.17
C THR B 171 -17.50 -24.28 2.67
N VAL B 172 -18.75 -24.19 2.20
CA VAL B 172 -18.99 -24.07 0.77
C VAL B 172 -18.56 -22.69 0.28
N MET B 173 -18.82 -21.66 1.08
CA MET B 173 -18.44 -20.30 0.70
C MET B 173 -16.93 -20.17 0.54
N LEU B 174 -16.17 -20.76 1.48
CA LEU B 174 -14.72 -20.75 1.35
C LEU B 174 -14.27 -21.60 0.17
N LYS B 175 -14.96 -22.70 -0.08
CA LYS B 175 -14.56 -23.59 -1.17
C LYS B 175 -14.78 -22.95 -2.54
N ILE B 176 -15.85 -22.15 -2.68
CA ILE B 176 -16.15 -21.57 -3.99
C ILE B 176 -15.09 -20.55 -4.36
N MET B 177 -14.34 -20.05 -3.38
CA MET B 177 -13.19 -19.19 -3.69
C MET B 177 -12.14 -19.96 -4.47
N GLN B 178 -11.92 -21.23 -4.11
CA GLN B 178 -10.90 -22.03 -4.78
C GLN B 178 -11.17 -22.25 -6.27
N ASP B 179 -12.29 -21.75 -6.79
CA ASP B 179 -12.57 -21.88 -8.21
C ASP B 179 -11.97 -20.76 -9.06
N TYR B 180 -12.34 -19.51 -8.81
CA TYR B 180 -11.87 -18.42 -9.66
C TYR B 180 -11.01 -17.42 -8.90
N ASP B 181 -11.55 -16.82 -7.85
CA ASP B 181 -10.89 -15.72 -7.14
C ASP B 181 -10.03 -16.28 -6.01
N TRP B 182 -8.76 -15.90 -5.98
CA TRP B 182 -7.78 -16.67 -5.23
C TRP B 182 -7.86 -16.50 -3.72
N HIS B 183 -7.63 -15.30 -3.20
CA HIS B 183 -7.43 -15.12 -1.76
C HIS B 183 -8.65 -14.45 -1.15
N VAL B 184 -9.15 -15.02 -0.06
CA VAL B 184 -10.22 -14.40 0.72
C VAL B 184 -9.67 -13.13 1.35
N PHE B 185 -10.11 -11.97 0.84
CA PHE B 185 -9.38 -10.75 1.10
C PHE B 185 -9.81 -10.10 2.41
N SER B 186 -11.10 -9.83 2.57
CA SER B 186 -11.54 -9.03 3.70
C SER B 186 -12.82 -9.61 4.28
N LEU B 187 -12.97 -9.44 5.59
CA LEU B 187 -14.17 -9.82 6.32
C LEU B 187 -14.64 -8.61 7.11
N VAL B 188 -15.84 -8.12 6.81
CA VAL B 188 -16.45 -7.02 7.55
C VAL B 188 -17.75 -7.51 8.16
N THR B 189 -17.90 -7.32 9.46
CA THR B 189 -19.06 -7.81 10.19
C THR B 189 -19.48 -6.78 11.23
N THR B 190 -20.78 -6.81 11.56
CA THR B 190 -21.31 -6.05 12.68
C THR B 190 -21.31 -6.95 13.92
N ILE B 191 -22.02 -6.54 14.97
CA ILE B 191 -22.11 -7.33 16.20
C ILE B 191 -23.29 -8.30 16.15
N PHE B 192 -23.85 -8.54 14.96
CA PHE B 192 -24.99 -9.42 14.82
C PHE B 192 -24.65 -10.81 15.37
N PRO B 193 -25.58 -11.49 16.02
CA PRO B 193 -25.26 -12.75 16.71
C PRO B 193 -24.78 -13.84 15.75
N GLY B 194 -23.90 -14.69 16.29
CA GLY B 194 -23.32 -15.79 15.55
C GLY B 194 -21.97 -15.49 14.91
N TYR B 195 -21.47 -14.28 15.06
CA TYR B 195 -20.21 -13.91 14.43
C TYR B 195 -19.04 -14.70 15.03
N ARG B 196 -19.09 -14.95 16.34
CA ARG B 196 -17.94 -15.57 17.01
C ARG B 196 -17.63 -16.94 16.43
N GLU B 197 -18.65 -17.73 16.15
CA GLU B 197 -18.42 -19.04 15.55
C GLU B 197 -17.89 -18.90 14.12
N PHE B 198 -18.33 -17.86 13.42
CA PHE B 198 -17.99 -17.71 12.01
C PHE B 198 -16.52 -17.36 11.82
N ILE B 199 -16.08 -16.25 12.41
CA ILE B 199 -14.72 -15.78 12.19
C ILE B 199 -13.70 -16.78 12.73
N SER B 200 -14.09 -17.55 13.75
CA SER B 200 -13.18 -18.55 14.30
C SER B 200 -13.01 -19.72 13.34
N PHE B 201 -14.10 -20.22 12.77
CA PHE B 201 -14.03 -21.37 11.88
C PHE B 201 -13.19 -21.06 10.65
N VAL B 202 -13.40 -19.90 10.03
CA VAL B 202 -12.69 -19.57 8.81
C VAL B 202 -11.20 -19.35 9.11
N LYS B 203 -10.89 -18.79 10.28
CA LYS B 203 -9.49 -18.53 10.63
C LYS B 203 -8.73 -19.83 10.80
N THR B 204 -9.36 -20.85 11.37
CA THR B 204 -8.70 -22.14 11.55
C THR B 204 -8.46 -22.83 10.21
N THR B 205 -9.46 -22.82 9.32
CA THR B 205 -9.34 -23.58 8.09
C THR B 205 -8.41 -22.88 7.10
N VAL B 206 -8.25 -21.57 7.21
CA VAL B 206 -7.33 -20.85 6.33
C VAL B 206 -5.88 -21.03 6.74
N ASP B 207 -5.62 -21.22 8.03
CA ASP B 207 -4.26 -21.42 8.54
C ASP B 207 -3.88 -22.89 8.62
N ASN B 208 -4.72 -23.78 8.09
CA ASN B 208 -4.43 -25.21 8.13
C ASN B 208 -3.92 -25.67 6.77
N SER B 209 -4.67 -25.40 5.72
CA SER B 209 -4.23 -25.75 4.37
C SER B 209 -3.16 -24.77 3.91
N PHE B 210 -2.03 -25.29 3.44
CA PHE B 210 -0.90 -24.44 3.08
C PHE B 210 -1.15 -23.68 1.79
N VAL B 211 -1.99 -24.23 0.91
CA VAL B 211 -2.16 -23.64 -0.42
C VAL B 211 -2.84 -22.29 -0.30
N GLY B 212 -2.25 -21.28 -0.97
CA GLY B 212 -2.89 -19.98 -1.14
C GLY B 212 -3.46 -19.41 0.13
N TRP B 213 -4.60 -18.73 0.00
CA TRP B 213 -5.40 -18.26 1.13
C TRP B 213 -4.60 -17.33 2.03
N ASP B 214 -4.23 -16.17 1.49
CA ASP B 214 -3.49 -15.16 2.22
C ASP B 214 -4.46 -14.08 2.70
N MET B 215 -5.33 -14.45 3.64
CA MET B 215 -6.24 -13.49 4.23
C MET B 215 -5.46 -12.46 5.03
N GLN B 216 -5.77 -11.19 4.81
CA GLN B 216 -4.94 -10.12 5.36
C GLN B 216 -5.68 -9.29 6.41
N ASN B 217 -6.83 -8.73 6.05
CA ASN B 217 -7.52 -7.76 6.88
C ASN B 217 -8.92 -8.25 7.22
N VAL B 218 -9.23 -8.25 8.52
CA VAL B 218 -10.59 -8.49 9.02
C VAL B 218 -10.95 -7.33 9.93
N ILE B 219 -12.13 -6.74 9.72
CA ILE B 219 -12.54 -5.57 10.47
C ILE B 219 -14.02 -5.73 10.87
N THR B 220 -14.38 -4.99 11.90
CA THR B 220 -15.76 -4.90 12.36
C THR B 220 -16.13 -3.44 12.57
N LEU B 221 -17.43 -3.15 12.45
CA LEU B 221 -17.93 -1.80 12.54
C LEU B 221 -19.02 -1.70 13.59
N ASP B 222 -19.04 -0.58 14.31
CA ASP B 222 -20.03 -0.32 15.35
C ASP B 222 -21.15 0.52 14.75
N THR B 223 -22.31 -0.10 14.58
CA THR B 223 -23.48 0.58 14.02
C THR B 223 -23.95 1.69 14.95
N SER B 224 -23.62 1.57 16.24
CA SER B 224 -24.01 2.59 17.21
C SER B 224 -23.52 3.97 16.77
N PHE B 225 -22.30 4.04 16.22
CA PHE B 225 -21.83 5.26 15.55
C PHE B 225 -22.23 5.15 14.07
N GLU B 226 -23.47 5.53 13.80
CA GLU B 226 -24.09 5.40 12.48
C GLU B 226 -23.65 6.46 11.49
N ASP B 227 -22.51 7.12 11.73
CA ASP B 227 -22.07 8.22 10.89
C ASP B 227 -20.85 7.81 10.08
N ALA B 228 -20.25 8.77 9.37
CA ALA B 228 -19.12 8.49 8.49
C ALA B 228 -17.94 7.85 9.21
N LYS B 229 -18.01 7.72 10.54
CA LYS B 229 -16.99 6.97 11.27
C LYS B 229 -16.89 5.53 10.77
N THR B 230 -18.02 4.96 10.35
CA THR B 230 -17.99 3.64 9.71
C THR B 230 -17.22 3.70 8.40
N GLN B 231 -17.43 4.75 7.61
CA GLN B 231 -16.69 4.90 6.36
C GLN B 231 -15.19 5.01 6.61
N VAL B 232 -14.80 5.48 7.80
CA VAL B 232 -13.38 5.58 8.14
C VAL B 232 -12.78 4.18 8.24
N GLN B 233 -13.42 3.30 9.01
CA GLN B 233 -12.91 1.93 9.14
C GLN B 233 -13.05 1.17 7.83
N LEU B 234 -14.13 1.43 7.09
CA LEU B 234 -14.38 0.75 5.83
C LEU B 234 -13.37 1.14 4.76
N LYS B 235 -12.89 2.39 4.78
CA LYS B 235 -11.95 2.86 3.78
C LYS B 235 -10.55 2.27 3.94
N LYS B 236 -10.29 1.55 5.03
CA LYS B 236 -8.96 1.06 5.33
C LYS B 236 -8.67 -0.32 4.74
N ILE B 237 -9.47 -0.80 3.79
CA ILE B 237 -9.25 -2.12 3.19
C ILE B 237 -9.14 -1.96 1.68
N HIS B 238 -8.08 -2.47 1.08
CA HIS B 238 -8.05 -2.36 -0.39
C HIS B 238 -7.80 -3.75 -0.92
N SER B 239 -8.76 -4.33 -1.61
CA SER B 239 -8.62 -5.69 -2.17
C SER B 239 -9.76 -5.97 -3.14
N SER B 240 -9.82 -7.17 -3.64
CA SER B 240 -10.95 -7.38 -4.54
C SER B 240 -12.17 -8.02 -3.89
N VAL B 241 -12.02 -9.24 -3.37
CA VAL B 241 -13.20 -9.99 -2.94
C VAL B 241 -13.48 -9.69 -1.48
N ILE B 242 -14.68 -9.19 -1.21
CA ILE B 242 -15.09 -8.79 0.13
C ILE B 242 -16.20 -9.70 0.61
N LEU B 243 -16.04 -10.24 1.81
CA LEU B 243 -16.99 -11.13 2.46
C LEU B 243 -17.52 -10.52 3.74
N LEU B 244 -18.83 -10.52 3.89
CA LEU B 244 -19.48 -9.88 5.02
C LEU B 244 -20.54 -10.80 5.60
N TYR B 245 -20.88 -10.54 6.86
CA TYR B 245 -21.82 -11.39 7.61
C TYR B 245 -22.60 -10.48 8.55
N SER B 246 -23.76 -10.02 8.11
CA SER B 246 -24.55 -9.05 8.86
C SER B 246 -26.02 -9.33 8.61
N SER B 247 -26.89 -8.48 9.15
CA SER B 247 -28.34 -8.66 9.05
C SER B 247 -28.84 -7.94 7.80
N LYS B 248 -30.10 -8.18 7.48
CA LYS B 248 -30.67 -7.64 6.24
C LYS B 248 -30.79 -6.13 6.29
N ASP B 249 -31.28 -5.57 7.41
CA ASP B 249 -31.45 -4.13 7.51
C ASP B 249 -30.12 -3.41 7.41
N GLU B 250 -29.11 -3.89 8.13
CA GLU B 250 -27.79 -3.26 8.07
C GLU B 250 -27.15 -3.45 6.71
N ALA B 251 -27.51 -4.53 6.01
CA ALA B 251 -26.94 -4.78 4.69
C ALA B 251 -27.30 -3.65 3.72
N VAL B 252 -28.52 -3.12 3.84
CA VAL B 252 -28.94 -2.02 2.96
C VAL B 252 -28.07 -0.79 3.20
N LEU B 253 -27.81 -0.48 4.47
CA LEU B 253 -27.07 0.73 4.78
C LEU B 253 -25.59 0.61 4.41
N ILE B 254 -24.98 -0.54 4.72
CA ILE B 254 -23.54 -0.68 4.50
C ILE B 254 -23.21 -0.67 3.00
N LEU B 255 -24.04 -1.34 2.20
CA LEU B 255 -23.82 -1.31 0.75
C LEU B 255 -24.11 0.07 0.18
N SER B 256 -25.04 0.80 0.79
CA SER B 256 -25.30 2.17 0.36
C SER B 256 -24.09 3.06 0.59
N GLU B 257 -23.43 2.89 1.73
CA GLU B 257 -22.24 3.70 2.03
C GLU B 257 -21.11 3.39 1.06
N ALA B 258 -20.92 2.11 0.72
CA ALA B 258 -19.82 1.73 -0.16
C ALA B 258 -20.00 2.33 -1.54
N ARG B 259 -21.23 2.37 -2.05
CA ARG B 259 -21.47 2.95 -3.37
C ARG B 259 -21.04 4.40 -3.43
N SER B 260 -21.13 5.11 -2.31
CA SER B 260 -20.65 6.49 -2.26
C SER B 260 -19.14 6.55 -2.44
N LEU B 261 -18.41 5.71 -1.70
CA LEU B 261 -16.95 5.72 -1.77
C LEU B 261 -16.44 5.09 -3.05
N GLY B 262 -17.11 4.06 -3.56
CA GLY B 262 -16.72 3.47 -4.83
C GLY B 262 -16.38 2.01 -4.80
N LEU B 263 -16.67 1.30 -3.71
CA LEU B 263 -16.43 -0.13 -3.64
C LEU B 263 -17.43 -0.93 -4.45
N THR B 264 -18.49 -0.30 -4.93
CA THR B 264 -19.41 -0.97 -5.83
C THR B 264 -18.90 -1.01 -7.26
N GLY B 265 -17.61 -0.75 -7.45
CA GLY B 265 -17.05 -0.68 -8.78
C GLY B 265 -17.03 -2.02 -9.50
N TYR B 266 -16.56 -1.97 -10.74
CA TYR B 266 -16.60 -3.13 -11.62
C TYR B 266 -15.57 -4.19 -11.25
N ASP B 267 -14.57 -3.83 -10.46
CA ASP B 267 -13.46 -4.71 -10.13
C ASP B 267 -13.67 -5.53 -8.86
N PHE B 268 -14.83 -5.41 -8.21
CA PHE B 268 -15.00 -5.99 -6.90
C PHE B 268 -16.06 -7.10 -6.92
N PHE B 269 -15.96 -8.00 -5.94
CA PHE B 269 -16.82 -9.16 -5.83
C PHE B 269 -17.39 -9.20 -4.42
N TRP B 270 -18.70 -9.36 -4.30
CA TRP B 270 -19.33 -9.47 -3.00
C TRP B 270 -19.89 -10.87 -2.79
N ILE B 271 -19.63 -11.40 -1.60
CA ILE B 271 -20.05 -12.75 -1.22
C ILE B 271 -20.89 -12.63 0.04
N VAL B 272 -22.04 -13.27 0.05
CA VAL B 272 -22.96 -13.16 1.18
C VAL B 272 -23.44 -14.56 1.53
N PRO B 273 -23.70 -14.81 2.81
CA PRO B 273 -24.30 -16.08 3.21
C PRO B 273 -25.79 -16.11 2.89
N SER B 274 -26.43 -17.21 3.27
CA SER B 274 -27.81 -17.46 2.91
C SER B 274 -28.77 -16.45 3.53
N LEU B 275 -28.55 -16.11 4.80
CA LEU B 275 -29.53 -15.34 5.56
C LEU B 275 -29.76 -13.96 4.97
N VAL B 276 -28.82 -13.45 4.20
CA VAL B 276 -28.93 -12.11 3.63
C VAL B 276 -29.88 -12.18 2.44
N SER B 277 -31.11 -11.71 2.64
CA SER B 277 -32.13 -11.54 1.60
C SER B 277 -32.52 -12.83 0.89
N GLY B 278 -32.18 -13.98 1.45
CA GLY B 278 -32.50 -15.24 0.80
C GLY B 278 -33.98 -15.55 0.70
N ASN B 279 -34.73 -15.29 1.77
CA ASN B 279 -36.13 -15.69 1.84
C ASN B 279 -37.07 -14.61 1.31
N THR B 280 -36.89 -14.23 0.04
CA THR B 280 -37.76 -13.26 -0.60
C THR B 280 -37.64 -13.39 -2.10
N GLU B 281 -38.61 -12.80 -2.80
CA GLU B 281 -38.56 -12.65 -4.24
C GLU B 281 -38.52 -11.18 -4.67
N LEU B 282 -38.72 -10.26 -3.73
CA LEU B 282 -38.67 -8.83 -4.00
C LEU B 282 -37.40 -8.27 -3.38
N ILE B 283 -36.41 -7.98 -4.21
CA ILE B 283 -35.11 -7.50 -3.74
C ILE B 283 -35.25 -6.03 -3.34
N PRO B 284 -34.60 -5.58 -2.28
CA PRO B 284 -34.56 -4.15 -1.96
C PRO B 284 -33.59 -3.43 -2.90
N LYS B 285 -33.56 -2.11 -2.78
CA LYS B 285 -32.64 -1.31 -3.55
C LYS B 285 -31.25 -1.32 -2.91
N GLU B 286 -30.34 -0.56 -3.50
CA GLU B 286 -28.97 -0.35 -3.05
C GLU B 286 -28.12 -1.61 -3.12
N PHE B 287 -28.66 -2.74 -3.57
CA PHE B 287 -27.85 -3.93 -3.74
C PHE B 287 -27.24 -3.95 -5.13
N PRO B 288 -25.91 -4.02 -5.24
CA PRO B 288 -25.26 -3.97 -6.55
C PRO B 288 -25.71 -5.11 -7.44
N SER B 289 -25.93 -4.80 -8.72
CA SER B 289 -26.24 -5.85 -9.68
C SER B 289 -25.05 -6.77 -9.83
N GLY B 290 -25.23 -8.04 -9.45
CA GLY B 290 -24.13 -8.98 -9.39
C GLY B 290 -23.76 -9.30 -7.98
N LEU B 291 -24.23 -10.44 -7.48
CA LEU B 291 -24.01 -10.84 -6.11
C LEU B 291 -24.02 -12.36 -6.02
N ILE B 292 -23.15 -12.89 -5.17
CA ILE B 292 -23.01 -14.32 -4.97
C ILE B 292 -23.56 -14.68 -3.60
N SER B 293 -24.54 -15.56 -3.57
CA SER B 293 -25.06 -16.11 -2.33
C SER B 293 -25.30 -17.61 -2.51
N VAL B 294 -25.07 -18.35 -1.44
CA VAL B 294 -25.44 -19.75 -1.37
C VAL B 294 -26.60 -19.85 -0.38
N SER B 295 -27.77 -20.26 -0.87
CA SER B 295 -28.97 -20.27 -0.08
C SER B 295 -29.69 -21.61 -0.20
N TYR B 296 -30.80 -21.74 0.51
CA TYR B 296 -31.61 -22.94 0.47
C TYR B 296 -32.92 -22.75 -0.29
N ASP B 297 -33.21 -21.53 -0.76
CA ASP B 297 -34.55 -21.16 -1.22
C ASP B 297 -35.17 -22.18 -2.16
N ASP B 298 -34.35 -22.98 -2.85
CA ASP B 298 -34.84 -24.09 -3.64
C ASP B 298 -35.85 -23.64 -4.68
N TRP B 299 -35.37 -22.83 -5.64
CA TRP B 299 -36.24 -22.23 -6.65
C TRP B 299 -37.26 -23.21 -7.22
N ASP B 300 -36.82 -24.41 -7.59
CA ASP B 300 -37.68 -25.35 -8.29
C ASP B 300 -38.41 -26.31 -7.36
N TYR B 301 -38.12 -26.28 -6.07
CA TYR B 301 -38.80 -27.17 -5.14
C TYR B 301 -40.18 -26.61 -4.77
N SER B 302 -41.00 -27.49 -4.20
CA SER B 302 -42.34 -27.13 -3.75
C SER B 302 -42.49 -27.42 -2.27
N LEU B 303 -43.31 -26.61 -1.60
CA LEU B 303 -43.57 -26.84 -0.18
C LEU B 303 -44.23 -28.19 0.03
N GLU B 304 -45.13 -28.58 -0.87
CA GLU B 304 -45.78 -29.88 -0.76
C GLU B 304 -44.75 -31.01 -0.81
N ALA B 305 -43.74 -30.88 -1.66
CA ALA B 305 -42.67 -31.86 -1.69
C ALA B 305 -41.93 -31.90 -0.35
N ARG B 306 -41.62 -30.72 0.20
CA ARG B 306 -40.96 -30.67 1.50
C ARG B 306 -41.86 -31.21 2.60
N VAL B 307 -43.16 -30.86 2.56
CA VAL B 307 -44.08 -31.34 3.59
C VAL B 307 -44.20 -32.85 3.53
N ARG B 308 -44.31 -33.40 2.31
CA ARG B 308 -44.44 -34.85 2.16
C ARG B 308 -43.23 -35.57 2.76
N ASP B 309 -42.03 -35.05 2.51
CA ASP B 309 -40.85 -35.60 3.15
C ASP B 309 -40.91 -35.44 4.66
N GLY B 310 -41.36 -34.26 5.13
CA GLY B 310 -41.47 -34.05 6.57
C GLY B 310 -42.48 -34.97 7.22
N ILE B 311 -43.61 -35.21 6.56
CA ILE B 311 -44.60 -36.13 7.09
C ILE B 311 -44.02 -37.53 7.20
N GLY B 312 -43.30 -37.96 6.16
CA GLY B 312 -42.68 -39.28 6.19
C GLY B 312 -41.67 -39.43 7.30
N ILE B 313 -40.93 -38.35 7.58
CA ILE B 313 -40.01 -38.37 8.71
C ILE B 313 -40.77 -38.61 10.00
N LEU B 314 -41.94 -37.99 10.14
CA LEU B 314 -42.73 -38.17 11.35
C LEU B 314 -43.22 -39.60 11.49
N THR B 315 -43.86 -40.13 10.44
CA THR B 315 -44.52 -41.43 10.57
C THR B 315 -43.52 -42.58 10.63
N THR B 316 -42.55 -42.59 9.72
CA THR B 316 -41.64 -43.74 9.63
C THR B 316 -40.78 -43.88 10.87
N ALA B 317 -40.23 -42.77 11.37
CA ALA B 317 -39.39 -42.82 12.55
C ALA B 317 -40.18 -43.30 13.77
N ALA B 318 -41.40 -42.77 13.94
CA ALA B 318 -42.25 -43.24 15.03
C ALA B 318 -42.67 -44.68 14.82
N SER B 319 -42.87 -45.07 13.55
CA SER B 319 -43.20 -46.46 13.26
C SER B 319 -42.07 -47.39 13.67
N SER B 320 -40.82 -46.97 13.44
CA SER B 320 -39.68 -47.81 13.80
C SER B 320 -39.60 -48.00 15.31
N MET B 321 -39.81 -46.93 16.07
CA MET B 321 -39.73 -47.04 17.53
C MET B 321 -40.93 -47.78 18.10
N LEU B 322 -42.14 -47.46 17.63
CA LEU B 322 -43.33 -48.07 18.18
C LEU B 322 -43.35 -49.58 17.92
N GLU B 323 -43.08 -49.98 16.68
CA GLU B 323 -43.17 -51.39 16.33
C GLU B 323 -42.04 -52.19 16.97
N LYS B 324 -40.90 -51.56 17.22
CA LYS B 324 -39.77 -52.26 17.80
C LYS B 324 -40.10 -52.76 19.20
N PHE B 325 -40.81 -51.96 20.00
CA PHE B 325 -41.08 -52.30 21.38
C PHE B 325 -42.56 -52.15 21.74
N SER B 326 -43.46 -52.25 20.75
CA SER B 326 -44.90 -52.12 20.98
C SER B 326 -45.23 -50.79 21.65
N TYR B 327 -44.44 -49.77 21.34
CA TYR B 327 -44.45 -48.52 22.09
C TYR B 327 -45.67 -47.71 21.71
N ILE B 328 -46.39 -47.21 22.71
CA ILE B 328 -47.53 -46.32 22.47
C ILE B 328 -47.08 -44.88 22.69
N PRO B 329 -47.26 -43.99 21.71
CA PRO B 329 -46.89 -42.58 21.93
C PRO B 329 -47.93 -41.86 22.78
N GLU B 330 -47.81 -42.03 24.09
CA GLU B 330 -48.77 -41.47 25.02
C GLU B 330 -48.79 -39.95 24.92
N ALA B 331 -49.97 -39.39 24.67
CA ALA B 331 -50.10 -37.95 24.50
C ALA B 331 -50.44 -37.29 25.83
N LYS B 332 -50.12 -36.00 25.91
CA LYS B 332 -50.47 -35.21 27.08
C LYS B 332 -51.96 -34.98 27.13
N ALA B 333 -52.52 -35.02 28.34
CA ALA B 333 -53.96 -34.81 28.51
C ALA B 333 -54.37 -33.40 28.07
N SER B 334 -53.43 -32.45 28.13
CA SER B 334 -53.67 -31.09 27.70
C SER B 334 -52.31 -30.42 27.51
N CYS B 335 -52.32 -29.13 27.21
CA CYS B 335 -51.05 -28.42 27.27
C CYS B 335 -50.66 -28.21 28.73
N TYR B 336 -49.36 -28.34 28.98
CA TYR B 336 -48.85 -28.71 30.30
C TYR B 336 -49.16 -27.62 31.34
N GLY B 337 -50.16 -27.91 32.16
CA GLY B 337 -50.32 -27.19 33.41
C GLY B 337 -49.89 -28.03 34.59
N GLN B 338 -50.37 -29.27 34.65
CA GLN B 338 -50.00 -30.23 35.68
C GLN B 338 -49.67 -31.61 35.13
N MET B 339 -50.34 -32.05 34.06
CA MET B 339 -50.28 -33.44 33.60
C MET B 339 -49.06 -33.74 32.74
N GLU B 340 -48.00 -32.95 32.82
CA GLU B 340 -46.80 -33.22 32.04
C GLU B 340 -45.93 -34.32 32.64
N ARG B 341 -45.87 -34.42 33.97
CA ARG B 341 -44.90 -35.25 34.68
C ARG B 341 -44.97 -36.74 34.35
N PRO B 342 -46.15 -37.39 34.35
CA PRO B 342 -46.18 -38.84 34.10
C PRO B 342 -45.61 -39.25 32.74
N GLU B 343 -45.65 -38.35 31.76
CA GLU B 343 -45.11 -38.66 30.43
C GLU B 343 -43.61 -38.45 30.34
N VAL B 344 -43.00 -37.78 31.31
CA VAL B 344 -41.55 -37.53 31.31
C VAL B 344 -40.76 -38.83 31.28
N PRO B 345 -41.06 -39.84 32.15
CA PRO B 345 -40.28 -41.09 32.10
C PRO B 345 -40.40 -41.83 30.79
N MET B 346 -41.49 -41.59 30.06
CA MET B 346 -41.67 -42.22 28.76
C MET B 346 -40.56 -41.81 27.82
N HIS B 347 -39.98 -42.80 27.13
CA HIS B 347 -38.89 -42.56 26.21
C HIS B 347 -39.38 -41.80 24.98
N THR B 348 -38.60 -40.79 24.58
CA THR B 348 -38.92 -39.97 23.43
C THR B 348 -38.49 -40.67 22.14
N LEU B 349 -38.72 -40.00 21.02
CA LEU B 349 -38.37 -40.53 19.71
C LEU B 349 -36.96 -40.17 19.26
N HIS B 350 -36.20 -39.44 20.09
CA HIS B 350 -34.87 -39.02 19.70
C HIS B 350 -33.97 -40.16 19.25
N PRO B 351 -33.88 -41.29 19.95
CA PRO B 351 -33.06 -42.40 19.42
C PRO B 351 -33.55 -42.93 18.09
N PHE B 352 -34.84 -42.79 17.79
CA PHE B 352 -35.41 -43.31 16.56
C PHE B 352 -35.71 -42.24 15.52
N MET B 353 -35.64 -40.96 15.89
CA MET B 353 -35.87 -39.89 14.93
C MET B 353 -34.60 -39.37 14.28
N VAL B 354 -33.42 -39.76 14.78
CA VAL B 354 -32.18 -39.30 14.18
C VAL B 354 -31.99 -39.88 12.79
N ASN B 355 -32.47 -41.10 12.55
CA ASN B 355 -32.29 -41.79 11.29
C ASN B 355 -33.63 -42.01 10.61
N VAL B 356 -33.79 -41.45 9.42
CA VAL B 356 -34.97 -41.66 8.59
C VAL B 356 -34.49 -41.99 7.17
N THR B 357 -35.31 -42.72 6.44
CA THR B 357 -34.92 -43.19 5.11
C THR B 357 -35.99 -42.82 4.10
N TRP B 358 -35.82 -43.35 2.88
CA TRP B 358 -36.77 -43.24 1.77
C TRP B 358 -36.66 -41.85 1.15
N ASP B 359 -37.23 -41.68 -0.04
CA ASP B 359 -37.19 -40.46 -0.84
C ASP B 359 -35.81 -40.20 -1.44
N GLY B 360 -34.95 -41.20 -1.46
CA GLY B 360 -33.67 -41.07 -2.15
C GLY B 360 -32.76 -40.01 -1.57
N LYS B 361 -32.73 -39.89 -0.25
CA LYS B 361 -31.89 -38.91 0.41
C LYS B 361 -31.70 -39.30 1.87
N ASP B 362 -30.46 -39.34 2.31
CA ASP B 362 -30.15 -39.62 3.71
C ASP B 362 -30.53 -38.41 4.55
N LEU B 363 -31.74 -38.42 5.09
CA LEU B 363 -32.25 -37.29 5.86
C LEU B 363 -31.88 -37.39 7.34
N SER B 364 -30.81 -38.10 7.66
CA SER B 364 -30.39 -38.24 9.05
C SER B 364 -29.99 -36.88 9.62
N PHE B 365 -30.45 -36.61 10.84
CA PHE B 365 -30.13 -35.35 11.52
C PHE B 365 -28.83 -35.53 12.31
N THR B 366 -28.54 -34.55 13.16
CA THR B 366 -27.39 -34.59 14.05
C THR B 366 -27.80 -34.13 15.44
N GLU B 367 -26.80 -33.97 16.32
CA GLU B 367 -27.07 -33.50 17.67
C GLU B 367 -27.62 -32.08 17.65
N GLU B 368 -27.07 -31.21 16.81
CA GLU B 368 -27.45 -29.80 16.77
C GLU B 368 -28.66 -29.54 15.89
N GLY B 369 -29.13 -30.55 15.16
CA GLY B 369 -30.32 -30.40 14.35
C GLY B 369 -30.11 -29.90 12.94
N TYR B 370 -28.91 -30.06 12.38
CA TYR B 370 -28.63 -29.65 11.01
C TYR B 370 -28.30 -30.88 10.18
N GLN B 371 -28.81 -30.93 8.95
CA GLN B 371 -28.64 -32.11 8.11
C GLN B 371 -27.23 -32.20 7.55
N VAL B 372 -26.84 -33.42 7.17
CA VAL B 372 -25.55 -33.65 6.54
C VAL B 372 -25.70 -33.90 5.04
N HIS B 373 -26.93 -33.90 4.52
CA HIS B 373 -27.20 -34.01 3.09
C HIS B 373 -28.20 -32.93 2.68
N PRO B 374 -27.78 -31.66 2.74
CA PRO B 374 -28.70 -30.57 2.39
C PRO B 374 -28.81 -30.36 0.89
N ARG B 375 -29.50 -29.30 0.48
CA ARG B 375 -29.78 -29.03 -0.93
C ARG B 375 -29.33 -27.60 -1.28
N LEU B 376 -28.09 -27.27 -0.91
CA LEU B 376 -27.58 -25.92 -1.16
C LEU B 376 -27.52 -25.62 -2.65
N VAL B 377 -27.79 -24.36 -2.99
CA VAL B 377 -27.68 -23.87 -4.36
C VAL B 377 -27.00 -22.50 -4.32
N VAL B 378 -26.41 -22.11 -5.44
CA VAL B 378 -25.75 -20.81 -5.59
C VAL B 378 -26.51 -20.03 -6.65
N ILE B 379 -26.71 -18.74 -6.40
CA ILE B 379 -27.61 -17.94 -7.22
C ILE B 379 -27.06 -16.50 -7.29
N VAL B 380 -27.39 -15.82 -8.39
CA VAL B 380 -26.82 -14.52 -8.70
C VAL B 380 -27.93 -13.51 -8.97
N LEU B 381 -27.53 -12.24 -8.95
CA LEU B 381 -28.43 -11.17 -9.37
C LEU B 381 -28.17 -10.83 -10.83
N ASN B 382 -29.17 -11.06 -11.67
CA ASN B 382 -29.05 -10.85 -13.11
C ASN B 382 -29.23 -9.36 -13.43
N LYS B 383 -29.34 -9.03 -14.71
CA LYS B 383 -29.51 -7.63 -15.11
C LYS B 383 -30.89 -7.11 -14.75
N ASP B 384 -31.91 -7.95 -14.83
CA ASP B 384 -33.29 -7.54 -14.61
C ASP B 384 -33.69 -7.58 -13.13
N ARG B 385 -32.72 -7.64 -12.22
CA ARG B 385 -33.00 -7.70 -10.78
C ARG B 385 -33.90 -8.89 -10.45
N GLU B 386 -33.71 -9.99 -11.17
CA GLU B 386 -34.44 -11.23 -10.95
C GLU B 386 -33.44 -12.35 -10.73
N TRP B 387 -33.55 -13.02 -9.58
CA TRP B 387 -32.56 -14.01 -9.20
C TRP B 387 -32.59 -15.20 -10.15
N GLU B 388 -31.41 -15.66 -10.58
CA GLU B 388 -31.30 -16.77 -11.50
C GLU B 388 -30.32 -17.81 -10.99
N LYS B 389 -30.73 -19.08 -11.02
CA LYS B 389 -29.90 -20.17 -10.53
C LYS B 389 -28.67 -20.34 -11.41
N VAL B 390 -27.56 -20.72 -10.80
CA VAL B 390 -26.27 -20.86 -11.48
C VAL B 390 -25.73 -22.28 -11.37
N GLY B 391 -25.47 -22.75 -10.15
CA GLY B 391 -24.87 -24.05 -9.96
C GLY B 391 -25.52 -24.78 -8.80
N LYS B 392 -25.19 -26.07 -8.71
CA LYS B 392 -25.75 -26.94 -7.69
C LYS B 392 -24.63 -27.62 -6.90
N TRP B 393 -24.93 -27.94 -5.65
CA TRP B 393 -24.01 -28.62 -4.75
C TRP B 393 -24.61 -29.96 -4.36
N GLU B 394 -23.89 -31.04 -4.65
CA GLU B 394 -24.39 -32.37 -4.35
C GLU B 394 -23.21 -33.35 -4.32
N ASN B 395 -23.18 -34.18 -3.28
CA ASN B 395 -22.12 -35.17 -3.11
C ASN B 395 -20.74 -34.51 -3.09
N HIS B 396 -20.69 -33.33 -2.44
CA HIS B 396 -19.43 -32.63 -2.17
C HIS B 396 -18.68 -32.29 -3.45
N THR B 397 -19.34 -31.58 -4.36
CA THR B 397 -18.69 -31.08 -5.56
C THR B 397 -19.32 -29.76 -5.98
N LEU B 398 -18.57 -28.98 -6.74
CA LEU B 398 -19.00 -27.67 -7.24
C LEU B 398 -19.28 -27.81 -8.73
N SER B 399 -20.52 -28.19 -9.07
CA SER B 399 -20.93 -28.21 -10.45
C SER B 399 -21.53 -26.85 -10.83
N LEU B 400 -20.94 -26.23 -11.84
CA LEU B 400 -21.33 -24.89 -12.24
C LEU B 400 -21.62 -24.84 -13.74
N ARG B 401 -22.68 -24.12 -14.10
CA ARG B 401 -22.99 -23.91 -15.51
C ARG B 401 -22.04 -22.91 -16.16
N HIS B 402 -21.20 -22.23 -15.38
CA HIS B 402 -20.23 -21.28 -15.89
C HIS B 402 -18.82 -21.81 -15.65
N ALA B 403 -17.99 -21.77 -16.69
CA ALA B 403 -16.60 -22.19 -16.60
C ALA B 403 -15.71 -21.07 -16.10
N VAL B 404 -15.85 -19.86 -16.65
CA VAL B 404 -15.10 -18.69 -16.24
C VAL B 404 -16.08 -17.61 -15.83
N TRP B 405 -15.59 -16.63 -15.08
CA TRP B 405 -16.49 -15.65 -14.48
C TRP B 405 -17.11 -14.77 -15.55
N PRO B 406 -18.39 -14.39 -15.40
CA PRO B 406 -19.02 -13.55 -16.43
C PRO B 406 -18.53 -12.12 -16.43
N ARG B 407 -18.28 -11.54 -15.26
CA ARG B 407 -17.76 -10.18 -15.12
C ARG B 407 -18.68 -9.15 -15.76
N TYR B 408 -19.90 -9.01 -15.25
CA TYR B 408 -20.85 -8.02 -15.73
C TYR B 408 -20.98 -6.90 -14.71
N LYS B 409 -21.50 -5.76 -15.16
CA LYS B 409 -21.32 -4.50 -14.46
C LYS B 409 -22.22 -4.39 -13.23
N SER B 410 -21.94 -3.36 -12.44
CA SER B 410 -22.75 -3.01 -11.27
C SER B 410 -23.94 -2.17 -11.73
N PHE B 411 -24.61 -1.53 -10.77
CA PHE B 411 -25.68 -0.62 -11.11
C PHE B 411 -25.17 0.48 -12.03
N SER B 412 -26.03 0.92 -12.95
CA SER B 412 -25.58 1.69 -14.10
C SER B 412 -25.11 3.08 -13.72
N ASP B 413 -24.75 3.86 -14.74
CA ASP B 413 -24.20 5.21 -14.62
C ASP B 413 -22.78 5.17 -14.08
N SER B 414 -22.21 3.97 -13.95
CA SER B 414 -20.80 3.78 -13.57
C SER B 414 -20.32 2.51 -14.26
N GLU B 415 -19.67 2.66 -15.41
CA GLU B 415 -19.20 1.52 -16.20
C GLU B 415 -18.09 1.96 -17.14
N PRO B 416 -16.86 2.10 -16.62
CA PRO B 416 -15.71 2.26 -17.53
C PRO B 416 -15.46 1.00 -18.36
N ASP B 417 -15.33 -0.15 -17.70
CA ASP B 417 -15.18 -1.47 -18.29
C ASP B 417 -13.95 -1.60 -19.19
N ASP B 418 -12.87 -0.89 -18.91
CA ASP B 418 -11.66 -0.99 -19.71
C ASP B 418 -10.55 -1.64 -18.90
N ASN B 419 -10.65 -2.98 -18.79
CA ASN B 419 -9.69 -3.82 -18.08
C ASN B 419 -9.96 -5.28 -18.47
N HIS B 420 -9.33 -6.21 -17.76
CA HIS B 420 -9.63 -7.63 -17.90
C HIS B 420 -9.26 -8.10 -19.31
N LEU B 421 -7.96 -8.06 -19.58
CA LEU B 421 -7.42 -8.47 -20.86
C LEU B 421 -7.39 -9.99 -20.99
N SER B 422 -7.52 -10.46 -22.22
CA SER B 422 -7.41 -11.88 -22.54
C SER B 422 -6.12 -12.09 -23.30
N ILE B 423 -5.49 -13.25 -23.11
CA ILE B 423 -4.16 -13.54 -23.62
C ILE B 423 -4.14 -14.92 -24.25
N VAL B 424 -3.54 -15.02 -25.43
CA VAL B 424 -3.41 -16.27 -26.17
C VAL B 424 -1.94 -16.68 -26.16
N THR B 425 -1.68 -17.98 -26.08
CA THR B 425 -0.32 -18.48 -25.93
C THR B 425 -0.21 -19.85 -26.59
N LEU B 426 1.01 -20.20 -26.99
CA LEU B 426 1.30 -21.48 -27.61
C LEU B 426 2.22 -22.26 -26.70
N GLU B 427 2.05 -23.59 -26.70
CA GLU B 427 2.96 -24.51 -26.02
C GLU B 427 4.16 -24.78 -26.92
N GLU B 428 5.36 -24.53 -26.40
CA GLU B 428 6.56 -24.60 -27.20
C GLU B 428 7.77 -24.97 -26.37
N ALA B 429 8.96 -24.65 -26.87
CA ALA B 429 10.24 -24.78 -26.19
C ALA B 429 10.20 -23.95 -24.92
N PRO B 430 11.20 -24.02 -24.02
CA PRO B 430 10.95 -23.69 -22.60
C PRO B 430 10.33 -22.32 -22.36
N PHE B 431 10.08 -21.52 -23.38
CA PHE B 431 9.30 -20.30 -23.20
C PHE B 431 7.99 -20.58 -22.48
N VAL B 432 7.24 -21.58 -22.95
CA VAL B 432 5.96 -21.94 -22.36
C VAL B 432 5.88 -23.46 -22.29
N ILE B 433 5.50 -23.99 -21.13
CA ILE B 433 5.37 -25.43 -20.93
C ILE B 433 3.99 -25.72 -20.36
N VAL B 434 3.40 -26.83 -20.77
CA VAL B 434 2.08 -27.23 -20.33
C VAL B 434 2.20 -28.49 -19.49
N GLU B 435 1.28 -28.65 -18.54
CA GLU B 435 1.27 -29.81 -17.67
C GLU B 435 -0.16 -30.10 -17.24
N ASP B 436 -0.40 -31.37 -16.90
CA ASP B 436 -1.70 -31.77 -16.38
C ASP B 436 -1.84 -31.34 -14.92
N ILE B 437 -3.09 -31.12 -14.51
CA ILE B 437 -3.34 -30.65 -13.15
C ILE B 437 -3.03 -31.76 -12.15
N ASP B 438 -2.34 -31.39 -11.07
CA ASP B 438 -2.05 -32.35 -10.03
C ASP B 438 -3.34 -32.79 -9.33
N PRO B 439 -3.50 -34.08 -9.05
CA PRO B 439 -4.75 -34.59 -8.46
C PRO B 439 -4.81 -34.58 -6.94
N LEU B 440 -3.78 -34.10 -6.25
CA LEU B 440 -3.81 -34.06 -4.79
C LEU B 440 -4.90 -33.11 -4.30
N THR B 441 -5.05 -31.96 -4.96
CA THR B 441 -6.06 -30.98 -4.58
C THR B 441 -6.75 -30.41 -5.83
N GLU B 442 -6.64 -31.09 -6.97
CA GLU B 442 -7.28 -30.67 -8.23
C GLU B 442 -6.75 -29.31 -8.69
N THR B 443 -5.56 -28.94 -8.23
CA THR B 443 -4.88 -27.73 -8.65
C THR B 443 -3.39 -28.04 -8.81
N CYS B 444 -2.57 -27.00 -8.93
CA CYS B 444 -1.12 -27.17 -8.93
C CYS B 444 -0.49 -26.12 -8.02
N VAL B 445 0.79 -26.32 -7.74
CA VAL B 445 1.48 -25.53 -6.72
C VAL B 445 1.47 -24.06 -7.10
N ARG B 446 1.65 -23.19 -6.09
CA ARG B 446 1.67 -21.75 -6.32
C ARG B 446 2.80 -21.36 -7.26
N ASN B 447 2.82 -20.08 -7.65
CA ASN B 447 3.76 -19.55 -8.63
C ASN B 447 3.55 -20.20 -9.98
N THR B 448 2.28 -20.43 -10.32
CA THR B 448 1.91 -20.97 -11.62
C THR B 448 0.49 -20.50 -11.94
N VAL B 449 0.25 -20.21 -13.21
CA VAL B 449 -1.00 -19.60 -13.64
C VAL B 449 -1.88 -20.63 -14.35
N PRO B 450 -3.15 -20.75 -13.97
CA PRO B 450 -4.05 -21.67 -14.68
C PRO B 450 -4.34 -21.21 -16.09
N CYS B 451 -4.70 -22.15 -16.97
CA CYS B 451 -4.99 -21.81 -18.36
C CYS B 451 -5.90 -22.85 -18.99
N ARG B 452 -6.97 -22.40 -19.65
CA ARG B 452 -8.03 -23.28 -20.13
C ARG B 452 -7.70 -23.75 -21.55
N LYS B 453 -7.19 -24.97 -21.64
CA LYS B 453 -6.83 -25.56 -22.92
C LYS B 453 -8.06 -26.17 -23.58
N PHE B 454 -8.30 -25.83 -24.84
CA PHE B 454 -9.37 -26.45 -25.60
C PHE B 454 -8.95 -27.82 -26.10
N VAL B 455 -9.96 -28.63 -26.46
CA VAL B 455 -9.74 -29.97 -26.99
C VAL B 455 -10.67 -30.18 -28.17
N LYS B 456 -10.31 -31.12 -29.04
CA LYS B 456 -11.09 -31.45 -30.22
C LYS B 456 -12.03 -32.62 -29.98
N ILE B 457 -12.39 -32.90 -28.72
CA ILE B 457 -13.35 -33.92 -28.35
C ILE B 457 -12.79 -35.31 -28.63
N ASN B 458 -13.53 -36.34 -28.22
CA ASN B 458 -13.11 -37.74 -28.40
C ASN B 458 -13.76 -38.27 -29.67
N ASN B 459 -12.95 -38.46 -30.70
CA ASN B 459 -13.40 -38.98 -32.00
C ASN B 459 -14.46 -38.09 -32.63
N SER B 460 -14.54 -36.83 -32.17
CA SER B 460 -15.49 -35.85 -32.70
C SER B 460 -16.93 -36.35 -32.60
N THR B 461 -17.18 -37.27 -31.67
CA THR B 461 -18.52 -37.78 -31.48
C THR B 461 -19.46 -36.70 -30.95
N ASN B 462 -19.04 -36.03 -29.87
CA ASN B 462 -19.81 -34.95 -29.28
C ASN B 462 -19.01 -34.26 -28.18
N GLU B 463 -19.61 -33.23 -27.57
CA GLU B 463 -19.08 -32.56 -26.37
C GLU B 463 -17.69 -32.02 -26.68
N GLY B 464 -16.65 -32.41 -25.96
CA GLY B 464 -15.37 -31.73 -26.00
C GLY B 464 -15.26 -30.82 -24.80
N MET B 465 -14.43 -31.18 -23.82
CA MET B 465 -14.46 -30.57 -22.51
C MET B 465 -13.34 -29.53 -22.38
N ASN B 466 -13.73 -28.31 -22.02
CA ASN B 466 -12.74 -27.31 -21.63
C ASN B 466 -12.14 -27.70 -20.30
N VAL B 467 -10.94 -28.27 -20.33
CA VAL B 467 -10.32 -28.89 -19.16
C VAL B 467 -9.33 -27.90 -18.59
N LYS B 468 -9.45 -27.62 -17.29
CA LYS B 468 -8.51 -26.74 -16.62
C LYS B 468 -7.20 -27.45 -16.33
N LYS B 469 -6.13 -26.93 -16.93
CA LYS B 469 -4.79 -27.48 -16.71
C LYS B 469 -3.77 -26.34 -16.68
N CYS B 470 -3.15 -26.12 -15.51
CA CYS B 470 -2.26 -24.98 -15.36
C CYS B 470 -0.99 -25.16 -16.17
N CYS B 471 -0.42 -24.04 -16.58
CA CYS B 471 0.75 -24.04 -17.45
C CYS B 471 1.75 -23.02 -16.94
N LYS B 472 3.03 -23.27 -17.24
CA LYS B 472 4.12 -22.44 -16.74
C LYS B 472 5.15 -22.27 -17.83
N GLY B 473 6.28 -21.70 -17.48
CA GLY B 473 7.37 -21.52 -18.42
C GLY B 473 8.02 -20.16 -18.24
N PHE B 474 8.78 -19.76 -19.26
CA PHE B 474 9.50 -18.49 -19.21
C PHE B 474 8.59 -17.32 -19.53
N SER B 475 8.01 -17.32 -20.74
CA SER B 475 7.26 -16.17 -21.20
C SER B 475 6.08 -15.88 -20.28
N ILE B 476 5.45 -16.92 -19.73
CA ILE B 476 4.35 -16.68 -18.81
C ILE B 476 4.84 -16.06 -17.50
N ASP B 477 6.05 -16.40 -17.06
CA ASP B 477 6.51 -15.87 -15.79
C ASP B 477 6.73 -14.37 -15.86
N ILE B 478 7.16 -13.86 -17.01
CA ILE B 478 7.50 -12.45 -17.10
C ILE B 478 6.27 -11.57 -16.94
N LEU B 479 5.11 -12.01 -17.46
CA LEU B 479 3.92 -11.18 -17.31
C LEU B 479 3.35 -11.26 -15.91
N LYS B 480 3.58 -12.37 -15.20
CA LYS B 480 3.13 -12.46 -13.81
C LYS B 480 3.78 -11.39 -12.96
N LYS B 481 5.09 -11.20 -13.12
CA LYS B 481 5.77 -10.11 -12.44
C LYS B 481 5.43 -8.77 -13.06
N LEU B 482 5.18 -8.76 -14.38
CA LEU B 482 4.85 -7.51 -15.06
C LEU B 482 3.54 -6.93 -14.57
N SER B 483 2.53 -7.79 -14.43
CA SER B 483 1.19 -7.33 -14.07
C SER B 483 1.04 -7.00 -12.59
N ARG B 484 2.13 -6.97 -11.84
CA ARG B 484 2.12 -6.51 -10.47
C ARG B 484 2.42 -5.02 -10.34
N THR B 485 2.62 -4.33 -11.46
CA THR B 485 2.89 -2.91 -11.47
C THR B 485 2.05 -2.14 -12.49
N VAL B 486 1.15 -2.81 -13.20
CA VAL B 486 0.30 -2.14 -14.18
C VAL B 486 -1.15 -2.50 -13.83
N LYS B 487 -1.31 -3.38 -12.84
CA LYS B 487 -2.62 -3.76 -12.33
C LYS B 487 -3.51 -4.40 -13.39
N PHE B 488 -3.07 -5.54 -13.92
CA PHE B 488 -3.85 -6.29 -14.89
C PHE B 488 -4.72 -7.34 -14.21
N THR B 489 -5.73 -7.80 -14.95
CA THR B 489 -6.46 -9.02 -14.63
C THR B 489 -6.58 -9.83 -15.92
N TYR B 490 -6.22 -11.11 -15.85
CA TYR B 490 -5.92 -11.85 -17.06
C TYR B 490 -6.44 -13.27 -16.98
N ASP B 491 -6.72 -13.83 -18.15
CA ASP B 491 -7.03 -15.24 -18.32
C ASP B 491 -6.30 -15.75 -19.56
N LEU B 492 -6.05 -17.05 -19.61
CA LEU B 492 -5.29 -17.65 -20.70
C LEU B 492 -6.08 -18.77 -21.35
N TYR B 493 -5.98 -18.87 -22.67
CA TYR B 493 -6.42 -20.04 -23.41
C TYR B 493 -5.49 -20.24 -24.61
N LEU B 494 -5.10 -21.50 -24.83
CA LEU B 494 -4.09 -21.78 -25.84
C LEU B 494 -4.67 -21.76 -27.24
N VAL B 495 -3.84 -22.17 -28.20
CA VAL B 495 -4.20 -22.02 -29.61
C VAL B 495 -5.16 -23.12 -30.04
N THR B 496 -5.76 -22.92 -31.21
CA THR B 496 -6.70 -23.88 -31.77
C THR B 496 -6.12 -24.62 -32.95
N ASN B 497 -5.65 -23.88 -33.96
CA ASN B 497 -5.19 -24.47 -35.22
C ASN B 497 -3.88 -23.81 -35.63
N GLY B 498 -3.07 -24.56 -36.38
CA GLY B 498 -1.79 -24.06 -36.83
C GLY B 498 -0.78 -23.98 -35.72
N LYS B 499 0.39 -23.44 -36.05
CA LYS B 499 1.44 -23.23 -35.06
C LYS B 499 1.72 -21.75 -34.83
N HIS B 500 2.15 -21.02 -35.86
CA HIS B 500 2.34 -19.59 -35.69
C HIS B 500 1.45 -18.78 -36.63
N GLY B 501 1.56 -19.04 -37.94
CA GLY B 501 0.69 -18.34 -38.87
C GLY B 501 1.37 -18.11 -40.20
N LYS B 502 0.54 -17.86 -41.20
CA LYS B 502 1.01 -17.57 -42.55
C LYS B 502 -0.09 -16.85 -43.30
N LYS B 503 0.28 -15.83 -44.05
CA LYS B 503 -0.66 -15.04 -44.83
C LYS B 503 -0.82 -15.68 -46.20
N VAL B 504 -1.83 -16.54 -46.34
CA VAL B 504 -2.06 -17.28 -47.56
C VAL B 504 -3.47 -16.98 -48.06
N ASN B 505 -3.60 -16.78 -49.37
CA ASN B 505 -4.89 -16.47 -49.99
C ASN B 505 -5.53 -15.23 -49.36
N ASN B 506 -4.69 -14.28 -48.96
CA ASN B 506 -5.12 -13.02 -48.35
C ASN B 506 -6.03 -13.25 -47.14
N VAL B 507 -5.56 -14.13 -46.25
CA VAL B 507 -6.24 -14.39 -44.99
C VAL B 507 -5.20 -14.94 -44.01
N TRP B 508 -5.50 -14.86 -42.71
CA TRP B 508 -4.52 -15.23 -41.69
C TRP B 508 -5.15 -16.24 -40.75
N ASN B 509 -4.31 -17.11 -40.18
CA ASN B 509 -4.71 -17.98 -39.08
C ASN B 509 -3.52 -18.17 -38.16
N GLY B 510 -3.78 -18.28 -36.87
CA GLY B 510 -2.73 -18.30 -35.88
C GLY B 510 -2.95 -17.17 -34.88
N MET B 511 -1.98 -17.01 -33.98
CA MET B 511 -2.08 -15.93 -33.00
C MET B 511 -2.12 -14.58 -33.71
N ILE B 512 -1.29 -14.43 -34.75
CA ILE B 512 -1.37 -13.24 -35.57
C ILE B 512 -2.77 -13.11 -36.18
N GLY B 513 -3.32 -14.23 -36.66
CA GLY B 513 -4.70 -14.22 -37.10
C GLY B 513 -5.67 -13.91 -35.97
N GLU B 514 -5.38 -14.40 -34.76
CA GLU B 514 -6.26 -14.12 -33.63
C GLU B 514 -6.29 -12.63 -33.29
N VAL B 515 -5.12 -11.98 -33.28
CA VAL B 515 -5.07 -10.58 -32.87
C VAL B 515 -5.75 -9.68 -33.89
N VAL B 516 -5.49 -9.93 -35.18
CA VAL B 516 -6.09 -9.10 -36.22
C VAL B 516 -7.61 -9.16 -36.21
N TYR B 517 -8.19 -10.22 -35.65
CA TYR B 517 -9.64 -10.31 -35.51
C TYR B 517 -10.10 -10.11 -34.06
N GLN B 518 -9.29 -9.48 -33.22
CA GLN B 518 -9.59 -9.05 -31.87
C GLN B 518 -9.86 -10.21 -30.91
N ARG B 519 -9.30 -11.41 -31.14
CA ARG B 519 -9.57 -12.53 -30.24
C ARG B 519 -9.04 -12.24 -28.85
N ALA B 520 -7.92 -11.55 -28.76
CA ALA B 520 -7.32 -11.16 -27.50
C ALA B 520 -6.54 -9.87 -27.70
N VAL B 521 -6.69 -8.94 -26.77
CA VAL B 521 -6.00 -7.66 -26.89
C VAL B 521 -4.50 -7.85 -26.90
N MET B 522 -4.00 -8.69 -26.00
CA MET B 522 -2.57 -8.97 -25.91
C MET B 522 -2.28 -10.30 -26.61
N ALA B 523 -1.00 -10.58 -26.85
CA ALA B 523 -0.57 -11.86 -27.39
C ALA B 523 0.90 -12.04 -27.06
N VAL B 524 1.22 -13.12 -26.34
CA VAL B 524 2.57 -13.39 -25.88
C VAL B 524 2.97 -14.78 -26.37
N GLY B 525 4.12 -15.25 -25.89
CA GLY B 525 4.64 -16.53 -26.30
C GLY B 525 5.77 -16.37 -27.30
N SER B 526 6.10 -17.50 -27.94
CA SER B 526 7.14 -17.51 -28.96
C SER B 526 6.59 -16.81 -30.20
N LEU B 527 6.96 -15.55 -30.38
CA LEU B 527 6.52 -14.77 -31.53
C LEU B 527 7.74 -14.06 -32.11
N THR B 528 7.86 -14.10 -33.43
CA THR B 528 9.04 -13.59 -34.13
C THR B 528 8.71 -12.28 -34.82
N ILE B 529 9.51 -11.25 -34.57
CA ILE B 529 9.34 -9.97 -35.26
C ILE B 529 9.91 -10.10 -36.67
N ASN B 530 9.19 -9.55 -37.64
CA ASN B 530 9.57 -9.65 -39.04
C ASN B 530 8.87 -8.55 -39.82
N GLU B 531 9.22 -8.46 -41.10
CA GLU B 531 8.68 -7.39 -41.94
C GLU B 531 7.18 -7.56 -42.15
N GLU B 532 6.76 -8.76 -42.55
CA GLU B 532 5.34 -8.97 -42.84
C GLU B 532 4.49 -8.83 -41.59
N ARG B 533 4.96 -9.34 -40.46
CA ARG B 533 4.15 -9.32 -39.24
C ARG B 533 3.90 -7.89 -38.77
N SER B 534 4.92 -7.03 -38.79
CA SER B 534 4.74 -5.68 -38.31
C SER B 534 3.89 -4.85 -39.26
N GLU B 535 3.61 -5.37 -40.45
CA GLU B 535 2.81 -4.62 -41.42
C GLU B 535 1.37 -4.46 -40.97
N VAL B 536 0.85 -5.46 -40.23
CA VAL B 536 -0.55 -5.47 -39.84
C VAL B 536 -0.73 -5.25 -38.35
N VAL B 537 0.22 -5.70 -37.53
CA VAL B 537 0.07 -5.58 -36.08
C VAL B 537 1.33 -4.96 -35.48
N ASP B 538 1.17 -4.19 -34.42
CA ASP B 538 2.29 -3.49 -33.81
C ASP B 538 3.05 -4.41 -32.88
N PHE B 539 4.31 -4.05 -32.60
CA PHE B 539 5.18 -4.82 -31.74
C PHE B 539 5.81 -3.92 -30.69
N SER B 540 6.22 -4.53 -29.58
CA SER B 540 6.91 -3.81 -28.52
C SER B 540 8.42 -3.92 -28.68
N VAL B 541 9.17 -3.41 -27.72
CA VAL B 541 10.62 -3.45 -27.70
C VAL B 541 11.05 -4.86 -27.34
N PRO B 542 11.92 -5.50 -28.12
CA PRO B 542 12.34 -6.87 -27.80
C PRO B 542 13.17 -6.92 -26.54
N PHE B 543 13.17 -8.09 -25.90
CA PHE B 543 13.90 -8.30 -24.66
C PHE B 543 14.93 -9.41 -24.71
N VAL B 544 14.89 -10.31 -25.70
CA VAL B 544 15.89 -11.36 -25.86
C VAL B 544 16.30 -11.41 -27.32
N GLU B 545 17.61 -11.49 -27.57
CA GLU B 545 18.11 -11.50 -28.94
C GLU B 545 18.17 -12.94 -29.47
N THR B 546 17.93 -13.08 -30.76
CA THR B 546 17.89 -14.38 -31.41
C THR B 546 18.08 -14.19 -32.91
N GLY B 547 17.82 -15.27 -33.66
CA GLY B 547 17.93 -15.27 -35.10
C GLY B 547 17.71 -16.65 -35.65
N ILE B 548 18.52 -17.06 -36.63
CA ILE B 548 18.47 -18.41 -37.16
C ILE B 548 19.87 -19.01 -37.08
N SER B 549 19.91 -20.34 -37.07
CA SER B 549 21.18 -21.07 -36.97
C SER B 549 20.97 -22.46 -37.55
N VAL B 550 22.08 -23.19 -37.65
CA VAL B 550 22.09 -24.55 -38.16
C VAL B 550 22.70 -25.46 -37.10
N MET B 551 22.19 -26.69 -37.03
CA MET B 551 22.69 -27.69 -36.10
C MET B 551 23.08 -28.94 -36.87
N VAL B 552 24.27 -29.48 -36.56
CA VAL B 552 24.78 -30.68 -37.20
C VAL B 552 25.36 -31.59 -36.14
N SER B 553 25.56 -32.85 -36.52
CA SER B 553 26.07 -33.84 -35.58
C SER B 553 27.56 -33.65 -35.33
N ARG B 554 28.08 -34.42 -34.37
CA ARG B 554 29.49 -34.38 -34.00
C ARG B 554 29.93 -32.99 -33.56
N GLN B 676 30.20 -29.97 -41.84
CA GLN B 676 31.57 -29.60 -42.33
C GLN B 676 31.48 -28.47 -43.37
N VAL B 677 30.85 -27.34 -43.02
CA VAL B 677 30.72 -26.17 -43.97
C VAL B 677 30.68 -24.85 -43.19
N THR B 678 30.85 -23.71 -43.88
CA THR B 678 30.98 -22.36 -43.27
C THR B 678 29.65 -21.60 -43.09
N GLY B 679 28.56 -21.94 -43.77
CA GLY B 679 27.42 -21.04 -43.52
C GLY B 679 26.57 -20.81 -44.74
N LEU B 680 25.85 -19.69 -44.80
CA LEU B 680 24.93 -19.46 -45.93
C LEU B 680 25.62 -19.27 -47.28
N SER B 681 26.88 -18.85 -47.28
CA SER B 681 27.60 -18.75 -48.57
C SER B 681 28.40 -20.04 -48.82
N ASP B 682 28.43 -20.97 -47.86
CA ASP B 682 29.28 -22.12 -48.17
C ASP B 682 28.89 -22.72 -49.50
N LYS B 683 29.90 -23.11 -50.29
CA LYS B 683 29.64 -23.67 -51.62
C LYS B 683 28.88 -24.98 -51.52
N LYS B 684 29.01 -25.69 -50.39
CA LYS B 684 28.27 -26.93 -50.20
C LYS B 684 26.77 -26.70 -50.23
N PHE B 685 26.30 -25.62 -49.58
CA PHE B 685 24.87 -25.32 -49.57
C PHE B 685 24.39 -24.85 -50.93
N GLN B 686 25.30 -24.40 -51.80
CA GLN B 686 24.91 -23.79 -53.07
C GLN B 686 24.26 -24.81 -54.00
N ARG B 687 24.88 -25.98 -54.14
CA ARG B 687 24.39 -26.98 -55.08
C ARG B 687 24.64 -28.36 -54.52
N PRO B 688 23.72 -29.30 -54.72
CA PRO B 688 23.93 -30.67 -54.24
C PRO B 688 24.63 -31.54 -55.28
N HIS B 689 25.27 -30.90 -56.26
CA HIS B 689 25.90 -31.60 -57.37
C HIS B 689 27.34 -32.01 -57.05
N ASP B 690 27.70 -32.11 -55.77
CA ASP B 690 29.05 -32.51 -55.40
C ASP B 690 29.24 -34.02 -55.57
N TYR B 691 30.47 -34.47 -55.35
CA TYR B 691 30.76 -35.89 -55.53
C TYR B 691 30.03 -36.75 -54.51
N SER B 692 29.95 -36.29 -53.27
CA SER B 692 29.30 -37.04 -52.20
C SER B 692 27.79 -37.08 -52.43
N PRO B 693 27.12 -38.13 -51.96
CA PRO B 693 25.67 -38.20 -52.07
C PRO B 693 25.00 -37.06 -51.31
N PRO B 694 23.83 -36.60 -51.78
CA PRO B 694 23.19 -35.44 -51.16
C PRO B 694 22.82 -35.67 -49.71
N PHE B 695 22.95 -34.61 -48.91
CA PHE B 695 22.51 -34.60 -47.53
C PHE B 695 21.21 -33.78 -47.41
N ARG B 696 20.66 -33.72 -46.19
CA ARG B 696 19.30 -33.25 -45.98
C ARG B 696 19.25 -32.08 -45.00
N PHE B 697 18.09 -31.42 -44.98
CA PHE B 697 17.84 -30.27 -44.12
C PHE B 697 16.59 -30.53 -43.27
N GLY B 698 16.54 -29.89 -42.11
CA GLY B 698 15.38 -30.04 -41.24
C GLY B 698 14.26 -29.08 -41.56
N THR B 699 14.51 -27.77 -41.42
CA THR B 699 13.66 -26.71 -41.97
C THR B 699 12.16 -26.94 -41.77
N VAL B 700 11.70 -26.89 -40.53
CA VAL B 700 10.30 -27.15 -40.19
C VAL B 700 9.37 -26.27 -41.02
N PRO B 701 8.44 -26.84 -41.78
CA PRO B 701 7.58 -26.03 -42.64
C PRO B 701 6.64 -25.14 -41.84
N ASN B 702 5.88 -24.34 -42.59
CA ASN B 702 4.84 -23.47 -42.04
C ASN B 702 5.36 -22.58 -40.92
N GLY B 703 6.60 -22.13 -41.08
CA GLY B 703 7.23 -21.38 -40.00
C GLY B 703 7.54 -19.94 -40.34
N SER B 704 8.47 -19.34 -39.60
CA SER B 704 8.90 -17.97 -39.84
C SER B 704 10.11 -17.90 -40.75
N THR B 705 11.08 -18.80 -40.54
CA THR B 705 12.28 -18.79 -41.37
C THR B 705 11.96 -19.10 -42.82
N GLU B 706 11.03 -20.04 -43.06
CA GLU B 706 10.75 -20.47 -44.41
C GLU B 706 10.28 -19.31 -45.29
N ARG B 707 9.41 -18.46 -44.76
CA ARG B 707 9.01 -17.28 -45.50
C ARG B 707 10.19 -16.35 -45.75
N ASN B 708 11.06 -16.19 -44.74
CA ASN B 708 12.26 -15.38 -44.92
C ASN B 708 13.22 -16.05 -45.89
N ILE B 709 13.32 -17.39 -45.84
CA ILE B 709 14.24 -18.10 -46.71
C ILE B 709 13.81 -18.00 -48.17
N ARG B 710 12.50 -18.06 -48.41
CA ARG B 710 11.99 -17.91 -49.77
C ARG B 710 12.38 -16.55 -50.36
N ASN B 711 12.54 -15.54 -49.50
CA ASN B 711 12.69 -14.17 -50.00
C ASN B 711 13.95 -13.97 -50.81
N ASN B 712 15.09 -14.51 -50.37
CA ASN B 712 16.37 -14.17 -50.97
C ASN B 712 16.75 -15.05 -52.15
N TYR B 713 16.69 -16.38 -51.99
CA TYR B 713 17.04 -17.27 -53.10
C TYR B 713 16.21 -18.55 -53.05
N PRO B 714 15.54 -18.88 -54.17
CA PRO B 714 14.50 -19.92 -54.12
C PRO B 714 15.02 -21.34 -54.22
N TYR B 715 16.09 -21.57 -54.98
CA TYR B 715 16.44 -22.92 -55.41
C TYR B 715 16.73 -23.83 -54.23
N MET B 716 17.15 -23.27 -53.10
CA MET B 716 17.36 -24.11 -51.93
C MET B 716 16.05 -24.63 -51.37
N HIS B 717 15.00 -23.79 -51.39
CA HIS B 717 13.77 -24.17 -50.73
C HIS B 717 13.04 -25.26 -51.49
N GLN B 718 13.06 -25.22 -52.82
CA GLN B 718 12.44 -26.29 -53.60
C GLN B 718 13.13 -27.62 -53.35
N TYR B 719 14.43 -27.58 -53.06
CA TYR B 719 15.12 -28.77 -52.55
C TYR B 719 14.58 -29.17 -51.18
N MET B 720 14.27 -28.18 -50.34
CA MET B 720 13.75 -28.49 -49.02
C MET B 720 12.32 -29.02 -49.07
N THR B 721 11.63 -28.80 -50.19
CA THR B 721 10.25 -29.28 -50.32
C THR B 721 10.20 -30.81 -50.32
N LYS B 722 11.24 -31.46 -50.85
CA LYS B 722 11.23 -32.92 -50.93
C LYS B 722 11.21 -33.55 -49.55
N PHE B 723 11.94 -32.97 -48.60
CA PHE B 723 12.11 -33.56 -47.27
C PHE B 723 11.76 -32.50 -46.23
N ASN B 724 10.66 -32.70 -45.54
CA ASN B 724 10.19 -31.79 -44.50
C ASN B 724 10.03 -32.54 -43.18
N GLN B 725 10.68 -32.04 -42.15
CA GLN B 725 10.60 -32.67 -40.83
C GLN B 725 9.31 -32.25 -40.12
N LYS B 726 9.03 -32.91 -39.00
CA LYS B 726 7.84 -32.67 -38.20
C LYS B 726 8.22 -32.56 -36.74
N GLY B 727 7.59 -31.62 -36.04
CA GLY B 727 7.84 -31.46 -34.62
C GLY B 727 9.24 -30.95 -34.35
N VAL B 728 9.74 -31.22 -33.15
CA VAL B 728 11.08 -30.81 -32.76
C VAL B 728 11.87 -32.02 -32.32
N GLU B 729 11.34 -32.76 -31.35
CA GLU B 729 11.99 -33.96 -30.83
C GLU B 729 12.16 -34.99 -31.94
N ASP B 730 11.13 -35.14 -32.78
CA ASP B 730 11.22 -36.07 -33.90
C ASP B 730 12.34 -35.70 -34.87
N ALA B 731 12.66 -34.41 -34.99
CA ALA B 731 13.74 -34.01 -35.90
C ALA B 731 15.10 -34.37 -35.34
N LEU B 732 15.31 -34.14 -34.04
CA LEU B 732 16.65 -34.32 -33.47
C LEU B 732 17.07 -35.78 -33.47
N VAL B 733 16.14 -36.69 -33.17
CA VAL B 733 16.46 -38.10 -33.18
C VAL B 733 16.80 -38.56 -34.59
N SER B 734 16.07 -38.05 -35.59
CA SER B 734 16.37 -38.37 -36.97
C SER B 734 17.77 -37.93 -37.37
N LEU B 735 18.20 -36.74 -36.92
CA LEU B 735 19.58 -36.33 -37.13
C LEU B 735 20.54 -37.27 -36.40
N LYS B 736 20.20 -37.65 -35.17
CA LYS B 736 21.08 -38.54 -34.41
C LYS B 736 21.22 -39.90 -35.09
N THR B 737 20.12 -40.45 -35.61
CA THR B 737 20.20 -41.72 -36.32
C THR B 737 20.95 -41.57 -37.63
N GLY B 738 20.80 -40.45 -38.31
CA GLY B 738 21.48 -40.23 -39.57
C GLY B 738 20.54 -40.12 -40.75
N LYS B 739 19.29 -39.73 -40.48
CA LYS B 739 18.34 -39.51 -41.57
C LYS B 739 18.54 -38.13 -42.20
N LEU B 740 19.05 -37.18 -41.42
CA LEU B 740 19.29 -35.83 -41.90
C LEU B 740 20.72 -35.45 -41.57
N ASP B 741 21.15 -34.29 -42.08
CA ASP B 741 22.51 -33.83 -41.83
C ASP B 741 22.65 -32.36 -41.47
N ALA B 742 21.64 -31.52 -41.70
CA ALA B 742 21.77 -30.07 -41.45
C ALA B 742 20.42 -29.51 -41.08
N PHE B 743 20.19 -29.35 -39.79
CA PHE B 743 18.91 -28.87 -39.27
C PHE B 743 18.95 -27.35 -39.16
N ILE B 744 17.94 -26.70 -39.74
CA ILE B 744 17.84 -25.24 -39.72
C ILE B 744 16.62 -24.83 -38.90
N TYR B 745 16.82 -23.93 -37.94
CA TYR B 745 15.73 -23.45 -37.10
C TYR B 745 16.28 -22.23 -36.35
N ASP B 746 15.42 -21.60 -35.55
CA ASP B 746 15.83 -20.41 -34.82
C ASP B 746 16.78 -20.77 -33.67
N ALA B 747 17.72 -19.87 -33.39
CA ALA B 747 18.81 -20.18 -32.47
C ALA B 747 18.39 -20.15 -31.01
N ALA B 748 17.36 -19.39 -30.66
CA ALA B 748 16.99 -19.24 -29.25
C ALA B 748 16.61 -20.57 -28.61
N VAL B 749 16.23 -21.57 -29.40
CA VAL B 749 15.87 -22.87 -28.85
C VAL B 749 16.94 -23.93 -29.10
N LEU B 750 17.70 -23.82 -30.20
CA LEU B 750 18.73 -24.80 -30.48
C LEU B 750 19.84 -24.76 -29.44
N ASN B 751 20.19 -23.57 -28.95
CA ASN B 751 21.16 -23.47 -27.88
C ASN B 751 20.67 -24.15 -26.61
N TYR B 752 19.37 -24.06 -26.31
CA TYR B 752 18.81 -24.77 -25.16
C TYR B 752 18.92 -26.28 -25.34
N LYS B 753 18.45 -26.79 -26.48
CA LYS B 753 18.43 -28.23 -26.69
C LYS B 753 19.82 -28.83 -26.68
N ALA B 754 20.79 -28.15 -27.28
CA ALA B 754 22.17 -28.61 -27.21
C ALA B 754 22.71 -28.57 -25.79
N GLY B 755 22.22 -27.63 -24.98
CA GLY B 755 22.67 -27.53 -23.59
C GLY B 755 22.19 -28.69 -22.73
N ARG B 756 20.89 -28.78 -22.52
CA ARG B 756 20.31 -29.89 -21.76
C ARG B 756 20.21 -31.11 -22.67
N ASP B 757 21.37 -31.70 -22.92
CA ASP B 757 21.45 -32.87 -23.80
C ASP B 757 22.35 -33.94 -23.19
N GLU B 758 22.56 -35.03 -23.92
CA GLU B 758 23.33 -36.16 -23.40
C GLU B 758 24.63 -36.25 -24.18
N GLY B 759 25.75 -36.04 -23.50
CA GLY B 759 27.06 -36.20 -24.08
C GLY B 759 27.58 -35.01 -24.85
N CYS B 760 26.79 -33.95 -25.02
CA CYS B 760 27.20 -32.78 -25.78
C CYS B 760 27.65 -33.14 -27.19
N LYS B 761 26.96 -34.11 -27.80
CA LYS B 761 27.31 -34.55 -29.14
C LYS B 761 26.85 -33.59 -30.21
N LEU B 762 25.83 -32.77 -29.93
CA LEU B 762 25.28 -31.84 -30.89
C LEU B 762 25.70 -30.42 -30.54
N VAL B 763 26.17 -29.68 -31.54
CA VAL B 763 26.62 -28.30 -31.35
C VAL B 763 26.12 -27.45 -32.51
N THR B 764 26.23 -26.15 -32.34
CA THR B 764 25.95 -25.19 -33.41
C THR B 764 27.24 -24.80 -34.08
N ILE B 765 27.16 -24.46 -35.37
CA ILE B 765 28.36 -24.17 -36.15
C ILE B 765 29.03 -22.90 -35.63
N GLY B 766 30.37 -22.91 -35.65
CA GLY B 766 31.13 -21.75 -35.23
C GLY B 766 31.00 -21.48 -33.74
N SER B 767 31.44 -20.29 -33.35
CA SER B 767 31.31 -19.81 -31.98
C SER B 767 29.98 -19.12 -31.74
N GLY B 768 28.88 -19.84 -31.83
CA GLY B 768 27.57 -19.23 -31.74
C GLY B 768 27.28 -18.30 -32.90
N TYR B 769 27.68 -18.71 -34.10
CA TYR B 769 27.42 -17.91 -35.30
C TYR B 769 25.92 -17.72 -35.49
N ILE B 770 25.56 -16.50 -35.88
CA ILE B 770 24.15 -16.12 -36.02
C ILE B 770 23.95 -15.42 -37.35
N PHE B 771 22.81 -15.67 -37.98
CA PHE B 771 22.41 -15.00 -39.20
C PHE B 771 21.06 -14.32 -39.02
N ALA B 772 20.95 -13.10 -39.53
CA ALA B 772 19.71 -12.33 -39.49
C ALA B 772 19.22 -12.14 -38.05
N THR B 773 20.03 -11.41 -37.29
CA THR B 773 19.73 -11.19 -35.89
C THR B 773 18.36 -10.54 -35.71
N THR B 774 17.64 -10.98 -34.69
CA THR B 774 16.23 -10.65 -34.52
C THR B 774 15.91 -10.76 -33.03
N GLY B 775 14.85 -10.08 -32.62
CA GLY B 775 14.46 -10.07 -31.22
C GLY B 775 13.06 -10.62 -31.03
N TYR B 776 12.77 -11.03 -29.80
CA TYR B 776 11.46 -11.55 -29.42
C TYR B 776 10.75 -10.56 -28.51
N GLY B 777 9.46 -10.37 -28.76
CA GLY B 777 8.71 -9.39 -28.00
C GLY B 777 7.24 -9.75 -27.94
N ILE B 778 6.46 -8.81 -27.41
CA ILE B 778 5.03 -8.99 -27.20
C ILE B 778 4.29 -8.09 -28.17
N ALA B 779 3.31 -8.64 -28.88
CA ALA B 779 2.54 -7.91 -29.88
C ALA B 779 1.21 -7.49 -29.29
N LEU B 780 0.77 -6.27 -29.59
CA LEU B 780 -0.51 -5.75 -29.12
C LEU B 780 -1.32 -5.22 -30.30
N GLN B 781 -2.62 -5.02 -30.06
CA GLN B 781 -3.51 -4.52 -31.10
C GLN B 781 -3.12 -3.12 -31.52
N LYS B 782 -3.39 -2.78 -32.78
CA LYS B 782 -2.99 -1.49 -33.33
C LYS B 782 -3.82 -0.36 -32.74
N GLY B 783 -3.15 0.71 -32.34
CA GLY B 783 -3.83 1.90 -31.86
C GLY B 783 -4.34 1.83 -30.45
N SER B 784 -4.02 0.76 -29.72
CA SER B 784 -4.46 0.66 -28.34
C SER B 784 -3.63 1.60 -27.45
N PRO B 785 -4.24 2.17 -26.41
CA PRO B 785 -3.47 3.02 -25.48
C PRO B 785 -2.50 2.24 -24.62
N TRP B 786 -2.51 0.92 -24.69
CA TRP B 786 -1.60 0.12 -23.86
C TRP B 786 -0.16 0.29 -24.31
N LYS B 787 0.04 0.89 -25.48
CA LYS B 787 1.36 0.86 -26.13
C LYS B 787 2.42 1.53 -25.27
N ARG B 788 2.16 2.75 -24.80
CA ARG B 788 3.18 3.47 -24.05
C ARG B 788 3.50 2.79 -22.73
N GLN B 789 2.47 2.34 -22.01
CA GLN B 789 2.70 1.76 -20.69
C GLN B 789 3.40 0.42 -20.77
N ILE B 790 2.97 -0.45 -21.69
CA ILE B 790 3.56 -1.78 -21.78
C ILE B 790 5.02 -1.67 -22.21
N ASP B 791 5.34 -0.68 -23.05
CA ASP B 791 6.72 -0.49 -23.47
C ASP B 791 7.59 -0.03 -22.30
N LEU B 792 7.14 1.00 -21.59
CA LEU B 792 7.94 1.59 -20.53
C LEU B 792 8.18 0.59 -19.41
N ALA B 793 7.14 -0.14 -19.01
CA ALA B 793 7.28 -1.10 -17.92
C ALA B 793 8.23 -2.22 -18.28
N LEU B 794 8.14 -2.73 -19.51
CA LEU B 794 9.01 -3.83 -19.93
C LEU B 794 10.46 -3.40 -19.93
N LEU B 795 10.74 -2.15 -20.34
CA LEU B 795 12.11 -1.67 -20.35
C LEU B 795 12.65 -1.52 -18.93
N GLN B 796 11.77 -1.23 -17.97
CA GLN B 796 12.22 -0.95 -16.61
C GLN B 796 12.81 -2.19 -15.95
N PHE B 797 12.19 -3.36 -16.16
CA PHE B 797 12.70 -4.58 -15.55
C PHE B 797 14.09 -4.93 -16.08
N VAL B 798 14.37 -4.58 -17.33
CA VAL B 798 15.66 -4.86 -17.94
C VAL B 798 16.74 -4.12 -17.16
N GLY B 799 16.47 -2.87 -16.79
CA GLY B 799 17.45 -2.09 -16.05
C GLY B 799 17.69 -2.64 -14.65
N ASP B 800 16.65 -3.17 -14.01
CA ASP B 800 16.72 -3.62 -12.64
C ASP B 800 17.46 -4.96 -12.48
N GLY B 801 18.01 -5.49 -13.56
CA GLY B 801 18.73 -6.74 -13.49
C GLY B 801 17.85 -7.94 -13.16
N GLU B 802 16.69 -8.02 -13.80
CA GLU B 802 15.77 -9.13 -13.61
C GLU B 802 15.85 -10.15 -14.73
N MET B 803 16.14 -9.72 -15.96
CA MET B 803 16.19 -10.65 -17.08
C MET B 803 17.29 -11.67 -16.90
N GLU B 804 18.42 -11.25 -16.35
CA GLU B 804 19.52 -12.19 -16.12
C GLU B 804 19.11 -13.30 -15.16
N GLU B 805 18.45 -12.93 -14.06
CA GLU B 805 18.03 -13.92 -13.08
C GLU B 805 17.02 -14.90 -13.66
N LEU B 806 16.01 -14.39 -14.36
CA LEU B 806 15.00 -15.27 -14.95
C LEU B 806 15.60 -16.11 -16.07
N GLU B 807 16.56 -15.57 -16.80
CA GLU B 807 17.22 -16.35 -17.85
C GLU B 807 17.94 -17.55 -17.25
N THR B 808 18.64 -17.35 -16.13
CA THR B 808 19.48 -18.42 -15.58
C THR B 808 18.64 -19.65 -15.21
N LEU B 809 17.48 -19.42 -14.60
CA LEU B 809 16.67 -20.54 -14.12
C LEU B 809 16.18 -21.41 -15.27
N TRP B 810 15.68 -20.79 -16.34
CA TRP B 810 15.13 -21.53 -17.47
C TRP B 810 16.07 -21.61 -18.67
N LEU B 811 17.29 -21.07 -18.57
CA LEU B 811 18.32 -21.28 -19.59
C LEU B 811 19.57 -21.79 -18.88
N THR B 812 19.64 -23.11 -18.69
CA THR B 812 20.77 -23.72 -18.03
C THR B 812 21.79 -24.20 -19.07
N GLY B 813 23.05 -24.29 -18.64
CA GLY B 813 24.08 -24.80 -19.51
C GLY B 813 24.79 -26.01 -18.94
N ILE B 814 24.54 -27.17 -19.53
CA ILE B 814 25.25 -28.38 -19.11
C ILE B 814 26.56 -28.51 -19.86
N CYS B 815 26.55 -28.16 -21.16
CA CYS B 815 27.75 -28.20 -21.98
C CYS B 815 28.60 -26.94 -21.83
N HIS B 816 28.13 -25.95 -21.07
CA HIS B 816 28.87 -24.71 -20.89
C HIS B 816 30.04 -24.91 -19.93
N LYS C 25 -33.14 53.92 7.00
CA LYS C 25 -33.60 53.29 5.77
C LYS C 25 -33.17 54.09 4.55
N ILE C 26 -32.10 54.87 4.71
CA ILE C 26 -31.52 55.65 3.63
C ILE C 26 -30.17 55.04 3.30
N VAL C 27 -30.04 54.51 2.08
CA VAL C 27 -28.81 53.87 1.63
C VAL C 27 -28.16 54.75 0.58
N ASN C 28 -26.89 55.07 0.79
CA ASN C 28 -26.16 55.97 -0.09
C ASN C 28 -25.08 55.21 -0.85
N ILE C 29 -24.98 55.48 -2.14
CA ILE C 29 -23.95 54.90 -3.00
C ILE C 29 -23.21 56.04 -3.68
N GLY C 30 -21.95 55.76 -4.04
CA GLY C 30 -21.10 56.73 -4.68
C GLY C 30 -20.57 56.21 -6.00
N ALA C 31 -19.95 57.12 -6.75
CA ALA C 31 -19.40 56.76 -8.05
C ALA C 31 -18.40 57.82 -8.46
N VAL C 32 -17.37 57.39 -9.20
CA VAL C 32 -16.35 58.29 -9.71
C VAL C 32 -16.36 58.17 -11.23
N LEU C 33 -16.65 59.29 -11.90
CA LEU C 33 -16.80 59.31 -13.35
C LEU C 33 -16.12 60.56 -13.89
N SER C 34 -16.28 60.79 -15.20
CA SER C 34 -15.71 61.94 -15.87
C SER C 34 -16.71 62.73 -16.69
N THR C 35 -17.75 62.08 -17.23
CA THR C 35 -18.76 62.75 -18.06
C THR C 35 -19.74 63.47 -17.14
N ARG C 36 -19.81 64.80 -17.28
CA ARG C 36 -20.73 65.58 -16.46
C ARG C 36 -22.19 65.18 -16.66
N LYS C 37 -22.56 64.73 -17.86
CA LYS C 37 -23.92 64.28 -18.09
C LYS C 37 -24.18 62.90 -17.50
N HIS C 38 -23.14 62.08 -17.36
CA HIS C 38 -23.33 60.73 -16.84
C HIS C 38 -23.85 60.73 -15.41
N GLU C 39 -23.57 61.80 -14.65
CA GLU C 39 -24.17 61.93 -13.34
C GLU C 39 -25.68 62.00 -13.43
N GLN C 40 -26.19 62.73 -14.43
CA GLN C 40 -27.62 62.73 -14.70
C GLN C 40 -28.12 61.34 -15.08
N MET C 41 -27.29 60.57 -15.79
CA MET C 41 -27.67 59.20 -16.13
C MET C 41 -27.83 58.36 -14.87
N PHE C 42 -26.88 58.48 -13.93
CA PHE C 42 -27.00 57.75 -12.66
C PHE C 42 -28.23 58.20 -11.88
N ARG C 43 -28.50 59.50 -11.88
CA ARG C 43 -29.68 60.01 -11.18
C ARG C 43 -30.96 59.45 -11.79
N GLU C 44 -31.05 59.43 -13.13
CA GLU C 44 -32.22 58.86 -13.77
C GLU C 44 -32.34 57.37 -13.47
N ALA C 45 -31.21 56.66 -13.46
CA ALA C 45 -31.23 55.24 -13.17
C ALA C 45 -31.73 54.96 -11.76
N VAL C 46 -31.27 55.73 -10.78
CA VAL C 46 -31.72 55.50 -9.41
C VAL C 46 -33.18 55.91 -9.24
N ASN C 47 -33.61 56.95 -9.96
CA ASN C 47 -35.03 57.31 -9.94
C ASN C 47 -35.88 56.17 -10.50
N GLN C 48 -35.43 55.56 -11.59
CA GLN C 48 -36.13 54.41 -12.14
C GLN C 48 -36.11 53.22 -11.18
N ALA C 49 -34.99 53.02 -10.47
CA ALA C 49 -34.91 51.95 -9.49
C ALA C 49 -35.92 52.16 -8.37
N ASN C 50 -36.05 53.40 -7.89
CA ASN C 50 -37.05 53.71 -6.88
C ASN C 50 -38.47 53.51 -7.42
N LYS C 51 -38.71 53.93 -8.66
CA LYS C 51 -40.05 53.81 -9.24
C LYS C 51 -40.43 52.36 -9.54
N ARG C 52 -39.45 51.48 -9.73
CA ARG C 52 -39.72 50.10 -10.09
C ARG C 52 -39.78 49.20 -8.86
N HIS C 53 -38.71 49.14 -8.10
CA HIS C 53 -38.62 48.26 -6.94
C HIS C 53 -38.82 49.04 -5.64
N GLY C 54 -39.24 48.32 -4.62
CA GLY C 54 -39.41 48.88 -3.29
C GLY C 54 -40.85 49.31 -3.05
N SER C 55 -41.30 49.13 -1.81
CA SER C 55 -42.64 49.56 -1.43
C SER C 55 -42.68 50.00 0.03
N TRP C 56 -42.49 51.30 0.26
CA TRP C 56 -42.58 51.92 1.58
C TRP C 56 -41.69 51.19 2.60
N LYS C 57 -40.53 50.73 2.11
CA LYS C 57 -39.59 50.04 2.99
C LYS C 57 -38.27 50.80 3.12
N ILE C 58 -37.59 51.04 2.00
CA ILE C 58 -36.28 51.67 2.01
C ILE C 58 -36.16 52.56 0.78
N GLN C 59 -35.53 53.72 0.95
CA GLN C 59 -35.23 54.63 -0.14
C GLN C 59 -33.71 54.72 -0.30
N LEU C 60 -33.27 54.96 -1.54
CA LEU C 60 -31.86 54.92 -1.89
C LEU C 60 -31.43 56.28 -2.43
N ASN C 61 -30.35 56.82 -1.86
CA ASN C 61 -29.77 58.07 -2.30
C ASN C 61 -28.60 57.81 -3.24
N ALA C 62 -28.10 58.87 -3.86
CA ALA C 62 -26.97 58.76 -4.77
C ALA C 62 -26.19 60.06 -4.79
N THR C 63 -24.90 59.94 -5.13
CA THR C 63 -24.01 61.08 -5.29
C THR C 63 -22.74 60.60 -5.99
N SER C 64 -22.10 61.50 -6.73
CA SER C 64 -20.91 61.15 -7.47
C SER C 64 -20.03 62.39 -7.64
N VAL C 65 -18.73 62.14 -7.86
CA VAL C 65 -17.74 63.20 -8.04
C VAL C 65 -16.94 62.90 -9.30
N THR C 66 -16.39 63.96 -9.89
CA THR C 66 -15.62 63.84 -11.12
C THR C 66 -14.15 63.59 -10.80
N HIS C 67 -13.49 62.84 -11.68
CA HIS C 67 -12.09 62.48 -11.51
C HIS C 67 -11.21 63.71 -11.65
N LYS C 68 -10.07 63.68 -10.95
CA LYS C 68 -9.10 64.77 -10.97
C LYS C 68 -7.74 64.18 -11.31
N PRO C 69 -6.85 64.98 -11.92
CA PRO C 69 -5.61 64.38 -12.47
C PRO C 69 -4.63 63.92 -11.41
N ASN C 70 -4.38 64.71 -10.37
CA ASN C 70 -3.39 64.36 -9.35
C ASN C 70 -3.89 63.15 -8.58
N ALA C 71 -3.23 62.01 -8.78
CA ALA C 71 -3.75 60.75 -8.26
C ALA C 71 -3.86 60.76 -6.74
N ILE C 72 -2.81 61.21 -6.06
CA ILE C 72 -2.86 61.29 -4.61
C ILE C 72 -3.93 62.27 -4.15
N GLN C 73 -4.01 63.42 -4.82
CA GLN C 73 -5.05 64.38 -4.47
C GLN C 73 -6.42 63.81 -4.74
N MET C 74 -6.56 63.02 -5.80
CA MET C 74 -7.84 62.37 -6.08
C MET C 74 -8.19 61.40 -4.96
N ALA C 75 -7.21 60.64 -4.49
CA ALA C 75 -7.46 59.71 -3.39
C ALA C 75 -7.88 60.46 -2.13
N LEU C 76 -7.20 61.56 -1.83
CA LEU C 76 -7.55 62.35 -0.65
C LEU C 76 -8.96 62.93 -0.77
N SER C 77 -9.28 63.47 -1.94
CA SER C 77 -10.62 64.02 -2.16
C SER C 77 -11.68 62.93 -2.06
N VAL C 78 -11.42 61.74 -2.60
CA VAL C 78 -12.40 60.66 -2.55
C VAL C 78 -12.60 60.21 -1.11
N CYS C 79 -11.53 60.05 -0.34
CA CYS C 79 -11.70 59.62 1.03
C CYS C 79 -12.39 60.68 1.87
N GLU C 80 -12.17 61.97 1.58
CA GLU C 80 -12.90 63.01 2.29
C GLU C 80 -14.37 63.00 1.92
N ASP C 81 -14.69 62.76 0.64
CA ASP C 81 -16.09 62.66 0.23
C ASP C 81 -16.76 61.46 0.91
N LEU C 82 -16.07 60.33 0.99
CA LEU C 82 -16.57 59.21 1.77
C LEU C 82 -16.76 59.59 3.22
N ILE C 83 -15.87 60.43 3.76
CA ILE C 83 -16.06 60.98 5.09
C ILE C 83 -17.31 61.85 5.20
N SER C 84 -17.74 62.43 4.09
CA SER C 84 -18.91 63.31 4.11
C SER C 84 -20.23 62.58 3.91
N SER C 85 -20.22 61.26 3.74
CA SER C 85 -21.45 60.52 3.47
C SER C 85 -21.32 59.09 3.96
N GLN C 86 -22.47 58.42 4.06
CA GLN C 86 -22.50 57.00 4.45
C GLN C 86 -22.66 56.13 3.20
N VAL C 87 -21.56 56.00 2.47
CA VAL C 87 -21.54 55.26 1.21
C VAL C 87 -21.55 53.76 1.48
N TYR C 88 -21.98 52.97 0.50
CA TYR C 88 -21.97 51.52 0.62
C TYR C 88 -21.16 50.86 -0.49
N ALA C 89 -21.07 51.52 -1.64
CA ALA C 89 -20.38 50.91 -2.79
C ALA C 89 -19.90 52.02 -3.70
N ILE C 90 -18.92 51.68 -4.55
CA ILE C 90 -18.29 52.62 -5.45
C ILE C 90 -18.31 52.04 -6.85
N LEU C 91 -18.53 52.89 -7.85
CA LEU C 91 -18.58 52.50 -9.25
C LEU C 91 -17.74 53.47 -10.06
N VAL C 92 -16.85 52.94 -10.89
CA VAL C 92 -15.90 53.74 -11.65
C VAL C 92 -15.87 53.25 -13.09
N SER C 93 -15.49 54.14 -14.01
CA SER C 93 -15.38 53.83 -15.42
C SER C 93 -14.05 54.35 -15.97
N HIS C 94 -13.89 54.23 -17.28
CA HIS C 94 -12.65 54.64 -17.92
C HIS C 94 -12.72 56.08 -18.38
N PRO C 95 -11.91 56.98 -17.82
CA PRO C 95 -11.80 58.33 -18.37
C PRO C 95 -11.04 58.30 -19.68
N PRO C 96 -11.23 59.31 -20.54
CA PRO C 96 -10.61 59.24 -21.87
C PRO C 96 -9.09 59.39 -21.85
N THR C 97 -8.50 59.77 -20.72
CA THR C 97 -7.08 60.03 -20.67
C THR C 97 -6.29 58.74 -20.94
N PRO C 98 -5.25 58.79 -21.76
CA PRO C 98 -4.46 57.60 -22.07
C PRO C 98 -3.75 56.95 -20.88
N ASN C 99 -3.54 57.68 -19.78
CA ASN C 99 -2.93 57.08 -18.61
C ASN C 99 -3.94 56.17 -17.92
N ASP C 100 -4.14 54.97 -18.49
CA ASP C 100 -5.25 54.12 -18.08
C ASP C 100 -5.09 53.62 -16.65
N HIS C 101 -3.90 53.16 -16.28
CA HIS C 101 -3.73 52.53 -14.97
C HIS C 101 -3.89 53.52 -13.83
N PHE C 102 -3.71 54.82 -14.10
CA PHE C 102 -3.71 55.79 -13.03
C PHE C 102 -5.06 55.89 -12.34
N THR C 103 -6.14 55.91 -13.11
CA THR C 103 -7.46 56.18 -12.54
C THR C 103 -7.94 55.11 -11.56
N PRO C 104 -7.92 53.82 -11.88
CA PRO C 104 -8.59 52.85 -10.99
C PRO C 104 -7.85 52.59 -9.69
N THR C 105 -6.52 52.65 -9.71
CA THR C 105 -5.75 52.12 -8.59
C THR C 105 -5.97 52.85 -7.26
N PRO C 106 -6.03 54.19 -7.18
CA PRO C 106 -6.06 54.81 -5.84
C PRO C 106 -7.35 54.55 -5.10
N VAL C 107 -8.49 54.71 -5.77
CA VAL C 107 -9.77 54.43 -5.13
C VAL C 107 -9.87 52.96 -4.76
N SER C 108 -9.32 52.07 -5.59
CA SER C 108 -9.34 50.65 -5.28
C SER C 108 -8.58 50.36 -4.00
N TYR C 109 -7.36 50.91 -3.87
CA TYR C 109 -6.59 50.66 -2.67
C TYR C 109 -7.25 51.28 -1.44
N THR C 110 -7.73 52.52 -1.55
CA THR C 110 -8.34 53.15 -0.38
C THR C 110 -9.66 52.49 -0.02
N ALA C 111 -10.24 51.75 -0.96
CA ALA C 111 -11.43 50.96 -0.64
C ALA C 111 -11.04 49.64 0.02
N GLY C 112 -9.93 49.06 -0.41
CA GLY C 112 -9.51 47.78 0.15
C GLY C 112 -9.28 47.85 1.65
N PHE C 113 -8.75 48.98 2.12
CA PHE C 113 -8.51 49.15 3.55
C PHE C 113 -9.79 49.18 4.36
N TYR C 114 -10.94 49.34 3.72
CA TYR C 114 -12.24 49.28 4.38
C TYR C 114 -13.08 48.09 3.96
N ARG C 115 -12.70 47.38 2.90
CA ARG C 115 -13.43 46.26 2.31
C ARG C 115 -14.77 46.69 1.72
N ILE C 116 -14.99 47.99 1.51
CA ILE C 116 -16.20 48.45 0.84
C ILE C 116 -16.11 48.04 -0.63
N PRO C 117 -17.06 47.27 -1.13
CA PRO C 117 -16.94 46.73 -2.49
C PRO C 117 -16.95 47.82 -3.54
N VAL C 118 -16.21 47.57 -4.62
CA VAL C 118 -16.14 48.47 -5.76
C VAL C 118 -16.32 47.66 -7.03
N LEU C 119 -17.08 48.21 -7.97
CA LEU C 119 -17.35 47.55 -9.25
C LEU C 119 -16.87 48.45 -10.38
N GLY C 120 -15.98 47.93 -11.22
CA GLY C 120 -15.55 48.62 -12.42
C GLY C 120 -16.36 48.17 -13.62
N LEU C 121 -16.38 49.01 -14.64
CA LEU C 121 -17.15 48.73 -15.84
C LEU C 121 -16.32 48.71 -17.12
N THR C 122 -15.34 49.60 -17.23
CA THR C 122 -14.60 49.82 -18.46
C THR C 122 -13.09 49.79 -18.25
N THR C 123 -12.64 48.94 -17.33
CA THR C 123 -11.21 48.71 -17.11
C THR C 123 -10.94 47.22 -17.24
N ARG C 124 -10.06 46.85 -18.16
CA ARG C 124 -9.87 45.45 -18.53
C ARG C 124 -8.46 44.97 -18.27
N MET C 125 -7.72 45.62 -17.37
CA MET C 125 -6.39 45.16 -17.03
C MET C 125 -6.47 43.84 -16.25
N SER C 126 -5.39 43.07 -16.32
CA SER C 126 -5.36 41.74 -15.72
C SER C 126 -4.84 41.71 -14.30
N ILE C 127 -4.07 42.72 -13.87
CA ILE C 127 -3.50 42.71 -12.54
C ILE C 127 -4.58 42.77 -11.47
N TYR C 128 -5.77 43.25 -11.81
CA TYR C 128 -6.86 43.35 -10.84
C TYR C 128 -7.58 42.03 -10.62
N SER C 129 -7.24 40.98 -11.37
CA SER C 129 -7.87 39.68 -11.21
C SER C 129 -7.27 38.87 -10.08
N ASP C 130 -6.14 39.29 -9.53
CA ASP C 130 -5.50 38.58 -8.42
C ASP C 130 -6.15 39.05 -7.13
N LYS C 131 -6.91 38.17 -6.50
CA LYS C 131 -7.63 38.53 -5.28
C LYS C 131 -6.71 38.84 -4.11
N SER C 132 -5.42 38.51 -4.20
CA SER C 132 -4.50 38.74 -3.10
C SER C 132 -4.21 40.22 -2.87
N ILE C 133 -4.10 41.02 -3.93
CA ILE C 133 -3.68 42.40 -3.77
C ILE C 133 -4.89 43.34 -3.66
N HIS C 134 -5.90 43.13 -4.48
CA HIS C 134 -7.15 43.88 -4.37
C HIS C 134 -8.15 42.98 -3.64
N LEU C 135 -8.45 43.33 -2.39
CA LEU C 135 -9.24 42.44 -1.54
C LEU C 135 -10.63 42.21 -2.10
N SER C 136 -11.36 43.28 -2.41
CA SER C 136 -12.72 43.16 -2.94
C SER C 136 -12.80 43.96 -4.23
N PHE C 137 -13.02 43.26 -5.34
CA PHE C 137 -13.15 43.92 -6.63
C PHE C 137 -13.88 43.01 -7.58
N LEU C 138 -14.76 43.58 -8.39
CA LEU C 138 -15.52 42.81 -9.38
C LEU C 138 -15.53 43.57 -10.69
N ARG C 139 -15.20 42.87 -11.77
CA ARG C 139 -15.19 43.45 -13.11
C ARG C 139 -16.39 42.93 -13.87
N THR C 140 -17.13 43.83 -14.50
CA THR C 140 -18.35 43.49 -15.22
C THR C 140 -18.11 43.11 -16.68
N VAL C 141 -16.87 43.24 -17.15
CA VAL C 141 -16.50 42.85 -18.50
C VAL C 141 -15.40 41.81 -18.39
N PRO C 142 -15.43 40.74 -19.19
CA PRO C 142 -14.36 39.75 -19.11
C PRO C 142 -13.01 40.38 -19.44
N PRO C 143 -11.96 39.97 -18.76
CA PRO C 143 -10.64 40.54 -19.01
C PRO C 143 -10.07 40.06 -20.35
N TYR C 144 -8.88 40.57 -20.67
CA TYR C 144 -8.22 40.20 -21.92
C TYR C 144 -7.83 38.73 -21.92
N SER C 145 -7.86 38.07 -20.76
CA SER C 145 -7.31 36.74 -20.64
C SER C 145 -8.12 35.69 -21.42
N HIS C 146 -9.45 35.76 -21.36
CA HIS C 146 -10.28 34.73 -21.95
C HIS C 146 -10.26 34.75 -23.48
N GLN C 147 -9.56 35.72 -24.07
CA GLN C 147 -9.26 35.64 -25.49
C GLN C 147 -8.55 34.34 -25.81
N SER C 148 -7.76 33.83 -24.86
CA SER C 148 -7.12 32.53 -25.06
C SER C 148 -8.15 31.41 -25.21
N SER C 149 -9.18 31.41 -24.35
CA SER C 149 -10.20 30.36 -24.44
C SER C 149 -10.96 30.45 -25.75
N VAL C 150 -11.34 31.66 -26.15
CA VAL C 150 -12.08 31.78 -27.41
C VAL C 150 -11.16 31.42 -28.59
N TRP C 151 -9.85 31.68 -28.44
CA TRP C 151 -8.90 31.25 -29.46
C TRP C 151 -8.85 29.73 -29.56
N PHE C 152 -8.88 29.05 -28.41
CA PHE C 152 -8.92 27.59 -28.44
C PHE C 152 -10.19 27.10 -29.13
N GLU C 153 -11.32 27.75 -28.86
CA GLU C 153 -12.56 27.38 -29.53
C GLU C 153 -12.43 27.56 -31.05
N MET C 154 -11.87 28.70 -31.48
CA MET C 154 -11.70 28.95 -32.90
C MET C 154 -10.77 27.94 -33.53
N MET C 155 -9.75 27.50 -32.78
CA MET C 155 -8.88 26.44 -33.27
C MET C 155 -9.64 25.13 -33.41
N ARG C 156 -10.54 24.85 -32.47
CA ARG C 156 -11.33 23.62 -32.53
C ARG C 156 -12.24 23.61 -33.75
N VAL C 157 -12.88 24.75 -34.07
CA VAL C 157 -13.87 24.75 -35.13
C VAL C 157 -13.22 24.55 -36.49
N TYR C 158 -11.98 25.03 -36.65
CA TYR C 158 -11.32 25.04 -37.96
C TYR C 158 -10.24 23.96 -38.09
N SER C 159 -10.26 22.97 -37.20
CA SER C 159 -9.41 21.79 -37.31
C SER C 159 -7.93 22.12 -37.42
N TRP C 160 -7.46 23.07 -36.61
CA TRP C 160 -6.05 23.41 -36.57
C TRP C 160 -5.44 22.84 -35.30
N ASN C 161 -4.27 22.22 -35.43
CA ASN C 161 -3.70 21.39 -34.37
C ASN C 161 -2.40 21.97 -33.83
N HIS C 162 -1.46 22.34 -34.69
CA HIS C 162 -0.19 22.89 -34.22
C HIS C 162 -0.21 24.40 -34.27
N ILE C 163 0.09 25.03 -33.14
CA ILE C 163 0.04 26.49 -33.01
C ILE C 163 1.37 26.97 -32.45
N ILE C 164 1.94 28.01 -33.05
CA ILE C 164 3.11 28.69 -32.53
C ILE C 164 2.60 29.82 -31.65
N LEU C 165 3.27 30.05 -30.52
CA LEU C 165 2.82 31.05 -29.54
C LEU C 165 3.83 32.18 -29.47
N LEU C 166 3.40 33.37 -29.87
CA LEU C 166 4.23 34.58 -29.83
C LEU C 166 3.56 35.58 -28.89
N VAL C 167 4.10 35.68 -27.67
CA VAL C 167 3.54 36.52 -26.63
C VAL C 167 4.66 37.38 -26.05
N SER C 168 4.30 38.53 -25.52
CA SER C 168 5.27 39.40 -24.84
C SER C 168 5.54 38.89 -23.43
N ASP C 169 6.49 39.53 -22.75
CA ASP C 169 6.92 39.09 -21.43
C ASP C 169 6.20 39.80 -20.29
N ASP C 170 5.21 40.64 -20.58
CA ASP C 170 4.49 41.38 -19.55
C ASP C 170 3.62 40.46 -18.71
N HIS C 171 3.08 40.98 -17.60
CA HIS C 171 2.28 40.16 -16.70
C HIS C 171 1.01 39.68 -17.38
N GLU C 172 0.36 40.56 -18.15
CA GLU C 172 -0.82 40.14 -18.91
C GLU C 172 -0.47 39.03 -19.88
N GLY C 173 0.70 39.12 -20.52
CA GLY C 173 1.11 38.09 -21.46
C GLY C 173 1.26 36.73 -20.81
N ARG C 174 1.95 36.68 -19.66
CA ARG C 174 2.12 35.40 -18.98
C ARG C 174 0.80 34.86 -18.47
N ALA C 175 -0.08 35.72 -17.96
CA ALA C 175 -1.39 35.21 -17.53
C ALA C 175 -2.17 34.61 -18.70
N ALA C 176 -2.20 35.33 -19.83
CA ALA C 176 -2.94 34.83 -20.99
C ALA C 176 -2.35 33.51 -21.47
N GLN C 177 -1.02 33.45 -21.57
CA GLN C 177 -0.41 32.20 -22.02
C GLN C 177 -0.75 31.08 -21.05
N LYS C 178 -0.67 31.33 -19.73
CA LYS C 178 -0.92 30.29 -18.74
C LYS C 178 -2.32 29.70 -18.91
N ARG C 179 -3.33 30.57 -19.03
CA ARG C 179 -4.66 30.07 -19.34
C ARG C 179 -4.65 29.23 -20.62
N LEU C 180 -3.86 29.68 -21.61
CA LEU C 180 -3.85 28.96 -22.88
C LEU C 180 -3.28 27.55 -22.73
N GLU C 181 -2.13 27.38 -22.05
CA GLU C 181 -1.61 26.00 -22.00
C GLU C 181 -2.46 25.16 -21.06
N THR C 182 -3.13 25.76 -20.08
CA THR C 182 -4.07 24.96 -19.30
C THR C 182 -5.16 24.39 -20.19
N LEU C 183 -5.83 25.25 -20.97
CA LEU C 183 -6.94 24.78 -21.78
C LEU C 183 -6.46 23.92 -22.94
N LEU C 184 -5.18 24.01 -23.30
CA LEU C 184 -4.65 23.18 -24.38
C LEU C 184 -4.18 21.83 -23.86
N GLU C 185 -3.48 21.80 -22.72
CA GLU C 185 -3.08 20.54 -22.11
C GLU C 185 -4.30 19.80 -21.60
N GLU C 186 -5.46 20.47 -21.55
CA GLU C 186 -6.71 19.72 -21.46
C GLU C 186 -6.82 18.70 -22.59
N ARG C 187 -6.23 18.98 -23.75
CA ARG C 187 -6.10 17.98 -24.81
C ARG C 187 -4.74 17.31 -24.78
N GLU C 188 -3.79 17.91 -24.05
CA GLU C 188 -2.46 17.33 -23.80
C GLU C 188 -1.63 17.20 -25.07
N SER C 189 -1.99 17.93 -26.13
CA SER C 189 -1.21 17.88 -27.36
C SER C 189 0.05 18.75 -27.26
N LYS C 190 0.05 19.69 -26.30
CA LYS C 190 1.16 20.62 -26.07
C LYS C 190 1.31 21.60 -27.22
N ALA C 191 1.97 22.73 -26.96
CA ALA C 191 2.15 23.78 -27.95
C ALA C 191 3.58 23.80 -28.44
N GLU C 192 3.81 24.41 -29.59
CA GLU C 192 5.15 24.53 -30.15
C GLU C 192 5.95 25.56 -29.35
N LYS C 193 7.15 25.89 -29.83
CA LYS C 193 8.02 26.81 -29.11
C LYS C 193 7.32 28.13 -28.84
N VAL C 194 7.38 28.57 -27.59
CA VAL C 194 6.82 29.85 -27.18
C VAL C 194 7.96 30.85 -27.06
N LEU C 195 7.78 32.02 -27.67
CA LEU C 195 8.85 33.01 -27.78
C LEU C 195 8.49 34.24 -26.97
N GLN C 196 9.41 34.68 -26.13
CA GLN C 196 9.20 35.82 -25.24
C GLN C 196 10.18 36.93 -25.63
N PHE C 197 9.66 38.13 -25.84
CA PHE C 197 10.47 39.29 -26.15
C PHE C 197 10.15 40.43 -25.19
N ASP C 198 11.16 41.24 -24.90
CA ASP C 198 11.00 42.32 -23.94
C ASP C 198 10.07 43.40 -24.47
N PRO C 199 9.23 43.95 -23.61
CA PRO C 199 8.32 45.02 -24.03
C PRO C 199 9.06 46.33 -24.28
N GLY C 200 8.47 47.14 -25.15
CA GLY C 200 9.05 48.45 -25.45
C GLY C 200 10.43 48.38 -26.06
N THR C 201 10.63 47.47 -27.02
CA THR C 201 11.90 47.34 -27.71
C THR C 201 11.66 47.17 -29.20
N LYS C 202 12.65 47.56 -29.99
CA LYS C 202 12.56 47.39 -31.44
C LYS C 202 13.66 46.46 -31.93
N ASN C 203 13.76 46.30 -33.25
CA ASN C 203 14.68 45.35 -33.87
C ASN C 203 14.45 43.94 -33.32
N VAL C 204 13.23 43.45 -33.53
CA VAL C 204 12.80 42.14 -33.03
C VAL C 204 13.03 41.10 -34.10
N THR C 205 13.90 41.42 -35.07
CA THR C 205 14.12 40.54 -36.21
C THR C 205 14.65 39.17 -35.77
N ALA C 206 15.40 39.13 -34.66
CA ALA C 206 16.01 37.89 -34.21
C ALA C 206 14.98 36.82 -33.87
N LEU C 207 13.91 37.22 -33.18
CA LEU C 207 12.88 36.26 -32.78
C LEU C 207 12.22 35.63 -34.00
N LEU C 208 11.87 36.46 -34.99
CA LEU C 208 11.27 35.93 -36.20
C LEU C 208 12.26 35.11 -37.03
N MET C 209 13.54 35.48 -37.03
CA MET C 209 14.55 34.66 -37.68
C MET C 209 14.63 33.28 -37.06
N GLU C 210 14.58 33.21 -35.72
CA GLU C 210 14.53 31.92 -35.05
C GLU C 210 13.26 31.15 -35.38
N ALA C 211 12.13 31.84 -35.46
CA ALA C 211 10.86 31.15 -35.74
C ALA C 211 10.81 30.64 -37.16
N LYS C 212 11.50 31.32 -38.09
CA LYS C 212 11.38 30.99 -39.51
C LYS C 212 11.83 29.57 -39.81
N GLU C 213 12.82 29.07 -39.07
CA GLU C 213 13.31 27.72 -39.31
C GLU C 213 12.24 26.68 -39.01
N LEU C 214 11.46 26.89 -37.95
CA LEU C 214 10.47 25.92 -37.53
C LEU C 214 9.32 25.86 -38.54
N GLU C 215 8.58 24.75 -38.50
CA GLU C 215 7.49 24.49 -39.44
C GLU C 215 6.17 24.75 -38.74
N ALA C 216 5.47 25.80 -39.16
CA ALA C 216 4.15 26.17 -38.66
C ALA C 216 3.56 27.17 -39.64
N ARG C 217 2.23 27.25 -39.65
CA ARG C 217 1.54 28.08 -40.63
C ARG C 217 0.46 28.92 -39.95
N VAL C 218 0.29 28.76 -38.63
CA VAL C 218 -0.65 29.59 -37.88
C VAL C 218 0.14 30.25 -36.76
N ILE C 219 -0.01 31.56 -36.62
CA ILE C 219 0.72 32.32 -35.60
C ILE C 219 -0.27 33.20 -34.86
N ILE C 220 -0.05 33.37 -33.56
CA ILE C 220 -0.97 34.07 -32.68
C ILE C 220 -0.17 35.11 -31.90
N LEU C 221 -0.79 36.26 -31.64
CA LEU C 221 -0.10 37.42 -31.09
C LEU C 221 -0.93 38.08 -30.01
N SER C 222 -0.26 38.66 -29.02
CA SER C 222 -0.90 39.43 -27.97
C SER C 222 0.13 40.32 -27.30
N ALA C 223 -0.07 41.64 -27.40
CA ALA C 223 0.92 42.60 -26.89
C ALA C 223 0.34 43.99 -26.78
N SER C 224 1.20 44.97 -26.51
CA SER C 224 0.79 46.36 -26.40
C SER C 224 0.36 46.91 -27.76
N GLU C 225 -0.44 47.97 -27.73
CA GLU C 225 -0.94 48.56 -28.96
C GLU C 225 0.20 49.11 -29.81
N ASP C 226 1.13 49.83 -29.18
CA ASP C 226 2.25 50.41 -29.93
C ASP C 226 3.18 49.33 -30.49
N ASP C 227 3.43 48.27 -29.72
CA ASP C 227 4.34 47.23 -30.16
C ASP C 227 3.76 46.44 -31.33
N ALA C 228 2.45 46.51 -31.52
CA ALA C 228 1.81 45.75 -32.60
C ALA C 228 2.32 46.17 -33.96
N ALA C 229 2.41 47.48 -34.19
CA ALA C 229 2.92 47.97 -35.47
C ALA C 229 4.37 47.56 -35.67
N THR C 230 5.17 47.61 -34.61
CA THR C 230 6.57 47.21 -34.70
C THR C 230 6.70 45.75 -35.12
N VAL C 231 5.99 44.86 -34.43
CA VAL C 231 6.09 43.44 -34.75
C VAL C 231 5.43 43.15 -36.09
N TYR C 232 4.51 44.03 -36.51
CA TYR C 232 3.84 43.83 -37.79
C TYR C 232 4.76 44.15 -38.96
N ARG C 233 5.50 45.26 -38.85
CA ARG C 233 6.32 45.72 -39.97
C ARG C 233 7.42 44.73 -40.31
N ALA C 234 8.02 44.11 -39.29
CA ALA C 234 9.07 43.13 -39.53
C ALA C 234 8.54 41.94 -40.30
N ALA C 235 7.28 41.57 -40.06
CA ALA C 235 6.68 40.46 -40.81
C ALA C 235 6.60 40.78 -42.29
N ALA C 236 6.19 42.00 -42.63
CA ALA C 236 6.17 42.41 -44.03
C ALA C 236 7.58 42.47 -44.61
N MET C 237 8.55 42.93 -43.82
CA MET C 237 9.92 43.00 -44.28
C MET C 237 10.47 41.61 -44.60
N LEU C 238 10.18 40.63 -43.74
CA LEU C 238 10.67 39.27 -43.92
C LEU C 238 9.71 38.39 -44.70
N ASN C 239 8.73 39.01 -45.36
CA ASN C 239 7.78 38.37 -46.28
C ASN C 239 7.07 37.15 -45.67
N MET C 240 7.05 37.05 -44.34
CA MET C 240 6.30 35.98 -43.69
C MET C 240 4.80 36.14 -43.89
N THR C 241 4.34 37.31 -44.32
CA THR C 241 2.93 37.58 -44.55
C THR C 241 2.42 37.02 -45.87
N GLY C 242 3.21 36.21 -46.56
CA GLY C 242 2.77 35.61 -47.79
C GLY C 242 1.66 34.60 -47.56
N SER C 243 1.42 33.80 -48.60
CA SER C 243 0.41 32.77 -48.52
C SER C 243 0.83 31.68 -47.53
N GLY C 244 -0.12 30.83 -47.17
CA GLY C 244 0.15 29.78 -46.21
C GLY C 244 0.00 30.25 -44.78
N TYR C 245 0.96 31.06 -44.31
CA TYR C 245 0.89 31.58 -42.96
C TYR C 245 -0.35 32.46 -42.78
N VAL C 246 -0.98 32.37 -41.62
CA VAL C 246 -2.23 33.07 -41.33
C VAL C 246 -2.12 33.74 -39.97
N TRP C 247 -2.75 34.91 -39.85
CA TRP C 247 -2.74 35.74 -38.65
C TRP C 247 -4.09 35.71 -37.95
N LEU C 248 -4.04 35.88 -36.62
CA LEU C 248 -5.23 36.11 -35.81
C LEU C 248 -4.83 36.69 -34.46
N VAL C 249 -5.48 37.78 -34.04
CA VAL C 249 -5.08 38.48 -32.84
C VAL C 249 -6.34 38.92 -32.09
N GLY C 250 -6.17 39.54 -30.92
CA GLY C 250 -7.28 40.07 -30.17
C GLY C 250 -7.54 41.54 -30.47
N GLU C 251 -8.53 42.13 -29.79
CA GLU C 251 -8.91 43.51 -30.08
C GLU C 251 -7.81 44.50 -29.74
N ARG C 252 -6.88 44.11 -28.85
CA ARG C 252 -5.85 45.04 -28.40
C ARG C 252 -5.00 45.54 -29.56
N GLU C 253 -4.71 44.66 -30.53
CA GLU C 253 -3.90 45.08 -31.67
C GLU C 253 -4.75 45.52 -32.85
N ILE C 254 -6.08 45.56 -32.70
CA ILE C 254 -6.94 45.89 -33.84
C ILE C 254 -6.82 47.37 -34.19
N SER C 255 -6.81 48.25 -33.18
CA SER C 255 -6.93 49.68 -33.43
C SER C 255 -5.64 50.26 -34.02
N GLY C 256 -4.51 49.98 -33.39
CA GLY C 256 -3.27 50.64 -33.80
C GLY C 256 -2.76 50.17 -35.15
N ASN C 257 -3.24 49.03 -35.63
CA ASN C 257 -2.76 48.50 -36.91
C ASN C 257 -3.12 49.43 -38.06
N ALA C 258 -4.41 49.70 -38.25
CA ALA C 258 -4.83 50.52 -39.38
C ALA C 258 -4.39 51.97 -39.21
N LEU C 259 -3.91 52.33 -38.02
CA LEU C 259 -3.57 53.72 -37.75
C LEU C 259 -2.42 54.22 -38.63
N ARG C 260 -1.30 53.49 -38.64
CA ARG C 260 -0.13 53.94 -39.41
C ARG C 260 0.59 52.85 -40.20
N TYR C 261 0.36 51.58 -39.92
CA TYR C 261 1.06 50.49 -40.61
C TYR C 261 0.03 49.49 -41.09
N ALA C 262 -0.22 49.48 -42.41
CA ALA C 262 -1.36 48.79 -42.99
C ALA C 262 -1.34 47.29 -42.67
N PRO C 263 -2.49 46.69 -42.43
CA PRO C 263 -2.54 45.25 -42.16
C PRO C 263 -2.47 44.41 -43.43
N ASP C 264 -2.51 43.09 -43.27
CA ASP C 264 -2.51 42.17 -44.40
C ASP C 264 -3.54 41.05 -44.13
N GLY C 265 -4.51 41.36 -43.29
CA GLY C 265 -5.53 40.39 -42.94
C GLY C 265 -5.32 39.76 -41.57
N ILE C 266 -6.32 39.87 -40.70
CA ILE C 266 -6.21 39.32 -39.36
C ILE C 266 -7.59 38.95 -38.84
N LEU C 267 -7.75 37.72 -38.37
CA LEU C 267 -8.94 37.36 -37.61
C LEU C 267 -8.89 38.02 -36.25
N GLY C 268 -10.03 38.51 -35.77
CA GLY C 268 -10.06 39.20 -34.51
C GLY C 268 -11.39 39.04 -33.80
N LEU C 269 -11.61 39.92 -32.83
CA LEU C 269 -12.80 39.84 -32.00
C LEU C 269 -12.99 41.15 -31.25
N GLN C 270 -14.24 41.40 -30.86
CA GLN C 270 -14.58 42.57 -30.07
C GLN C 270 -15.83 42.27 -29.26
N LEU C 271 -16.12 43.15 -28.30
CA LEU C 271 -17.30 43.04 -27.46
C LEU C 271 -18.46 43.81 -28.07
N ILE C 272 -19.68 43.45 -27.65
CA ILE C 272 -20.88 44.08 -28.19
C ILE C 272 -20.97 45.54 -27.75
N ASN C 273 -20.99 45.77 -26.44
CA ASN C 273 -21.22 47.09 -25.87
C ASN C 273 -19.95 47.74 -25.35
N GLY C 274 -18.83 47.56 -26.06
CA GLY C 274 -17.58 48.16 -25.65
C GLY C 274 -17.64 49.69 -25.59
N LYS C 275 -17.22 50.25 -24.47
CA LYS C 275 -17.09 51.69 -24.25
C LYS C 275 -18.41 52.44 -24.36
N ASN C 276 -19.54 51.76 -24.18
CA ASN C 276 -20.82 52.47 -24.16
C ASN C 276 -21.00 53.23 -22.84
N GLU C 277 -20.67 52.58 -21.71
CA GLU C 277 -20.68 53.21 -20.39
C GLU C 277 -22.05 53.72 -20.00
N SER C 278 -23.09 53.21 -20.65
CA SER C 278 -24.45 53.63 -20.33
C SER C 278 -25.26 52.45 -19.81
N ALA C 279 -25.22 51.34 -20.54
CA ALA C 279 -25.92 50.14 -20.07
C ALA C 279 -25.28 49.58 -18.81
N HIS C 280 -23.94 49.69 -18.71
CA HIS C 280 -23.23 49.06 -17.61
C HIS C 280 -23.60 49.70 -16.26
N ILE C 281 -23.68 51.03 -16.22
CA ILE C 281 -24.04 51.69 -14.96
C ILE C 281 -25.46 51.31 -14.56
N SER C 282 -26.36 51.24 -15.54
CA SER C 282 -27.73 50.81 -15.24
C SER C 282 -27.75 49.40 -14.67
N ASP C 283 -26.99 48.48 -15.28
CA ASP C 283 -26.97 47.10 -14.81
C ASP C 283 -26.41 47.01 -13.40
N ALA C 284 -25.33 47.74 -13.12
CA ALA C 284 -24.72 47.67 -11.80
C ALA C 284 -25.62 48.29 -10.73
N VAL C 285 -26.25 49.42 -11.05
CA VAL C 285 -27.19 50.02 -10.10
C VAL C 285 -28.34 49.05 -9.83
N GLY C 286 -28.84 48.39 -10.89
CA GLY C 286 -29.89 47.42 -10.70
C GLY C 286 -29.48 46.27 -9.79
N VAL C 287 -28.28 45.74 -10.01
CA VAL C 287 -27.87 44.58 -9.23
C VAL C 287 -27.63 44.97 -7.77
N VAL C 288 -27.05 46.15 -7.53
CA VAL C 288 -26.82 46.56 -6.15
C VAL C 288 -28.15 46.86 -5.45
N ALA C 289 -29.10 47.45 -6.18
CA ALA C 289 -30.42 47.70 -5.59
C ALA C 289 -31.14 46.39 -5.30
N GLN C 290 -30.95 45.38 -6.13
CA GLN C 290 -31.48 44.06 -5.82
C GLN C 290 -30.82 43.46 -4.59
N ALA C 291 -29.51 43.71 -4.42
CA ALA C 291 -28.78 43.09 -3.33
C ALA C 291 -29.09 43.73 -1.98
N VAL C 292 -29.41 45.03 -1.96
CA VAL C 292 -29.55 45.72 -0.68
C VAL C 292 -30.74 45.18 0.12
N HIS C 293 -31.82 44.79 -0.55
CA HIS C 293 -32.97 44.24 0.15
C HIS C 293 -32.62 42.93 0.84
N GLU C 294 -31.91 42.06 0.12
CA GLU C 294 -31.48 40.78 0.67
C GLU C 294 -30.52 41.00 1.82
N LEU C 295 -29.69 42.05 1.74
CA LEU C 295 -28.78 42.36 2.84
C LEU C 295 -29.54 42.86 4.06
N LEU C 296 -30.55 43.71 3.85
CA LEU C 296 -31.34 44.21 4.97
C LEU C 296 -32.13 43.09 5.63
N GLU C 297 -32.49 42.07 4.85
CA GLU C 297 -33.20 40.92 5.41
C GLU C 297 -32.28 39.98 6.18
N LYS C 298 -30.97 40.22 6.21
CA LYS C 298 -30.03 39.30 6.84
C LYS C 298 -30.07 39.37 8.36
N GLU C 299 -30.78 40.34 8.93
CA GLU C 299 -31.02 40.54 10.36
C GLU C 299 -29.80 41.04 11.11
N ASN C 300 -28.67 41.29 10.43
CA ASN C 300 -27.49 41.91 11.05
C ASN C 300 -27.05 43.07 10.17
N ILE C 301 -27.68 44.22 10.36
CA ILE C 301 -27.38 45.41 9.57
C ILE C 301 -26.50 46.34 10.39
N THR C 302 -25.18 46.20 10.25
CA THR C 302 -24.26 47.10 10.92
C THR C 302 -23.92 48.27 10.02
N ASP C 303 -24.28 49.47 10.45
CA ASP C 303 -24.07 50.65 9.63
C ASP C 303 -22.59 51.01 9.58
N PRO C 304 -22.02 51.24 8.40
CA PRO C 304 -20.63 51.71 8.31
C PRO C 304 -20.45 53.10 8.90
N PRO C 305 -21.24 54.12 8.44
CA PRO C 305 -20.80 55.51 8.55
C PRO C 305 -19.32 55.84 8.42
N ARG C 306 -19.07 57.14 8.30
CA ARG C 306 -17.78 57.65 7.84
C ARG C 306 -16.89 58.01 9.02
N GLY C 307 -16.25 56.98 9.57
CA GLY C 307 -15.20 57.20 10.52
C GLY C 307 -13.83 57.19 9.86
N CYS C 308 -13.30 58.36 9.53
CA CYS C 308 -11.98 58.47 8.93
C CYS C 308 -10.90 58.84 9.94
N VAL C 309 -11.28 59.04 11.19
CA VAL C 309 -10.33 59.33 12.26
C VAL C 309 -10.67 58.49 13.49
N GLY C 310 -9.94 57.39 13.67
CA GLY C 310 -10.12 56.57 14.85
C GLY C 310 -10.94 55.31 14.63
N ASN C 311 -11.80 55.31 13.62
CA ASN C 311 -12.63 54.16 13.32
C ASN C 311 -11.83 53.13 12.53
N THR C 312 -10.80 52.61 13.20
CA THR C 312 -9.89 51.63 12.57
C THR C 312 -10.49 50.25 12.75
N ASN C 313 -11.46 49.94 11.91
CA ASN C 313 -12.10 48.64 11.90
C ASN C 313 -12.74 48.44 10.54
N ILE C 314 -13.03 47.19 10.22
CA ILE C 314 -13.66 46.84 8.96
C ILE C 314 -15.16 46.75 9.18
N TRP C 315 -15.92 47.18 8.18
CA TRP C 315 -17.37 47.03 8.22
C TRP C 315 -17.70 45.56 8.41
N LYS C 316 -18.29 45.24 9.56
CA LYS C 316 -18.16 43.93 10.21
C LYS C 316 -18.57 42.76 9.32
N THR C 317 -19.49 42.95 8.37
CA THR C 317 -19.97 41.83 7.56
C THR C 317 -19.64 41.95 6.08
N GLY C 318 -18.57 42.67 5.71
CA GLY C 318 -18.21 42.80 4.32
C GLY C 318 -18.00 41.50 3.57
N PRO C 319 -17.32 40.51 4.14
CA PRO C 319 -17.17 39.22 3.43
C PRO C 319 -18.49 38.59 3.01
N LEU C 320 -19.49 38.59 3.89
CA LEU C 320 -20.78 38.01 3.52
C LEU C 320 -21.48 38.85 2.47
N PHE C 321 -21.37 40.17 2.56
CA PHE C 321 -21.93 41.04 1.53
C PHE C 321 -21.33 40.74 0.17
N LYS C 322 -20.00 40.60 0.11
CA LYS C 322 -19.35 40.27 -1.16
C LYS C 322 -19.78 38.89 -1.65
N ARG C 323 -19.88 37.92 -0.73
CA ARG C 323 -20.26 36.56 -1.13
C ARG C 323 -21.67 36.52 -1.72
N VAL C 324 -22.61 37.24 -1.12
CA VAL C 324 -23.98 37.25 -1.65
C VAL C 324 -24.08 38.10 -2.90
N LEU C 325 -23.28 39.17 -3.01
CA LEU C 325 -23.29 39.97 -4.22
C LEU C 325 -22.77 39.19 -5.41
N MET C 326 -21.73 38.38 -5.19
CA MET C 326 -21.22 37.54 -6.27
C MET C 326 -22.24 36.50 -6.72
N SER C 327 -23.17 36.15 -5.83
CA SER C 327 -24.19 35.16 -6.13
C SER C 327 -25.47 35.76 -6.70
N SER C 328 -25.50 37.08 -6.91
CA SER C 328 -26.72 37.74 -7.38
C SER C 328 -27.09 37.28 -8.78
N LYS C 329 -28.36 36.92 -8.96
CA LYS C 329 -28.84 36.55 -10.28
C LYS C 329 -29.01 37.79 -11.15
N TYR C 330 -29.10 37.56 -12.46
CA TYR C 330 -29.26 38.66 -13.40
C TYR C 330 -30.57 39.39 -13.15
N ALA C 331 -30.46 40.68 -12.80
CA ALA C 331 -31.64 41.49 -12.53
C ALA C 331 -32.51 41.60 -13.78
N ASP C 332 -31.98 42.20 -14.83
CA ASP C 332 -32.68 42.32 -16.10
C ASP C 332 -31.65 42.38 -17.21
N GLY C 333 -31.79 41.49 -18.19
CA GLY C 333 -30.81 41.45 -19.26
C GLY C 333 -30.76 42.74 -20.06
N VAL C 334 -31.92 43.23 -20.47
CA VAL C 334 -32.04 44.46 -21.26
C VAL C 334 -31.08 44.34 -22.44
N THR C 335 -29.91 44.96 -22.32
CA THR C 335 -28.87 44.79 -23.35
C THR C 335 -28.28 43.38 -23.29
N GLY C 336 -28.09 42.86 -22.08
CA GLY C 336 -27.54 41.52 -21.93
C GLY C 336 -27.59 40.99 -20.51
N ARG C 337 -27.94 39.71 -20.36
CA ARG C 337 -27.96 39.09 -19.04
C ARG C 337 -26.54 39.07 -18.46
N VAL C 338 -26.43 39.45 -17.19
CA VAL C 338 -25.14 39.57 -16.52
C VAL C 338 -25.14 38.70 -15.28
N GLU C 339 -24.13 37.85 -15.15
CA GLU C 339 -23.91 37.04 -13.96
C GLU C 339 -22.48 37.27 -13.51
N PHE C 340 -22.02 36.49 -12.53
CA PHE C 340 -20.67 36.60 -12.02
C PHE C 340 -20.03 35.22 -11.88
N ASN C 341 -18.78 35.12 -12.29
CA ASN C 341 -18.03 33.88 -12.20
C ASN C 341 -17.39 33.74 -10.83
N GLU C 342 -16.75 32.59 -10.61
CA GLU C 342 -16.11 32.33 -9.32
C GLU C 342 -14.96 33.29 -9.07
N ASP C 343 -14.15 33.57 -10.10
CA ASP C 343 -13.02 34.47 -9.93
C ASP C 343 -13.46 35.92 -9.83
N GLY C 344 -14.64 36.23 -10.37
CA GLY C 344 -15.13 37.59 -10.37
C GLY C 344 -15.28 38.16 -11.77
N ASP C 345 -15.58 37.29 -12.73
CA ASP C 345 -15.78 37.71 -14.11
C ASP C 345 -17.20 37.34 -14.52
N ARG C 346 -17.52 37.56 -15.80
CA ARG C 346 -18.85 37.30 -16.33
C ARG C 346 -18.76 36.12 -17.30
N LYS C 347 -19.18 34.94 -16.84
CA LYS C 347 -19.20 33.77 -17.68
C LYS C 347 -20.36 33.84 -18.67
N PHE C 348 -20.35 32.95 -19.66
CA PHE C 348 -21.41 32.86 -20.66
C PHE C 348 -21.60 34.18 -21.40
N ALA C 349 -20.59 34.61 -22.14
CA ALA C 349 -20.67 35.87 -22.88
C ALA C 349 -20.56 35.56 -24.37
N ASN C 350 -20.48 36.60 -25.20
CA ASN C 350 -20.45 36.42 -26.64
C ASN C 350 -19.45 37.39 -27.26
N TYR C 351 -18.99 37.03 -28.46
CA TYR C 351 -18.05 37.84 -29.21
C TYR C 351 -18.43 37.83 -30.69
N SER C 352 -17.96 38.85 -31.41
CA SER C 352 -18.21 38.98 -32.84
C SER C 352 -16.88 38.89 -33.58
N ILE C 353 -16.78 37.91 -34.50
CA ILE C 353 -15.56 37.72 -35.26
C ILE C 353 -15.53 38.69 -36.44
N MET C 354 -14.38 39.33 -36.64
CA MET C 354 -14.20 40.29 -37.72
C MET C 354 -13.00 39.91 -38.56
N ASN C 355 -12.97 40.42 -39.80
CA ASN C 355 -11.89 40.16 -40.72
C ASN C 355 -11.31 41.48 -41.21
N LEU C 356 -10.09 41.42 -41.73
CA LEU C 356 -9.36 42.61 -42.18
C LEU C 356 -9.06 42.47 -43.68
N GLN C 357 -10.01 42.91 -44.50
CA GLN C 357 -9.87 42.90 -45.95
C GLN C 357 -10.25 44.28 -46.48
N ASN C 358 -9.35 44.88 -47.27
CA ASN C 358 -9.57 46.19 -47.89
C ASN C 358 -9.78 47.29 -46.85
N ARG C 359 -9.25 47.10 -45.65
CA ARG C 359 -9.28 48.12 -44.59
C ARG C 359 -10.71 48.54 -44.25
N LYS C 360 -11.57 47.55 -44.00
CA LYS C 360 -12.93 47.80 -43.55
C LYS C 360 -13.42 46.55 -42.83
N LEU C 361 -13.54 46.63 -41.50
CA LEU C 361 -13.92 45.47 -40.72
C LEU C 361 -15.36 45.06 -41.02
N VAL C 362 -15.58 43.76 -41.08
CA VAL C 362 -16.90 43.20 -41.36
C VAL C 362 -17.12 41.99 -40.46
N GLN C 363 -18.32 41.87 -39.90
CA GLN C 363 -18.65 40.70 -39.11
C GLN C 363 -18.79 39.48 -40.00
N VAL C 364 -18.32 38.34 -39.51
CA VAL C 364 -18.37 37.08 -40.24
C VAL C 364 -18.96 35.95 -39.42
N GLY C 365 -18.93 36.03 -38.09
CA GLY C 365 -19.45 34.96 -37.27
C GLY C 365 -19.66 35.46 -35.86
N ILE C 366 -20.55 34.76 -35.16
CA ILE C 366 -21.01 35.16 -33.85
C ILE C 366 -20.67 34.07 -32.84
N TYR C 367 -20.04 34.46 -31.74
CA TYR C 367 -19.70 33.53 -30.68
C TYR C 367 -20.91 33.31 -29.77
N ASN C 368 -21.21 32.05 -29.49
CA ASN C 368 -22.18 31.65 -28.49
C ASN C 368 -21.45 31.52 -27.15
N GLY C 369 -22.10 30.92 -26.16
CA GLY C 369 -21.42 30.68 -24.90
C GLY C 369 -20.16 29.85 -25.06
N THR C 370 -20.25 28.76 -25.81
CA THR C 370 -19.12 27.89 -26.07
C THR C 370 -18.82 27.74 -27.56
N HIS C 371 -19.85 27.56 -28.39
CA HIS C 371 -19.64 27.33 -29.81
C HIS C 371 -19.64 28.65 -30.58
N VAL C 372 -19.27 28.57 -31.85
CA VAL C 372 -19.19 29.72 -32.73
C VAL C 372 -20.13 29.49 -33.90
N ILE C 373 -20.82 30.53 -34.33
CA ILE C 373 -21.81 30.45 -35.40
C ILE C 373 -21.42 31.42 -36.51
N PRO C 374 -21.04 30.92 -37.70
CA PRO C 374 -20.86 31.81 -38.85
C PRO C 374 -22.20 32.30 -39.36
N ASN C 375 -22.15 33.42 -40.10
CA ASN C 375 -23.38 34.04 -40.57
C ASN C 375 -23.17 34.55 -42.00
N ASP C 376 -23.46 33.70 -42.98
CA ASP C 376 -23.60 34.03 -44.40
C ASP C 376 -22.59 35.05 -44.90
N ARG C 377 -21.29 34.84 -44.64
CA ARG C 377 -20.26 35.76 -45.10
C ARG C 377 -19.16 34.95 -45.78
N LYS C 378 -18.23 35.67 -46.42
CA LYS C 378 -17.10 35.07 -47.10
C LYS C 378 -15.81 35.47 -46.39
N ILE C 379 -14.96 34.49 -46.13
CA ILE C 379 -13.72 34.71 -45.41
C ILE C 379 -12.58 34.77 -46.41
N ILE C 380 -11.65 35.68 -46.17
CA ILE C 380 -10.50 35.89 -47.05
C ILE C 380 -9.22 35.80 -46.23
N TRP C 381 -8.24 35.10 -46.80
CA TRP C 381 -6.94 34.93 -46.17
C TRP C 381 -5.88 35.70 -46.95
N PRO C 382 -4.75 36.04 -46.31
CA PRO C 382 -3.80 36.99 -46.92
C PRO C 382 -3.31 36.61 -48.32
N GLY C 383 -3.12 35.32 -48.59
CA GLY C 383 -2.61 34.93 -49.90
C GLY C 383 -3.53 35.35 -51.04
N GLY C 384 -4.83 35.17 -50.86
CA GLY C 384 -5.79 35.48 -51.89
C GLY C 384 -6.61 34.27 -52.29
N GLU C 385 -6.19 33.10 -51.81
CA GLU C 385 -6.90 31.86 -52.09
C GLU C 385 -8.23 31.86 -51.34
N THR C 386 -9.32 31.66 -52.07
CA THR C 386 -10.65 31.71 -51.45
C THR C 386 -10.86 30.55 -50.50
N GLU C 387 -10.35 29.36 -50.85
CA GLU C 387 -10.56 28.19 -50.02
C GLU C 387 -9.78 28.31 -48.72
N LYS C 388 -10.28 27.63 -47.69
CA LYS C 388 -9.62 27.66 -46.40
C LYS C 388 -8.26 26.98 -46.51
N PRO C 389 -7.16 27.66 -46.16
CA PRO C 389 -5.84 27.07 -46.30
C PRO C 389 -5.63 25.90 -45.36
N ARG C 390 -4.83 24.95 -45.82
CA ARG C 390 -4.48 23.80 -45.01
C ARG C 390 -3.21 24.10 -44.21
N GLY C 391 -3.28 23.92 -42.90
CA GLY C 391 -2.15 24.17 -42.04
C GLY C 391 -1.17 23.03 -42.02
N TYR C 392 -0.26 23.10 -41.06
CA TYR C 392 0.78 22.13 -40.70
C TYR C 392 1.94 22.12 -41.70
N GLN C 393 1.83 22.79 -42.84
CA GLN C 393 2.94 23.13 -43.72
C GLN C 393 4.03 22.06 -43.80
N MET C 394 3.66 20.86 -44.27
CA MET C 394 4.59 19.72 -44.24
C MET C 394 5.91 20.07 -44.92
N SER C 395 7.01 19.67 -44.28
CA SER C 395 8.35 20.07 -44.68
C SER C 395 9.08 18.89 -45.33
N THR C 396 10.27 19.18 -45.85
CA THR C 396 11.09 18.19 -46.53
C THR C 396 12.56 18.19 -46.13
N ARG C 397 13.04 19.22 -45.45
CA ARG C 397 14.44 19.32 -45.06
C ARG C 397 14.59 18.90 -43.61
N LEU C 398 15.63 18.12 -43.32
CA LEU C 398 15.83 17.54 -42.01
C LEU C 398 17.21 17.86 -41.48
N LYS C 399 17.31 18.07 -40.17
CA LYS C 399 18.58 18.33 -39.52
C LYS C 399 19.01 17.10 -38.72
N ILE C 400 20.31 16.83 -38.68
CA ILE C 400 20.84 15.63 -38.03
C ILE C 400 22.08 16.00 -37.24
N VAL C 401 22.23 15.42 -36.05
CA VAL C 401 23.40 15.62 -35.22
C VAL C 401 24.05 14.25 -34.97
N THR C 402 25.37 14.27 -34.77
CA THR C 402 26.15 13.06 -34.57
C THR C 402 27.33 13.44 -33.67
N ILE C 403 27.96 12.43 -33.08
CA ILE C 403 29.08 12.63 -32.17
C ILE C 403 30.27 11.84 -32.66
N HIS C 404 31.46 12.24 -32.22
CA HIS C 404 32.65 11.47 -32.53
C HIS C 404 32.54 10.07 -31.94
N GLN C 405 32.87 9.06 -32.76
CA GLN C 405 32.72 7.67 -32.34
C GLN C 405 33.67 6.78 -33.13
N GLU C 406 34.43 5.95 -32.44
CA GLU C 406 35.53 5.22 -33.07
C GLU C 406 35.11 4.31 -34.21
N PRO C 407 34.21 3.34 -34.02
CA PRO C 407 33.97 2.35 -35.07
C PRO C 407 32.84 2.70 -36.02
N PHE C 408 32.12 3.78 -35.78
CA PHE C 408 30.90 4.07 -36.52
C PHE C 408 31.02 5.29 -37.42
N VAL C 409 31.65 6.37 -36.96
CA VAL C 409 31.72 7.62 -37.72
C VAL C 409 33.16 8.12 -37.67
N TYR C 410 33.84 8.10 -38.83
CA TYR C 410 35.13 8.77 -38.95
C TYR C 410 34.94 10.22 -39.31
N VAL C 411 35.69 11.08 -38.64
CA VAL C 411 35.80 12.49 -39.00
C VAL C 411 37.25 12.76 -39.36
N LYS C 412 37.46 13.36 -40.53
CA LYS C 412 38.81 13.60 -41.04
C LYS C 412 38.88 14.99 -41.65
N PRO C 413 40.04 15.63 -41.62
CA PRO C 413 40.17 16.97 -42.21
C PRO C 413 39.89 16.94 -43.70
N THR C 414 39.28 18.03 -44.18
CA THR C 414 39.04 18.18 -45.61
C THR C 414 40.35 18.47 -46.33
N LEU C 415 40.38 18.14 -47.62
CA LEU C 415 41.55 18.45 -48.43
C LEU C 415 41.64 19.95 -48.68
N SER C 416 42.76 20.36 -49.28
CA SER C 416 43.02 21.78 -49.47
C SER C 416 41.99 22.42 -50.40
N ASP C 417 41.48 21.65 -51.38
CA ASP C 417 40.55 22.20 -52.35
C ASP C 417 39.26 22.65 -51.68
N GLY C 418 38.78 21.89 -50.72
CA GLY C 418 37.51 22.16 -50.07
C GLY C 418 36.73 20.90 -49.77
N THR C 419 36.86 19.92 -50.66
CA THR C 419 36.43 18.56 -50.38
C THR C 419 37.57 17.84 -49.66
N CYS C 420 37.47 16.52 -49.56
CA CYS C 420 38.57 15.72 -49.02
C CYS C 420 38.89 14.58 -49.99
N LYS C 421 39.95 13.84 -49.67
CA LYS C 421 40.47 12.84 -50.60
C LYS C 421 39.42 11.83 -50.99
N GLU C 422 39.26 11.65 -52.30
CA GLU C 422 38.31 10.68 -52.85
C GLU C 422 39.07 9.40 -53.17
N GLU C 423 39.36 8.62 -52.14
CA GLU C 423 40.11 7.39 -52.29
C GLU C 423 39.20 6.28 -52.80
N PHE C 424 39.67 5.04 -52.81
CA PHE C 424 38.89 3.91 -53.27
C PHE C 424 39.06 2.76 -52.28
N THR C 425 37.95 2.18 -51.87
CA THR C 425 38.01 1.00 -51.01
C THR C 425 38.56 -0.18 -51.78
N VAL C 426 39.11 -1.16 -51.07
CA VAL C 426 39.79 -2.28 -51.71
C VAL C 426 38.81 -3.10 -52.53
N ASN C 427 37.58 -3.26 -52.05
CA ASN C 427 36.62 -4.19 -52.65
C ASN C 427 35.84 -3.51 -53.78
N GLY C 428 36.60 -2.85 -54.65
CA GLY C 428 36.05 -2.30 -55.89
C GLY C 428 34.88 -1.36 -55.73
N ASP C 429 34.96 -0.45 -54.78
CA ASP C 429 33.89 0.53 -54.55
C ASP C 429 34.49 1.75 -53.87
N PRO C 430 33.87 2.91 -54.02
CA PRO C 430 34.35 4.09 -53.29
C PRO C 430 33.65 4.26 -51.95
N VAL C 431 34.39 4.65 -50.92
CA VAL C 431 33.78 4.93 -49.63
C VAL C 431 33.08 6.27 -49.70
N LYS C 432 31.76 6.26 -49.52
CA LYS C 432 30.99 7.48 -49.61
C LYS C 432 31.36 8.44 -48.49
N LYS C 433 31.32 9.74 -48.80
CA LYS C 433 31.65 10.78 -47.84
C LYS C 433 30.63 11.90 -47.93
N VAL C 434 30.41 12.58 -46.81
CA VAL C 434 29.51 13.72 -46.73
C VAL C 434 30.23 14.85 -46.00
N ILE C 435 29.81 16.08 -46.27
CA ILE C 435 30.44 17.25 -45.69
C ILE C 435 29.76 17.61 -44.38
N CYS C 436 30.52 17.65 -43.30
CA CYS C 436 30.02 17.89 -41.96
C CYS C 436 30.74 19.08 -41.33
N THR C 437 29.95 20.01 -40.80
CA THR C 437 30.49 21.27 -40.31
C THR C 437 31.36 21.08 -39.07
N GLY C 438 30.79 20.57 -37.99
CA GLY C 438 31.55 20.34 -36.78
C GLY C 438 31.94 21.62 -36.07
N PRO C 439 32.38 21.51 -34.82
CA PRO C 439 32.81 22.69 -34.08
C PRO C 439 34.30 23.00 -34.27
N ASN C 440 35.10 22.00 -34.59
CA ASN C 440 36.55 22.08 -34.78
C ASN C 440 37.27 22.49 -33.50
N ASP C 441 36.61 22.48 -32.35
CA ASP C 441 37.22 22.85 -31.08
C ASP C 441 36.95 21.74 -30.07
N THR C 442 37.95 21.45 -29.25
CA THR C 442 37.87 20.38 -28.26
C THR C 442 38.03 20.99 -26.87
N SER C 443 37.23 20.48 -25.91
CA SER C 443 37.26 20.85 -24.51
C SER C 443 36.69 22.25 -24.30
N PRO C 444 36.23 22.59 -23.10
CA PRO C 444 35.70 23.95 -22.89
C PRO C 444 36.76 25.03 -22.95
N GLY C 445 38.04 24.66 -22.80
CA GLY C 445 39.10 25.66 -22.85
C GLY C 445 39.24 26.29 -24.23
N SER C 446 39.19 25.48 -25.27
CA SER C 446 39.38 26.00 -26.62
C SER C 446 38.14 26.75 -27.09
N PRO C 447 38.28 27.96 -27.60
CA PRO C 447 37.12 28.71 -28.09
C PRO C 447 36.60 28.13 -29.40
N ARG C 448 35.36 28.49 -29.72
CA ARG C 448 34.73 28.02 -30.95
C ARG C 448 35.43 28.61 -32.16
N HIS C 449 35.80 27.74 -33.10
CA HIS C 449 36.50 28.14 -34.32
C HIS C 449 35.75 27.76 -35.58
N THR C 450 35.29 26.50 -35.67
CA THR C 450 34.53 25.95 -36.78
C THR C 450 35.37 25.83 -38.06
N VAL C 451 35.10 24.80 -38.84
CA VAL C 451 35.68 24.60 -40.17
C VAL C 451 34.95 23.44 -40.83
N PRO C 452 34.57 23.55 -42.11
CA PRO C 452 33.87 22.44 -42.75
C PRO C 452 34.80 21.26 -43.00
N GLN C 453 34.44 20.11 -42.43
CA GLN C 453 35.15 18.86 -42.61
C GLN C 453 34.24 17.87 -43.31
N CYS C 454 34.75 16.65 -43.52
CA CYS C 454 33.97 15.59 -44.15
C CYS C 454 33.90 14.40 -43.22
N CYS C 455 32.75 13.73 -43.20
CA CYS C 455 32.49 12.61 -42.33
C CYS C 455 32.09 11.38 -43.15
N TYR C 456 32.46 10.20 -42.65
CA TYR C 456 32.14 8.96 -43.33
C TYR C 456 32.22 7.82 -42.32
N GLY C 457 31.52 6.74 -42.61
CA GLY C 457 31.56 5.58 -41.75
C GLY C 457 30.29 4.76 -41.87
N PHE C 458 30.10 3.90 -40.86
CA PHE C 458 28.98 2.96 -40.84
C PHE C 458 27.64 3.68 -40.81
N CYS C 459 27.45 4.54 -39.80
CA CYS C 459 26.18 5.24 -39.66
C CYS C 459 25.91 6.15 -40.84
N ILE C 460 26.95 6.76 -41.42
CA ILE C 460 26.76 7.58 -42.60
C ILE C 460 26.25 6.74 -43.76
N ASP C 461 26.78 5.54 -43.92
CA ASP C 461 26.27 4.64 -44.95
C ASP C 461 24.81 4.27 -44.68
N LEU C 462 24.49 3.99 -43.42
CA LEU C 462 23.10 3.68 -43.07
C LEU C 462 22.19 4.84 -43.44
N LEU C 463 22.64 6.06 -43.18
CA LEU C 463 21.84 7.24 -43.50
C LEU C 463 21.67 7.41 -45.00
N ILE C 464 22.76 7.28 -45.77
CA ILE C 464 22.67 7.50 -47.21
C ILE C 464 21.82 6.41 -47.86
N LYS C 465 21.73 5.24 -47.22
CA LYS C 465 20.76 4.24 -47.67
C LYS C 465 19.35 4.80 -47.59
N LEU C 466 19.02 5.45 -46.48
CA LEU C 466 17.70 6.07 -46.33
C LEU C 466 17.46 7.10 -47.42
N ALA C 467 18.51 7.80 -47.84
CA ALA C 467 18.38 8.75 -48.94
C ALA C 467 17.90 8.06 -50.21
N ARG C 468 18.32 6.81 -50.42
CA ARG C 468 17.81 6.04 -51.54
C ARG C 468 16.39 5.57 -51.29
N THR C 469 16.06 5.29 -50.03
CA THR C 469 14.72 4.77 -49.72
C THR C 469 13.64 5.84 -49.92
N MET C 470 13.81 7.02 -49.35
CA MET C 470 12.82 8.09 -49.52
C MET C 470 13.45 9.42 -49.88
N ASN C 471 12.67 10.49 -49.83
CA ASN C 471 13.10 11.80 -50.32
C ASN C 471 13.32 12.73 -49.13
N PHE C 472 14.58 13.06 -48.87
CA PHE C 472 14.94 14.12 -47.94
C PHE C 472 16.43 14.36 -48.04
N THR C 473 16.83 15.63 -47.85
CA THR C 473 18.21 16.08 -48.05
C THR C 473 18.80 16.40 -46.68
N TYR C 474 19.77 15.60 -46.26
CA TYR C 474 20.37 15.75 -44.95
C TYR C 474 21.43 16.84 -44.95
N GLU C 475 21.57 17.52 -43.81
CA GLU C 475 22.60 18.52 -43.59
C GLU C 475 23.25 18.20 -42.24
N VAL C 476 24.26 17.34 -42.27
CA VAL C 476 24.86 16.86 -41.03
C VAL C 476 25.74 17.94 -40.42
N HIS C 477 25.55 18.19 -39.12
CA HIS C 477 26.46 19.01 -38.35
C HIS C 477 26.71 18.33 -37.01
N LEU C 478 27.95 18.39 -36.54
CA LEU C 478 28.33 17.61 -35.37
C LEU C 478 27.81 18.25 -34.09
N VAL C 479 28.15 17.62 -32.97
CA VAL C 479 27.63 17.99 -31.65
C VAL C 479 28.40 19.20 -31.14
N ALA C 480 27.88 19.83 -30.09
CA ALA C 480 28.50 21.04 -29.55
C ALA C 480 29.64 20.71 -28.60
N ASP C 481 29.35 19.96 -27.52
CA ASP C 481 30.30 19.78 -26.44
C ASP C 481 30.88 18.37 -26.36
N GLY C 482 30.50 17.47 -27.25
CA GLY C 482 31.05 16.14 -27.25
C GLY C 482 30.54 15.22 -26.18
N LYS C 483 29.51 15.61 -25.45
CA LYS C 483 28.90 14.74 -24.44
C LYS C 483 27.67 14.06 -25.02
N PHE C 484 27.51 12.77 -24.73
CA PHE C 484 26.37 12.02 -25.26
C PHE C 484 25.06 12.63 -24.81
N GLY C 485 24.95 12.94 -23.52
CA GLY C 485 23.75 13.56 -23.00
C GLY C 485 23.17 12.88 -21.79
N THR C 486 22.94 13.65 -20.72
CA THR C 486 22.37 13.13 -19.50
C THR C 486 21.41 14.17 -18.93
N GLN C 487 20.76 13.81 -17.82
CA GLN C 487 19.92 14.73 -17.08
C GLN C 487 20.65 15.19 -15.82
N GLU C 488 20.77 16.51 -15.68
CA GLU C 488 21.53 17.09 -14.58
C GLU C 488 20.64 18.07 -13.82
N ARG C 489 20.84 18.12 -12.51
CA ARG C 489 20.09 19.03 -11.65
C ARG C 489 20.71 20.42 -11.73
N VAL C 490 19.92 21.41 -12.13
CA VAL C 490 20.41 22.76 -12.26
C VAL C 490 20.86 23.28 -10.90
N ASN C 491 22.03 23.91 -10.85
CA ASN C 491 22.58 24.39 -9.59
C ASN C 491 21.71 25.47 -8.98
N ASN C 492 21.10 25.15 -7.85
CA ASN C 492 20.23 26.07 -7.11
C ASN C 492 19.08 26.57 -7.98
N SER C 493 18.24 25.62 -8.42
CA SER C 493 17.11 25.93 -9.26
C SER C 493 15.98 24.95 -8.97
N ASN C 494 14.88 25.11 -9.70
CA ASN C 494 13.69 24.30 -9.43
C ASN C 494 13.64 23.06 -10.31
N LYS C 495 13.95 23.20 -11.60
CA LYS C 495 13.78 22.13 -12.56
C LYS C 495 15.13 21.64 -13.09
N LYS C 496 15.20 20.34 -13.33
CA LYS C 496 16.39 19.76 -13.93
C LYS C 496 16.48 20.15 -15.41
N GLU C 497 17.71 20.21 -15.92
CA GLU C 497 17.96 20.64 -17.28
C GLU C 497 18.80 19.59 -18.00
N TRP C 498 18.44 19.31 -19.26
CA TRP C 498 19.20 18.37 -20.06
C TRP C 498 20.50 19.00 -20.56
N ASN C 499 21.47 18.14 -20.85
CA ASN C 499 22.78 18.56 -21.30
C ASN C 499 23.21 17.69 -22.47
N GLY C 500 23.86 18.32 -23.45
CA GLY C 500 24.50 17.58 -24.52
C GLY C 500 23.65 17.45 -25.77
N MET C 501 23.95 16.39 -26.52
CA MET C 501 23.29 16.16 -27.81
C MET C 501 21.79 15.96 -27.63
N MET C 502 21.40 15.20 -26.60
CA MET C 502 19.96 15.00 -26.35
C MET C 502 19.29 16.32 -26.04
N GLY C 503 19.95 17.18 -25.26
CA GLY C 503 19.40 18.49 -25.00
C GLY C 503 19.26 19.33 -26.25
N GLU C 504 20.27 19.28 -27.13
CA GLU C 504 20.19 20.02 -28.39
C GLU C 504 19.05 19.51 -29.24
N LEU C 505 18.84 18.19 -29.25
CA LEU C 505 17.72 17.63 -29.99
C LEU C 505 16.38 18.08 -29.41
N LEU C 506 16.27 18.10 -28.08
CA LEU C 506 15.01 18.46 -27.45
C LEU C 506 14.72 19.95 -27.61
N SER C 507 15.75 20.78 -27.71
CA SER C 507 15.55 22.21 -27.85
C SER C 507 14.85 22.54 -29.16
N GLY C 508 15.26 21.90 -30.25
CA GLY C 508 14.64 22.14 -31.54
C GLY C 508 15.63 22.40 -32.66
N GLN C 509 16.92 22.24 -32.37
CA GLN C 509 17.93 22.46 -33.40
C GLN C 509 17.79 21.45 -34.54
N ALA C 510 17.56 20.18 -34.19
CA ALA C 510 17.45 19.12 -35.18
C ALA C 510 16.22 18.28 -34.85
N ASP C 511 15.96 17.27 -35.67
CA ASP C 511 14.77 16.46 -35.55
C ASP C 511 15.07 14.97 -35.57
N MET C 512 16.36 14.62 -35.67
CA MET C 512 16.78 13.22 -35.64
C MET C 512 18.18 13.14 -35.08
N ILE C 513 18.55 11.94 -34.63
CA ILE C 513 19.90 11.63 -34.20
C ILE C 513 20.28 10.29 -34.83
N VAL C 514 21.45 10.24 -35.46
CA VAL C 514 21.96 8.99 -36.03
C VAL C 514 23.34 8.81 -35.40
N ALA C 515 23.37 8.07 -34.29
CA ALA C 515 24.59 7.90 -33.52
C ALA C 515 24.44 6.65 -32.68
N PRO C 516 25.54 6.09 -32.18
CA PRO C 516 25.43 4.90 -31.32
C PRO C 516 24.80 5.25 -29.98
N LEU C 517 23.48 5.46 -29.98
CA LEU C 517 22.76 5.82 -28.78
C LEU C 517 22.23 4.57 -28.08
N THR C 518 22.45 4.49 -26.77
CA THR C 518 21.88 3.44 -25.97
C THR C 518 20.45 3.78 -25.60
N ILE C 519 19.60 2.76 -25.55
CA ILE C 519 18.21 2.91 -25.15
C ILE C 519 18.10 2.59 -23.67
N ASN C 520 17.43 3.46 -22.91
CA ASN C 520 17.33 3.31 -21.47
C ASN C 520 16.05 3.99 -21.00
N ASN C 521 15.74 3.81 -19.72
CA ASN C 521 14.51 4.36 -19.16
C ASN C 521 14.54 5.88 -19.17
N GLU C 522 15.68 6.48 -18.87
CA GLU C 522 15.77 7.93 -18.75
C GLU C 522 15.47 8.63 -20.07
N ARG C 523 15.68 7.98 -21.20
CA ARG C 523 15.43 8.61 -22.49
C ARG C 523 14.06 8.26 -23.04
N ALA C 524 13.55 7.08 -22.71
CA ALA C 524 12.30 6.59 -23.29
C ALA C 524 11.10 7.43 -22.91
N GLN C 525 11.21 8.28 -21.88
CA GLN C 525 10.10 9.12 -21.49
C GLN C 525 9.76 10.20 -22.53
N TYR C 526 10.76 10.70 -23.26
CA TYR C 526 10.57 11.85 -24.12
C TYR C 526 10.72 11.52 -25.61
N ILE C 527 11.84 10.92 -26.00
CA ILE C 527 12.13 10.63 -27.40
C ILE C 527 11.90 9.15 -27.64
N GLU C 528 11.16 8.82 -28.69
CA GLU C 528 10.80 7.44 -28.97
C GLU C 528 11.82 6.81 -29.92
N PHE C 529 12.71 5.99 -29.38
CA PHE C 529 13.67 5.22 -30.18
C PHE C 529 13.01 3.92 -30.57
N SER C 530 13.18 3.52 -31.83
CA SER C 530 12.43 2.39 -32.39
C SER C 530 13.37 1.42 -33.08
N LYS C 531 13.03 0.14 -33.03
CA LYS C 531 13.61 -0.91 -33.87
C LYS C 531 15.12 -0.93 -33.82
N PRO C 532 15.73 -1.45 -32.76
CA PRO C 532 17.21 -1.47 -32.69
C PRO C 532 17.80 -2.26 -33.85
N PHE C 533 18.94 -1.78 -34.33
CA PHE C 533 19.59 -2.35 -35.53
C PHE C 533 20.90 -3.07 -35.23
N LYS C 534 21.41 -2.98 -34.01
CA LYS C 534 22.64 -3.68 -33.66
C LYS C 534 22.71 -3.83 -32.15
N TYR C 535 22.71 -5.07 -31.68
CA TYR C 535 22.74 -5.34 -30.24
C TYR C 535 24.15 -5.31 -29.72
N GLN C 536 24.30 -4.87 -28.47
CA GLN C 536 25.60 -4.75 -27.83
C GLN C 536 25.40 -4.80 -26.32
N GLY C 537 26.49 -5.05 -25.61
CA GLY C 537 26.46 -5.12 -24.16
C GLY C 537 27.48 -4.23 -23.49
N LEU C 538 28.14 -4.76 -22.45
CA LEU C 538 29.16 -4.02 -21.74
C LEU C 538 30.34 -4.93 -21.45
N THR C 539 31.55 -4.39 -21.61
CA THR C 539 32.78 -5.14 -21.35
C THR C 539 33.75 -4.24 -20.60
N ILE C 540 34.94 -4.77 -20.31
CA ILE C 540 35.98 -4.05 -19.57
C ILE C 540 37.31 -4.27 -20.25
N LEU C 541 38.13 -3.24 -20.34
CA LEU C 541 39.44 -3.31 -20.96
C LEU C 541 40.54 -3.46 -19.92
N VAL C 542 41.49 -4.35 -20.22
CA VAL C 542 42.72 -4.48 -19.45
C VAL C 542 43.87 -4.65 -20.42
N LYS C 543 45.07 -4.30 -19.95
CA LYS C 543 46.27 -4.34 -20.78
C LYS C 543 46.87 -5.74 -20.76
N LYS C 544 47.07 -6.31 -21.94
CA LYS C 544 47.69 -7.63 -22.07
C LYS C 544 48.11 -7.89 -23.52
N ARG C 663 42.25 -11.43 -13.83
CA ARG C 663 41.38 -12.04 -12.83
C ARG C 663 40.34 -11.04 -12.34
N ILE C 664 39.49 -10.57 -13.25
CA ILE C 664 38.47 -9.57 -12.96
C ILE C 664 37.13 -10.09 -13.44
N THR C 665 36.11 -9.95 -12.59
CA THR C 665 34.73 -10.32 -12.93
C THR C 665 33.91 -9.04 -13.01
N GLY C 666 33.21 -8.85 -14.13
CA GLY C 666 32.50 -7.60 -14.34
C GLY C 666 31.38 -7.37 -13.34
N ILE C 667 30.56 -8.38 -13.11
CA ILE C 667 29.41 -8.22 -12.23
C ILE C 667 29.86 -7.97 -10.80
N ASN C 668 30.77 -8.80 -10.30
CA ASN C 668 31.27 -8.65 -8.93
C ASN C 668 32.56 -9.45 -8.80
N ASP C 669 33.64 -8.75 -8.47
CA ASP C 669 34.94 -9.36 -8.24
C ASP C 669 35.54 -8.76 -7.00
N PRO C 670 36.34 -9.51 -6.25
CA PRO C 670 36.98 -8.94 -5.05
C PRO C 670 37.85 -7.74 -5.36
N ARG C 671 38.53 -7.74 -6.51
CA ARG C 671 39.39 -6.61 -6.86
C ARG C 671 38.57 -5.34 -7.11
N LEU C 672 37.39 -5.49 -7.73
CA LEU C 672 36.59 -4.33 -8.14
C LEU C 672 35.49 -3.98 -7.16
N ARG C 673 34.85 -4.95 -6.52
CA ARG C 673 33.82 -4.63 -5.53
C ARG C 673 34.41 -3.87 -4.36
N ASN C 674 35.59 -4.27 -3.91
CA ASN C 674 36.33 -3.56 -2.88
C ASN C 674 37.51 -2.82 -3.51
N PRO C 675 37.51 -1.49 -3.45
CA PRO C 675 38.55 -0.72 -4.14
C PRO C 675 39.81 -0.54 -3.31
N SER C 676 40.94 -0.32 -4.00
CA SER C 676 42.21 -0.05 -3.36
C SER C 676 42.98 0.97 -4.19
N ASP C 677 44.25 1.15 -3.84
CA ASP C 677 45.12 2.01 -4.64
C ASP C 677 45.36 1.43 -6.03
N LYS C 678 45.29 0.12 -6.18
CA LYS C 678 45.46 -0.53 -7.47
C LYS C 678 44.10 -0.83 -8.09
N PHE C 679 44.09 -1.08 -9.40
CA PHE C 679 42.87 -1.42 -10.13
C PHE C 679 41.81 -0.32 -9.99
N ILE C 680 42.14 0.88 -10.46
CA ILE C 680 41.24 2.03 -10.40
C ILE C 680 40.23 1.91 -11.54
N TYR C 681 38.95 1.99 -11.21
CA TYR C 681 37.90 1.94 -12.22
C TYR C 681 37.48 3.35 -12.60
N ALA C 682 37.42 3.62 -13.89
CA ALA C 682 37.06 4.96 -14.37
C ALA C 682 36.40 4.83 -15.73
N THR C 683 35.67 5.89 -16.11
CA THR C 683 34.95 5.91 -17.38
C THR C 683 34.72 7.35 -17.78
N VAL C 684 34.09 7.53 -18.95
CA VAL C 684 33.83 8.84 -19.52
C VAL C 684 32.62 9.45 -18.81
N LYS C 685 32.74 10.71 -18.42
CA LYS C 685 31.71 11.37 -17.63
C LYS C 685 30.49 11.71 -18.50
N GLN C 686 29.39 12.02 -17.82
CA GLN C 686 28.13 12.40 -18.47
C GLN C 686 27.65 11.35 -19.46
N SER C 687 27.75 10.08 -19.07
CA SER C 687 27.40 8.98 -19.95
C SER C 687 26.28 8.14 -19.33
N SER C 688 25.73 7.22 -20.12
CA SER C 688 24.65 6.36 -19.64
C SER C 688 25.13 5.49 -18.49
N VAL C 689 26.38 5.03 -18.55
CA VAL C 689 26.92 4.19 -17.49
C VAL C 689 26.93 4.93 -16.16
N ASP C 690 27.04 6.26 -16.20
CA ASP C 690 26.98 7.03 -14.97
C ASP C 690 25.64 6.86 -14.27
N ILE C 691 24.55 6.99 -15.03
CA ILE C 691 23.22 6.81 -14.45
C ILE C 691 23.03 5.35 -14.02
N TYR C 692 23.48 4.41 -14.85
CA TYR C 692 23.30 2.99 -14.53
C TYR C 692 23.98 2.64 -13.21
N PHE C 693 25.18 3.17 -12.98
CA PHE C 693 25.84 2.93 -11.71
C PHE C 693 25.24 3.78 -10.59
N ARG C 694 24.63 4.90 -10.94
CA ARG C 694 23.92 5.72 -9.96
C ARG C 694 22.62 5.07 -9.49
N ARG C 695 22.15 4.04 -10.18
CA ARG C 695 20.94 3.31 -9.79
C ARG C 695 21.27 2.03 -9.02
N GLN C 696 22.32 2.06 -8.19
CA GLN C 696 22.75 0.88 -7.44
C GLN C 696 22.81 1.15 -5.95
N VAL C 697 23.39 0.23 -5.18
CA VAL C 697 23.42 0.36 -3.72
C VAL C 697 24.85 0.37 -3.18
N GLU C 698 25.63 -0.70 -3.42
CA GLU C 698 27.04 -0.67 -3.08
C GLU C 698 27.88 -0.35 -4.31
N LEU C 699 27.44 -0.83 -5.47
CA LEU C 699 27.94 -0.30 -6.72
C LEU C 699 27.66 1.20 -6.82
N SER C 700 26.69 1.67 -6.04
CA SER C 700 26.51 3.11 -5.88
C SER C 700 27.74 3.75 -5.24
N THR C 701 28.29 3.11 -4.20
CA THR C 701 29.53 3.61 -3.61
C THR C 701 30.69 3.48 -4.59
N MET C 702 30.70 2.40 -5.38
CA MET C 702 31.70 2.27 -6.43
C MET C 702 31.65 3.46 -7.38
N TYR C 703 30.46 3.80 -7.86
CA TYR C 703 30.31 4.95 -8.75
C TYR C 703 30.64 6.25 -8.03
N ARG C 704 30.38 6.32 -6.73
CA ARG C 704 30.69 7.51 -5.97
C ARG C 704 32.19 7.76 -5.94
N HIS C 705 32.98 6.72 -5.70
CA HIS C 705 34.43 6.93 -5.71
C HIS C 705 34.97 6.98 -7.13
N MET C 706 34.19 6.50 -8.10
CA MET C 706 34.61 6.61 -9.50
C MET C 706 34.41 8.03 -10.01
N GLU C 707 33.42 8.74 -9.46
CA GLU C 707 33.13 10.09 -9.94
C GLU C 707 34.26 11.06 -9.61
N LYS C 708 35.16 10.65 -8.71
CA LYS C 708 36.32 11.49 -8.42
C LYS C 708 37.25 11.59 -9.62
N HIS C 709 37.21 10.61 -10.51
CA HIS C 709 38.01 10.60 -11.72
C HIS C 709 37.09 10.57 -12.94
N ASN C 710 37.52 11.23 -14.01
CA ASN C 710 36.70 11.28 -15.21
C ASN C 710 37.52 11.72 -16.42
N TYR C 711 37.30 11.07 -17.56
CA TYR C 711 37.92 11.49 -18.81
C TYR C 711 36.90 12.29 -19.62
N GLU C 712 37.35 12.87 -20.74
CA GLU C 712 36.47 13.65 -21.60
C GLU C 712 36.30 13.03 -22.98
N SER C 713 37.01 11.95 -23.27
CA SER C 713 36.92 11.29 -24.57
C SER C 713 37.40 9.86 -24.44
N ALA C 714 37.02 9.04 -25.42
CA ALA C 714 37.47 7.66 -25.44
C ALA C 714 38.95 7.53 -25.77
N ALA C 715 39.46 8.40 -26.66
CA ALA C 715 40.85 8.30 -27.08
C ALA C 715 41.81 8.46 -25.91
N GLU C 716 41.46 9.34 -24.96
CA GLU C 716 42.28 9.51 -23.78
C GLU C 716 42.37 8.20 -22.99
N ALA C 717 41.24 7.52 -22.83
CA ALA C 717 41.24 6.24 -22.12
C ALA C 717 42.03 5.19 -22.87
N ILE C 718 41.90 5.15 -24.21
CA ILE C 718 42.64 4.18 -24.99
C ILE C 718 44.14 4.39 -24.84
N GLN C 719 44.57 5.66 -24.88
CA GLN C 719 45.99 5.96 -24.67
C GLN C 719 46.43 5.62 -23.26
N ALA C 720 45.60 5.91 -22.26
CA ALA C 720 45.98 5.70 -20.87
C ALA C 720 46.09 4.21 -20.56
N VAL C 721 45.26 3.39 -21.20
CA VAL C 721 45.33 1.95 -20.97
C VAL C 721 46.71 1.41 -21.35
N ARG C 722 47.23 1.86 -22.49
CA ARG C 722 48.62 1.57 -22.83
C ARG C 722 49.56 2.26 -21.86
N ASP C 723 49.24 3.50 -21.48
CA ASP C 723 50.13 4.27 -20.61
C ASP C 723 50.14 3.73 -19.20
N ASN C 724 49.21 2.83 -18.88
CA ASN C 724 49.06 2.17 -17.58
C ASN C 724 48.73 3.14 -16.46
N LYS C 725 48.47 4.42 -16.77
CA LYS C 725 48.05 5.35 -15.73
C LYS C 725 46.62 5.04 -15.27
N LEU C 726 45.77 4.62 -16.19
CA LEU C 726 44.39 4.23 -15.90
C LEU C 726 44.30 2.72 -15.92
N HIS C 727 43.65 2.15 -14.91
CA HIS C 727 43.65 0.69 -14.76
C HIS C 727 42.45 0.05 -15.45
N ALA C 728 41.27 0.68 -15.37
CA ALA C 728 40.05 0.05 -15.86
C ALA C 728 39.26 1.04 -16.69
N PHE C 729 38.40 0.51 -17.56
CA PHE C 729 37.57 1.31 -18.44
C PHE C 729 36.36 0.49 -18.84
N ILE C 730 35.18 1.12 -18.83
CA ILE C 730 33.90 0.41 -18.90
C ILE C 730 32.94 1.22 -19.78
N TRP C 731 32.73 0.76 -21.02
CA TRP C 731 31.48 1.01 -21.75
C TRP C 731 31.36 0.09 -22.96
N ASP C 732 30.43 0.45 -23.86
CA ASP C 732 29.81 -0.45 -24.82
C ASP C 732 30.74 -1.44 -25.50
N SER C 733 30.24 -2.66 -25.71
CA SER C 733 31.09 -3.78 -26.11
C SER C 733 31.65 -3.62 -27.52
N ALA C 734 30.83 -3.16 -28.47
CA ALA C 734 31.24 -3.17 -29.86
C ALA C 734 32.46 -2.27 -30.10
N VAL C 735 32.45 -1.06 -29.53
CA VAL C 735 33.55 -0.12 -29.74
C VAL C 735 34.85 -0.70 -29.20
N LEU C 736 34.80 -1.21 -27.98
CA LEU C 736 35.98 -1.79 -27.35
C LEU C 736 36.47 -3.01 -28.10
N GLU C 737 35.56 -3.85 -28.59
CA GLU C 737 35.95 -5.04 -29.34
C GLU C 737 36.67 -4.65 -30.63
N PHE C 738 36.12 -3.68 -31.36
CA PHE C 738 36.75 -3.24 -32.59
C PHE C 738 38.11 -2.61 -32.33
N GLU C 739 38.19 -1.79 -31.26
CA GLU C 739 39.45 -1.16 -30.92
C GLU C 739 40.52 -2.18 -30.55
N ALA C 740 40.16 -3.20 -29.77
CA ALA C 740 41.08 -4.27 -29.44
C ALA C 740 41.48 -5.07 -30.67
N SER C 741 40.56 -5.30 -31.60
CA SER C 741 40.90 -5.96 -32.85
C SER C 741 41.91 -5.15 -33.67
N GLN C 742 41.73 -3.84 -33.75
CA GLN C 742 42.63 -2.97 -34.51
C GLN C 742 43.91 -2.68 -33.76
N LYS C 743 43.80 -2.05 -32.59
CA LYS C 743 44.96 -1.76 -31.75
C LYS C 743 45.27 -2.98 -30.90
N CYS C 744 46.32 -3.70 -31.28
CA CYS C 744 46.68 -4.93 -30.60
C CYS C 744 47.27 -4.64 -29.22
N ASP C 745 47.66 -5.71 -28.52
CA ASP C 745 48.25 -5.71 -27.19
C ASP C 745 47.24 -5.32 -26.12
N LEU C 746 45.98 -5.11 -26.48
CA LEU C 746 44.92 -4.80 -25.53
C LEU C 746 43.81 -5.84 -25.66
N VAL C 747 43.29 -6.26 -24.51
CA VAL C 747 42.29 -7.32 -24.45
C VAL C 747 41.16 -6.86 -23.54
N THR C 748 39.98 -7.45 -23.74
CA THR C 748 38.82 -7.24 -22.88
C THR C 748 38.61 -8.48 -22.02
N THR C 749 38.23 -8.26 -20.77
CA THR C 749 38.09 -9.34 -19.80
C THR C 749 36.62 -9.48 -19.40
N GLY C 750 36.15 -10.72 -19.32
CA GLY C 750 34.81 -11.01 -18.86
C GLY C 750 33.78 -11.00 -19.98
N GLU C 751 32.69 -11.71 -19.74
CA GLU C 751 31.57 -11.73 -20.67
C GLU C 751 30.64 -10.55 -20.41
N LEU C 752 29.79 -10.27 -21.40
CA LEU C 752 28.85 -9.17 -21.28
C LEU C 752 27.90 -9.39 -20.10
N PHE C 753 27.82 -8.39 -19.22
CA PHE C 753 26.98 -8.45 -18.04
C PHE C 753 25.72 -7.61 -18.20
N PHE C 754 25.35 -7.26 -19.43
CA PHE C 754 24.22 -6.36 -19.66
C PHE C 754 23.74 -6.58 -21.09
N ARG C 755 22.53 -6.10 -21.36
CA ARG C 755 21.95 -6.19 -22.69
C ARG C 755 21.25 -4.88 -23.01
N SER C 756 21.40 -4.44 -24.26
CA SER C 756 20.80 -3.19 -24.72
C SER C 756 20.72 -3.23 -26.25
N GLY C 757 20.46 -2.08 -26.85
CA GLY C 757 20.46 -1.96 -28.29
C GLY C 757 20.68 -0.52 -28.72
N PHE C 758 21.28 -0.38 -29.90
CA PHE C 758 21.46 0.92 -30.51
C PHE C 758 20.31 1.21 -31.46
N GLY C 759 19.95 2.49 -31.55
CA GLY C 759 18.85 2.87 -32.41
C GLY C 759 18.73 4.36 -32.64
N ILE C 760 18.07 4.73 -33.74
CA ILE C 760 17.84 6.13 -34.04
C ILE C 760 16.80 6.70 -33.09
N GLY C 761 16.83 8.01 -32.90
CA GLY C 761 15.87 8.68 -32.03
C GLY C 761 15.23 9.89 -32.67
N MET C 762 13.92 10.03 -32.47
CA MET C 762 13.17 11.15 -33.03
C MET C 762 12.40 11.84 -31.92
N ARG C 763 12.03 13.09 -32.18
CA ARG C 763 11.15 13.82 -31.26
C ARG C 763 9.77 13.19 -31.30
N LYS C 764 9.08 13.21 -30.16
CA LYS C 764 7.83 12.48 -30.03
C LYS C 764 6.79 13.00 -31.01
N ASP C 765 5.89 12.11 -31.42
CA ASP C 765 4.81 12.44 -32.35
C ASP C 765 5.35 12.97 -33.68
N SER C 766 6.46 12.39 -34.13
CA SER C 766 6.93 12.81 -35.44
C SER C 766 6.52 11.80 -36.51
N PRO C 767 6.10 12.28 -37.68
CA PRO C 767 5.58 11.35 -38.70
C PRO C 767 6.60 10.34 -39.19
N TRP C 768 7.89 10.65 -39.14
CA TRP C 768 8.88 9.82 -39.82
C TRP C 768 9.07 8.46 -39.14
N LYS C 769 8.65 8.36 -37.87
CA LYS C 769 9.03 7.22 -37.04
C LYS C 769 8.49 5.91 -37.61
N GLN C 770 7.20 5.88 -37.95
CA GLN C 770 6.57 4.65 -38.40
C GLN C 770 7.27 4.10 -39.64
N ASN C 771 7.46 4.95 -40.64
CA ASN C 771 8.08 4.47 -41.88
C ASN C 771 9.55 4.13 -41.70
N VAL C 772 10.29 4.89 -40.91
CA VAL C 772 11.71 4.55 -40.76
C VAL C 772 11.85 3.22 -40.04
N SER C 773 11.01 2.99 -39.02
CA SER C 773 11.04 1.70 -38.33
C SER C 773 10.61 0.56 -39.24
N LEU C 774 9.61 0.79 -40.10
CA LEU C 774 9.19 -0.24 -41.04
C LEU C 774 10.32 -0.58 -42.03
N SER C 775 11.01 0.45 -42.52
CA SER C 775 11.97 0.23 -43.59
C SER C 775 13.27 -0.39 -43.06
N ILE C 776 13.66 -0.04 -41.83
CA ILE C 776 14.91 -0.55 -41.30
C ILE C 776 14.83 -2.07 -41.15
N LEU C 777 13.65 -2.58 -40.78
CA LEU C 777 13.50 -4.03 -40.66
C LEU C 777 13.65 -4.72 -42.01
N LYS C 778 13.05 -4.15 -43.06
CA LYS C 778 13.18 -4.74 -44.39
C LYS C 778 14.63 -4.73 -44.83
N SER C 779 15.33 -3.62 -44.57
CA SER C 779 16.75 -3.56 -44.91
C SER C 779 17.55 -4.61 -44.16
N HIS C 780 17.26 -4.79 -42.87
CA HIS C 780 17.97 -5.80 -42.09
C HIS C 780 17.68 -7.20 -42.60
N GLU C 781 16.44 -7.47 -43.00
CA GLU C 781 16.10 -8.77 -43.55
C GLU C 781 16.83 -9.03 -44.86
N ASN C 782 16.96 -8.00 -45.69
CA ASN C 782 17.66 -8.13 -46.97
C ASN C 782 19.14 -8.51 -46.79
N GLY C 783 19.85 -7.88 -45.87
CA GLY C 783 21.21 -8.25 -45.58
C GLY C 783 22.26 -7.18 -45.85
N PHE C 784 21.86 -6.01 -46.35
CA PHE C 784 22.85 -4.95 -46.60
C PHE C 784 23.53 -4.53 -45.31
N MET C 785 22.79 -4.49 -44.21
CA MET C 785 23.41 -4.22 -42.91
C MET C 785 24.41 -5.31 -42.56
N GLU C 786 24.08 -6.56 -42.84
CA GLU C 786 25.02 -7.65 -42.61
C GLU C 786 26.25 -7.50 -43.50
N ASP C 787 26.05 -7.11 -44.75
CA ASP C 787 27.18 -6.96 -45.68
C ASP C 787 28.12 -5.85 -45.24
N LEU C 788 27.57 -4.73 -44.77
CA LEU C 788 28.42 -3.62 -44.36
C LEU C 788 29.31 -3.99 -43.18
N ASP C 789 28.87 -4.95 -42.37
CA ASP C 789 29.63 -5.32 -41.17
C ASP C 789 31.02 -5.81 -41.54
N LYS C 790 31.10 -6.81 -42.42
CA LYS C 790 32.40 -7.34 -42.81
C LYS C 790 33.28 -6.27 -43.41
N THR C 791 32.67 -5.24 -43.99
CA THR C 791 33.43 -4.13 -44.53
C THR C 791 33.91 -3.19 -43.42
N TRP C 792 33.25 -3.20 -42.25
CA TRP C 792 33.64 -2.26 -41.21
C TRP C 792 33.71 -2.79 -39.78
N VAL C 793 33.39 -4.06 -39.51
CA VAL C 793 33.58 -4.58 -38.16
C VAL C 793 34.62 -5.70 -38.13
N ARG C 794 34.69 -6.53 -39.17
CA ARG C 794 35.58 -7.68 -39.19
C ARG C 794 36.69 -7.42 -40.21
N TYR C 795 37.88 -7.08 -39.72
CA TYR C 795 39.02 -6.81 -40.59
C TYR C 795 40.32 -7.25 -39.93
N THR D 62 20.57 62.01 3.18
CA THR D 62 19.81 62.06 4.43
C THR D 62 18.68 61.03 4.42
N VAL D 63 18.30 60.57 5.61
CA VAL D 63 17.28 59.54 5.77
C VAL D 63 16.35 59.95 6.91
N ALA D 64 15.15 59.40 6.90
CA ALA D 64 14.16 59.63 7.95
C ALA D 64 13.58 58.30 8.42
N VAL D 65 13.03 58.31 9.62
CA VAL D 65 12.44 57.13 10.24
C VAL D 65 11.08 57.51 10.80
N VAL D 66 10.22 56.51 10.96
CA VAL D 66 8.87 56.70 11.49
C VAL D 66 8.59 55.64 12.53
N PHE D 67 7.87 56.02 13.59
CA PHE D 67 7.38 55.08 14.60
C PHE D 67 5.85 55.07 14.56
N SER D 68 5.28 53.95 15.01
CA SER D 68 3.84 53.78 14.83
C SER D 68 3.27 52.89 15.93
N SER D 69 2.18 53.37 16.53
CA SER D 69 1.24 52.58 17.30
C SER D 69 1.85 51.87 18.53
N SER D 70 2.60 52.60 19.35
CA SER D 70 2.98 52.11 20.67
C SER D 70 3.31 53.28 21.59
N GLY D 71 2.36 53.68 22.43
CA GLY D 71 2.46 54.89 23.19
C GLY D 71 3.61 54.95 24.16
N PRO D 72 3.55 54.15 25.23
CA PRO D 72 4.62 54.15 26.24
C PRO D 72 5.97 53.77 25.63
N PRO D 73 6.04 52.82 24.70
CA PRO D 73 7.32 52.63 23.99
C PRO D 73 7.76 53.84 23.18
N GLN D 74 6.80 54.65 22.70
CA GLN D 74 7.17 55.78 21.85
C GLN D 74 7.96 56.83 22.62
N ALA D 75 7.81 56.89 23.94
CA ALA D 75 8.66 57.77 24.73
C ALA D 75 10.11 57.33 24.64
N GLN D 76 10.36 56.03 24.79
CA GLN D 76 11.70 55.50 24.59
C GLN D 76 12.15 55.68 23.14
N PHE D 77 11.20 55.61 22.19
CA PHE D 77 11.54 55.85 20.80
C PHE D 77 12.05 57.28 20.58
N ARG D 78 11.36 58.27 21.16
CA ARG D 78 11.82 59.65 21.05
C ARG D 78 13.16 59.82 21.75
N ALA D 79 13.32 59.20 22.93
CA ALA D 79 14.58 59.30 23.65
C ALA D 79 15.74 58.74 22.84
N ARG D 80 15.50 57.63 22.13
CA ARG D 80 16.57 57.04 21.33
C ARG D 80 16.74 57.79 20.00
N LEU D 81 15.72 58.55 19.59
CA LEU D 81 15.86 59.36 18.39
C LEU D 81 16.66 60.64 18.68
N THR D 82 16.60 61.13 19.91
CA THR D 82 17.29 62.37 20.27
C THR D 82 18.81 62.34 20.06
N PRO D 83 19.51 61.22 20.13
CA PRO D 83 20.95 61.24 19.84
C PRO D 83 21.25 61.79 18.45
N GLN D 84 22.39 62.47 18.35
CA GLN D 84 22.81 63.02 17.05
C GLN D 84 23.03 61.91 16.03
N SER D 85 23.73 60.84 16.43
CA SER D 85 24.02 59.75 15.50
C SER D 85 24.51 58.55 16.29
N PHE D 86 24.61 57.42 15.59
CA PHE D 86 25.28 56.25 16.16
C PHE D 86 26.77 56.29 15.89
N LEU D 87 27.21 57.17 14.97
CA LEU D 87 28.61 57.43 14.69
C LEU D 87 29.37 56.18 14.26
N ASP D 88 28.72 55.30 13.50
CA ASP D 88 29.37 54.08 13.03
C ASP D 88 29.30 53.97 11.51
N LEU D 89 28.17 54.37 10.94
CA LEU D 89 27.93 54.26 9.50
C LEU D 89 28.91 55.12 8.71
N PRO D 90 29.46 54.61 7.61
CA PRO D 90 30.36 55.42 6.79
C PRO D 90 29.62 56.45 5.96
N LEU D 91 28.89 57.35 6.63
CA LEU D 91 28.14 58.39 5.95
C LEU D 91 27.90 59.52 6.95
N GLU D 92 27.58 60.70 6.42
CA GLU D 92 27.33 61.87 7.24
C GLU D 92 25.87 62.30 7.11
N ILE D 93 24.97 61.34 6.99
CA ILE D 93 23.55 61.65 6.84
C ILE D 93 22.94 61.91 8.21
N GLN D 94 22.11 62.94 8.31
CA GLN D 94 21.47 63.27 9.58
C GLN D 94 20.03 62.76 9.59
N PRO D 95 19.70 61.79 10.44
CA PRO D 95 18.33 61.28 10.52
C PRO D 95 17.31 62.33 10.93
N LEU D 96 16.04 61.98 10.71
CA LEU D 96 14.91 62.75 11.19
C LEU D 96 13.78 61.78 11.52
N THR D 97 12.98 62.14 12.53
CA THR D 97 11.96 61.23 13.03
C THR D 97 10.58 61.82 12.81
N VAL D 98 9.61 60.94 12.61
CA VAL D 98 8.20 61.29 12.46
C VAL D 98 7.38 60.32 13.30
N GLY D 99 6.31 60.82 13.90
CA GLY D 99 5.45 59.98 14.70
C GLY D 99 3.99 60.21 14.39
N VAL D 100 3.27 59.15 14.06
CA VAL D 100 1.88 59.24 13.65
C VAL D 100 1.00 58.62 14.73
N ASN D 101 -0.06 59.33 15.10
CA ASN D 101 -0.92 58.89 16.19
C ASN D 101 -1.58 57.56 15.88
N THR D 102 -2.35 57.51 14.80
CA THR D 102 -3.05 56.30 14.40
C THR D 102 -2.80 56.00 12.93
N THR D 103 -2.93 54.73 12.57
CA THR D 103 -2.70 54.26 11.22
C THR D 103 -3.99 54.35 10.42
N ASN D 104 -4.04 55.33 9.51
CA ASN D 104 -5.21 55.57 8.67
C ASN D 104 -4.73 56.05 7.31
N PRO D 105 -5.51 55.86 6.25
CA PRO D 105 -5.01 56.22 4.91
C PRO D 105 -4.67 57.70 4.77
N SER D 106 -5.62 58.59 5.07
CA SER D 106 -5.36 60.02 4.91
C SER D 106 -4.19 60.48 5.77
N SER D 107 -4.17 60.04 7.03
CA SER D 107 -3.09 60.40 7.93
C SER D 107 -1.74 60.00 7.36
N LEU D 108 -1.61 58.75 6.94
CA LEU D 108 -0.32 58.28 6.43
C LEU D 108 0.08 59.02 5.17
N LEU D 109 -0.86 59.18 4.23
CA LEU D 109 -0.57 59.89 2.98
C LEU D 109 -0.02 61.29 3.26
N THR D 110 -0.75 62.06 4.07
CA THR D 110 -0.32 63.42 4.35
C THR D 110 1.02 63.43 5.06
N GLN D 111 1.11 62.68 6.18
CA GLN D 111 2.31 62.71 7.00
C GLN D 111 3.53 62.17 6.27
N ILE D 112 3.35 61.39 5.21
CA ILE D 112 4.53 60.94 4.48
C ILE D 112 4.91 61.92 3.38
N CYS D 113 3.99 62.35 2.52
CA CYS D 113 4.47 63.11 1.35
C CYS D 113 4.76 64.55 1.74
N GLY D 114 3.97 65.11 2.67
CA GLY D 114 4.28 66.46 3.14
C GLY D 114 5.64 66.52 3.81
N LEU D 115 5.93 65.55 4.67
CA LEU D 115 7.22 65.49 5.32
C LEU D 115 8.34 65.28 4.31
N LEU D 116 8.10 64.41 3.32
CA LEU D 116 9.11 64.16 2.30
C LEU D 116 9.44 65.42 1.51
N GLY D 117 8.42 66.18 1.12
CA GLY D 117 8.66 67.37 0.33
C GLY D 117 9.05 68.59 1.15
N ALA D 118 8.90 68.51 2.48
CA ALA D 118 9.21 69.65 3.31
C ALA D 118 10.72 69.85 3.48
N ALA D 119 11.48 68.76 3.58
CA ALA D 119 12.88 68.90 3.98
C ALA D 119 13.89 68.16 3.11
N HIS D 120 13.56 67.83 1.87
CA HIS D 120 14.52 67.29 0.91
C HIS D 120 15.26 66.06 1.43
N VAL D 121 14.54 64.96 1.63
CA VAL D 121 15.14 63.74 2.15
C VAL D 121 15.43 62.80 0.97
N HIS D 122 16.23 61.77 1.21
CA HIS D 122 16.63 60.86 0.13
C HIS D 122 15.97 59.50 0.28
N GLY D 123 15.86 58.99 1.50
CA GLY D 123 15.28 57.68 1.74
C GLY D 123 14.55 57.63 3.05
N ILE D 124 13.63 56.68 3.16
CA ILE D 124 12.83 56.49 4.35
C ILE D 124 12.75 55.01 4.70
N VAL D 125 12.56 54.71 5.98
CA VAL D 125 12.41 53.35 6.48
C VAL D 125 11.18 53.31 7.36
N PHE D 126 10.46 52.19 7.32
CA PHE D 126 9.20 52.03 8.02
C PHE D 126 9.40 51.26 9.32
N GLU D 127 8.44 51.42 10.23
CA GLU D 127 8.42 50.65 11.48
C GLU D 127 7.00 50.15 11.68
N ASP D 128 6.88 48.99 12.32
CA ASP D 128 5.62 48.26 12.33
C ASP D 128 4.62 48.76 13.36
N ASN D 129 3.56 47.98 13.55
CA ASN D 129 2.44 48.32 14.41
C ASN D 129 1.84 47.04 15.00
N VAL D 130 0.59 47.10 15.44
CA VAL D 130 -0.13 45.98 16.02
C VAL D 130 -0.32 44.86 15.01
N ASP D 131 0.21 45.05 13.79
CA ASP D 131 0.16 44.07 12.71
C ASP D 131 -1.27 43.81 12.24
N THR D 132 -1.92 44.85 11.73
CA THR D 132 -3.17 44.72 10.99
C THR D 132 -2.86 44.69 9.50
N GLU D 133 -3.58 43.84 8.79
CA GLU D 133 -3.26 43.54 7.39
C GLU D 133 -3.59 44.72 6.47
N ALA D 134 -3.28 44.54 5.20
CA ALA D 134 -3.63 45.47 4.12
C ALA D 134 -3.03 46.86 4.34
N VAL D 135 -1.79 46.93 4.82
CA VAL D 135 -1.12 48.21 4.99
C VAL D 135 0.02 48.41 4.01
N ALA D 136 0.60 47.35 3.46
CA ALA D 136 1.75 47.50 2.58
C ALA D 136 1.36 48.07 1.23
N GLN D 137 0.10 47.88 0.83
CA GLN D 137 -0.34 48.36 -0.47
C GLN D 137 -0.22 49.88 -0.56
N ILE D 138 -0.53 50.58 0.54
CA ILE D 138 -0.46 52.04 0.54
C ILE D 138 0.98 52.49 0.30
N LEU D 139 1.93 51.88 1.02
CA LEU D 139 3.33 52.25 0.83
C LEU D 139 3.81 51.90 -0.56
N ASP D 140 3.32 50.78 -1.12
CA ASP D 140 3.66 50.44 -2.49
C ASP D 140 3.17 51.50 -3.46
N PHE D 141 1.95 51.99 -3.26
CA PHE D 141 1.42 53.07 -4.10
C PHE D 141 2.27 54.32 -3.95
N ILE D 142 2.70 54.62 -2.73
CA ILE D 142 3.57 55.77 -2.51
C ILE D 142 4.87 55.63 -3.30
N SER D 143 5.49 54.45 -3.23
CA SER D 143 6.73 54.21 -3.94
C SER D 143 6.52 54.33 -5.44
N SER D 144 5.40 53.80 -5.94
CA SER D 144 5.11 53.92 -7.37
C SER D 144 4.95 55.38 -7.78
N GLN D 145 4.27 56.18 -6.96
CA GLN D 145 3.96 57.55 -7.33
C GLN D 145 5.19 58.44 -7.25
N THR D 146 5.84 58.50 -6.09
CA THR D 146 6.92 59.45 -5.89
C THR D 146 8.30 58.88 -6.25
N HIS D 147 8.38 57.61 -6.62
CA HIS D 147 9.64 56.99 -7.05
C HIS D 147 10.75 57.16 -6.02
N VAL D 148 10.45 56.87 -4.76
CA VAL D 148 11.41 56.99 -3.67
C VAL D 148 11.52 55.63 -3.00
N PRO D 149 12.72 55.10 -2.79
CA PRO D 149 12.85 53.79 -2.17
C PRO D 149 12.52 53.82 -0.68
N ILE D 150 11.82 52.78 -0.22
CA ILE D 150 11.45 52.63 1.18
C ILE D 150 11.97 51.29 1.68
N LEU D 151 11.68 50.98 2.95
CA LEU D 151 12.12 49.71 3.50
C LEU D 151 11.31 49.41 4.77
N SER D 152 10.67 48.25 4.80
CA SER D 152 9.97 47.77 5.98
C SER D 152 10.90 46.91 6.81
N ILE D 153 10.61 46.82 8.11
CA ILE D 153 11.53 46.13 9.02
C ILE D 153 10.86 45.03 9.81
N SER D 154 9.56 45.14 10.06
CA SER D 154 8.91 44.23 11.00
C SER D 154 7.40 44.26 10.84
N GLY D 155 6.72 43.44 11.64
CA GLY D 155 5.27 43.47 11.77
C GLY D 155 4.48 42.91 10.60
N GLY D 156 3.18 43.19 10.60
CA GLY D 156 2.32 42.69 9.54
C GLY D 156 2.68 43.22 8.17
N SER D 157 3.19 44.44 8.11
CA SER D 157 3.72 44.97 6.85
C SER D 157 4.87 44.11 6.33
N ALA D 158 5.56 43.40 7.22
CA ALA D 158 6.65 42.50 6.82
C ALA D 158 6.09 41.13 6.41
N VAL D 159 5.22 41.17 5.41
CA VAL D 159 4.67 39.97 4.79
C VAL D 159 4.81 40.14 3.29
N VAL D 160 5.20 39.08 2.60
CA VAL D 160 5.52 39.18 1.18
C VAL D 160 4.28 39.58 0.39
N LEU D 161 4.47 40.52 -0.52
CA LEU D 161 3.41 41.00 -1.41
C LEU D 161 3.88 40.72 -2.83
N THR D 162 3.46 39.58 -3.37
CA THR D 162 4.11 38.99 -4.54
C THR D 162 4.06 39.87 -5.79
N PRO D 163 2.88 40.19 -6.33
CA PRO D 163 2.89 40.93 -7.62
C PRO D 163 2.96 42.44 -7.40
N LYS D 164 4.14 42.92 -7.03
CA LYS D 164 4.30 44.33 -6.73
C LYS D 164 4.14 45.18 -7.98
N GLU D 165 4.06 46.50 -7.76
CA GLU D 165 3.92 47.43 -8.87
C GLU D 165 5.17 47.39 -9.74
N PRO D 166 5.04 47.68 -11.05
CA PRO D 166 6.18 47.52 -11.97
C PRO D 166 7.37 48.40 -11.62
N GLY D 167 7.17 49.70 -11.53
CA GLY D 167 8.26 50.63 -11.34
C GLY D 167 8.60 50.97 -9.90
N SER D 168 8.15 50.17 -8.93
CA SER D 168 8.37 50.49 -7.53
C SER D 168 9.66 49.84 -7.02
N ALA D 169 10.00 50.18 -5.78
CA ALA D 169 11.11 49.56 -5.06
C ALA D 169 10.71 49.56 -3.58
N PHE D 170 10.15 48.44 -3.12
CA PHE D 170 9.61 48.33 -1.77
C PHE D 170 10.62 47.77 -0.79
N LEU D 171 11.19 46.60 -1.08
CA LEU D 171 12.24 45.98 -0.28
C LEU D 171 11.77 45.73 1.16
N GLN D 172 10.76 44.87 1.25
CA GLN D 172 10.29 44.37 2.53
C GLN D 172 10.88 43.00 2.79
N LEU D 173 11.56 42.84 3.92
CA LEU D 173 12.29 41.62 4.23
C LEU D 173 11.34 40.62 4.85
N GLY D 174 11.39 39.39 4.38
CA GLY D 174 10.54 38.34 4.90
C GLY D 174 10.93 37.04 4.24
N VAL D 175 9.94 36.17 4.07
CA VAL D 175 10.17 34.88 3.42
C VAL D 175 9.04 34.63 2.41
N SER D 176 9.42 34.28 1.19
CA SER D 176 8.42 33.90 0.20
C SER D 176 7.82 32.55 0.56
N LEU D 177 6.62 32.30 0.07
CA LEU D 177 5.87 31.12 0.50
C LEU D 177 6.60 29.83 0.13
N GLU D 178 7.26 29.81 -1.02
CA GLU D 178 8.02 28.62 -1.40
C GLU D 178 9.17 28.37 -0.43
N GLN D 179 9.96 29.40 -0.14
CA GLN D 179 11.02 29.28 0.85
C GLN D 179 10.44 29.02 2.23
N GLN D 180 9.34 29.68 2.56
CA GLN D 180 8.70 29.46 3.85
C GLN D 180 8.12 28.05 3.97
N LEU D 181 7.98 27.33 2.86
CA LEU D 181 7.41 25.99 2.87
C LEU D 181 8.47 24.90 2.79
N GLN D 182 9.59 25.15 2.12
CA GLN D 182 10.62 24.13 1.96
C GLN D 182 11.13 23.63 3.32
N VAL D 183 11.13 24.50 4.33
CA VAL D 183 11.67 24.13 5.63
C VAL D 183 10.81 23.08 6.31
N LEU D 184 9.48 23.16 6.16
CA LEU D 184 8.63 22.13 6.76
C LEU D 184 8.87 20.77 6.13
N PHE D 185 9.12 20.73 4.83
CA PHE D 185 9.41 19.44 4.21
C PHE D 185 10.79 18.93 4.62
N LYS D 186 11.76 19.83 4.78
CA LYS D 186 13.07 19.41 5.24
C LYS D 186 13.02 18.87 6.67
N VAL D 187 12.19 19.46 7.54
CA VAL D 187 12.06 18.98 8.91
C VAL D 187 11.11 17.81 9.04
N LEU D 188 10.27 17.56 8.04
CA LEU D 188 9.37 16.42 8.04
C LEU D 188 10.06 15.15 7.53
N GLU D 189 11.30 15.26 7.07
CA GLU D 189 12.04 14.10 6.59
C GLU D 189 13.03 13.60 7.63
N GLU D 190 13.45 14.46 8.55
CA GLU D 190 14.35 14.03 9.62
C GLU D 190 13.69 12.97 10.50
N TYR D 191 12.38 13.09 10.71
CA TYR D 191 11.63 12.11 11.48
C TYR D 191 10.75 11.21 10.61
N ASP D 192 10.50 11.60 9.36
CA ASP D 192 9.88 10.74 8.36
C ASP D 192 8.51 10.23 8.81
N TRP D 193 7.57 11.18 8.96
CA TRP D 193 6.20 10.78 9.29
C TRP D 193 5.37 10.58 8.03
N SER D 194 5.39 11.54 7.11
CA SER D 194 4.81 11.38 5.78
C SER D 194 3.33 11.01 5.83
N ALA D 195 2.51 11.94 6.33
CA ALA D 195 1.06 11.74 6.39
C ALA D 195 0.35 12.66 5.41
N PHE D 196 0.62 13.95 5.50
CA PHE D 196 0.12 14.95 4.55
C PHE D 196 -1.40 15.01 4.47
N ALA D 197 -2.03 15.41 5.56
CA ALA D 197 -3.43 15.81 5.54
C ALA D 197 -3.47 17.32 5.42
N VAL D 198 -3.67 17.81 4.19
CA VAL D 198 -3.58 19.24 3.90
C VAL D 198 -4.93 19.87 4.10
N ILE D 199 -4.99 20.88 4.99
CA ILE D 199 -6.22 21.60 5.28
C ILE D 199 -6.00 23.06 4.92
N THR D 200 -6.85 23.58 4.04
CA THR D 200 -6.74 24.98 3.61
C THR D 200 -8.11 25.63 3.72
N SER D 201 -8.14 26.88 4.17
CA SER D 201 -9.37 27.63 4.22
C SER D 201 -9.61 28.35 2.90
N LEU D 202 -10.79 28.95 2.76
CA LEU D 202 -11.10 29.76 1.59
C LEU D 202 -10.52 31.14 1.84
N HIS D 203 -9.23 31.28 1.55
CA HIS D 203 -8.48 32.52 1.74
C HIS D 203 -7.90 32.94 0.39
N PRO D 204 -7.61 34.23 0.22
CA PRO D 204 -7.12 34.69 -1.09
C PRO D 204 -5.83 34.02 -1.54
N GLY D 205 -4.95 33.64 -0.61
CA GLY D 205 -3.65 33.10 -0.99
C GLY D 205 -3.59 31.59 -1.12
N HIS D 206 -4.73 30.91 -1.11
CA HIS D 206 -4.73 29.44 -1.16
C HIS D 206 -4.27 28.89 -2.50
N ALA D 207 -4.58 29.59 -3.61
CA ALA D 207 -4.30 29.05 -4.93
C ALA D 207 -2.80 28.86 -5.15
N LEU D 208 -1.99 29.84 -4.75
CA LEU D 208 -0.54 29.70 -4.90
C LEU D 208 0.00 28.62 -3.97
N PHE D 209 -0.52 28.55 -2.74
CA PHE D 209 -0.04 27.57 -1.79
C PHE D 209 -0.26 26.15 -2.29
N LEU D 210 -1.47 25.85 -2.75
CA LEU D 210 -1.75 24.49 -3.22
C LEU D 210 -0.91 24.14 -4.44
N GLU D 211 -0.76 25.08 -5.37
CA GLU D 211 0.07 24.83 -6.55
C GLU D 211 1.51 24.58 -6.16
N GLY D 212 2.04 25.37 -5.22
CA GLY D 212 3.43 25.18 -4.81
C GLY D 212 3.64 23.83 -4.13
N VAL D 213 2.73 23.45 -3.24
CA VAL D 213 2.92 22.17 -2.55
C VAL D 213 2.78 21.01 -3.54
N ARG D 214 1.84 21.11 -4.49
CA ARG D 214 1.70 20.06 -5.48
C ARG D 214 2.95 19.96 -6.35
N ALA D 215 3.52 21.10 -6.74
CA ALA D 215 4.72 21.07 -7.56
C ALA D 215 5.89 20.47 -6.80
N VAL D 216 6.03 20.82 -5.52
CA VAL D 216 7.14 20.30 -4.73
C VAL D 216 7.00 18.80 -4.51
N ALA D 217 5.76 18.32 -4.31
CA ALA D 217 5.56 16.90 -4.01
C ALA D 217 6.04 16.00 -5.14
N ASP D 218 5.99 16.49 -6.39
CA ASP D 218 6.32 15.67 -7.55
C ASP D 218 7.79 15.69 -7.92
N ALA D 219 8.60 16.58 -7.33
CA ALA D 219 10.01 16.69 -7.66
C ALA D 219 10.91 16.53 -6.44
N SER D 220 10.46 15.83 -5.41
CA SER D 220 11.22 15.75 -4.17
C SER D 220 12.16 14.54 -4.18
N HIS D 221 12.71 14.25 -3.00
CA HIS D 221 13.72 13.20 -2.89
C HIS D 221 13.09 11.85 -2.55
N VAL D 222 12.03 11.86 -1.73
CA VAL D 222 11.47 10.62 -1.19
C VAL D 222 10.05 10.50 -1.73
N SER D 223 9.41 9.34 -1.52
CA SER D 223 8.11 9.06 -2.11
C SER D 223 7.06 10.09 -1.69
N TRP D 224 6.99 10.41 -0.39
CA TRP D 224 6.05 11.39 0.14
C TRP D 224 4.60 11.05 -0.20
N ARG D 225 4.10 9.93 0.32
CA ARG D 225 2.72 9.54 0.13
C ARG D 225 1.81 10.62 0.72
N LEU D 226 0.85 11.08 -0.08
CA LEU D 226 -0.07 12.15 0.31
C LEU D 226 -1.45 11.53 0.49
N LEU D 227 -2.11 11.87 1.60
CA LEU D 227 -3.39 11.26 1.91
C LEU D 227 -4.51 11.92 1.11
N ASP D 228 -4.76 13.21 1.35
CA ASP D 228 -5.87 13.90 0.73
C ASP D 228 -5.74 15.41 0.97
N VAL D 229 -6.57 16.17 0.27
CA VAL D 229 -6.63 17.63 0.39
C VAL D 229 -8.06 18.03 0.66
N VAL D 230 -8.25 18.98 1.58
CA VAL D 230 -9.57 19.43 2.00
C VAL D 230 -9.58 20.94 2.09
N THR D 231 -10.63 21.57 1.56
CA THR D 231 -10.89 22.99 1.74
C THR D 231 -12.26 23.15 2.40
N LEU D 232 -12.38 24.14 3.27
CA LEU D 232 -13.60 24.35 4.04
C LEU D 232 -13.83 25.84 4.27
N GLU D 233 -15.09 26.23 4.43
CA GLU D 233 -15.46 27.61 4.71
C GLU D 233 -15.20 27.90 6.18
N LEU D 234 -14.41 28.93 6.45
CA LEU D 234 -14.05 29.27 7.83
C LEU D 234 -14.52 30.66 8.19
N GLY D 235 -15.74 31.02 7.79
CA GLY D 235 -16.27 32.34 8.04
C GLY D 235 -16.58 32.57 9.49
N PRO D 236 -16.76 33.84 9.88
CA PRO D 236 -17.08 34.13 11.28
C PRO D 236 -18.40 33.55 11.74
N GLY D 237 -19.36 33.43 10.84
CA GLY D 237 -20.66 32.86 11.18
C GLY D 237 -21.18 31.97 10.08
N GLY D 238 -21.89 30.92 10.47
CA GLY D 238 -22.50 30.00 9.53
C GLY D 238 -22.85 28.67 10.16
N PRO D 239 -23.46 27.78 9.36
CA PRO D 239 -23.78 26.44 9.89
C PRO D 239 -22.56 25.54 9.91
N ARG D 240 -22.18 25.09 11.10
CA ARG D 240 -20.93 24.37 11.26
C ARG D 240 -21.03 22.92 10.78
N ALA D 241 -22.24 22.36 10.75
CA ALA D 241 -22.40 20.91 10.66
C ALA D 241 -21.67 20.31 9.47
N ARG D 242 -21.75 20.96 8.30
CA ARG D 242 -21.16 20.38 7.09
C ARG D 242 -19.65 20.22 7.25
N THR D 243 -18.98 21.23 7.82
CA THR D 243 -17.55 21.13 8.03
C THR D 243 -17.23 20.23 9.21
N GLN D 244 -18.07 20.27 10.24
CA GLN D 244 -17.80 19.52 11.47
C GLN D 244 -17.83 18.02 11.23
N ARG D 245 -18.84 17.55 10.51
CA ARG D 245 -18.90 16.12 10.19
C ARG D 245 -17.76 15.69 9.29
N LEU D 246 -17.42 16.53 8.30
CA LEU D 246 -16.35 16.18 7.38
C LEU D 246 -14.99 16.12 8.08
N LEU D 247 -14.72 17.08 8.98
CA LEU D 247 -13.40 17.16 9.61
C LEU D 247 -13.11 15.91 10.44
N ARG D 248 -14.09 15.41 11.17
CA ARG D 248 -13.94 14.19 11.94
C ARG D 248 -13.79 12.96 11.07
N GLN D 249 -14.07 13.06 9.78
CA GLN D 249 -13.92 11.94 8.84
C GLN D 249 -12.52 11.96 8.23
N LEU D 250 -11.52 11.91 9.10
CA LEU D 250 -10.13 12.00 8.67
C LEU D 250 -9.28 11.08 9.54
N ASP D 251 -8.12 10.71 9.02
CA ASP D 251 -7.19 9.86 9.76
C ASP D 251 -5.79 10.07 9.21
N ALA D 252 -4.96 10.80 9.95
CA ALA D 252 -3.59 11.07 9.54
C ALA D 252 -2.80 11.59 10.73
N PRO D 253 -1.59 11.08 10.97
CA PRO D 253 -0.79 11.56 12.11
C PRO D 253 -0.20 12.95 11.94
N VAL D 254 -0.19 13.52 10.74
CA VAL D 254 0.45 14.82 10.53
C VAL D 254 -0.50 15.70 9.73
N PHE D 255 -0.72 16.92 10.22
CA PHE D 255 -1.58 17.90 9.56
C PHE D 255 -0.77 19.14 9.23
N VAL D 256 -1.05 19.73 8.07
CA VAL D 256 -0.52 21.03 7.68
C VAL D 256 -1.70 21.92 7.30
N ALA D 257 -1.75 23.12 7.86
CA ALA D 257 -2.87 24.01 7.66
C ALA D 257 -2.38 25.43 7.42
N TYR D 258 -3.09 26.15 6.54
CA TYR D 258 -2.74 27.52 6.17
C TYR D 258 -4.02 28.36 6.22
N CYS D 259 -4.02 29.38 7.08
CA CYS D 259 -5.20 30.21 7.29
C CYS D 259 -4.81 31.45 8.09
N SER D 260 -5.80 32.28 8.38
CA SER D 260 -5.60 33.52 9.10
C SER D 260 -5.81 33.31 10.60
N ARG D 261 -5.62 34.40 11.36
CA ARG D 261 -5.66 34.31 12.82
C ARG D 261 -7.03 33.89 13.32
N GLU D 262 -8.08 34.59 12.89
CA GLU D 262 -9.44 34.22 13.28
C GLU D 262 -9.80 32.85 12.76
N GLU D 263 -9.42 32.56 11.51
CA GLU D 263 -9.62 31.23 10.96
C GLU D 263 -8.86 30.19 11.77
N ALA D 264 -7.65 30.52 12.22
CA ALA D 264 -6.90 29.60 13.07
C ALA D 264 -7.66 29.33 14.35
N GLU D 265 -8.20 30.38 14.98
CA GLU D 265 -8.95 30.20 16.22
C GLU D 265 -10.15 29.28 16.01
N VAL D 266 -10.95 29.55 14.98
CA VAL D 266 -12.19 28.81 14.79
C VAL D 266 -11.90 27.36 14.42
N LEU D 267 -10.95 27.13 13.49
CA LEU D 267 -10.59 25.77 13.11
C LEU D 267 -10.02 25.01 14.28
N PHE D 268 -9.17 25.64 15.08
CA PHE D 268 -8.54 24.92 16.17
C PHE D 268 -9.55 24.58 17.27
N ALA D 269 -10.49 25.49 17.54
CA ALA D 269 -11.56 25.19 18.48
C ALA D 269 -12.42 24.05 17.98
N GLU D 270 -12.77 24.05 16.69
CA GLU D 270 -13.59 22.98 16.15
C GLU D 270 -12.86 21.64 16.22
N ALA D 271 -11.57 21.64 15.90
CA ALA D 271 -10.80 20.39 15.95
C ALA D 271 -10.68 19.88 17.38
N ALA D 272 -10.46 20.79 18.34
CA ALA D 272 -10.45 20.40 19.73
C ALA D 272 -11.80 19.84 20.17
N GLN D 273 -12.89 20.38 19.62
CA GLN D 273 -14.21 19.85 19.93
C GLN D 273 -14.36 18.44 19.41
N ALA D 274 -14.02 18.21 18.14
CA ALA D 274 -14.19 16.89 17.54
C ALA D 274 -12.92 16.05 17.62
N GLY D 275 -12.35 15.94 18.82
CA GLY D 275 -11.26 15.03 19.11
C GLY D 275 -10.16 14.81 18.08
N LEU D 276 -9.43 15.87 17.71
CA LEU D 276 -8.25 15.74 16.87
C LEU D 276 -7.06 16.51 17.42
N VAL D 277 -7.03 16.75 18.73
CA VAL D 277 -5.95 17.50 19.36
C VAL D 277 -5.23 16.71 20.43
N GLY D 278 -5.31 15.39 20.43
CA GLY D 278 -4.65 14.59 21.42
C GLY D 278 -3.16 14.51 21.19
N PRO D 279 -2.49 13.60 21.91
CA PRO D 279 -1.03 13.47 21.77
C PRO D 279 -0.60 12.75 20.50
N GLY D 280 -1.52 12.23 19.71
CA GLY D 280 -1.17 11.44 18.55
C GLY D 280 -0.90 12.22 17.29
N HIS D 281 -1.41 13.44 17.18
CA HIS D 281 -1.33 14.20 15.95
C HIS D 281 -0.43 15.43 16.13
N VAL D 282 0.00 15.99 15.00
CA VAL D 282 0.92 17.12 14.98
C VAL D 282 0.44 18.11 13.93
N TRP D 283 0.52 19.40 14.25
CA TRP D 283 0.06 20.46 13.36
C TRP D 283 1.23 21.30 12.87
N LEU D 284 1.16 21.66 11.59
CA LEU D 284 2.13 22.52 10.94
C LEU D 284 1.42 23.74 10.35
N VAL D 285 1.91 24.93 10.66
CA VAL D 285 1.33 26.15 10.10
C VAL D 285 2.45 27.07 9.62
N PRO D 286 2.23 27.84 8.57
CA PRO D 286 3.26 28.78 8.11
C PRO D 286 3.27 30.05 8.96
N ASN D 287 4.10 31.00 8.53
CA ASN D 287 4.29 32.24 9.27
C ASN D 287 3.10 33.19 9.16
N LEU D 288 2.21 32.98 8.19
CA LEU D 288 1.06 33.86 8.04
C LEU D 288 0.20 33.84 9.30
N ALA D 289 0.16 32.71 9.99
CA ALA D 289 -0.56 32.58 11.25
C ALA D 289 0.25 33.15 12.40
N LEU D 290 -0.19 32.83 13.61
CA LEU D 290 0.49 33.04 14.89
C LEU D 290 0.60 34.51 15.28
N GLY D 291 0.16 35.41 14.41
CA GLY D 291 -0.08 36.79 14.78
C GLY D 291 1.04 37.53 15.48
N SER D 292 0.83 37.80 16.78
CA SER D 292 1.65 38.77 17.50
C SER D 292 3.12 38.36 17.57
N THR D 293 3.38 37.07 17.80
CA THR D 293 4.68 36.46 18.08
C THR D 293 5.13 36.79 19.51
N ASP D 294 4.41 37.64 20.24
CA ASP D 294 4.73 37.95 21.63
C ASP D 294 3.61 37.68 22.60
N ALA D 295 2.37 37.51 22.13
CA ALA D 295 1.24 37.22 23.00
C ALA D 295 0.72 35.82 22.71
N PRO D 296 0.78 34.89 23.66
CA PRO D 296 0.29 33.54 23.42
C PRO D 296 -1.22 33.45 23.58
N PRO D 297 -1.95 33.17 22.51
CA PRO D 297 -3.40 33.03 22.62
C PRO D 297 -3.79 31.72 23.28
N ALA D 298 -5.05 31.64 23.66
CA ALA D 298 -5.58 30.42 24.25
C ALA D 298 -5.99 29.44 23.14
N THR D 299 -6.46 28.28 23.57
CA THR D 299 -6.97 27.18 22.75
C THR D 299 -5.91 26.58 21.84
N PHE D 300 -4.65 26.96 21.98
CA PHE D 300 -3.61 26.39 21.14
C PHE D 300 -3.05 25.13 21.79
N PRO D 301 -3.21 23.97 21.17
CA PRO D 301 -2.63 22.73 21.72
C PRO D 301 -1.11 22.77 21.65
N VAL D 302 -0.45 22.42 22.75
CA VAL D 302 1.00 22.47 22.84
C VAL D 302 1.60 21.56 21.78
N GLY D 303 2.65 22.03 21.09
CA GLY D 303 3.30 21.28 20.06
C GLY D 303 3.17 21.86 18.66
N LEU D 304 2.55 23.02 18.52
CA LEU D 304 2.44 23.64 17.21
C LEU D 304 3.82 24.03 16.68
N ILE D 305 4.04 23.80 15.39
CA ILE D 305 5.32 24.03 14.75
C ILE D 305 5.13 25.07 13.66
N SER D 306 6.03 26.05 13.64
CA SER D 306 6.03 27.06 12.58
C SER D 306 7.46 27.55 12.38
N VAL D 307 7.65 28.35 11.35
CA VAL D 307 8.96 28.84 10.94
C VAL D 307 8.87 30.35 10.81
N VAL D 308 9.78 31.07 11.48
CA VAL D 308 9.85 32.51 11.39
C VAL D 308 11.28 32.93 11.15
N THR D 309 11.45 34.15 10.63
CA THR D 309 12.78 34.65 10.30
C THR D 309 13.58 34.97 11.55
N GLU D 310 14.83 35.36 11.34
CA GLU D 310 15.72 35.68 12.44
C GLU D 310 15.37 37.04 13.04
N SER D 311 16.05 37.36 14.15
CA SER D 311 15.93 38.64 14.85
C SER D 311 14.53 38.90 15.37
N TRP D 312 13.69 37.87 15.47
CA TRP D 312 12.35 38.06 16.01
C TRP D 312 12.40 38.51 17.47
N ARG D 313 13.33 37.98 18.25
CA ARG D 313 13.46 38.34 19.65
C ARG D 313 14.24 39.62 19.87
N LEU D 314 14.74 40.25 18.81
CA LEU D 314 15.51 41.48 18.95
C LEU D 314 14.60 42.64 19.32
N SER D 315 15.20 43.82 19.45
CA SER D 315 14.50 45.05 19.81
C SER D 315 14.25 45.90 18.57
N LEU D 316 13.28 46.81 18.69
CA LEU D 316 12.97 47.73 17.61
C LEU D 316 14.16 48.62 17.29
N ARG D 317 14.90 49.03 18.34
CA ARG D 317 16.10 49.82 18.12
C ARG D 317 17.11 49.04 17.29
N GLN D 318 17.28 47.76 17.57
CA GLN D 318 18.18 46.93 16.78
C GLN D 318 17.73 46.87 15.32
N LYS D 319 16.43 46.70 15.10
CA LYS D 319 15.94 46.61 13.73
C LYS D 319 16.14 47.91 12.96
N VAL D 320 15.84 49.05 13.58
CA VAL D 320 15.99 50.32 12.88
C VAL D 320 17.46 50.60 12.63
N ARG D 321 18.33 50.22 13.58
CA ARG D 321 19.76 50.33 13.34
C ARG D 321 20.18 49.47 12.17
N ASP D 322 19.61 48.26 12.06
CA ASP D 322 19.92 47.39 10.93
C ASP D 322 19.51 48.03 9.60
N GLY D 323 18.33 48.62 9.55
CA GLY D 323 17.90 49.27 8.32
C GLY D 323 18.80 50.44 7.96
N VAL D 324 19.13 51.27 8.96
CA VAL D 324 20.03 52.39 8.73
C VAL D 324 21.37 51.89 8.22
N ALA D 325 21.87 50.80 8.79
CA ALA D 325 23.14 50.23 8.35
C ALA D 325 23.05 49.74 6.92
N ILE D 326 21.93 49.12 6.55
CA ILE D 326 21.76 48.64 5.18
C ILE D 326 21.85 49.80 4.20
N LEU D 327 21.08 50.85 4.44
CA LEU D 327 21.07 51.98 3.52
C LEU D 327 22.41 52.70 3.50
N ALA D 328 23.06 52.80 4.67
CA ALA D 328 24.35 53.47 4.76
C ALA D 328 25.42 52.70 3.99
N LEU D 329 25.43 51.37 4.13
CA LEU D 329 26.39 50.57 3.39
C LEU D 329 26.12 50.63 1.89
N GLY D 330 24.86 50.69 1.49
CA GLY D 330 24.55 50.91 0.09
C GLY D 330 25.14 52.21 -0.41
N ALA D 331 24.94 53.30 0.34
CA ALA D 331 25.51 54.58 -0.07
C ALA D 331 27.04 54.53 -0.08
N HIS D 332 27.64 53.85 0.89
CA HIS D 332 29.09 53.76 0.98
C HIS D 332 29.66 53.06 -0.24
N SER D 333 29.03 51.95 -0.65
CA SER D 333 29.43 51.31 -1.89
C SER D 333 29.16 52.21 -3.09
N TYR D 334 28.16 53.09 -2.98
CA TYR D 334 27.77 53.89 -4.14
C TYR D 334 28.77 55.00 -4.44
N TRP D 335 29.12 55.82 -3.44
CA TRP D 335 29.88 57.07 -3.74
C TRP D 335 31.22 56.79 -4.42
N ARG D 336 31.72 55.59 -4.23
CA ARG D 336 32.96 55.24 -4.91
C ARG D 336 32.72 55.13 -6.41
N GLN D 337 31.54 54.68 -6.81
CA GLN D 337 31.25 54.46 -8.23
C GLN D 337 31.02 55.79 -8.96
N HIS D 338 30.31 56.72 -8.32
CA HIS D 338 29.86 57.93 -9.01
C HIS D 338 30.42 59.22 -8.39
N GLY D 339 30.91 59.18 -7.15
CA GLY D 339 31.55 60.31 -6.53
C GLY D 339 30.71 61.07 -5.54
N THR D 340 29.38 60.91 -5.56
CA THR D 340 28.52 61.67 -4.68
C THR D 340 27.22 60.92 -4.46
N LEU D 341 26.42 61.41 -3.53
CA LEU D 341 25.15 60.79 -3.20
C LEU D 341 24.19 60.89 -4.38
N PRO D 342 23.29 59.94 -4.58
CA PRO D 342 22.31 60.04 -5.67
C PRO D 342 21.39 61.23 -5.46
N ALA D 343 20.95 61.82 -6.56
CA ALA D 343 20.11 63.00 -6.49
C ALA D 343 18.77 62.65 -5.82
N PRO D 344 18.33 63.43 -4.83
CA PRO D 344 17.07 63.10 -4.17
C PRO D 344 15.86 63.56 -4.96
N ALA D 345 15.13 62.61 -5.53
CA ALA D 345 13.93 62.96 -6.28
C ALA D 345 12.70 62.87 -5.39
N GLY D 346 12.06 64.01 -5.16
CA GLY D 346 10.87 64.04 -4.34
C GLY D 346 9.89 65.13 -4.70
N ASP D 347 8.65 64.74 -4.95
CA ASP D 347 7.58 65.68 -5.23
C ASP D 347 6.23 65.05 -4.96
N CYS D 348 5.63 65.37 -3.81
CA CYS D 348 4.30 64.85 -3.50
C CYS D 348 3.29 65.33 -4.55
N ARG D 349 3.20 66.64 -4.74
CA ARG D 349 2.13 67.20 -5.57
C ARG D 349 2.36 66.95 -7.07
N VAL D 350 3.57 67.17 -7.56
CA VAL D 350 3.80 67.22 -9.01
C VAL D 350 3.66 65.87 -9.70
N HIS D 351 4.24 64.81 -9.13
CA HIS D 351 4.22 63.48 -9.70
C HIS D 351 4.75 63.40 -11.14
N PRO D 352 6.00 63.82 -11.38
CA PRO D 352 6.62 63.57 -12.69
C PRO D 352 7.37 62.26 -12.70
N GLY D 353 8.06 61.96 -13.81
CA GLY D 353 9.05 60.93 -13.82
C GLY D 353 8.76 59.74 -14.71
N PRO D 354 9.41 59.69 -15.87
CA PRO D 354 9.54 58.43 -16.61
C PRO D 354 10.68 57.60 -16.02
N VAL D 355 11.03 56.49 -16.68
CA VAL D 355 12.13 55.67 -16.19
C VAL D 355 13.40 56.49 -16.18
N SER D 356 14.04 56.56 -15.01
CA SER D 356 15.25 57.35 -14.81
C SER D 356 16.45 56.41 -14.63
N PRO D 357 17.47 56.49 -15.48
CA PRO D 357 18.60 55.55 -15.36
C PRO D 357 19.42 55.72 -14.09
N ALA D 358 19.55 56.94 -13.56
CA ALA D 358 20.40 57.17 -12.40
C ALA D 358 19.83 56.48 -11.15
N ARG D 359 18.55 56.72 -10.87
CA ARG D 359 17.91 56.07 -9.73
C ARG D 359 17.81 54.57 -9.95
N GLU D 360 17.63 54.12 -11.18
CA GLU D 360 17.62 52.69 -11.47
C GLU D 360 18.97 52.07 -11.14
N ALA D 361 20.05 52.75 -11.50
CA ALA D 361 21.39 52.26 -11.16
C ALA D 361 21.59 52.25 -9.65
N PHE D 362 21.07 53.26 -8.96
CA PHE D 362 21.15 53.28 -7.51
C PHE D 362 20.43 52.08 -6.90
N TYR D 363 19.23 51.78 -7.40
CA TYR D 363 18.48 50.63 -6.92
C TYR D 363 19.22 49.34 -7.21
N ARG D 364 19.83 49.23 -8.40
CA ARG D 364 20.66 48.08 -8.72
C ARG D 364 21.78 47.93 -7.70
N HIS D 365 22.50 49.01 -7.43
CA HIS D 365 23.64 48.96 -6.53
C HIS D 365 23.22 48.69 -5.09
N LEU D 366 21.95 48.92 -4.76
CA LEU D 366 21.50 48.74 -3.39
C LEU D 366 21.24 47.27 -3.02
N LEU D 367 20.98 46.45 -4.04
CA LEU D 367 20.52 45.04 -3.85
C LEU D 367 21.52 44.13 -3.11
N ASN D 368 22.81 44.43 -3.07
CA ASN D 368 23.68 43.45 -2.36
C ASN D 368 24.46 44.16 -1.25
N VAL D 369 24.32 43.66 -0.02
CA VAL D 369 25.03 44.23 1.16
C VAL D 369 25.70 43.09 1.93
N THR D 370 26.34 43.40 3.06
CA THR D 370 27.01 42.40 3.87
C THR D 370 27.24 42.97 5.26
N TRP D 371 28.10 42.29 6.04
CA TRP D 371 28.54 42.71 7.37
C TRP D 371 27.47 42.49 8.42
N GLU D 372 27.81 42.78 9.68
CA GLU D 372 26.90 42.60 10.81
C GLU D 372 26.43 41.16 10.93
N GLY D 373 27.28 40.23 10.52
CA GLY D 373 27.06 38.81 10.74
C GLY D 373 25.77 38.28 10.16
N ARG D 374 25.40 38.75 8.98
CA ARG D 374 24.18 38.31 8.32
C ARG D 374 24.33 38.57 6.83
N ASP D 375 23.23 38.48 6.09
CA ASP D 375 23.25 38.75 4.66
C ASP D 375 21.86 39.20 4.24
N PHE D 376 21.82 40.10 3.27
CA PHE D 376 20.56 40.54 2.68
C PHE D 376 20.72 40.70 1.18
N SER D 377 20.45 39.63 0.43
CA SER D 377 20.56 39.65 -1.03
C SER D 377 19.14 39.59 -1.58
N PHE D 378 18.70 40.66 -2.22
CA PHE D 378 17.35 40.76 -2.72
C PHE D 378 17.25 40.24 -4.15
N SER D 379 16.18 39.50 -4.42
CA SER D 379 15.87 39.01 -5.76
C SER D 379 15.16 40.12 -6.52
N PRO D 380 14.82 39.92 -7.80
CA PRO D 380 13.91 40.88 -8.45
C PRO D 380 12.62 41.05 -7.69
N GLY D 381 12.07 39.97 -7.13
CA GLY D 381 10.95 40.11 -6.22
C GLY D 381 11.38 40.80 -4.94
N GLY D 382 10.45 41.56 -4.35
CA GLY D 382 10.77 42.32 -3.17
C GLY D 382 10.93 41.48 -1.91
N TYR D 383 11.84 40.51 -1.95
CA TYR D 383 12.11 39.64 -0.82
C TYR D 383 13.54 39.13 -0.90
N LEU D 384 14.13 38.92 0.27
CA LEU D 384 15.51 38.47 0.34
C LEU D 384 15.60 36.96 0.08
N VAL D 385 16.74 36.54 -0.48
CA VAL D 385 17.02 35.14 -0.71
C VAL D 385 18.21 34.74 0.16
N GLN D 386 18.55 33.45 0.12
CA GLN D 386 19.54 32.86 0.99
C GLN D 386 19.29 33.25 2.44
N PRO D 387 18.09 32.98 2.96
CA PRO D 387 17.74 33.52 4.28
C PRO D 387 18.26 32.68 5.43
N THR D 388 18.12 33.20 6.65
CA THR D 388 18.48 32.46 7.87
C THR D 388 17.30 32.59 8.83
N MET D 389 16.59 31.49 9.06
CA MET D 389 15.45 31.50 9.95
C MET D 389 15.60 30.43 11.02
N VAL D 390 14.63 30.36 11.92
CA VAL D 390 14.68 29.43 13.05
C VAL D 390 13.34 28.73 13.20
N VAL D 391 13.38 27.43 13.54
CA VAL D 391 12.16 26.69 13.83
C VAL D 391 11.70 27.01 15.26
N ILE D 392 10.40 27.24 15.41
CA ILE D 392 9.82 27.62 16.69
C ILE D 392 8.69 26.65 17.03
N ALA D 393 8.45 26.49 18.33
CA ALA D 393 7.44 25.57 18.82
C ALA D 393 6.95 26.06 20.17
N LEU D 394 5.82 25.49 20.60
CA LEU D 394 5.21 25.86 21.88
C LEU D 394 5.69 24.89 22.96
N ASN D 395 6.36 25.44 23.98
CA ASN D 395 6.91 24.62 25.05
C ASN D 395 5.79 24.12 25.96
N ARG D 396 6.18 23.27 26.92
CA ARG D 396 5.24 22.65 27.83
C ARG D 396 4.63 23.62 28.84
N HIS D 397 5.18 24.84 28.94
CA HIS D 397 4.66 25.84 29.87
C HIS D 397 3.96 26.98 29.14
N ARG D 398 3.38 26.70 27.97
CA ARG D 398 2.72 27.70 27.15
C ARG D 398 3.64 28.89 26.88
N LEU D 399 4.77 28.63 26.23
CA LEU D 399 5.75 29.67 25.97
C LEU D 399 6.53 29.30 24.71
N TRP D 400 6.87 30.30 23.89
CA TRP D 400 7.64 30.03 22.67
C TRP D 400 9.10 29.78 23.01
N GLU D 401 9.71 28.85 22.27
CA GLU D 401 11.12 28.52 22.45
C GLU D 401 11.69 28.03 21.13
N MET D 402 13.01 28.16 20.98
CA MET D 402 13.68 27.73 19.77
C MET D 402 13.74 26.21 19.70
N VAL D 403 13.74 25.67 18.48
CA VAL D 403 13.85 24.24 18.24
C VAL D 403 14.99 23.92 17.28
N GLY D 404 14.97 24.51 16.08
CA GLY D 404 15.95 24.17 15.08
C GLY D 404 16.41 25.33 14.22
N ARG D 405 17.69 25.33 13.85
CA ARG D 405 18.24 26.35 12.98
C ARG D 405 18.25 25.88 11.53
N TRP D 406 18.62 26.79 10.63
CA TRP D 406 18.74 26.45 9.21
C TRP D 406 19.73 27.44 8.60
N GLU D 407 20.91 26.94 8.23
CA GLU D 407 21.96 27.77 7.65
C GLU D 407 22.58 27.03 6.47
N HIS D 408 22.41 27.59 5.27
CA HIS D 408 23.04 27.07 4.05
C HIS D 408 22.56 25.66 3.72
N GLY D 409 21.23 25.50 3.71
CA GLY D 409 20.63 24.29 3.16
C GLY D 409 20.85 23.03 3.97
N VAL D 410 21.15 23.15 5.25
CA VAL D 410 21.27 21.98 6.13
C VAL D 410 20.45 22.26 7.38
N LEU D 411 19.87 21.22 7.96
CA LEU D 411 18.93 21.39 9.05
C LEU D 411 19.41 20.70 10.31
N TYR D 412 19.05 21.28 11.46
CA TYR D 412 19.42 20.78 12.77
C TYR D 412 18.16 20.62 13.62
N MET D 413 18.36 20.16 14.86
CA MET D 413 17.22 19.97 15.74
C MET D 413 17.66 19.97 17.21
N LYS D 414 16.79 20.47 18.09
CA LYS D 414 17.12 20.49 19.51
C LYS D 414 17.06 19.09 20.11
N TYR D 415 16.17 18.23 19.62
CA TYR D 415 16.02 16.90 20.18
C TYR D 415 16.16 15.85 19.10
N PRO D 416 16.69 14.66 19.43
CA PRO D 416 16.75 13.57 18.46
C PRO D 416 15.41 12.89 18.20
N VAL D 417 14.45 13.05 19.10
CA VAL D 417 13.12 12.47 18.98
C VAL D 417 12.10 13.56 19.29
N TRP D 418 10.87 13.36 18.80
CA TRP D 418 9.81 14.31 19.07
C TRP D 418 9.09 13.89 20.34
N PRO D 419 9.07 14.73 21.37
CA PRO D 419 8.53 14.29 22.67
C PRO D 419 7.07 13.88 22.63
N ARG D 420 6.19 14.79 22.22
CA ARG D 420 4.73 14.65 22.34
C ARG D 420 4.36 14.67 23.82
N TYR D 421 3.19 15.24 24.15
CA TYR D 421 2.84 15.50 25.54
C TYR D 421 1.49 14.89 25.88
N SER D 422 1.39 14.38 27.11
CA SER D 422 0.12 13.93 27.65
C SER D 422 -0.70 15.13 28.14
N ALA D 423 -1.81 14.82 28.82
CA ALA D 423 -2.63 15.88 29.38
C ALA D 423 -1.87 16.65 30.46
N SER D 424 -1.12 15.94 31.30
CA SER D 424 -0.31 16.57 32.33
C SER D 424 1.09 16.84 31.79
N LEU D 425 1.94 17.39 32.66
CA LEU D 425 3.31 17.71 32.25
C LEU D 425 4.10 16.44 31.95
N GLN D 426 3.72 15.33 32.57
CA GLN D 426 4.48 14.09 32.39
C GLN D 426 4.28 13.55 30.97
N PRO D 427 5.35 13.38 30.20
CA PRO D 427 5.22 12.80 28.86
C PRO D 427 5.08 11.29 28.94
N VAL D 428 4.59 10.73 27.83
CA VAL D 428 4.41 9.29 27.69
C VAL D 428 5.53 8.76 26.80
N VAL D 429 6.40 7.92 27.37
CA VAL D 429 7.44 7.29 26.56
C VAL D 429 6.83 6.39 25.51
N ASP D 430 5.72 5.73 25.85
CA ASP D 430 4.95 4.89 24.94
C ASP D 430 5.75 3.69 24.47
N SER D 431 5.20 2.93 23.53
CA SER D 431 5.87 1.76 23.01
C SER D 431 6.76 2.14 21.82
N ARG D 432 7.54 1.16 21.37
CA ARG D 432 8.40 1.31 20.20
C ARG D 432 9.48 2.35 20.48
N HIS D 433 10.11 2.86 19.42
CA HIS D 433 11.22 3.81 19.54
C HIS D 433 12.30 3.27 20.46
N LEU D 434 12.65 2.01 20.25
CA LEU D 434 13.64 1.35 21.09
C LEU D 434 14.99 2.03 20.98
N THR D 435 15.65 2.23 22.12
CA THR D 435 16.98 2.81 22.12
C THR D 435 18.04 1.73 21.90
N VAL D 436 18.89 1.95 20.90
CA VAL D 436 19.87 0.94 20.51
C VAL D 436 21.28 1.54 20.52
N ALA D 437 22.23 0.83 21.10
CA ALA D 437 23.58 1.34 21.24
C ALA D 437 24.59 0.49 20.46
N THR D 438 25.71 1.10 20.11
CA THR D 438 26.80 0.45 19.39
C THR D 438 28.04 1.33 19.50
N LEU D 439 29.14 0.82 18.95
CA LEU D 439 30.42 1.54 18.99
C LEU D 439 31.20 1.17 17.73
N GLU D 440 32.15 2.03 17.37
CA GLU D 440 32.93 1.82 16.16
C GLU D 440 33.85 0.61 16.31
N GLU D 441 33.93 -0.19 15.26
CA GLU D 441 34.66 -1.45 15.28
C GLU D 441 34.96 -1.87 13.85
N ARG D 442 35.29 -3.14 13.66
CA ARG D 442 35.52 -3.80 12.38
C ARG D 442 34.28 -3.64 11.50
N PRO D 443 34.33 -4.03 10.19
CA PRO D 443 33.31 -3.56 9.25
C PRO D 443 31.87 -3.91 9.58
N PHE D 444 31.62 -4.58 10.71
CA PHE D 444 30.24 -4.67 11.20
C PHE D 444 29.62 -3.30 11.33
N VAL D 445 30.39 -2.32 11.78
CA VAL D 445 29.95 -0.93 11.93
C VAL D 445 31.05 -0.01 11.40
N ILE D 446 30.68 0.97 10.58
CA ILE D 446 31.58 1.96 10.04
C ILE D 446 30.95 3.34 10.17
N VAL D 447 31.72 4.31 10.64
CA VAL D 447 31.26 5.69 10.81
C VAL D 447 31.81 6.52 9.65
N GLU D 448 30.92 7.25 8.97
CA GLU D 448 31.31 8.08 7.84
C GLU D 448 30.69 9.46 7.99
N SER D 449 31.48 10.49 7.74
CA SER D 449 30.97 11.86 7.80
C SER D 449 30.10 12.15 6.58
N PRO D 450 29.07 12.99 6.73
CA PRO D 450 28.21 13.30 5.58
C PRO D 450 28.98 14.05 4.50
N ASP D 451 28.58 13.83 3.25
CA ASP D 451 29.25 14.44 2.12
C ASP D 451 28.43 15.62 1.60
N PRO D 452 29.09 16.65 1.08
CA PRO D 452 28.39 17.81 0.54
C PRO D 452 27.62 17.57 -0.75
N GLY D 453 27.58 16.33 -1.24
CA GLY D 453 26.84 16.05 -2.46
C GLY D 453 25.36 16.36 -2.33
N THR D 454 24.79 16.09 -1.15
CA THR D 454 23.39 16.37 -0.88
C THR D 454 23.18 17.05 0.48
N GLY D 455 24.23 17.62 1.05
CA GLY D 455 24.13 18.19 2.39
C GLY D 455 23.87 17.12 3.43
N GLY D 456 24.46 15.95 3.23
CA GLY D 456 24.23 14.83 4.12
C GLY D 456 24.86 13.57 3.59
N CYS D 457 24.11 12.47 3.66
CA CYS D 457 24.52 11.22 3.06
C CYS D 457 23.32 10.50 2.46
N VAL D 458 23.59 9.67 1.46
CA VAL D 458 22.58 9.03 0.63
C VAL D 458 21.85 7.95 1.41
N PRO D 459 20.81 7.32 0.86
CA PRO D 459 20.22 6.16 1.50
C PRO D 459 21.20 4.98 1.55
N ASN D 460 20.70 3.86 2.07
CA ASN D 460 21.50 2.72 2.51
C ASN D 460 22.41 3.07 3.67
N THR D 461 22.05 4.13 4.40
CA THR D 461 22.77 4.55 5.59
C THR D 461 21.77 5.21 6.53
N VAL D 462 22.07 5.14 7.83
CA VAL D 462 21.15 5.68 8.84
C VAL D 462 21.88 6.68 9.70
N PRO D 463 21.27 7.85 9.91
CA PRO D 463 21.92 8.88 10.74
C PRO D 463 22.19 8.40 12.15
N CYS D 464 23.36 8.77 12.65
CA CYS D 464 23.82 8.33 13.97
C CYS D 464 24.52 9.49 14.66
N ARG D 465 24.22 9.68 15.94
CA ARG D 465 24.71 10.80 16.71
C ARG D 465 25.74 10.33 17.73
N ARG D 466 26.82 11.10 17.86
CA ARG D 466 27.87 10.80 18.82
C ARG D 466 27.57 11.52 20.14
N GLN D 467 26.97 10.77 21.06
CA GLN D 467 26.53 11.34 22.32
C GLN D 467 27.72 11.72 23.20
N SER D 468 27.48 12.63 24.13
CA SER D 468 28.49 13.09 25.06
C SER D 468 27.85 13.79 26.26
N ALA D 478 25.42 19.07 25.13
CA ALA D 478 24.10 19.03 24.51
C ALA D 478 24.20 19.09 22.99
N PRO D 479 25.10 19.92 22.49
CA PRO D 479 25.28 20.03 21.03
C PRO D 479 25.78 18.71 20.45
N TYR D 480 25.42 18.44 19.20
CA TYR D 480 25.81 17.22 18.53
C TYR D 480 26.01 17.49 17.04
N THR D 481 26.94 16.79 16.43
CA THR D 481 27.15 16.82 14.99
C THR D 481 26.55 15.56 14.37
N LYS D 482 25.87 15.73 13.23
CA LYS D 482 25.10 14.64 12.63
C LYS D 482 26.00 13.80 11.74
N LEU D 483 26.36 12.60 12.21
CA LEU D 483 27.00 11.60 11.38
C LEU D 483 25.96 10.59 10.92
N CYS D 484 26.38 9.69 10.03
CA CYS D 484 25.52 8.57 9.63
C CYS D 484 26.38 7.33 9.47
N CYS D 485 25.87 6.23 10.03
CA CYS D 485 26.64 5.01 10.23
C CYS D 485 26.17 3.93 9.26
N LYS D 486 27.11 3.16 8.74
CA LYS D 486 26.79 2.07 7.82
C LYS D 486 27.66 0.87 8.15
N GLY D 487 27.12 -0.33 7.90
CA GLY D 487 27.88 -1.54 8.15
C GLY D 487 26.99 -2.77 8.13
N PHE D 488 27.53 -3.86 8.66
CA PHE D 488 26.83 -5.14 8.67
C PHE D 488 25.65 -5.11 9.64
N CYS D 489 25.93 -4.82 10.92
CA CYS D 489 24.87 -4.77 11.92
C CYS D 489 23.82 -3.73 11.56
N ILE D 490 24.23 -2.62 10.98
CA ILE D 490 23.25 -1.63 10.53
C ILE D 490 22.32 -2.23 9.49
N ASP D 491 22.87 -2.99 8.54
CA ASP D 491 22.06 -3.63 7.52
C ASP D 491 21.10 -4.63 8.12
N ILE D 492 21.56 -5.44 9.07
CA ILE D 492 20.68 -6.45 9.64
C ILE D 492 19.57 -5.78 10.44
N LEU D 493 19.88 -4.68 11.14
CA LEU D 493 18.84 -3.96 11.87
C LEU D 493 17.82 -3.35 10.92
N LYS D 494 18.29 -2.77 9.82
CA LYS D 494 17.37 -2.18 8.85
C LYS D 494 16.46 -3.25 8.25
N LYS D 495 17.02 -4.42 7.94
CA LYS D 495 16.20 -5.50 7.41
C LYS D 495 15.19 -5.99 8.45
N LEU D 496 15.60 -6.07 9.71
CA LEU D 496 14.72 -6.57 10.77
C LEU D 496 13.57 -5.60 11.03
N ALA D 497 13.83 -4.29 10.91
CA ALA D 497 12.84 -3.30 11.35
C ALA D 497 11.51 -3.45 10.62
N ARG D 498 11.55 -3.74 9.32
CA ARG D 498 10.32 -3.73 8.52
C ARG D 498 9.35 -4.81 8.97
N VAL D 499 9.83 -6.02 9.23
CA VAL D 499 8.93 -7.15 9.47
C VAL D 499 8.16 -6.97 10.77
N VAL D 500 8.86 -6.64 11.86
CA VAL D 500 8.22 -6.53 13.16
C VAL D 500 7.63 -5.14 13.39
N LYS D 501 7.96 -4.18 12.53
CA LYS D 501 7.31 -2.87 12.50
C LYS D 501 7.46 -2.12 13.83
N PHE D 502 8.70 -1.74 14.11
CA PHE D 502 9.01 -0.96 15.30
C PHE D 502 9.92 0.22 14.93
N SER D 503 9.93 1.24 15.78
CA SER D 503 10.69 2.45 15.57
C SER D 503 12.00 2.36 16.34
N TYR D 504 12.99 3.16 15.93
CA TYR D 504 14.32 3.05 16.51
C TYR D 504 15.06 4.36 16.32
N ASP D 505 15.97 4.63 17.26
CA ASP D 505 16.92 5.73 17.16
C ASP D 505 18.28 5.22 17.60
N LEU D 506 19.31 5.54 16.82
CA LEU D 506 20.63 4.96 17.03
C LEU D 506 21.60 6.04 17.49
N TYR D 507 22.39 5.74 18.51
CA TYR D 507 23.34 6.68 19.06
C TYR D 507 24.56 5.93 19.58
N LEU D 508 25.73 6.57 19.47
CA LEU D 508 26.98 5.91 19.83
C LEU D 508 27.18 5.92 21.34
N VAL D 509 28.17 5.15 21.79
CA VAL D 509 28.53 5.08 23.21
C VAL D 509 29.57 6.16 23.48
N THR D 510 29.58 6.66 24.72
CA THR D 510 30.51 7.73 25.06
C THR D 510 31.81 7.18 25.64
N ASN D 511 31.71 6.43 26.74
CA ASN D 511 32.91 5.97 27.43
C ASN D 511 33.69 4.97 26.57
N GLY D 512 32.99 4.07 25.90
CA GLY D 512 33.61 3.16 24.97
C GLY D 512 34.29 1.97 25.62
N LYS D 513 35.10 1.28 24.82
CA LYS D 513 35.91 0.15 25.27
C LYS D 513 35.06 -1.06 25.68
N HIS D 514 34.03 -1.35 24.89
CA HIS D 514 33.23 -2.56 25.04
C HIS D 514 32.59 -2.67 26.41
N GLY D 515 33.14 -3.56 27.25
CA GLY D 515 32.57 -3.79 28.57
C GLY D 515 33.61 -4.24 29.56
N LYS D 516 33.35 -3.89 30.82
CA LYS D 516 34.23 -4.25 31.93
C LYS D 516 33.49 -4.11 33.25
N ARG D 517 34.09 -4.56 34.34
CA ARG D 517 33.46 -4.50 35.67
C ARG D 517 34.52 -4.05 36.67
N VAL D 518 34.62 -2.75 36.87
CA VAL D 518 35.56 -2.19 37.87
C VAL D 518 34.72 -1.81 39.08
N ARG D 519 34.68 -2.72 40.04
CA ARG D 519 33.93 -2.55 41.29
C ARG D 519 32.46 -2.23 41.00
N GLY D 520 31.90 -2.96 40.02
CA GLY D 520 30.52 -2.79 39.64
C GLY D 520 30.22 -1.60 38.79
N VAL D 521 31.24 -0.84 38.38
CA VAL D 521 31.03 0.33 37.50
C VAL D 521 31.23 -0.19 36.08
N TRP D 522 30.13 -0.58 35.45
CA TRP D 522 30.19 -1.16 34.11
C TRP D 522 30.10 -0.04 33.08
N ASN D 523 31.10 0.03 32.20
CA ASN D 523 31.12 1.04 31.16
C ASN D 523 30.61 0.44 29.84
N GLY D 524 30.65 1.23 28.78
CA GLY D 524 30.33 0.72 27.46
C GLY D 524 28.85 0.38 27.28
N MET D 525 28.61 -0.43 26.24
CA MET D 525 27.25 -0.79 25.87
C MET D 525 26.56 -1.58 26.98
N ILE D 526 27.29 -2.50 27.61
CA ILE D 526 26.71 -3.27 28.70
C ILE D 526 26.32 -2.34 29.86
N GLY D 527 27.16 -1.35 30.15
CA GLY D 527 26.85 -0.38 31.17
C GLY D 527 25.62 0.42 30.81
N GLU D 528 25.52 0.80 29.52
CA GLU D 528 24.37 1.56 29.05
C GLU D 528 23.07 0.79 29.17
N VAL D 529 23.10 -0.51 28.86
CA VAL D 529 21.87 -1.28 28.88
C VAL D 529 21.51 -1.78 30.28
N TYR D 530 22.49 -1.92 31.16
CA TYR D 530 22.19 -2.40 32.51
C TYR D 530 21.51 -1.32 33.35
N TYR D 531 21.94 -0.07 33.23
CA TYR D 531 21.39 1.02 34.01
C TYR D 531 20.12 1.60 33.39
N LYS D 532 19.45 0.85 32.53
CA LYS D 532 18.17 1.23 31.93
C LYS D 532 18.29 2.57 31.20
N ARG D 533 19.35 2.69 30.40
CA ARG D 533 19.54 3.85 29.55
C ARG D 533 19.32 3.54 28.08
N ALA D 534 18.95 2.31 27.75
CA ALA D 534 18.74 1.90 26.37
C ALA D 534 17.94 0.60 26.38
N ASP D 535 17.50 0.18 25.18
CA ASP D 535 16.71 -1.02 25.04
C ASP D 535 17.46 -2.19 24.41
N MET D 536 18.47 -1.93 23.58
CA MET D 536 19.23 -2.98 22.94
C MET D 536 20.65 -2.48 22.68
N ALA D 537 21.57 -3.41 22.45
CA ALA D 537 22.96 -3.04 22.18
C ALA D 537 23.45 -3.96 21.05
N ILE D 538 23.32 -3.48 19.81
CA ILE D 538 23.69 -4.26 18.65
C ILE D 538 25.20 -4.07 18.45
N GLY D 539 25.82 -4.96 17.70
CA GLY D 539 27.24 -4.85 17.42
C GLY D 539 28.04 -5.99 18.01
N SER D 540 29.36 -5.80 17.97
CA SER D 540 30.28 -6.81 18.46
C SER D 540 30.07 -7.04 19.96
N LEU D 541 29.77 -8.29 20.30
CA LEU D 541 29.59 -8.68 21.69
C LEU D 541 29.62 -10.20 21.76
N THR D 542 30.44 -10.71 22.67
CA THR D 542 30.65 -12.15 22.82
C THR D 542 29.92 -12.62 24.06
N ILE D 543 29.06 -13.64 23.90
CA ILE D 543 28.33 -14.23 25.01
C ILE D 543 29.29 -15.08 25.84
N ASN D 544 29.41 -14.75 27.12
CA ASN D 544 30.16 -15.55 28.06
C ASN D 544 29.41 -15.62 29.39
N GLU D 545 30.04 -16.30 30.36
CA GLU D 545 29.39 -16.52 31.64
C GLU D 545 29.20 -15.21 32.42
N GLU D 546 30.23 -14.37 32.47
CA GLU D 546 30.16 -13.18 33.31
C GLU D 546 29.06 -12.22 32.84
N ARG D 547 28.94 -12.03 31.53
CA ARG D 547 27.99 -11.04 31.02
C ARG D 547 26.55 -11.54 31.10
N SER D 548 26.34 -12.83 30.83
CA SER D 548 24.99 -13.35 30.73
C SER D 548 24.25 -13.38 32.06
N GLU D 549 24.94 -13.15 33.18
CA GLU D 549 24.27 -13.23 34.48
C GLU D 549 23.25 -12.12 34.67
N ILE D 550 23.42 -10.98 33.98
CA ILE D 550 22.61 -9.81 34.28
C ILE D 550 21.72 -9.44 33.11
N VAL D 551 22.17 -9.73 31.90
CA VAL D 551 21.53 -9.26 30.68
C VAL D 551 21.21 -10.46 29.79
N ASP D 552 20.01 -10.45 29.22
CA ASP D 552 19.52 -11.56 28.40
C ASP D 552 20.03 -11.40 26.95
N PHE D 553 20.13 -12.52 26.24
CA PHE D 553 20.73 -12.53 24.91
C PHE D 553 19.85 -13.30 23.94
N SER D 554 20.05 -13.05 22.66
CA SER D 554 19.38 -13.81 21.61
C SER D 554 20.30 -14.92 21.11
N VAL D 555 19.89 -15.59 20.03
CA VAL D 555 20.68 -16.65 19.42
C VAL D 555 21.83 -16.02 18.66
N PRO D 556 22.95 -16.73 18.48
CA PRO D 556 24.05 -16.18 17.67
C PRO D 556 23.71 -16.25 16.18
N PHE D 557 24.44 -15.45 15.42
CA PHE D 557 24.26 -15.41 13.97
C PHE D 557 25.55 -15.59 13.18
N VAL D 558 26.71 -15.43 13.81
CA VAL D 558 27.99 -15.70 13.16
C VAL D 558 28.85 -16.47 14.13
N GLU D 559 29.83 -17.20 13.60
CA GLU D 559 30.74 -17.94 14.45
C GLU D 559 31.99 -17.11 14.74
N THR D 560 32.52 -17.29 15.95
CA THR D 560 33.70 -16.53 16.36
C THR D 560 34.39 -17.27 17.51
N GLY D 561 35.50 -16.70 17.94
CA GLY D 561 36.29 -17.31 18.99
C GLY D 561 37.67 -16.66 19.05
N ILE D 562 38.57 -17.35 19.72
CA ILE D 562 39.95 -16.89 19.85
C ILE D 562 40.81 -17.55 18.79
N SER D 563 41.57 -16.72 18.07
CA SER D 563 42.49 -17.20 17.05
C SER D 563 43.86 -16.58 17.29
N VAL D 564 44.84 -17.01 16.49
CA VAL D 564 46.20 -16.54 16.61
C VAL D 564 46.67 -16.05 15.25
N MET D 565 47.36 -14.91 15.23
CA MET D 565 47.89 -14.33 14.00
C MET D 565 49.41 -14.21 14.10
N VAL D 566 50.09 -14.62 13.03
CA VAL D 566 51.55 -14.63 12.97
C VAL D 566 51.97 -14.16 11.59
N ALA D 567 53.24 -13.78 11.46
CA ALA D 567 53.81 -13.35 10.19
C ALA D 567 54.01 -14.56 9.28
N ARG D 568 54.04 -14.31 7.98
CA ARG D 568 54.23 -15.37 7.00
C ARG D 568 55.71 -15.66 6.77
N VAL D 691 54.10 -22.95 16.09
CA VAL D 691 53.17 -23.10 17.21
C VAL D 691 52.04 -24.05 16.79
N SER D 692 51.56 -24.86 17.74
CA SER D 692 50.60 -25.91 17.48
C SER D 692 49.45 -25.89 18.48
N GLY D 693 48.89 -24.71 18.74
CA GLY D 693 47.76 -24.56 19.62
C GLY D 693 48.12 -23.78 20.87
N LEU D 694 47.09 -23.52 21.67
CA LEU D 694 47.27 -22.73 22.88
C LEU D 694 48.19 -23.43 23.86
N SER D 695 48.04 -24.74 24.02
CA SER D 695 48.83 -25.51 24.97
C SER D 695 50.27 -25.72 24.53
N ASP D 696 50.71 -25.06 23.46
CA ASP D 696 52.10 -25.19 23.02
C ASP D 696 53.04 -24.64 24.08
N LYS D 697 54.20 -25.29 24.21
CA LYS D 697 55.15 -24.92 25.27
C LYS D 697 55.65 -23.49 25.11
N LYS D 698 55.64 -22.96 23.89
CA LYS D 698 56.06 -21.58 23.68
C LYS D 698 55.19 -20.61 24.47
N PHE D 699 53.87 -20.78 24.41
CA PHE D 699 52.96 -19.98 25.22
C PHE D 699 52.72 -20.56 26.60
N GLN D 700 53.10 -21.82 26.83
CA GLN D 700 52.86 -22.44 28.12
C GLN D 700 54.04 -22.28 29.08
N ARG D 701 55.26 -22.21 28.55
CA ARG D 701 56.45 -22.12 29.38
C ARG D 701 57.31 -20.95 28.94
N PRO D 702 57.00 -19.73 29.39
CA PRO D 702 57.84 -18.58 29.01
C PRO D 702 59.08 -18.46 29.87
N GLN D 703 60.02 -19.39 29.70
CA GLN D 703 61.26 -19.39 30.46
C GLN D 703 62.51 -19.47 29.61
N ASP D 704 62.40 -19.86 28.34
CA ASP D 704 63.54 -19.92 27.43
C ASP D 704 63.76 -18.54 26.82
N GLN D 705 65.01 -18.06 26.87
CA GLN D 705 65.31 -16.71 26.44
C GLN D 705 65.71 -16.60 24.97
N TYR D 706 65.87 -17.72 24.27
CA TYR D 706 66.37 -17.65 22.89
C TYR D 706 65.28 -17.32 21.87
N PRO D 707 64.11 -17.96 21.89
CA PRO D 707 62.96 -17.43 21.12
C PRO D 707 62.03 -16.58 21.98
N PRO D 708 62.39 -15.33 22.30
CA PRO D 708 61.42 -14.51 23.06
C PRO D 708 60.26 -14.07 22.19
N PHE D 709 59.09 -14.69 22.36
CA PHE D 709 57.95 -14.37 21.53
C PHE D 709 57.24 -13.12 22.05
N ARG D 710 56.19 -12.74 21.32
CA ARG D 710 55.33 -11.63 21.71
C ARG D 710 53.89 -11.99 21.38
N PHE D 711 52.95 -11.26 21.97
CA PHE D 711 51.54 -11.60 21.90
C PHE D 711 50.72 -10.41 21.41
N GLY D 712 49.41 -10.54 21.51
CA GLY D 712 48.47 -9.49 21.14
C GLY D 712 47.90 -8.84 22.37
N THR D 713 46.71 -9.27 22.77
CA THR D 713 46.07 -8.87 24.03
C THR D 713 45.82 -7.35 24.05
N VAL D 714 44.94 -6.94 23.14
CA VAL D 714 44.38 -5.60 23.21
C VAL D 714 43.66 -5.53 24.55
N PRO D 715 44.04 -4.60 25.42
CA PRO D 715 43.45 -4.58 26.76
C PRO D 715 41.96 -4.34 26.71
N ASN D 716 41.28 -4.51 27.84
CA ASN D 716 39.86 -4.18 27.97
C ASN D 716 39.01 -5.04 27.03
N GLY D 717 39.59 -6.17 26.62
CA GLY D 717 38.95 -7.06 25.67
C GLY D 717 38.22 -8.25 26.26
N SER D 718 37.23 -8.77 25.54
CA SER D 718 36.48 -9.92 26.04
C SER D 718 37.40 -11.11 26.28
N THR D 719 38.33 -11.35 25.35
CA THR D 719 39.23 -12.48 25.47
C THR D 719 40.25 -12.29 26.58
N GLU D 720 40.49 -11.03 26.96
CA GLU D 720 41.46 -10.73 28.00
C GLU D 720 41.03 -11.36 29.31
N ARG D 721 39.73 -11.26 29.62
CA ARG D 721 39.21 -11.85 30.85
C ARG D 721 39.42 -13.36 30.84
N ASN D 722 39.13 -14.01 29.71
CA ASN D 722 39.30 -15.46 29.61
C ASN D 722 40.74 -15.86 29.82
N ILE D 723 41.66 -15.18 29.12
CA ILE D 723 43.06 -15.58 29.17
C ILE D 723 43.65 -15.29 30.54
N ARG D 724 43.15 -14.25 31.21
CA ARG D 724 43.61 -13.95 32.57
C ARG D 724 43.07 -14.96 33.56
N SER D 725 41.82 -15.38 33.37
CA SER D 725 41.19 -16.31 34.30
C SER D 725 41.74 -17.72 34.16
N ASN D 726 42.20 -18.10 32.97
CA ASN D 726 42.56 -19.49 32.72
C ASN D 726 44.06 -19.75 32.84
N TYR D 727 44.90 -18.76 32.55
CA TYR D 727 46.36 -18.98 32.56
C TYR D 727 47.01 -17.78 33.23
N ARG D 728 47.46 -17.97 34.47
CA ARG D 728 48.10 -16.88 35.20
C ARG D 728 49.43 -16.49 34.59
N ASP D 729 50.27 -17.46 34.24
CA ASP D 729 51.59 -17.19 33.72
C ASP D 729 51.56 -16.40 32.42
N MET D 730 50.66 -16.75 31.50
CA MET D 730 50.54 -16.00 30.25
C MET D 730 50.13 -14.56 30.51
N HIS D 731 49.17 -14.35 31.42
CA HIS D 731 48.73 -13.00 31.74
C HIS D 731 49.87 -12.19 32.34
N THR D 732 50.65 -12.79 33.23
CA THR D 732 51.78 -12.09 33.81
C THR D 732 52.84 -11.75 32.77
N HIS D 733 53.09 -12.67 31.84
CA HIS D 733 54.18 -12.46 30.87
C HIS D 733 53.70 -11.66 29.66
N MET D 734 52.41 -11.33 29.59
CA MET D 734 51.89 -10.57 28.46
C MET D 734 51.88 -9.07 28.70
N VAL D 735 52.61 -8.57 29.71
CA VAL D 735 52.56 -7.14 30.03
C VAL D 735 53.19 -6.32 28.90
N LYS D 736 54.32 -6.79 28.37
CA LYS D 736 55.00 -6.06 27.31
C LYS D 736 54.39 -6.39 25.95
N PHE D 737 53.15 -5.97 25.73
CA PHE D 737 52.42 -6.27 24.51
C PHE D 737 51.94 -4.99 23.85
N ASN D 738 52.02 -4.96 22.52
CA ASN D 738 51.55 -3.81 21.78
C ASN D 738 50.06 -3.59 22.01
N GLN D 739 49.69 -2.34 22.28
CA GLN D 739 48.29 -2.03 22.58
C GLN D 739 47.99 -0.60 22.10
N ARG D 740 47.57 -0.49 20.86
CA ARG D 740 47.00 0.77 20.40
C ARG D 740 45.67 0.57 19.68
N SER D 741 45.54 -0.47 18.87
CA SER D 741 44.34 -0.72 18.07
C SER D 741 44.45 -2.02 17.31
N VAL D 742 43.43 -2.35 16.52
CA VAL D 742 43.48 -3.48 15.60
C VAL D 742 44.23 -3.04 14.35
N GLU D 743 44.68 -1.79 14.33
CA GLU D 743 45.46 -1.25 13.21
C GLU D 743 46.95 -1.25 13.52
N ASP D 744 47.34 -0.77 14.70
CA ASP D 744 48.75 -0.70 15.05
C ASP D 744 49.38 -2.07 15.16
N ALA D 745 48.62 -3.07 15.61
CA ALA D 745 49.15 -4.42 15.73
C ALA D 745 49.58 -4.97 14.38
N LEU D 746 48.77 -4.73 13.34
CA LEU D 746 49.12 -5.19 12.00
C LEU D 746 50.41 -4.55 11.52
N THR D 747 50.56 -3.24 11.73
CA THR D 747 51.79 -2.56 11.33
C THR D 747 52.99 -3.10 12.08
N SER D 748 52.85 -3.29 13.39
CA SER D 748 53.97 -3.78 14.19
C SER D 748 54.37 -5.19 13.76
N LEU D 749 53.38 -6.05 13.48
CA LEU D 749 53.69 -7.39 12.99
C LEU D 749 54.39 -7.33 11.64
N LYS D 750 53.90 -6.48 10.73
CA LYS D 750 54.57 -6.30 9.46
C LYS D 750 55.97 -5.74 9.62
N MET D 751 56.25 -5.07 10.74
CA MET D 751 57.58 -4.56 11.03
C MET D 751 58.49 -5.65 11.60
N GLY D 752 58.03 -6.35 12.64
CA GLY D 752 58.82 -7.37 13.28
C GLY D 752 59.08 -7.10 14.74
N LYS D 753 58.37 -6.10 15.30
CA LYS D 753 58.51 -5.74 16.70
C LYS D 753 57.82 -6.73 17.63
N LEU D 754 57.09 -7.70 17.08
CA LEU D 754 56.41 -8.71 17.88
C LEU D 754 56.43 -10.02 17.11
N ASP D 755 55.94 -11.08 17.75
CA ASP D 755 55.98 -12.42 17.19
C ASP D 755 54.63 -13.03 16.90
N ALA D 756 53.64 -12.87 17.77
CA ALA D 756 52.33 -13.48 17.57
C ALA D 756 51.26 -12.51 18.02
N PHE D 757 50.03 -12.75 17.57
CA PHE D 757 48.90 -11.89 17.87
C PHE D 757 47.67 -12.74 18.17
N ILE D 758 46.95 -12.39 19.24
CA ILE D 758 45.75 -13.10 19.64
C ILE D 758 44.63 -12.08 19.83
N TYR D 759 43.46 -12.39 19.27
CA TYR D 759 42.29 -11.51 19.31
C TYR D 759 41.10 -12.33 18.84
N ASP D 760 39.98 -11.65 18.58
CA ASP D 760 38.79 -12.32 18.07
C ASP D 760 39.07 -12.96 16.71
N ALA D 761 38.15 -13.82 16.27
CA ALA D 761 38.37 -14.61 15.06
C ALA D 761 37.75 -13.96 13.82
N ALA D 762 36.48 -13.59 13.92
CA ALA D 762 35.75 -13.09 12.75
C ALA D 762 36.35 -11.79 12.22
N VAL D 763 37.14 -11.11 13.02
CA VAL D 763 37.75 -9.87 12.56
C VAL D 763 39.14 -10.10 11.99
N LEU D 764 39.93 -10.98 12.62
CA LEU D 764 41.26 -11.28 12.10
C LEU D 764 41.19 -12.04 10.79
N ASN D 765 40.32 -13.06 10.71
CA ASN D 765 40.23 -13.81 9.46
C ASN D 765 39.80 -12.93 8.29
N TYR D 766 39.04 -11.88 8.55
CA TYR D 766 38.74 -10.90 7.52
C TYR D 766 39.95 -10.00 7.26
N MET D 767 40.65 -9.60 8.32
CA MET D 767 41.73 -8.63 8.19
C MET D 767 42.83 -9.13 7.28
N ALA D 768 43.01 -10.44 7.21
CA ALA D 768 43.95 -11.04 6.27
C ALA D 768 43.36 -11.16 4.87
N GLY D 769 42.06 -10.87 4.71
CA GLY D 769 41.41 -10.98 3.42
C GLY D 769 41.94 -10.01 2.39
N LYS D 770 42.09 -8.74 2.77
CA LYS D 770 42.57 -7.69 1.87
C LYS D 770 43.70 -6.95 2.59
N ASP D 771 44.93 -7.39 2.35
CA ASP D 771 46.10 -6.81 3.01
C ASP D 771 47.25 -6.71 2.02
N GLU D 772 48.24 -5.88 2.37
CA GLU D 772 49.44 -5.73 1.58
C GLU D 772 50.26 -7.02 1.61
N GLY D 773 50.28 -7.74 0.48
CA GLY D 773 50.87 -9.05 0.45
C GLY D 773 49.88 -10.08 0.95
N CYS D 774 50.36 -11.13 1.62
CA CYS D 774 49.47 -12.12 2.21
C CYS D 774 50.06 -12.53 3.56
N LYS D 775 49.61 -11.85 4.62
CA LYS D 775 49.88 -12.29 5.97
C LYS D 775 48.75 -13.21 6.45
N LEU D 776 49.13 -14.33 7.06
CA LEU D 776 48.17 -15.38 7.32
C LEU D 776 48.21 -15.76 8.79
N VAL D 777 47.45 -16.80 9.12
CA VAL D 777 47.36 -17.31 10.46
C VAL D 777 47.75 -18.79 10.46
N THR D 778 47.58 -19.45 11.60
CA THR D 778 47.86 -20.87 11.72
C THR D 778 46.77 -21.65 11.00
N ILE D 779 46.72 -22.96 11.27
CA ILE D 779 46.00 -23.96 10.46
C ILE D 779 44.66 -23.44 9.95
N GLY D 780 43.92 -22.71 10.78
CA GLY D 780 42.70 -22.08 10.31
C GLY D 780 41.55 -22.21 11.27
N SER D 781 40.34 -22.38 10.73
CA SER D 781 39.17 -22.59 11.57
C SER D 781 39.28 -23.82 12.45
N GLY D 782 40.17 -24.76 12.09
CA GLY D 782 40.45 -25.88 12.95
C GLY D 782 41.08 -25.49 14.27
N LYS D 783 41.71 -24.32 14.33
CA LYS D 783 42.24 -23.76 15.56
C LYS D 783 41.31 -22.65 16.01
N VAL D 784 40.23 -23.04 16.70
CA VAL D 784 39.29 -22.09 17.29
C VAL D 784 39.11 -22.48 18.75
N PHE D 785 39.29 -21.52 19.65
CA PHE D 785 39.24 -21.76 21.08
C PHE D 785 38.10 -20.97 21.68
N ALA D 786 37.32 -21.63 22.54
CA ALA D 786 36.12 -21.05 23.16
C ALA D 786 35.19 -20.49 22.09
N THR D 787 34.76 -21.39 21.20
CA THR D 787 33.91 -21.00 20.08
C THR D 787 32.60 -20.45 20.60
N THR D 788 32.21 -19.28 20.08
CA THR D 788 30.98 -18.62 20.49
C THR D 788 30.49 -17.84 19.28
N GLY D 789 29.54 -16.93 19.46
CA GLY D 789 29.05 -16.11 18.37
C GLY D 789 28.71 -14.71 18.84
N TYR D 790 28.47 -13.83 17.88
CA TYR D 790 27.95 -12.52 18.20
C TYR D 790 26.43 -12.60 18.39
N GLY D 791 25.92 -11.73 19.26
CA GLY D 791 24.51 -11.77 19.61
C GLY D 791 23.96 -10.40 19.90
N ILE D 792 22.65 -10.33 20.06
CA ILE D 792 21.95 -9.07 20.32
C ILE D 792 21.55 -9.05 21.79
N ALA D 793 22.04 -8.06 22.53
CA ALA D 793 21.67 -7.91 23.92
C ALA D 793 20.32 -7.20 24.04
N MET D 794 19.62 -7.47 25.13
CA MET D 794 18.33 -6.84 25.38
C MET D 794 18.10 -6.80 26.89
N GLN D 795 17.23 -5.88 27.30
CA GLN D 795 16.91 -5.72 28.71
C GLN D 795 16.20 -6.96 29.24
N LYS D 796 16.44 -7.27 30.50
CA LYS D 796 15.92 -8.50 31.08
C LYS D 796 14.39 -8.48 31.12
N ASP D 797 13.79 -9.64 30.82
CA ASP D 797 12.35 -9.85 30.93
C ASP D 797 11.54 -8.89 30.07
N SER D 798 11.70 -8.98 28.74
CA SER D 798 10.87 -8.20 27.83
C SER D 798 10.38 -9.11 26.71
N HIS D 799 9.16 -8.83 26.25
CA HIS D 799 8.62 -9.59 25.12
C HIS D 799 9.44 -9.34 23.86
N TRP D 800 10.10 -8.18 23.78
CA TRP D 800 10.95 -7.89 22.64
C TRP D 800 12.03 -8.94 22.49
N LYS D 801 12.52 -9.48 23.60
CA LYS D 801 13.55 -10.52 23.52
C LYS D 801 13.07 -11.72 22.72
N ARG D 802 11.92 -12.27 23.10
CA ARG D 802 11.38 -13.43 22.39
C ARG D 802 11.04 -13.09 20.95
N ALA D 803 10.42 -11.92 20.73
CA ALA D 803 10.01 -11.55 19.38
C ALA D 803 11.22 -11.44 18.45
N ILE D 804 12.24 -10.68 18.87
CA ILE D 804 13.42 -10.49 18.04
C ILE D 804 14.16 -11.81 17.86
N ASP D 805 14.22 -12.64 18.90
CA ASP D 805 14.90 -13.91 18.77
C ASP D 805 14.23 -14.79 17.71
N LEU D 806 12.91 -14.94 17.78
CA LEU D 806 12.23 -15.77 16.80
C LEU D 806 12.34 -15.19 15.40
N ALA D 807 12.24 -13.86 15.28
CA ALA D 807 12.38 -13.23 13.97
C ALA D 807 13.75 -13.48 13.38
N LEU D 808 14.80 -13.38 14.21
CA LEU D 808 16.15 -13.57 13.70
C LEU D 808 16.41 -15.03 13.35
N LEU D 809 15.83 -15.96 14.11
CA LEU D 809 15.92 -17.36 13.71
C LEU D 809 15.26 -17.59 12.37
N GLN D 810 14.09 -17.01 12.15
CA GLN D 810 13.43 -17.15 10.86
C GLN D 810 14.28 -16.57 9.74
N PHE D 811 14.87 -15.40 9.98
CA PHE D 811 15.71 -14.78 8.95
C PHE D 811 16.93 -15.64 8.64
N LEU D 812 17.57 -16.19 9.67
CA LEU D 812 18.74 -17.04 9.45
C LEU D 812 18.35 -18.30 8.70
N GLY D 813 17.18 -18.85 9.00
CA GLY D 813 16.71 -20.00 8.25
C GLY D 813 16.40 -19.67 6.80
N ASP D 814 16.06 -18.41 6.53
CA ASP D 814 15.78 -18.00 5.16
C ASP D 814 17.02 -18.15 4.28
N GLY D 815 18.16 -17.66 4.75
CA GLY D 815 19.42 -17.83 4.04
C GLY D 815 20.06 -16.55 3.52
N GLU D 816 19.51 -15.37 3.79
CA GLU D 816 20.11 -14.14 3.27
C GLU D 816 21.41 -13.80 3.99
N THR D 817 21.65 -14.41 5.16
CA THR D 817 22.87 -14.15 5.90
C THR D 817 24.10 -14.46 5.06
N GLN D 818 24.03 -15.51 4.24
CA GLN D 818 25.14 -15.80 3.33
C GLN D 818 25.34 -14.68 2.31
N LYS D 819 24.25 -14.11 1.80
CA LYS D 819 24.36 -13.01 0.85
C LYS D 819 25.00 -11.78 1.50
N LEU D 820 24.56 -11.43 2.71
CA LEU D 820 25.20 -10.31 3.40
C LEU D 820 26.68 -10.60 3.68
N GLU D 821 26.99 -11.85 4.06
CA GLU D 821 28.38 -12.19 4.33
C GLU D 821 29.24 -12.05 3.08
N THR D 822 28.77 -12.54 1.95
CA THR D 822 29.54 -12.41 0.71
C THR D 822 29.59 -10.98 0.21
N VAL D 823 28.63 -10.14 0.60
CA VAL D 823 28.71 -8.72 0.24
C VAL D 823 29.74 -7.98 1.11
N TRP D 824 29.78 -8.27 2.41
CA TRP D 824 30.61 -7.49 3.32
C TRP D 824 31.79 -8.23 3.92
N LEU D 825 31.94 -9.52 3.67
CA LEU D 825 32.99 -10.31 4.33
C LEU D 825 33.75 -11.17 3.33
N SER D 826 34.19 -10.56 2.24
CA SER D 826 34.98 -11.27 1.23
C SER D 826 36.36 -10.61 1.10
N GLY D 827 37.37 -11.45 0.84
CA GLY D 827 38.73 -10.99 0.70
C GLY D 827 39.37 -11.55 -0.56
N ILE D 828 40.60 -11.11 -0.81
CA ILE D 828 41.31 -11.52 -2.02
C ILE D 828 42.24 -12.68 -1.73
N CYS D 829 42.97 -12.63 -0.61
CA CYS D 829 43.93 -13.66 -0.27
C CYS D 829 43.45 -14.52 0.88
N VAL E 24 -26.24 -22.65 -26.20
CA VAL E 24 -26.97 -21.49 -26.67
C VAL E 24 -27.36 -21.66 -28.13
N GLN E 25 -28.35 -20.89 -28.57
CA GLN E 25 -28.81 -20.92 -29.95
C GLN E 25 -29.09 -19.49 -30.41
N LEU E 26 -28.78 -19.21 -31.67
CA LEU E 26 -29.02 -17.91 -32.27
C LEU E 26 -30.00 -18.04 -33.43
N GLN E 27 -30.29 -16.91 -34.07
CA GLN E 27 -31.24 -16.90 -35.19
C GLN E 27 -30.93 -15.72 -36.09
N GLU E 28 -30.70 -15.98 -37.37
CA GLU E 28 -30.35 -14.96 -38.35
C GLU E 28 -31.52 -14.68 -39.27
N SER E 29 -31.61 -13.43 -39.72
CA SER E 29 -32.67 -13.01 -40.63
C SER E 29 -32.30 -11.69 -41.26
N GLY E 30 -33.07 -11.28 -42.26
CA GLY E 30 -32.91 -10.00 -42.92
C GLY E 30 -32.58 -10.05 -44.39
N GLY E 31 -32.53 -11.24 -44.99
CA GLY E 31 -32.11 -11.37 -46.37
C GLY E 31 -33.22 -11.05 -47.36
N GLY E 32 -32.87 -11.18 -48.63
CA GLY E 32 -33.81 -10.94 -49.70
C GLY E 32 -33.09 -10.69 -51.01
N LEU E 33 -33.81 -10.09 -51.95
CA LEU E 33 -33.25 -9.67 -53.22
C LEU E 33 -33.29 -8.15 -53.32
N VAL E 34 -32.13 -7.55 -53.58
CA VAL E 34 -32.00 -6.10 -53.70
C VAL E 34 -31.07 -5.79 -54.86
N GLN E 35 -31.44 -4.79 -55.66
CA GLN E 35 -30.62 -4.40 -56.79
C GLN E 35 -29.28 -3.85 -56.32
N ALA E 36 -28.29 -3.90 -57.23
CA ALA E 36 -26.95 -3.44 -56.91
C ALA E 36 -26.98 -1.97 -56.50
N GLY E 37 -26.18 -1.64 -55.48
CA GLY E 37 -26.16 -0.32 -54.90
C GLY E 37 -27.18 -0.10 -53.81
N GLY E 38 -28.06 -1.07 -53.56
CA GLY E 38 -29.05 -0.97 -52.51
C GLY E 38 -28.47 -1.24 -51.14
N SER E 39 -29.38 -1.45 -50.19
CA SER E 39 -29.00 -1.66 -48.80
C SER E 39 -29.89 -2.70 -48.16
N LEU E 40 -29.42 -3.27 -47.05
CA LEU E 40 -30.18 -4.24 -46.28
C LEU E 40 -29.82 -4.11 -44.81
N ARG E 41 -30.58 -4.80 -43.97
CA ARG E 41 -30.36 -4.82 -42.53
C ARG E 41 -30.51 -6.26 -42.04
N LEU E 42 -29.40 -6.99 -42.02
CA LEU E 42 -29.37 -8.34 -41.49
C LEU E 42 -29.31 -8.28 -39.97
N SER E 43 -29.72 -9.36 -39.32
CA SER E 43 -29.80 -9.41 -37.87
C SER E 43 -29.65 -10.83 -37.35
N CYS E 44 -28.89 -10.98 -36.27
CA CYS E 44 -28.77 -12.24 -35.56
C CYS E 44 -29.02 -11.97 -34.08
N ALA E 45 -29.78 -12.86 -33.44
CA ALA E 45 -30.17 -12.69 -32.05
C ALA E 45 -30.09 -14.02 -31.31
N ALA E 46 -29.83 -13.93 -30.00
CA ALA E 46 -29.74 -15.11 -29.15
C ALA E 46 -30.22 -14.73 -27.75
N SER E 47 -30.50 -15.75 -26.95
CA SER E 47 -31.06 -15.56 -25.61
C SER E 47 -30.00 -15.92 -24.57
N ALA E 48 -29.79 -15.01 -23.63
CA ALA E 48 -28.81 -15.22 -22.57
C ALA E 48 -28.79 -14.04 -21.63
N ALA E 49 -28.53 -14.34 -20.37
CA ALA E 49 -28.57 -13.35 -19.31
C ALA E 49 -27.25 -12.62 -19.13
N ALA E 50 -26.23 -12.98 -19.88
CA ALA E 50 -24.90 -12.42 -19.70
C ALA E 50 -24.47 -11.66 -20.95
N ALA E 51 -25.43 -11.17 -21.73
CA ALA E 51 -25.16 -10.84 -23.14
C ALA E 51 -24.10 -9.74 -23.29
N ALA E 52 -23.61 -9.17 -22.19
CA ALA E 52 -22.59 -8.12 -22.29
C ALA E 52 -21.34 -8.64 -22.99
N ALA E 53 -20.91 -9.85 -22.63
CA ALA E 53 -19.60 -10.37 -23.00
C ALA E 53 -19.76 -11.52 -23.99
N ALA E 54 -19.95 -11.20 -25.27
CA ALA E 54 -19.77 -12.15 -26.38
C ALA E 54 -19.21 -11.41 -27.58
N ALA E 55 -18.09 -11.91 -28.13
CA ALA E 55 -17.69 -11.60 -29.49
C ALA E 55 -18.81 -11.97 -30.44
N ALA E 56 -19.17 -11.05 -31.33
CA ALA E 56 -20.10 -11.32 -32.41
C ALA E 56 -19.39 -11.08 -33.73
N GLY E 57 -19.42 -12.09 -34.60
CA GLY E 57 -18.74 -12.03 -35.89
C GLY E 57 -19.68 -12.43 -37.02
N TRP E 58 -19.40 -11.90 -38.20
CA TRP E 58 -20.14 -12.25 -39.41
C TRP E 58 -19.26 -13.03 -40.36
N TYR E 59 -19.79 -14.14 -40.87
CA TYR E 59 -19.06 -15.02 -41.76
C TYR E 59 -19.77 -15.11 -43.09
N ARG E 60 -18.99 -15.24 -44.17
CA ARG E 60 -19.52 -15.36 -45.51
C ARG E 60 -18.88 -16.56 -46.20
N GLN E 61 -19.71 -17.32 -46.92
CA GLN E 61 -19.27 -18.52 -47.61
C GLN E 61 -20.05 -18.65 -48.91
N ALA E 62 -19.42 -18.31 -50.02
CA ALA E 62 -19.99 -18.41 -51.34
C ALA E 62 -19.72 -19.78 -51.94
N PRO E 63 -20.47 -20.19 -52.96
CA PRO E 63 -20.17 -21.46 -53.62
C PRO E 63 -18.77 -21.45 -54.24
N GLY E 64 -17.97 -22.46 -53.87
CA GLY E 64 -16.63 -22.60 -54.40
C GLY E 64 -15.54 -21.94 -53.58
N LYS E 65 -15.88 -21.18 -52.55
CA LYS E 65 -14.90 -20.48 -51.73
C LYS E 65 -15.05 -20.89 -50.27
N GLU E 66 -13.94 -20.81 -49.54
CA GLU E 66 -13.95 -21.10 -48.12
C GLU E 66 -14.68 -20.00 -47.36
N ARG E 67 -15.06 -20.32 -46.12
CA ARG E 67 -15.72 -19.35 -45.26
C ARG E 67 -14.78 -18.18 -44.97
N ALA E 68 -15.32 -16.97 -44.98
CA ALA E 68 -14.52 -15.76 -44.82
C ALA E 68 -15.15 -14.85 -43.79
N ALA E 69 -14.28 -14.16 -43.04
CA ALA E 69 -14.71 -13.16 -42.08
C ALA E 69 -15.08 -11.86 -42.79
N ALA E 70 -16.07 -11.16 -42.25
CA ALA E 70 -16.55 -9.92 -42.81
C ALA E 70 -16.45 -8.76 -41.84
N ALA E 71 -17.02 -8.91 -40.64
CA ALA E 71 -17.02 -7.84 -39.65
C ALA E 71 -17.02 -8.45 -38.27
N ALA E 72 -16.54 -7.67 -37.30
CA ALA E 72 -16.37 -8.15 -35.94
C ALA E 72 -16.72 -7.04 -34.96
N ALA E 73 -17.00 -7.44 -33.72
CA ALA E 73 -17.18 -6.52 -32.62
C ALA E 73 -16.56 -7.13 -31.36
N ALA E 74 -15.81 -6.34 -30.63
CA ALA E 74 -15.08 -6.84 -29.46
C ALA E 74 -15.88 -6.61 -28.19
N ALA E 75 -15.43 -7.25 -27.10
CA ALA E 75 -16.07 -7.05 -25.81
C ALA E 75 -15.86 -5.62 -25.32
N ALA E 76 -14.67 -5.06 -25.53
CA ALA E 76 -14.39 -3.71 -25.08
C ALA E 76 -15.23 -2.67 -25.79
N ALA E 77 -15.52 -2.90 -27.07
CA ALA E 77 -16.29 -1.94 -27.84
C ALA E 77 -15.54 -1.38 -29.03
N ALA E 78 -14.60 -2.14 -29.57
CA ALA E 78 -13.85 -1.75 -30.76
C ALA E 78 -14.45 -2.40 -32.00
N ALA E 79 -14.29 -1.72 -33.12
CA ALA E 79 -14.82 -2.21 -34.40
C ALA E 79 -13.66 -2.48 -35.35
N ALA E 80 -13.65 -3.66 -35.94
CA ALA E 80 -12.72 -4.00 -37.00
C ALA E 80 -13.50 -4.35 -38.26
N ALA E 81 -13.07 -3.79 -39.38
CA ALA E 81 -13.69 -4.03 -40.68
C ALA E 81 -12.66 -4.65 -41.61
N ALA E 82 -13.07 -5.70 -42.33
CA ALA E 82 -12.17 -6.33 -43.27
C ALA E 82 -11.83 -5.38 -44.41
N ASP E 83 -10.59 -5.45 -44.87
CA ASP E 83 -10.14 -4.52 -45.91
C ASP E 83 -10.74 -4.87 -47.27
N SER E 84 -11.24 -6.10 -47.42
CA SER E 84 -11.71 -6.57 -48.72
C SER E 84 -12.87 -5.73 -49.23
N VAL E 85 -13.91 -5.58 -48.41
CA VAL E 85 -15.13 -4.90 -48.83
C VAL E 85 -15.31 -3.74 -47.85
N LYS E 86 -14.20 -3.17 -47.41
CA LYS E 86 -14.23 -2.13 -46.39
C LYS E 86 -15.10 -0.96 -46.82
N GLY E 87 -15.91 -0.46 -45.89
CA GLY E 87 -16.74 0.70 -46.11
C GLY E 87 -18.14 0.42 -46.62
N ARG E 88 -18.43 -0.79 -47.10
CA ARG E 88 -19.75 -1.07 -47.64
C ARG E 88 -20.79 -1.23 -46.54
N PHE E 89 -20.43 -1.91 -45.45
CA PHE E 89 -21.39 -2.23 -44.40
C PHE E 89 -20.92 -1.63 -43.09
N THR E 90 -21.71 -1.84 -42.03
CA THR E 90 -21.33 -1.38 -40.69
C THR E 90 -21.97 -2.27 -39.65
N ILE E 91 -21.33 -2.37 -38.48
CA ILE E 91 -21.75 -3.27 -37.42
C ILE E 91 -22.24 -2.44 -36.24
N SER E 92 -23.13 -3.03 -35.45
CA SER E 92 -23.63 -2.39 -34.24
C SER E 92 -24.19 -3.45 -33.31
N ARG E 93 -24.04 -3.20 -32.01
CA ARG E 93 -24.55 -4.10 -30.98
C ARG E 93 -25.28 -3.28 -29.93
N ASP E 94 -26.42 -3.82 -29.47
CA ASP E 94 -27.22 -3.19 -28.43
C ASP E 94 -27.00 -3.97 -27.14
N ASN E 95 -26.46 -3.29 -26.12
CA ASN E 95 -26.23 -3.95 -24.84
C ASN E 95 -27.53 -4.24 -24.12
N ALA E 96 -28.55 -3.39 -24.32
CA ALA E 96 -29.81 -3.57 -23.62
C ALA E 96 -30.59 -4.76 -24.17
N LYS E 97 -30.66 -4.88 -25.50
CA LYS E 97 -31.44 -5.92 -26.14
C LYS E 97 -30.53 -6.90 -26.87
N ASN E 98 -30.76 -8.19 -26.63
CA ASN E 98 -29.87 -9.24 -27.11
C ASN E 98 -30.11 -9.50 -28.60
N THR E 99 -29.49 -8.65 -29.41
CA THR E 99 -29.53 -8.78 -30.86
C THR E 99 -28.42 -7.94 -31.46
N VAL E 100 -27.72 -8.50 -32.44
CA VAL E 100 -26.72 -7.77 -33.22
C VAL E 100 -27.21 -7.76 -34.66
N TYR E 101 -27.37 -6.56 -35.22
CA TYR E 101 -27.84 -6.41 -36.59
C TYR E 101 -26.79 -5.68 -37.42
N LEU E 102 -26.65 -6.10 -38.67
CA LEU E 102 -25.58 -5.64 -39.55
C LEU E 102 -26.20 -4.76 -40.63
N GLN E 103 -25.81 -3.49 -40.64
CA GLN E 103 -26.31 -2.56 -41.65
C GLN E 103 -25.36 -2.53 -42.84
N MET E 104 -25.88 -2.90 -44.01
CA MET E 104 -25.08 -3.08 -45.21
C MET E 104 -25.58 -2.12 -46.29
N ASN E 105 -24.65 -1.48 -46.99
CA ASN E 105 -24.97 -0.43 -47.95
C ASN E 105 -24.11 -0.57 -49.20
N SER E 106 -24.58 0.02 -50.29
CA SER E 106 -23.85 0.03 -51.56
C SER E 106 -23.53 -1.40 -52.02
N LEU E 107 -24.58 -2.17 -52.25
CA LEU E 107 -24.43 -3.58 -52.57
C LEU E 107 -23.77 -3.78 -53.93
N LYS E 108 -22.95 -4.81 -54.02
CA LYS E 108 -22.27 -5.21 -55.24
C LYS E 108 -22.48 -6.69 -55.48
N PRO E 109 -22.41 -7.13 -56.73
CA PRO E 109 -22.59 -8.57 -57.01
C PRO E 109 -21.57 -9.46 -56.32
N GLU E 110 -20.40 -8.92 -55.95
CA GLU E 110 -19.38 -9.71 -55.26
C GLU E 110 -19.83 -10.14 -53.87
N ASP E 111 -20.89 -9.57 -53.32
CA ASP E 111 -21.33 -9.86 -51.97
C ASP E 111 -22.35 -10.99 -51.89
N THR E 112 -22.74 -11.58 -53.03
CA THR E 112 -23.76 -12.62 -53.00
C THR E 112 -23.23 -13.87 -52.27
N ALA E 113 -23.87 -14.19 -51.14
CA ALA E 113 -23.45 -15.29 -50.28
C ALA E 113 -24.51 -15.45 -49.19
N VAL E 114 -24.28 -16.41 -48.31
CA VAL E 114 -25.11 -16.61 -47.14
C VAL E 114 -24.32 -16.18 -45.92
N TYR E 115 -24.79 -15.15 -45.23
CA TYR E 115 -24.09 -14.58 -44.08
C TYR E 115 -24.48 -15.35 -42.83
N TYR E 116 -23.54 -15.50 -41.91
CA TYR E 116 -23.75 -16.24 -40.68
C TYR E 116 -23.27 -15.43 -39.49
N CYS E 117 -23.83 -15.75 -38.32
CA CYS E 117 -23.50 -15.08 -37.07
C CYS E 117 -22.96 -16.11 -36.09
N ALA E 118 -22.10 -15.66 -35.19
CA ALA E 118 -21.43 -16.58 -34.28
C ALA E 118 -21.00 -15.85 -33.01
N ALA E 119 -20.67 -16.63 -31.99
CA ALA E 119 -20.15 -16.13 -30.72
C ALA E 119 -19.08 -17.10 -30.23
N ALA E 120 -18.33 -16.68 -29.22
CA ALA E 120 -17.30 -17.57 -28.63
C ALA E 120 -16.93 -17.14 -27.24
N ALA E 121 -16.29 -18.01 -26.49
CA ALA E 121 -15.75 -17.69 -25.15
C ALA E 121 -16.81 -17.40 -24.06
N ALA E 122 -16.50 -16.76 -22.93
CA ALA E 122 -17.28 -16.56 -21.70
C ALA E 122 -17.89 -17.86 -21.22
N ALA E 123 -17.09 -18.91 -21.04
CA ALA E 123 -17.57 -20.23 -20.73
C ALA E 123 -17.65 -21.11 -21.95
N ALA E 124 -18.50 -22.13 -21.86
CA ALA E 124 -18.88 -22.97 -22.98
C ALA E 124 -17.75 -23.89 -23.41
N ALA E 125 -18.02 -24.69 -24.44
CA ALA E 125 -17.03 -25.55 -25.08
C ALA E 125 -17.58 -25.89 -26.46
N ALA E 126 -16.74 -26.50 -27.29
CA ALA E 126 -17.12 -26.83 -28.66
C ALA E 126 -17.49 -25.55 -29.41
N ALA E 127 -16.54 -24.61 -29.41
CA ALA E 127 -16.82 -23.20 -29.69
C ALA E 127 -16.71 -22.90 -31.18
N ALA E 128 -17.82 -23.11 -31.89
CA ALA E 128 -18.08 -22.53 -33.20
C ALA E 128 -19.57 -22.67 -33.46
N TYR E 129 -20.30 -21.57 -33.50
CA TYR E 129 -21.76 -21.62 -33.45
C TYR E 129 -22.32 -21.00 -34.72
N TRP E 130 -23.21 -21.73 -35.38
CA TRP E 130 -23.64 -21.41 -36.74
C TRP E 130 -25.15 -21.50 -36.84
N GLY E 131 -25.76 -20.46 -37.40
CA GLY E 131 -27.18 -20.45 -37.63
C GLY E 131 -27.57 -21.21 -38.90
N GLN E 132 -28.88 -21.23 -39.17
CA GLN E 132 -29.36 -21.90 -40.37
C GLN E 132 -28.83 -21.21 -41.63
N GLY E 133 -28.84 -19.88 -41.66
CA GLY E 133 -28.30 -19.14 -42.78
C GLY E 133 -29.30 -18.25 -43.48
N THR E 134 -28.85 -17.07 -43.89
CA THR E 134 -29.67 -16.13 -44.65
C THR E 134 -28.94 -15.78 -45.94
N GLN E 135 -29.61 -16.00 -47.07
CA GLN E 135 -29.00 -15.74 -48.37
C GLN E 135 -29.34 -14.34 -48.84
N VAL E 136 -28.31 -13.59 -49.27
CA VAL E 136 -28.47 -12.25 -49.80
C VAL E 136 -28.10 -12.31 -51.28
N THR E 137 -28.98 -11.77 -52.13
CA THR E 137 -28.81 -11.85 -53.58
C THR E 137 -28.69 -10.44 -54.14
N VAL E 138 -27.61 -10.17 -54.87
CA VAL E 138 -27.37 -8.89 -55.52
C VAL E 138 -27.20 -9.16 -57.01
N SER E 139 -28.06 -8.56 -57.83
CA SER E 139 -28.02 -8.78 -59.27
C SER E 139 -28.80 -7.67 -59.96
N SER E 140 -28.61 -7.59 -61.27
CA SER E 140 -29.32 -6.61 -62.09
C SER E 140 -30.74 -7.07 -62.36
#